data_7USC
#
_entry.id   7USC
#
loop_
_entity.id
_entity.type
_entity.pdbx_description
1 polymer 'Cytoplasmic FMR1-interacting protein 1'
2 polymer 'Nck-associated protein 1'
3 polymer 'Wiskott-Aldrich syndrome protein family member 1'
4 polymer 'Protein BRICK1'
5 polymer 'Abl interactor 2'
#
loop_
_entity_poly.entity_id
_entity_poly.type
_entity_poly.pdbx_seq_one_letter_code
_entity_poly.pdbx_strand_id
1 'polypeptide(L)'
;MAAQVTLEDALSNVDLLEELPLPDQQPCIEPPPSSLLYQPNFNTNFEDRNAFVTGIARYIEQATVHSSMNEMLEEGQEYA
VMLYTWRSCSRAIPQVKCNEQPNRVEIYEKTVEVLEPEVTKLMNFMYFQRNAIERFCGEVRRLCHAERRKDFVSEAYLIT
LGKFINMFAVLDELKNMKCSVKNDHSAYKRAAQFLRKMADPQSIQESQNLSMFLANHNKITQSLQQQLEVISGYEELLAD
IVNLCVDYYENRMYLTPSEKHMLLKVMGFGLYLMDGSVSNIYKLDAKKRINLSKIDKYFKQLQVVPLFGDMQIELARYIK
TSAHYEENKSRWTCTSSGSSPQYNICEQMIQIREDHMRFISELARYSNSEVVTGSGRQEAQKTDAEYRKLFDLALQGLQL
LSQWSAHVMEVYSWKLVHPTDKYSNKDCPDSAEEYERATRYNYTSEEKFALVEVIAMIKGLQVLMGRMESVFNHAIRHTV
YAALQDFSQVTLREPLRQAIKKKKNVIQSVLQAIRKTVCDWETGHEPFNDPALRGEKDPKSGFDIKVPRRAVGPSSTQLY
MVRTMLESLIADKSGSKKTLRSSLEGPTILDIEKFHRESFFYTHLINFSETLQQCCDLSQLWFREFFLELTMGRRIQFPI
EMSMPWILTDHILETKEASMMEYVLYSLDLYNDSAHYALTRFNKQFLYDEIEAEVNLCFDQFVYKLADQIFAYYKVMAGS
LLLDKRLRSECKNQGATIHLPPSNRYETLLKQRHVQLLGRSIDLNRLITQRVSAAMYKSLELAIGRFESEDLTSIVELDG
LLEINRMTHKLLSRYLTLDGFDAMFREANHNVSAPYGRITLHVFWELNYDFLPNYCYNGSTNRFVRTVLPFSQEFQRDKQ
PNAQPQYLHGSKALNLAYSSIYGSYRNFVGPPHFQVICRLLGYQGIAVVMEELLKVVKSLLQGTILQYVKTLMEVMPKIC
RLPRHEYGSPGILEFFHHQLKDIVEYAELKTVCFQNLREVGNAILFCLLIEQSLSLEEVCDLLHAAPFQNILPRVHVKEG
ERLDAKMKRLESKYAPLHLVPLIERLGTPQQIAIAREGDLLTKERLCCGLSMFEVILTRIRSFLDDPIWRGPLPSNGVMH
VDECVEFHRLWSAMQFVYCIPVGTHEFTVEQCFGDGLHWAGCMIIVLLGQQRRFAVLDFCYHLLKVQKHDGKDEIIKNVP
LKKMVERIRKFQILNDEIITILDKYLKSGDGEGTPVEHVRCFQPPIHQSLASS
;
A
2 'polypeptide(L)'
;MSRSVLQPSQQKLAEKLTILNDRGVGMLTRLYNIKKACGDPKAKPSYLIDKNLESAVKFIVRKFPAVETRNNNQQLAQLQ
KEKSEILKNLALYYFTFVDVMEFKDHVCELLNTIDVCQVFFDITVNFDLTKNYLDLIITYTTLMILLSRIEERKAIIGLY
NYAHEMTHGASDREYPRLGQMIVDYENPLKKMMEEFVPHSKSLSDALISLQMVYPRRNLSADQWRNAQLLSLISAPSTML
NPAQSDTMPCEYLSLDAMEKWIIFGFILCHGILNTDATALNLWKLALQSSSCLSLFRDEVFHIHKAAEDLFVNIRGYNKR
INDIRECKEAAVSHAGSMHRERRKFLRSALKELATVLSDQPGLLGPKALFVFMALSFARDEIIWLLRHADNMPKKSADDF
IDKHIAELIFYMEELRAHVRKYGPVMQRYYVQYLSGFDAVVLNELVQNLSVCPEDESIIMSSFVNTMTSLSVKQVEDGEV
FDFRGMRLDWFRLQAYTSVSKASLGLADHRELGKMMNTIIFHTKMVDSLVEMLVETSDLSIFCFYSRAFEKMFQQCLELP
SQSRYSIAFPLLCTHFMSCTHELCPEERHHIGDRSLSLCNMFLDEMAKQARNLITDICTEQCTLSDQLLPKHCAKTISQA
VNKKSKKQTGKKGEPEREKPGVESMRKNRLVVTNLDKLHTALSELCFSINYVPNMVVWEHTFTPREYLTSHLEIRFTKSI
VGMTMYNQATQEIAKPSELLTSVRAYMTVLQSIENYVQIDITRVFNNVLLQQTQHLDSHGEPTITSLYTNWYLETLLRQV
SNGHIAYFPAMKAFVNLPTENELTFNAEEYSDISEMRSLSELLGPYGMKFLSESLMWHISSQVAELKKLVVENVDVLTQM
RTSFDKPDQMAALFKRLSSVDSVLKRMTIIGVILSFRSLAQEALRDVLSYHIPFLVSSIEDFKDHIPRETDMKVAMNVYE
LSSAAGLPCEIDPALVVALSSQKSENISPEEEYKIACLLMVFVAVSLPTLASNVMSQYSPAIEGHCNNIHCLAKAINQIA
AALFTIHKGSIEDRLKEFLALASSSLLKIGQETDKTTTRNRESVYLLLDMIVQESPFLTMDLLESCFPYVLLRNAYHAVY
KQSVTSSA
;
B
3 'polypeptide(L)'
;MPLVKRNIDPRHLCHTALPRGIKNELECVTNISLANIIRQLSSLSKYAEDIFGELFNEAHSFSFRVNSLQERVDRLSVSV
TQLDPKEEELSLQDITMRKAFRSSTIQDQQLFDRKTLPIPLQETYDVCEQPPPLNILTPYRDDGKEGLKFYTNPSYFFDL
WKEKMLQDTEDKRKEKRKQKQKNLDRPHEPEKVPRAPHDRRREWQKLAQGPELAEDDANLLHKHIEVANGGGSGGSGGSG
GSGGSGGSKRHPSTLPVISDARSVLLEAIRKGIQLRKVEEQREQEAKHERIENDVATILSRRIAVEYSDSEDDSEFDEVD
WLE
;
C
4 'polypeptide(L)' MAGQEDPVQREIHQDWANREYIEIITSSIKKIADFLNSFDMSCRSRLATLNEKLTALERRIEYIEARVTKGETLT D
5 'polypeptide(L)'
;MAELQMLLEEEIPGGRRALFDSYTNLERVADYCENNYIQSADKQRALEETKAYTTQSLASVAYLINTLANNVLQMLDIQA
SQLRRMESSINHISQTVDIHKEKVARREIGILTTNKNTSRTHKIIAPANLERPVRYIRKPIDYTILDDIGHGVKVSTQ
;
E
#
# COMPACT_ATOMS: atom_id res chain seq x y z
N VAL A 5 -51.98 1.73 43.93
CA VAL A 5 -53.35 1.47 44.36
C VAL A 5 -54.32 2.35 43.57
N THR A 6 -53.89 2.82 42.40
CA THR A 6 -54.74 3.66 41.57
C THR A 6 -54.24 3.58 40.13
N LEU A 7 -55.12 3.99 39.20
CA LEU A 7 -54.71 4.01 37.80
C LEU A 7 -53.52 4.93 37.57
N GLU A 8 -53.43 6.03 38.32
CA GLU A 8 -52.32 6.95 38.11
C GLU A 8 -50.98 6.26 38.36
N ASP A 9 -50.86 5.51 39.45
CA ASP A 9 -49.60 4.85 39.77
C ASP A 9 -49.24 3.77 38.74
N ALA A 10 -50.21 2.94 38.35
CA ALA A 10 -49.94 1.91 37.37
C ALA A 10 -49.54 2.52 36.03
N LEU A 11 -50.25 3.56 35.61
CA LEU A 11 -49.95 4.22 34.34
C LEU A 11 -48.57 4.88 34.39
N SER A 12 -48.21 5.48 35.53
CA SER A 12 -46.89 6.05 35.67
C SER A 12 -45.82 4.97 35.62
N ASN A 13 -46.08 3.83 36.24
CA ASN A 13 -45.14 2.71 36.14
C ASN A 13 -44.93 2.31 34.70
N VAL A 14 -46.01 2.16 33.94
CA VAL A 14 -45.90 1.77 32.54
C VAL A 14 -45.13 2.83 31.75
N ASP A 15 -45.46 4.11 31.98
CA ASP A 15 -44.79 5.17 31.24
C ASP A 15 -43.29 5.17 31.50
N LEU A 16 -42.91 5.09 32.78
CA LEU A 16 -41.48 5.07 33.11
C LEU A 16 -40.83 3.80 32.58
N LEU A 17 -41.60 2.73 32.43
CA LEU A 17 -41.08 1.50 31.83
C LEU A 17 -40.92 1.60 30.32
N GLU A 18 -41.62 2.53 29.68
CA GLU A 18 -41.61 2.64 28.22
C GLU A 18 -40.67 3.74 27.73
N GLU A 19 -39.60 4.05 28.47
CA GLU A 19 -38.68 5.11 28.08
C GLU A 19 -37.21 4.71 28.25
N LEU A 20 -36.92 3.45 28.52
CA LEU A 20 -35.54 3.04 28.68
C LEU A 20 -34.80 3.15 27.34
N PRO A 21 -33.49 3.39 27.37
CA PRO A 21 -32.72 3.51 26.13
C PRO A 21 -32.38 2.15 25.56
N LEU A 22 -32.79 1.89 24.32
CA LEU A 22 -32.61 0.61 23.66
C LEU A 22 -31.98 0.83 22.29
N PRO A 23 -30.66 1.05 22.26
CA PRO A 23 -30.00 1.27 20.96
C PRO A 23 -29.56 -0.03 20.30
N ASP A 24 -28.95 0.07 19.12
CA ASP A 24 -28.41 -1.09 18.41
C ASP A 24 -29.51 -2.07 18.03
N GLN A 25 -30.74 -1.59 17.90
CA GLN A 25 -31.87 -2.45 17.59
C GLN A 25 -32.11 -2.61 16.10
N GLN A 26 -31.41 -1.87 15.26
CA GLN A 26 -31.62 -1.93 13.81
C GLN A 26 -30.31 -2.20 13.08
N ALA A 57 -88.28 -9.50 21.86
CA ALA A 57 -88.44 -9.00 20.50
C ALA A 57 -88.09 -10.09 19.50
N ARG A 58 -88.16 -9.75 18.21
CA ARG A 58 -87.92 -10.71 17.15
C ARG A 58 -86.43 -10.89 16.85
N TYR A 59 -85.55 -10.16 17.52
CA TYR A 59 -84.14 -10.13 17.18
C TYR A 59 -83.30 -11.04 18.08
N ILE A 60 -83.74 -11.28 19.31
CA ILE A 60 -82.98 -12.15 20.21
C ILE A 60 -82.94 -13.57 19.67
N GLU A 61 -84.07 -14.06 19.15
CA GLU A 61 -84.10 -15.40 18.58
C GLU A 61 -83.18 -15.50 17.38
N GLN A 62 -83.18 -14.49 16.53
CA GLN A 62 -82.27 -14.48 15.40
C GLN A 62 -80.82 -14.54 15.87
N ALA A 63 -80.48 -13.77 16.90
CA ALA A 63 -79.12 -13.81 17.41
C ALA A 63 -78.76 -15.20 17.90
N THR A 64 -79.68 -15.85 18.62
CA THR A 64 -79.40 -17.17 19.17
C THR A 64 -79.14 -18.18 18.06
N VAL A 65 -80.04 -18.22 17.06
CA VAL A 65 -79.87 -19.19 15.98
C VAL A 65 -78.56 -18.92 15.24
N HIS A 66 -78.23 -17.64 15.05
CA HIS A 66 -76.98 -17.30 14.37
C HIS A 66 -75.78 -17.83 15.14
N SER A 67 -75.80 -17.69 16.47
CA SER A 67 -74.70 -18.20 17.27
C SER A 67 -74.55 -19.72 17.12
N SER A 68 -75.68 -20.44 17.16
CA SER A 68 -75.58 -21.89 17.02
C SER A 68 -75.00 -22.28 15.66
N MET A 69 -75.44 -21.57 14.61
CA MET A 69 -74.93 -21.88 13.29
C MET A 69 -73.43 -21.65 13.22
N ASN A 70 -72.94 -20.59 13.86
CA ASN A 70 -71.51 -20.32 13.88
C ASN A 70 -70.75 -21.44 14.61
N GLU A 71 -71.31 -21.93 15.71
CA GLU A 71 -70.66 -23.05 16.41
C GLU A 71 -70.55 -24.26 15.50
N MET A 72 -71.61 -24.56 14.74
CA MET A 72 -71.55 -25.66 13.79
C MET A 72 -70.47 -25.41 12.74
N LEU A 73 -70.34 -24.15 12.29
CA LEU A 73 -69.28 -23.83 11.33
C LEU A 73 -67.91 -24.18 11.87
N GLU A 74 -67.62 -23.78 13.11
CA GLU A 74 -66.28 -24.03 13.64
C GLU A 74 -66.04 -25.53 13.81
N GLU A 75 -67.04 -26.27 14.25
CA GLU A 75 -66.86 -27.73 14.33
C GLU A 75 -66.59 -28.32 12.96
N GLY A 76 -67.27 -27.82 11.94
CA GLY A 76 -67.02 -28.31 10.60
C GLY A 76 -65.61 -28.02 10.15
N GLN A 77 -65.08 -26.84 10.51
CA GLN A 77 -63.70 -26.54 10.17
C GLN A 77 -62.75 -27.51 10.85
N GLU A 78 -63.04 -27.87 12.10
CA GLU A 78 -62.22 -28.85 12.81
C GLU A 78 -62.20 -30.18 12.06
N TYR A 79 -63.36 -30.64 11.60
CA TYR A 79 -63.38 -31.90 10.85
C TYR A 79 -62.66 -31.76 9.53
N ALA A 80 -62.78 -30.61 8.87
CA ALA A 80 -62.10 -30.42 7.60
C ALA A 80 -60.60 -30.51 7.76
N VAL A 81 -60.07 -29.90 8.82
CA VAL A 81 -58.62 -30.00 9.07
C VAL A 81 -58.24 -31.41 9.45
N MET A 82 -59.06 -32.10 10.24
CA MET A 82 -58.81 -33.50 10.54
C MET A 82 -58.67 -34.31 9.26
N LEU A 83 -59.46 -33.95 8.25
CA LEU A 83 -59.52 -34.77 7.05
C LEU A 83 -58.40 -34.41 6.06
N TYR A 84 -58.01 -33.14 6.03
CA TYR A 84 -56.94 -32.72 5.12
C TYR A 84 -55.61 -33.35 5.50
N THR A 85 -55.30 -33.38 6.80
CA THR A 85 -54.02 -33.87 7.30
C THR A 85 -54.06 -35.35 7.66
N TRP A 86 -54.85 -36.14 6.94
CA TRP A 86 -54.94 -37.56 7.18
C TRP A 86 -53.89 -38.27 6.34
N ARG A 87 -52.98 -38.97 7.00
CA ARG A 87 -51.94 -39.73 6.34
C ARG A 87 -52.21 -41.22 6.52
N SER A 88 -52.00 -41.98 5.45
CA SER A 88 -52.32 -43.40 5.48
C SER A 88 -51.55 -44.11 6.58
N CYS A 89 -52.27 -44.73 7.50
CA CYS A 89 -51.67 -45.57 8.52
C CYS A 89 -51.55 -47.03 8.10
N SER A 90 -52.25 -47.42 7.04
CA SER A 90 -52.23 -48.79 6.57
C SER A 90 -51.07 -49.06 5.63
N ARG A 91 -50.30 -48.04 5.27
CA ARG A 91 -49.12 -48.24 4.46
C ARG A 91 -47.94 -48.75 5.27
N ALA A 92 -48.04 -48.75 6.59
CA ALA A 92 -46.99 -49.26 7.45
C ALA A 92 -47.34 -50.59 8.09
N ILE A 93 -48.60 -51.01 8.05
CA ILE A 93 -49.01 -52.28 8.62
C ILE A 93 -48.42 -53.38 7.75
N PRO A 94 -47.63 -54.30 8.29
CA PRO A 94 -47.13 -55.40 7.46
C PRO A 94 -48.27 -56.25 6.96
N GLN A 95 -48.15 -56.76 5.73
CA GLN A 95 -49.24 -57.52 5.14
C GLN A 95 -49.00 -59.01 5.31
N VAL A 96 -50.09 -59.77 5.20
CA VAL A 96 -50.07 -61.22 5.38
C VAL A 96 -50.19 -61.87 4.02
N LYS A 97 -49.28 -62.81 3.73
CA LYS A 97 -49.23 -63.47 2.44
C LYS A 97 -49.91 -64.84 2.47
N CYS A 98 -49.44 -65.74 3.33
CA CYS A 98 -50.08 -67.04 3.48
C CYS A 98 -51.12 -66.98 4.59
N ASN A 99 -52.17 -67.79 4.44
CA ASN A 99 -53.17 -67.90 5.49
C ASN A 99 -52.60 -68.50 6.77
N GLU A 100 -51.41 -69.09 6.71
CA GLU A 100 -50.73 -69.67 7.85
C GLU A 100 -49.47 -68.88 8.19
N GLN A 101 -49.52 -67.58 8.02
CA GLN A 101 -48.42 -66.74 8.45
C GLN A 101 -48.17 -66.99 9.93
N PRO A 102 -46.94 -67.30 10.34
CA PRO A 102 -46.73 -67.66 11.75
C PRO A 102 -47.28 -66.64 12.71
N ASN A 103 -47.12 -65.36 12.40
CA ASN A 103 -47.65 -64.25 13.22
C ASN A 103 -48.69 -63.50 12.39
N ARG A 104 -49.91 -64.00 12.40
CA ARG A 104 -51.02 -63.32 11.75
C ARG A 104 -52.00 -62.74 12.77
N VAL A 105 -52.30 -63.48 13.83
CA VAL A 105 -53.25 -62.98 14.82
C VAL A 105 -52.68 -61.74 15.49
N GLU A 106 -51.41 -61.77 15.88
CA GLU A 106 -50.83 -60.71 16.67
C GLU A 106 -50.28 -59.56 15.84
N ILE A 107 -50.60 -59.51 14.55
CA ILE A 107 -50.45 -58.27 13.79
C ILE A 107 -51.85 -57.70 13.61
N TYR A 108 -52.85 -58.57 13.57
CA TYR A 108 -54.23 -58.11 13.57
C TYR A 108 -54.59 -57.40 14.87
N GLU A 109 -54.12 -57.93 15.99
CA GLU A 109 -54.37 -57.24 17.26
C GLU A 109 -53.67 -55.89 17.26
N LYS A 110 -52.45 -55.84 16.72
CA LYS A 110 -51.73 -54.58 16.61
C LYS A 110 -52.49 -53.58 15.76
N THR A 111 -53.00 -54.01 14.62
CA THR A 111 -53.65 -53.06 13.73
C THR A 111 -54.97 -52.58 14.30
N VAL A 112 -55.72 -53.44 14.96
CA VAL A 112 -56.96 -52.95 15.57
C VAL A 112 -56.64 -51.93 16.64
N GLU A 113 -55.63 -52.19 17.47
CA GLU A 113 -55.35 -51.21 18.53
C GLU A 113 -54.80 -49.92 17.94
N VAL A 114 -54.06 -49.99 16.83
CA VAL A 114 -53.55 -48.76 16.23
C VAL A 114 -54.68 -47.94 15.64
N LEU A 115 -55.59 -48.58 14.92
CA LEU A 115 -56.58 -47.88 14.10
C LEU A 115 -57.92 -47.69 14.77
N GLU A 116 -58.11 -48.14 16.01
CA GLU A 116 -59.39 -47.90 16.66
C GLU A 116 -59.74 -46.42 16.77
N PRO A 117 -58.86 -45.54 17.26
CA PRO A 117 -59.24 -44.13 17.40
C PRO A 117 -59.42 -43.38 16.09
N GLU A 118 -58.71 -43.78 15.03
CA GLU A 118 -58.95 -43.17 13.73
C GLU A 118 -60.35 -43.49 13.22
N VAL A 119 -60.80 -44.73 13.40
CA VAL A 119 -62.16 -45.08 13.03
C VAL A 119 -63.16 -44.36 13.92
N THR A 120 -62.82 -44.14 15.19
CA THR A 120 -63.70 -43.30 16.00
C THR A 120 -63.83 -41.92 15.39
N LYS A 121 -62.72 -41.35 14.92
CA LYS A 121 -62.77 -40.04 14.29
C LYS A 121 -63.70 -40.05 13.09
N LEU A 122 -63.59 -41.08 12.26
CA LEU A 122 -64.44 -41.13 11.06
C LEU A 122 -65.92 -41.31 11.41
N MET A 123 -66.22 -42.11 12.43
CA MET A 123 -67.61 -42.21 12.88
C MET A 123 -68.14 -40.86 13.31
N ASN A 124 -67.36 -40.12 14.09
CA ASN A 124 -67.81 -38.81 14.51
C ASN A 124 -68.00 -37.88 13.31
N PHE A 125 -67.13 -38.00 12.31
CA PHE A 125 -67.28 -37.18 11.12
C PHE A 125 -68.58 -37.47 10.40
N MET A 126 -68.93 -38.75 10.24
CA MET A 126 -70.16 -39.10 9.56
C MET A 126 -71.38 -38.58 10.33
N TYR A 127 -71.37 -38.77 11.64
CA TYR A 127 -72.50 -38.28 12.42
C TYR A 127 -72.61 -36.77 12.30
N PHE A 128 -71.48 -36.07 12.32
CA PHE A 128 -71.51 -34.61 12.22
C PHE A 128 -72.11 -34.18 10.89
N GLN A 129 -71.66 -34.76 9.78
CA GLN A 129 -72.16 -34.30 8.50
C GLN A 129 -73.65 -34.58 8.35
N ARG A 130 -74.10 -35.74 8.82
CA ARG A 130 -75.53 -36.05 8.77
C ARG A 130 -76.33 -35.01 9.55
N ASN A 131 -75.95 -34.77 10.80
CA ASN A 131 -76.69 -33.84 11.61
C ASN A 131 -76.61 -32.42 11.06
N ALA A 132 -75.48 -32.05 10.47
CA ALA A 132 -75.34 -30.72 9.91
C ALA A 132 -76.28 -30.51 8.74
N ILE A 133 -76.39 -31.50 7.85
CA ILE A 133 -77.33 -31.37 6.75
C ILE A 133 -78.75 -31.28 7.28
N GLU A 134 -79.08 -32.11 8.28
CA GLU A 134 -80.40 -32.01 8.88
C GLU A 134 -80.69 -30.60 9.36
N ARG A 135 -79.74 -30.01 10.08
CA ARG A 135 -79.96 -28.69 10.68
C ARG A 135 -80.10 -27.62 9.61
N PHE A 136 -79.20 -27.62 8.63
CA PHE A 136 -79.27 -26.61 7.59
C PHE A 136 -80.59 -26.71 6.83
N CYS A 137 -81.02 -27.93 6.50
CA CYS A 137 -82.26 -28.07 5.77
C CYS A 137 -83.46 -27.66 6.62
N GLY A 138 -83.41 -27.93 7.92
CA GLY A 138 -84.47 -27.45 8.79
C GLY A 138 -84.57 -25.94 8.77
N GLU A 139 -83.43 -25.27 8.82
CA GLU A 139 -83.44 -23.80 8.77
C GLU A 139 -83.99 -23.30 7.45
N VAL A 140 -83.55 -23.90 6.34
CA VAL A 140 -84.03 -23.46 5.03
C VAL A 140 -85.53 -23.65 4.93
N ARG A 141 -86.04 -24.78 5.40
CA ARG A 141 -87.48 -25.02 5.38
C ARG A 141 -88.21 -23.97 6.19
N ARG A 142 -87.78 -23.75 7.43
CA ARG A 142 -88.47 -22.78 8.28
C ARG A 142 -88.50 -21.41 7.61
N LEU A 143 -87.41 -21.04 6.94
CA LEU A 143 -87.29 -19.67 6.45
C LEU A 143 -88.13 -19.43 5.21
N CYS A 144 -88.37 -20.48 4.42
CA CYS A 144 -89.04 -20.32 3.13
C CYS A 144 -90.54 -20.43 3.22
N HIS A 145 -91.10 -20.57 4.41
CA HIS A 145 -92.53 -20.80 4.55
C HIS A 145 -93.31 -19.72 3.82
N ALA A 146 -94.38 -20.14 3.13
CA ALA A 146 -95.10 -19.23 2.26
C ALA A 146 -95.50 -17.95 2.99
N GLU A 147 -96.10 -18.09 4.17
CA GLU A 147 -96.49 -16.91 4.94
C GLU A 147 -95.27 -16.09 5.36
N ARG A 148 -94.20 -16.77 5.75
CA ARG A 148 -93.02 -16.11 6.29
C ARG A 148 -92.11 -15.55 5.20
N ARG A 149 -92.39 -15.84 3.94
CA ARG A 149 -91.53 -15.33 2.89
C ARG A 149 -91.61 -13.81 2.76
N LYS A 150 -92.54 -13.20 3.50
CA LYS A 150 -92.73 -11.73 3.42
C LYS A 150 -91.75 -10.98 4.35
N ASP A 151 -91.49 -11.52 5.54
CA ASP A 151 -90.63 -10.82 6.54
C ASP A 151 -89.17 -10.77 6.08
N PHE A 152 -88.41 -9.80 6.58
CA PHE A 152 -86.98 -9.64 6.21
C PHE A 152 -86.07 -10.63 6.95
N VAL A 153 -84.87 -10.85 6.44
CA VAL A 153 -83.85 -11.68 7.15
C VAL A 153 -82.53 -10.90 7.07
N SER A 154 -81.90 -10.57 8.21
CA SER A 154 -80.69 -9.76 8.23
C SER A 154 -79.65 -10.34 7.30
N GLU A 155 -78.89 -9.45 6.67
CA GLU A 155 -77.87 -9.89 5.71
C GLU A 155 -76.85 -10.82 6.36
N ALA A 156 -76.59 -10.63 7.65
CA ALA A 156 -75.63 -11.49 8.34
C ALA A 156 -76.08 -12.94 8.31
N TYR A 157 -77.37 -13.18 8.52
CA TYR A 157 -77.89 -14.54 8.49
C TYR A 157 -77.70 -15.15 7.11
N LEU A 158 -77.94 -14.37 6.06
CA LEU A 158 -77.72 -14.88 4.71
C LEU A 158 -76.26 -15.24 4.49
N ILE A 159 -75.35 -14.42 5.00
CA ILE A 159 -73.94 -14.72 4.82
C ILE A 159 -73.56 -15.99 5.57
N THR A 160 -74.13 -16.20 6.76
CA THR A 160 -73.86 -17.43 7.49
C THR A 160 -74.40 -18.66 6.74
N LEU A 161 -75.57 -18.51 6.10
CA LEU A 161 -76.08 -19.60 5.29
C LEU A 161 -75.14 -19.89 4.13
N GLY A 162 -74.60 -18.85 3.52
CA GLY A 162 -73.58 -19.07 2.50
C GLY A 162 -72.38 -19.79 3.07
N LYS A 163 -72.05 -19.52 4.33
CA LYS A 163 -70.92 -20.18 4.96
C LYS A 163 -71.16 -21.68 5.12
N PHE A 164 -72.37 -22.08 5.53
CA PHE A 164 -72.66 -23.53 5.47
C PHE A 164 -72.57 -24.09 4.07
N ILE A 165 -73.14 -23.42 3.06
CA ILE A 165 -73.08 -24.10 1.78
C ILE A 165 -71.61 -24.30 1.38
N ASN A 166 -70.77 -23.32 1.68
CA ASN A 166 -69.35 -23.45 1.36
C ASN A 166 -68.68 -24.55 2.19
N MET A 167 -69.06 -24.68 3.46
CA MET A 167 -68.52 -25.74 4.29
C MET A 167 -68.84 -27.10 3.72
N PHE A 168 -70.09 -27.28 3.27
CA PHE A 168 -70.46 -28.56 2.66
C PHE A 168 -69.65 -28.80 1.39
N ALA A 169 -69.46 -27.77 0.58
CA ALA A 169 -68.67 -27.94 -0.63
C ALA A 169 -67.26 -28.42 -0.29
N VAL A 170 -66.59 -27.75 0.64
CA VAL A 170 -65.21 -28.08 0.95
C VAL A 170 -65.13 -29.47 1.56
N LEU A 171 -66.06 -29.81 2.46
CA LEU A 171 -66.02 -31.13 3.08
C LEU A 171 -66.21 -32.23 2.04
N ASP A 172 -67.14 -32.03 1.12
CA ASP A 172 -67.37 -33.03 0.09
C ASP A 172 -66.13 -33.23 -0.77
N GLU A 173 -65.54 -32.12 -1.25
CA GLU A 173 -64.37 -32.25 -2.10
C GLU A 173 -63.21 -32.89 -1.36
N LEU A 174 -63.02 -32.54 -0.09
CA LEU A 174 -61.97 -33.16 0.71
C LEU A 174 -62.19 -34.67 0.79
N LYS A 175 -63.40 -35.08 1.19
CA LYS A 175 -63.67 -36.51 1.28
C LYS A 175 -63.44 -37.20 -0.05
N ASN A 176 -63.70 -36.50 -1.15
CA ASN A 176 -63.48 -37.10 -2.46
C ASN A 176 -62.01 -37.35 -2.71
N MET A 177 -61.15 -36.35 -2.44
CA MET A 177 -59.74 -36.52 -2.81
C MET A 177 -59.11 -37.68 -2.05
N LYS A 178 -59.44 -37.82 -0.78
CA LYS A 178 -58.65 -38.62 0.15
C LYS A 178 -59.03 -40.09 0.02
N CYS A 179 -58.31 -40.81 -0.84
CA CYS A 179 -58.54 -42.24 -1.00
C CYS A 179 -57.84 -43.08 0.04
N SER A 180 -57.05 -42.46 0.93
CA SER A 180 -56.39 -43.21 1.98
C SER A 180 -57.32 -43.58 3.11
N VAL A 181 -58.35 -42.77 3.36
CA VAL A 181 -59.28 -43.08 4.43
C VAL A 181 -60.06 -44.35 4.10
N LYS A 182 -60.45 -44.52 2.84
CA LYS A 182 -61.12 -45.74 2.44
C LYS A 182 -60.27 -46.95 2.78
N ASN A 183 -58.99 -46.91 2.41
CA ASN A 183 -58.12 -48.06 2.62
C ASN A 183 -57.89 -48.31 4.10
N ASP A 184 -57.73 -47.25 4.88
CA ASP A 184 -57.54 -47.41 6.32
C ASP A 184 -58.75 -48.07 6.95
N HIS A 185 -59.95 -47.62 6.58
CA HIS A 185 -61.15 -48.21 7.16
C HIS A 185 -61.29 -49.66 6.72
N SER A 186 -60.99 -49.97 5.46
CA SER A 186 -61.12 -51.34 5.01
C SER A 186 -60.17 -52.25 5.76
N ALA A 187 -58.92 -51.82 5.94
CA ALA A 187 -57.97 -52.63 6.68
C ALA A 187 -58.44 -52.85 8.11
N TYR A 188 -58.95 -51.79 8.74
CA TYR A 188 -59.44 -51.94 10.10
C TYR A 188 -60.61 -52.91 10.15
N LYS A 189 -61.51 -52.84 9.17
CA LYS A 189 -62.67 -53.72 9.18
C LYS A 189 -62.25 -55.17 9.04
N ARG A 190 -61.32 -55.47 8.13
CA ARG A 190 -60.85 -56.83 7.99
C ARG A 190 -60.22 -57.33 9.29
N ALA A 191 -59.35 -56.50 9.88
CA ALA A 191 -58.70 -56.91 11.12
C ALA A 191 -59.71 -57.15 12.22
N ALA A 192 -60.71 -56.27 12.33
CA ALA A 192 -61.67 -56.37 13.43
C ALA A 192 -62.59 -57.56 13.25
N GLN A 193 -62.94 -57.91 12.02
CA GLN A 193 -63.78 -59.08 11.83
C GLN A 193 -63.00 -60.37 12.06
N PHE A 194 -61.71 -60.40 11.72
CA PHE A 194 -60.95 -61.62 11.92
C PHE A 194 -60.84 -61.99 13.40
N LEU A 195 -60.80 -61.00 14.28
CA LEU A 195 -60.71 -61.23 15.72
C LEU A 195 -62.07 -61.29 16.40
N ARG A 196 -63.16 -61.18 15.66
CA ARG A 196 -64.50 -61.20 16.24
C ARG A 196 -64.65 -60.13 17.31
N LYS A 197 -63.93 -59.01 17.14
CA LYS A 197 -63.99 -57.92 18.11
C LYS A 197 -65.37 -57.28 18.18
N MET A 198 -66.20 -57.48 17.15
CA MET A 198 -67.52 -56.87 17.06
C MET A 198 -68.56 -57.98 17.15
N ALA A 199 -69.52 -57.82 18.07
CA ALA A 199 -70.53 -58.85 18.30
C ALA A 199 -71.94 -58.29 18.18
N ASP A 200 -72.13 -57.04 18.57
CA ASP A 200 -73.45 -56.47 18.63
C ASP A 200 -74.05 -56.33 17.24
N PRO A 201 -75.37 -56.28 17.14
CA PRO A 201 -76.00 -56.00 15.85
C PRO A 201 -75.89 -54.52 15.50
N GLN A 202 -76.06 -53.67 16.51
CA GLN A 202 -75.91 -52.24 16.29
C GLN A 202 -74.50 -51.90 15.85
N SER A 203 -73.50 -52.60 16.41
CA SER A 203 -72.12 -52.35 16.02
C SER A 203 -71.89 -52.67 14.56
N ILE A 204 -72.39 -53.82 14.10
CA ILE A 204 -72.19 -54.19 12.71
C ILE A 204 -72.96 -53.24 11.80
N GLN A 205 -74.14 -52.80 12.22
CA GLN A 205 -74.88 -51.85 11.39
C GLN A 205 -74.14 -50.54 11.27
N GLU A 206 -73.57 -50.04 12.37
CA GLU A 206 -72.81 -48.80 12.30
C GLU A 206 -71.58 -48.95 11.42
N SER A 207 -70.88 -50.07 11.54
CA SER A 207 -69.71 -50.30 10.70
C SER A 207 -70.10 -50.32 9.24
N GLN A 208 -71.22 -50.96 8.91
CA GLN A 208 -71.59 -51.09 7.51
C GLN A 208 -72.14 -49.77 6.97
N ASN A 209 -72.76 -48.96 7.82
CA ASN A 209 -73.13 -47.61 7.42
C ASN A 209 -71.90 -46.77 7.11
N LEU A 210 -70.87 -46.87 7.96
CA LEU A 210 -69.64 -46.12 7.69
C LEU A 210 -69.00 -46.60 6.41
N SER A 211 -69.07 -47.90 6.14
CA SER A 211 -68.54 -48.42 4.89
C SER A 211 -69.30 -47.85 3.69
N MET A 212 -70.63 -47.79 3.78
CA MET A 212 -71.39 -47.15 2.71
C MET A 212 -70.93 -45.72 2.52
N PHE A 213 -70.85 -44.96 3.62
CA PHE A 213 -70.50 -43.55 3.52
C PHE A 213 -69.18 -43.36 2.81
N LEU A 214 -68.15 -44.07 3.27
CA LEU A 214 -66.83 -43.88 2.67
C LEU A 214 -66.77 -44.36 1.23
N ALA A 215 -67.48 -45.44 0.91
CA ALA A 215 -67.37 -46.02 -0.42
C ALA A 215 -67.84 -45.07 -1.49
N ASN A 216 -68.96 -44.38 -1.26
CA ASN A 216 -69.61 -43.60 -2.30
C ASN A 216 -68.75 -42.39 -2.69
N HIS A 217 -69.25 -41.63 -3.66
CA HIS A 217 -68.57 -40.48 -4.22
C HIS A 217 -69.55 -39.32 -4.29
N ASN A 218 -69.10 -38.13 -3.90
CA ASN A 218 -69.98 -36.96 -3.82
C ASN A 218 -71.18 -37.26 -2.92
N LYS A 219 -70.93 -37.97 -1.82
CA LYS A 219 -72.01 -38.39 -0.96
C LYS A 219 -72.70 -37.20 -0.31
N ILE A 220 -71.91 -36.26 0.21
CA ILE A 220 -72.48 -35.18 1.02
C ILE A 220 -73.33 -34.26 0.16
N THR A 221 -72.82 -33.87 -1.01
CA THR A 221 -73.59 -33.02 -1.91
C THR A 221 -74.86 -33.73 -2.38
N GLN A 222 -74.77 -35.03 -2.65
CA GLN A 222 -75.94 -35.77 -3.09
C GLN A 222 -77.00 -35.79 -2.00
N SER A 223 -76.61 -36.02 -0.75
CA SER A 223 -77.57 -35.99 0.33
C SER A 223 -78.19 -34.61 0.46
N LEU A 224 -77.36 -33.57 0.35
CA LEU A 224 -77.86 -32.20 0.44
C LEU A 224 -78.92 -31.94 -0.62
N GLN A 225 -78.62 -32.30 -1.87
CA GLN A 225 -79.59 -32.13 -2.94
C GLN A 225 -80.87 -32.89 -2.65
N GLN A 226 -80.76 -34.19 -2.37
CA GLN A 226 -81.96 -35.00 -2.22
C GLN A 226 -82.81 -34.51 -1.06
N GLN A 227 -82.20 -33.89 -0.06
CA GLN A 227 -82.96 -33.43 1.10
C GLN A 227 -83.43 -31.99 0.97
N LEU A 228 -82.87 -31.23 0.03
CA LEU A 228 -83.31 -29.87 -0.20
C LEU A 228 -84.56 -29.84 -1.07
N GLU A 229 -84.56 -30.61 -2.15
CA GLU A 229 -85.60 -30.47 -3.16
C GLU A 229 -86.97 -30.85 -2.65
N VAL A 230 -87.06 -31.63 -1.58
CA VAL A 230 -88.37 -31.93 -1.02
C VAL A 230 -89.04 -30.66 -0.51
N ILE A 231 -88.27 -29.62 -0.23
CA ILE A 231 -88.82 -28.37 0.29
C ILE A 231 -89.34 -27.54 -0.87
N SER A 232 -90.57 -27.05 -0.74
CA SER A 232 -91.19 -26.31 -1.82
C SER A 232 -90.60 -24.91 -1.93
N GLY A 233 -90.25 -24.51 -3.15
CA GLY A 233 -89.74 -23.18 -3.38
C GLY A 233 -88.46 -22.89 -2.62
N TYR A 234 -87.56 -23.87 -2.55
CA TYR A 234 -86.30 -23.66 -1.85
C TYR A 234 -85.35 -22.77 -2.63
N GLU A 235 -85.56 -22.62 -3.94
CA GLU A 235 -84.59 -21.90 -4.75
C GLU A 235 -84.68 -20.40 -4.52
N GLU A 236 -85.76 -19.90 -3.94
CA GLU A 236 -85.87 -18.46 -3.70
C GLU A 236 -84.86 -18.01 -2.64
N LEU A 237 -84.71 -18.78 -1.56
CA LEU A 237 -83.73 -18.42 -0.55
C LEU A 237 -82.32 -18.46 -1.11
N LEU A 238 -82.02 -19.47 -1.93
CA LEU A 238 -80.70 -19.53 -2.54
C LEU A 238 -80.49 -18.37 -3.51
N ALA A 239 -81.54 -17.94 -4.20
CA ALA A 239 -81.42 -16.75 -5.03
C ALA A 239 -81.09 -15.55 -4.17
N ASP A 240 -81.70 -15.47 -2.99
CA ASP A 240 -81.38 -14.38 -2.07
C ASP A 240 -79.91 -14.41 -1.68
N ILE A 241 -79.41 -15.60 -1.33
CA ILE A 241 -78.01 -15.74 -0.95
C ILE A 241 -77.10 -15.29 -2.09
N VAL A 242 -77.38 -15.75 -3.31
CA VAL A 242 -76.52 -15.45 -4.44
C VAL A 242 -76.57 -13.98 -4.79
N ASN A 243 -77.76 -13.37 -4.71
CA ASN A 243 -77.87 -11.94 -4.99
C ASN A 243 -77.09 -11.14 -3.97
N LEU A 244 -77.19 -11.51 -2.69
CA LEU A 244 -76.42 -10.80 -1.68
C LEU A 244 -74.93 -10.93 -1.93
N CYS A 245 -74.47 -12.13 -2.30
CA CYS A 245 -73.04 -12.32 -2.55
C CYS A 245 -72.59 -11.51 -3.75
N VAL A 246 -73.36 -11.50 -4.83
CA VAL A 246 -73.00 -10.71 -6.00
C VAL A 246 -72.93 -9.24 -5.64
N ASP A 247 -73.90 -8.77 -4.85
CA ASP A 247 -73.92 -7.38 -4.43
C ASP A 247 -72.67 -7.03 -3.64
N TYR A 248 -72.35 -7.85 -2.63
CA TYR A 248 -71.18 -7.57 -1.81
C TYR A 248 -69.91 -7.58 -2.63
N TYR A 249 -69.75 -8.56 -3.51
CA TYR A 249 -68.54 -8.63 -4.32
C TYR A 249 -68.43 -7.40 -5.23
N GLU A 250 -69.55 -6.98 -5.81
CA GLU A 250 -69.51 -5.83 -6.71
C GLU A 250 -69.09 -4.57 -5.96
N ASN A 251 -69.66 -4.35 -4.78
CA ASN A 251 -69.41 -3.14 -4.01
C ASN A 251 -68.13 -3.23 -3.18
N ARG A 252 -67.42 -4.35 -3.21
CA ARG A 252 -66.17 -4.50 -2.49
C ARG A 252 -66.39 -4.40 -0.99
N MET A 253 -67.39 -5.12 -0.50
CA MET A 253 -67.71 -5.13 0.93
C MET A 253 -67.03 -6.33 1.61
N TYR A 254 -65.71 -6.39 1.46
CA TYR A 254 -64.91 -7.42 2.10
C TYR A 254 -63.57 -6.81 2.47
N LEU A 255 -62.89 -7.42 3.43
CA LEU A 255 -61.55 -6.99 3.80
C LEU A 255 -60.50 -8.06 3.56
N THR A 256 -60.65 -9.22 4.15
CA THR A 256 -59.66 -10.27 4.04
C THR A 256 -59.79 -11.01 2.70
N PRO A 257 -58.69 -11.55 2.16
CA PRO A 257 -58.82 -12.39 0.96
C PRO A 257 -59.70 -13.60 1.17
N SER A 258 -59.70 -14.15 2.38
CA SER A 258 -60.58 -15.27 2.69
C SER A 258 -62.03 -14.91 2.39
N GLU A 259 -62.47 -13.73 2.86
CA GLU A 259 -63.85 -13.32 2.63
C GLU A 259 -64.11 -13.10 1.14
N LYS A 260 -63.17 -12.47 0.45
CA LYS A 260 -63.34 -12.23 -0.98
C LYS A 260 -63.56 -13.53 -1.73
N HIS A 261 -62.80 -14.56 -1.40
CA HIS A 261 -62.94 -15.83 -2.10
C HIS A 261 -64.16 -16.60 -1.63
N MET A 262 -64.56 -16.44 -0.36
CA MET A 262 -65.76 -17.09 0.12
C MET A 262 -66.98 -16.60 -0.63
N LEU A 263 -67.02 -15.30 -0.95
CA LEU A 263 -68.13 -14.78 -1.73
C LEU A 263 -68.27 -15.54 -3.05
N LEU A 264 -67.17 -15.68 -3.79
CA LEU A 264 -67.22 -16.35 -5.08
C LEU A 264 -67.58 -17.82 -4.94
N LYS A 265 -67.00 -18.50 -3.95
CA LYS A 265 -67.32 -19.91 -3.77
C LYS A 265 -68.80 -20.10 -3.48
N VAL A 266 -69.36 -19.24 -2.64
CA VAL A 266 -70.79 -19.31 -2.34
C VAL A 266 -71.60 -19.06 -3.60
N MET A 267 -71.21 -18.07 -4.40
CA MET A 267 -71.91 -17.83 -5.65
C MET A 267 -71.97 -19.11 -6.48
N GLY A 268 -70.81 -19.73 -6.70
CA GLY A 268 -70.76 -20.89 -7.58
C GLY A 268 -71.55 -22.06 -7.05
N PHE A 269 -71.38 -22.39 -5.77
CA PHE A 269 -72.07 -23.56 -5.24
C PHE A 269 -73.56 -23.31 -5.12
N GLY A 270 -73.98 -22.07 -4.83
CA GLY A 270 -75.40 -21.77 -4.84
C GLY A 270 -76.00 -21.94 -6.21
N LEU A 271 -75.30 -21.49 -7.25
CA LEU A 271 -75.79 -21.74 -8.60
C LEU A 271 -75.89 -23.22 -8.88
N TYR A 272 -74.90 -24.00 -8.44
CA TYR A 272 -74.95 -25.44 -8.68
C TYR A 272 -76.16 -26.08 -8.00
N LEU A 273 -76.39 -25.74 -6.74
CA LEU A 273 -77.54 -26.32 -6.03
C LEU A 273 -78.85 -25.88 -6.66
N MET A 274 -78.95 -24.62 -7.07
CA MET A 274 -80.23 -24.11 -7.57
C MET A 274 -80.66 -24.80 -8.84
N ASP A 275 -79.72 -25.35 -9.60
CA ASP A 275 -80.02 -25.94 -10.90
C ASP A 275 -80.21 -27.45 -10.78
N GLY A 276 -81.24 -27.83 -10.04
CA GLY A 276 -81.61 -29.22 -9.85
C GLY A 276 -82.67 -29.66 -10.83
N SER A 277 -83.49 -30.60 -10.38
CA SER A 277 -84.58 -31.13 -11.20
C SER A 277 -85.83 -30.28 -11.10
N VAL A 278 -86.23 -29.91 -9.88
CA VAL A 278 -87.43 -29.11 -9.69
C VAL A 278 -87.22 -27.64 -10.00
N SER A 279 -85.97 -27.20 -10.14
CA SER A 279 -85.66 -25.80 -10.37
C SER A 279 -84.70 -25.66 -11.55
N ASN A 280 -84.79 -24.54 -12.24
CA ASN A 280 -83.95 -24.26 -13.39
C ASN A 280 -83.45 -22.83 -13.28
N ILE A 281 -82.13 -22.66 -13.24
CA ILE A 281 -81.58 -21.32 -13.02
C ILE A 281 -81.71 -20.44 -14.25
N TYR A 282 -81.87 -21.01 -15.44
CA TYR A 282 -82.02 -20.18 -16.63
C TYR A 282 -83.41 -19.59 -16.73
N LYS A 283 -84.43 -20.35 -16.34
CA LYS A 283 -85.75 -19.76 -16.18
C LYS A 283 -85.76 -18.71 -15.08
N LEU A 284 -85.09 -19.00 -13.96
CA LEU A 284 -85.04 -18.04 -12.87
C LEU A 284 -84.31 -16.77 -13.28
N ASP A 285 -83.35 -16.87 -14.20
CA ASP A 285 -82.67 -15.68 -14.69
C ASP A 285 -83.53 -14.93 -15.70
N ALA A 286 -84.29 -15.64 -16.53
CA ALA A 286 -85.16 -14.97 -17.48
C ALA A 286 -86.17 -14.07 -16.79
N LYS A 287 -86.49 -14.33 -15.53
CA LYS A 287 -87.38 -13.48 -14.75
C LYS A 287 -86.65 -12.34 -14.06
N LYS A 288 -85.39 -12.11 -14.39
CA LYS A 288 -84.58 -11.08 -13.74
C LYS A 288 -84.55 -11.26 -12.23
N ARG A 289 -84.54 -12.51 -11.77
CA ARG A 289 -84.40 -12.81 -10.36
C ARG A 289 -82.93 -12.99 -9.96
N ILE A 290 -82.10 -13.46 -10.88
CA ILE A 290 -80.66 -13.52 -10.69
C ILE A 290 -80.00 -13.00 -11.97
N ASN A 291 -78.74 -12.60 -11.85
CA ASN A 291 -78.01 -12.03 -12.97
C ASN A 291 -76.86 -12.96 -13.32
N LEU A 292 -77.09 -13.86 -14.27
CA LEU A 292 -76.05 -14.81 -14.64
C LEU A 292 -74.89 -14.12 -15.35
N SER A 293 -75.14 -13.00 -16.01
CA SER A 293 -74.07 -12.34 -16.75
C SER A 293 -73.02 -11.78 -15.81
N LYS A 294 -73.45 -11.20 -14.69
CA LYS A 294 -72.49 -10.67 -13.72
C LYS A 294 -71.63 -11.78 -13.15
N ILE A 295 -72.25 -12.89 -12.75
CA ILE A 295 -71.49 -13.99 -12.17
C ILE A 295 -70.55 -14.58 -13.21
N ASP A 296 -71.00 -14.67 -14.46
CA ASP A 296 -70.14 -15.15 -15.51
C ASP A 296 -68.93 -14.24 -15.68
N LYS A 297 -69.15 -12.93 -15.65
CA LYS A 297 -68.03 -11.99 -15.78
C LYS A 297 -67.05 -12.15 -14.62
N TYR A 298 -67.58 -12.26 -13.40
CA TYR A 298 -66.71 -12.44 -12.23
C TYR A 298 -65.87 -13.69 -12.37
N PHE A 299 -66.50 -14.81 -12.70
CA PHE A 299 -65.76 -16.05 -12.85
C PHE A 299 -64.74 -15.94 -13.96
N LYS A 300 -65.07 -15.25 -15.04
CA LYS A 300 -64.12 -15.08 -16.13
C LYS A 300 -62.89 -14.33 -15.65
N GLN A 301 -63.07 -13.29 -14.87
CA GLN A 301 -61.94 -12.52 -14.39
C GLN A 301 -61.08 -13.33 -13.43
N LEU A 302 -61.71 -13.95 -12.43
CA LEU A 302 -61.03 -14.76 -11.43
C LEU A 302 -61.53 -16.19 -11.56
N GLN A 303 -60.62 -17.10 -11.92
CA GLN A 303 -61.01 -18.42 -12.38
C GLN A 303 -60.73 -19.54 -11.40
N VAL A 304 -59.93 -19.32 -10.38
CA VAL A 304 -59.58 -20.36 -9.41
C VAL A 304 -59.42 -19.72 -8.04
N VAL A 305 -59.84 -20.43 -7.01
CA VAL A 305 -59.63 -19.99 -5.62
C VAL A 305 -59.24 -21.16 -4.77
N PRO A 306 -58.48 -20.91 -3.71
CA PRO A 306 -58.06 -22.01 -2.84
C PRO A 306 -59.19 -22.54 -1.99
N LEU A 307 -59.58 -23.80 -2.22
CA LEU A 307 -60.66 -24.39 -1.43
C LEU A 307 -60.21 -24.66 0.00
N PHE A 308 -59.04 -25.28 0.16
CA PHE A 308 -58.51 -25.59 1.47
C PHE A 308 -57.07 -26.06 1.30
N GLY A 309 -56.18 -25.57 2.16
CA GLY A 309 -54.79 -25.94 2.01
C GLY A 309 -54.33 -25.62 0.60
N ASP A 310 -53.69 -26.59 -0.04
CA ASP A 310 -53.27 -26.44 -1.43
C ASP A 310 -54.22 -27.12 -2.40
N MET A 311 -55.42 -27.47 -1.96
CA MET A 311 -56.43 -28.05 -2.84
C MET A 311 -57.28 -26.90 -3.37
N GLN A 312 -57.12 -26.59 -4.65
CA GLN A 312 -57.83 -25.48 -5.27
C GLN A 312 -59.20 -25.93 -5.74
N ILE A 313 -60.00 -24.97 -6.19
CA ILE A 313 -61.28 -25.24 -6.85
C ILE A 313 -61.42 -24.30 -8.04
N GLU A 314 -61.50 -24.86 -9.23
CA GLU A 314 -61.83 -24.07 -10.40
C GLU A 314 -63.32 -23.73 -10.36
N LEU A 315 -63.64 -22.45 -10.55
CA LEU A 315 -65.01 -22.00 -10.35
C LEU A 315 -65.92 -22.41 -11.49
N ALA A 316 -65.41 -22.47 -12.72
CA ALA A 316 -66.23 -22.89 -13.85
C ALA A 316 -66.65 -24.34 -13.74
N ARG A 317 -66.03 -25.12 -12.87
CA ARG A 317 -66.39 -26.52 -12.72
C ARG A 317 -67.79 -26.68 -12.15
N TYR A 318 -68.28 -25.68 -11.41
CA TYR A 318 -69.65 -25.73 -10.93
C TYR A 318 -70.64 -25.53 -12.06
N ILE A 319 -70.33 -24.63 -12.99
CA ILE A 319 -71.18 -24.44 -14.15
C ILE A 319 -71.16 -25.66 -15.05
N LYS A 320 -69.94 -26.16 -15.34
CA LYS A 320 -69.81 -27.31 -16.24
C LYS A 320 -70.69 -28.46 -15.83
N THR A 321 -70.75 -28.75 -14.53
CA THR A 321 -71.40 -29.96 -14.04
C THR A 321 -72.84 -29.74 -13.62
N SER A 322 -73.39 -28.55 -13.84
CA SER A 322 -74.77 -28.31 -13.45
C SER A 322 -75.71 -29.17 -14.28
N ALA A 323 -76.98 -29.23 -13.84
CA ALA A 323 -77.93 -30.15 -14.46
C ALA A 323 -78.18 -29.80 -15.92
N HIS A 324 -78.52 -28.54 -16.20
CA HIS A 324 -78.89 -28.11 -17.55
C HIS A 324 -77.79 -27.32 -18.23
N TYR A 325 -76.53 -27.68 -18.00
CA TYR A 325 -75.45 -26.90 -18.59
C TYR A 325 -75.38 -27.11 -20.10
N GLU A 326 -75.57 -28.34 -20.56
CA GLU A 326 -75.19 -28.67 -21.93
C GLU A 326 -76.06 -27.92 -22.95
N GLU A 327 -77.37 -27.95 -22.78
CA GLU A 327 -78.23 -27.25 -23.72
C GLU A 327 -78.11 -25.75 -23.62
N ASN A 328 -77.56 -25.23 -22.53
CA ASN A 328 -77.36 -23.80 -22.34
C ASN A 328 -75.88 -23.42 -22.32
N LYS A 329 -75.01 -24.29 -22.84
CA LYS A 329 -73.58 -24.07 -22.74
C LYS A 329 -73.15 -22.77 -23.40
N SER A 330 -73.93 -22.25 -24.34
CA SER A 330 -73.52 -21.06 -25.06
C SER A 330 -73.65 -19.79 -24.22
N ARG A 331 -74.41 -19.84 -23.13
CA ARG A 331 -74.62 -18.63 -22.33
C ARG A 331 -73.33 -18.15 -21.70
N TRP A 332 -72.49 -19.06 -21.23
CA TRP A 332 -71.30 -18.71 -20.45
C TRP A 332 -70.09 -18.53 -21.35
N THR A 333 -69.32 -17.48 -21.07
CA THR A 333 -68.01 -17.29 -21.67
C THR A 333 -66.88 -17.52 -20.68
N CYS A 334 -67.20 -17.93 -19.46
CA CYS A 334 -66.18 -18.23 -18.45
C CYS A 334 -65.67 -19.66 -18.53
N THR A 335 -66.16 -20.45 -19.49
CA THR A 335 -65.74 -21.83 -19.64
C THR A 335 -64.62 -22.00 -20.64
N SER A 336 -64.34 -21.00 -21.46
CA SER A 336 -63.21 -21.02 -22.37
C SER A 336 -62.00 -20.45 -21.64
N SER A 337 -60.94 -20.13 -22.38
CA SER A 337 -59.76 -19.54 -21.77
C SER A 337 -58.88 -18.86 -22.81
N PRO A 341 -54.24 -15.48 -18.53
CA PRO A 341 -54.46 -14.36 -19.46
C PRO A 341 -54.24 -13.00 -18.81
N GLN A 342 -54.71 -12.87 -17.58
CA GLN A 342 -54.46 -11.69 -16.76
C GLN A 342 -53.66 -12.05 -15.50
N TYR A 343 -53.05 -13.24 -15.48
CA TYR A 343 -52.34 -13.74 -14.31
C TYR A 343 -50.85 -13.49 -14.39
N ASN A 344 -50.37 -12.79 -15.41
CA ASN A 344 -48.96 -12.44 -15.48
C ASN A 344 -48.68 -11.43 -14.39
N ILE A 345 -48.12 -11.89 -13.27
CA ILE A 345 -47.93 -11.03 -12.11
C ILE A 345 -47.05 -9.84 -12.45
N CYS A 346 -46.20 -9.99 -13.47
CA CYS A 346 -45.31 -8.90 -13.84
C CYS A 346 -46.06 -7.69 -14.39
N GLU A 347 -47.33 -7.85 -14.77
CA GLU A 347 -48.08 -6.74 -15.30
C GLU A 347 -48.55 -5.77 -14.22
N GLN A 348 -48.83 -6.28 -13.02
CA GLN A 348 -49.37 -5.47 -11.93
C GLN A 348 -48.30 -4.77 -11.12
N MET A 349 -47.02 -4.94 -11.45
CA MET A 349 -45.97 -4.48 -10.56
C MET A 349 -45.83 -2.97 -10.58
N ILE A 350 -46.06 -2.34 -11.73
CA ILE A 350 -46.00 -0.88 -11.79
C ILE A 350 -47.00 -0.29 -10.80
N GLN A 351 -48.25 -0.75 -10.88
CA GLN A 351 -49.28 -0.25 -9.97
C GLN A 351 -48.96 -0.58 -8.53
N ILE A 352 -48.47 -1.79 -8.27
CA ILE A 352 -48.20 -2.18 -6.89
C ILE A 352 -47.12 -1.30 -6.29
N ARG A 353 -46.06 -1.02 -7.04
CA ARG A 353 -45.01 -0.14 -6.55
C ARG A 353 -45.53 1.27 -6.31
N GLU A 354 -46.30 1.80 -7.25
CA GLU A 354 -46.84 3.14 -7.08
C GLU A 354 -47.66 3.23 -5.81
N ASP A 355 -48.58 2.28 -5.61
CA ASP A 355 -49.43 2.32 -4.43
C ASP A 355 -48.61 2.15 -3.15
N HIS A 356 -47.63 1.25 -3.16
CA HIS A 356 -46.80 1.06 -1.99
C HIS A 356 -46.16 2.37 -1.58
N MET A 357 -45.50 3.03 -2.52
CA MET A 357 -44.78 4.25 -2.17
C MET A 357 -45.74 5.34 -1.74
N ARG A 358 -46.84 5.50 -2.47
CA ARG A 358 -47.79 6.56 -2.15
C ARG A 358 -48.36 6.39 -0.75
N PHE A 359 -48.71 5.15 -0.39
CA PHE A 359 -49.31 4.95 0.92
C PHE A 359 -48.29 5.08 2.03
N ILE A 360 -47.10 4.51 1.85
CA ILE A 360 -46.15 4.53 2.95
C ILE A 360 -45.62 5.94 3.19
N SER A 361 -45.48 6.75 2.13
CA SER A 361 -45.06 8.12 2.34
C SER A 361 -46.02 8.86 3.26
N GLU A 362 -47.32 8.67 3.06
CA GLU A 362 -48.31 9.34 3.90
C GLU A 362 -48.37 8.73 5.29
N LEU A 363 -48.23 7.41 5.40
CA LEU A 363 -48.29 6.80 6.72
C LEU A 363 -47.10 7.20 7.57
N ALA A 364 -45.92 7.38 6.96
CA ALA A 364 -44.74 7.71 7.73
C ALA A 364 -44.83 9.07 8.39
N ARG A 365 -45.74 9.92 7.93
CA ARG A 365 -45.87 11.25 8.52
C ARG A 365 -46.41 11.18 9.94
N TYR A 366 -47.18 10.15 10.27
CA TYR A 366 -47.89 10.09 11.54
C TYR A 366 -47.17 9.22 12.56
N SER A 367 -45.84 9.24 12.53
CA SER A 367 -45.04 8.44 13.45
C SER A 367 -44.13 9.33 14.27
N ALA A 380 -51.02 14.18 24.87
CA ALA A 380 -51.85 15.25 24.34
C ALA A 380 -53.14 14.70 23.74
N GLN A 381 -54.22 15.47 23.81
CA GLN A 381 -55.49 15.09 23.21
C GLN A 381 -55.65 15.74 21.85
N LYS A 382 -56.32 15.03 20.95
CA LYS A 382 -56.42 15.42 19.56
C LYS A 382 -57.88 15.68 19.19
N THR A 383 -58.06 16.47 18.14
CA THR A 383 -59.38 16.73 17.61
C THR A 383 -59.99 15.45 17.06
N ASP A 384 -61.24 15.54 16.61
CA ASP A 384 -61.88 14.41 15.98
C ASP A 384 -61.41 14.20 14.55
N ALA A 385 -60.98 15.27 13.88
CA ALA A 385 -60.53 15.14 12.50
C ALA A 385 -59.29 14.28 12.41
N GLU A 386 -58.35 14.45 13.35
CA GLU A 386 -57.12 13.68 13.31
C GLU A 386 -57.37 12.21 13.59
N TYR A 387 -58.24 11.92 14.54
CA TYR A 387 -58.61 10.52 14.80
C TYR A 387 -59.33 9.90 13.62
N ARG A 388 -60.21 10.67 12.98
CA ARG A 388 -60.88 10.18 11.79
C ARG A 388 -59.88 9.90 10.67
N LYS A 389 -58.86 10.75 10.54
CA LYS A 389 -57.85 10.52 9.53
C LYS A 389 -57.08 9.25 9.83
N LEU A 390 -56.75 9.01 11.10
CA LEU A 390 -56.04 7.78 11.44
C LEU A 390 -56.91 6.56 11.18
N PHE A 391 -58.22 6.66 11.43
CA PHE A 391 -59.13 5.57 11.10
C PHE A 391 -59.13 5.29 9.61
N ASP A 392 -59.26 6.34 8.79
CA ASP A 392 -59.22 6.16 7.35
C ASP A 392 -57.92 5.51 6.91
N LEU A 393 -56.81 5.93 7.51
CA LEU A 393 -55.51 5.46 7.09
C LEU A 393 -55.30 4.00 7.48
N ALA A 394 -55.76 3.61 8.67
CA ALA A 394 -55.70 2.21 9.07
C ALA A 394 -56.51 1.34 8.12
N LEU A 395 -57.74 1.75 7.84
CA LEU A 395 -58.56 0.96 6.93
C LEU A 395 -57.92 0.85 5.56
N GLN A 396 -57.37 1.95 5.07
CA GLN A 396 -56.78 1.94 3.74
C GLN A 396 -55.57 1.03 3.69
N GLY A 397 -54.74 1.04 4.74
CA GLY A 397 -53.60 0.15 4.77
C GLY A 397 -54.01 -1.30 4.78
N LEU A 398 -55.03 -1.63 5.58
CA LEU A 398 -55.52 -3.01 5.60
C LEU A 398 -56.02 -3.43 4.23
N GLN A 399 -56.76 -2.55 3.55
CA GLN A 399 -57.28 -2.90 2.24
C GLN A 399 -56.14 -3.16 1.25
N LEU A 400 -55.12 -2.30 1.27
CA LEU A 400 -54.00 -2.50 0.36
C LEU A 400 -53.28 -3.82 0.64
N LEU A 401 -53.03 -4.11 1.92
CA LEU A 401 -52.37 -5.38 2.25
C LEU A 401 -53.17 -6.56 1.76
N SER A 402 -54.49 -6.53 1.99
CA SER A 402 -55.35 -7.61 1.54
C SER A 402 -55.29 -7.78 0.03
N GLN A 403 -55.31 -6.66 -0.69
CA GLN A 403 -55.25 -6.74 -2.15
C GLN A 403 -53.98 -7.41 -2.63
N TRP A 404 -52.84 -7.04 -2.04
CA TRP A 404 -51.57 -7.64 -2.46
C TRP A 404 -51.53 -9.13 -2.15
N SER A 405 -51.95 -9.50 -0.94
CA SER A 405 -51.98 -10.92 -0.58
C SER A 405 -52.86 -11.69 -1.55
N ALA A 406 -53.99 -11.10 -1.94
CA ALA A 406 -54.87 -11.75 -2.89
C ALA A 406 -54.19 -11.96 -4.23
N HIS A 407 -53.49 -10.95 -4.74
CA HIS A 407 -52.75 -11.15 -5.99
C HIS A 407 -51.85 -12.36 -5.90
N VAL A 408 -51.02 -12.42 -4.85
CA VAL A 408 -50.04 -13.50 -4.76
C VAL A 408 -50.73 -14.85 -4.71
N MET A 409 -51.72 -14.99 -3.84
CA MET A 409 -52.35 -16.30 -3.67
C MET A 409 -53.12 -16.72 -4.92
N GLU A 410 -53.76 -15.77 -5.60
CA GLU A 410 -54.48 -16.11 -6.81
C GLU A 410 -53.54 -16.60 -7.90
N VAL A 411 -52.39 -15.95 -8.06
CA VAL A 411 -51.42 -16.44 -9.03
C VAL A 411 -50.97 -17.84 -8.65
N TYR A 412 -50.70 -18.07 -7.37
CA TYR A 412 -50.25 -19.38 -6.94
C TYR A 412 -51.27 -20.46 -7.28
N SER A 413 -52.54 -20.20 -6.98
CA SER A 413 -53.59 -21.19 -7.22
C SER A 413 -53.72 -21.49 -8.70
N TRP A 414 -53.79 -20.44 -9.52
CA TRP A 414 -53.92 -20.65 -10.95
C TRP A 414 -52.76 -21.48 -11.47
N LYS A 415 -51.55 -21.22 -10.98
CA LYS A 415 -50.40 -22.01 -11.42
C LYS A 415 -50.56 -23.46 -11.00
N LEU A 416 -51.00 -23.70 -9.77
CA LEU A 416 -51.13 -25.08 -9.30
C LEU A 416 -52.08 -25.87 -10.19
N VAL A 417 -53.22 -25.28 -10.55
CA VAL A 417 -54.20 -26.03 -11.35
C VAL A 417 -53.77 -26.23 -12.79
N HIS A 418 -52.73 -25.54 -13.25
CA HIS A 418 -52.35 -25.54 -14.67
C HIS A 418 -50.88 -25.91 -14.82
N PRO A 419 -50.53 -27.17 -14.57
CA PRO A 419 -49.12 -27.56 -14.68
C PRO A 419 -48.61 -27.37 -16.09
N THR A 420 -47.31 -27.11 -16.19
CA THR A 420 -46.67 -26.89 -17.47
C THR A 420 -46.41 -28.22 -18.16
N ASP A 421 -45.77 -28.17 -19.33
CA ASP A 421 -45.46 -29.37 -20.09
C ASP A 421 -44.01 -29.29 -20.54
N LYS A 422 -43.58 -30.30 -21.30
CA LYS A 422 -42.22 -30.29 -21.82
C LYS A 422 -42.08 -29.50 -23.11
N TYR A 423 -43.19 -29.12 -23.74
CA TYR A 423 -43.16 -28.24 -24.91
C TYR A 423 -43.30 -26.79 -24.51
N SER A 424 -44.16 -26.50 -23.53
CA SER A 424 -44.29 -25.13 -23.05
C SER A 424 -42.96 -24.60 -22.52
N ASN A 425 -42.34 -25.37 -21.62
CA ASN A 425 -41.05 -25.00 -21.05
C ASN A 425 -40.00 -25.94 -21.61
N LYS A 426 -38.98 -25.37 -22.26
CA LYS A 426 -37.94 -26.19 -22.86
C LYS A 426 -37.14 -26.95 -21.80
N ASP A 427 -37.05 -26.39 -20.59
CA ASP A 427 -36.19 -26.97 -19.57
C ASP A 427 -36.88 -28.03 -18.74
N CYS A 428 -38.18 -28.24 -18.91
CA CYS A 428 -38.88 -29.23 -18.11
C CYS A 428 -38.48 -30.63 -18.53
N PRO A 429 -37.98 -31.47 -17.63
CA PRO A 429 -37.64 -32.84 -18.02
C PRO A 429 -38.88 -33.68 -18.24
N ASP A 430 -38.72 -34.72 -19.07
CA ASP A 430 -39.85 -35.57 -19.39
C ASP A 430 -40.35 -36.32 -18.15
N SER A 431 -39.43 -36.84 -17.34
CA SER A 431 -39.80 -37.55 -16.12
C SER A 431 -39.98 -36.60 -14.96
N ALA A 432 -40.79 -35.57 -15.14
CA ALA A 432 -41.03 -34.56 -14.12
C ALA A 432 -42.30 -34.92 -13.37
N GLU A 433 -42.21 -34.95 -12.05
CA GLU A 433 -43.39 -35.23 -11.25
C GLU A 433 -44.45 -34.16 -11.52
N GLU A 434 -45.68 -34.45 -11.11
CA GLU A 434 -46.75 -33.51 -11.39
C GLU A 434 -46.64 -32.27 -10.52
N TYR A 435 -46.30 -32.44 -9.25
CA TYR A 435 -46.07 -31.28 -8.40
C TYR A 435 -44.88 -30.49 -8.88
N GLU A 436 -43.79 -31.18 -9.23
CA GLU A 436 -42.61 -30.49 -9.74
C GLU A 436 -42.96 -29.69 -10.97
N ARG A 437 -43.98 -30.11 -11.70
CA ARG A 437 -44.39 -29.42 -12.91
C ARG A 437 -45.43 -28.35 -12.63
N ALA A 438 -46.07 -28.40 -11.47
CA ALA A 438 -47.00 -27.38 -11.05
C ALA A 438 -46.31 -26.16 -10.44
N THR A 439 -45.18 -26.35 -9.75
CA THR A 439 -44.50 -25.27 -9.06
C THR A 439 -43.14 -24.96 -9.66
N ARG A 440 -42.23 -25.94 -9.70
CA ARG A 440 -40.84 -25.64 -9.96
C ARG A 440 -40.64 -25.07 -11.36
N TYR A 441 -41.14 -25.75 -12.38
CA TYR A 441 -40.92 -25.36 -13.76
C TYR A 441 -42.00 -24.45 -14.31
N ASN A 442 -42.96 -24.06 -13.48
CA ASN A 442 -44.10 -23.30 -13.95
C ASN A 442 -43.86 -21.80 -13.95
N TYR A 443 -42.75 -21.34 -13.40
CA TYR A 443 -42.48 -19.91 -13.22
C TYR A 443 -41.27 -19.51 -14.04
N THR A 444 -41.38 -18.36 -14.71
CA THR A 444 -40.23 -17.74 -15.33
C THR A 444 -39.37 -17.06 -14.28
N SER A 445 -38.18 -16.61 -14.68
CA SER A 445 -37.32 -15.88 -13.75
C SER A 445 -38.01 -14.61 -13.27
N GLU A 446 -38.59 -13.84 -14.20
CA GLU A 446 -39.23 -12.59 -13.84
C GLU A 446 -40.41 -12.82 -12.91
N GLU A 447 -41.16 -13.90 -13.13
CA GLU A 447 -42.28 -14.18 -12.25
C GLU A 447 -41.80 -14.44 -10.82
N LYS A 448 -40.72 -15.19 -10.67
CA LYS A 448 -40.19 -15.46 -9.34
C LYS A 448 -39.72 -14.19 -8.66
N PHE A 449 -38.99 -13.35 -9.40
CA PHE A 449 -38.54 -12.09 -8.81
C PHE A 449 -39.72 -11.22 -8.40
N ALA A 450 -40.76 -11.16 -9.24
CA ALA A 450 -41.92 -10.33 -8.92
C ALA A 450 -42.64 -10.86 -7.69
N LEU A 451 -42.77 -12.17 -7.57
CA LEU A 451 -43.40 -12.72 -6.37
C LEU A 451 -42.61 -12.36 -5.13
N VAL A 452 -41.28 -12.45 -5.20
CA VAL A 452 -40.48 -12.09 -4.04
C VAL A 452 -40.69 -10.62 -3.70
N GLU A 453 -40.70 -9.75 -4.71
CA GLU A 453 -40.96 -8.34 -4.46
C GLU A 453 -42.27 -8.14 -3.72
N VAL A 454 -43.33 -8.77 -4.20
CA VAL A 454 -44.65 -8.52 -3.63
C VAL A 454 -44.71 -9.06 -2.20
N ILE A 455 -44.14 -10.22 -1.96
CA ILE A 455 -44.14 -10.77 -0.61
C ILE A 455 -43.37 -9.87 0.33
N ALA A 456 -42.23 -9.35 -0.12
CA ALA A 456 -41.45 -8.44 0.70
C ALA A 456 -42.22 -7.18 1.02
N MET A 457 -42.93 -6.64 0.03
CA MET A 457 -43.76 -5.46 0.28
C MET A 457 -44.83 -5.77 1.32
N ILE A 458 -45.48 -6.92 1.21
CA ILE A 458 -46.50 -7.28 2.18
C ILE A 458 -45.91 -7.30 3.58
N LYS A 459 -44.77 -7.96 3.74
CA LYS A 459 -44.20 -8.13 5.07
C LYS A 459 -43.70 -6.81 5.65
N GLY A 460 -43.07 -5.97 4.81
CA GLY A 460 -42.62 -4.67 5.29
C GLY A 460 -43.77 -3.79 5.73
N LEU A 461 -44.82 -3.71 4.91
CA LEU A 461 -45.95 -2.90 5.32
C LEU A 461 -46.62 -3.49 6.55
N GLN A 462 -46.59 -4.81 6.71
CA GLN A 462 -47.18 -5.42 7.89
C GLN A 462 -46.44 -4.99 9.15
N VAL A 463 -45.11 -5.00 9.11
CA VAL A 463 -44.37 -4.57 10.31
C VAL A 463 -44.63 -3.10 10.58
N LEU A 464 -44.66 -2.28 9.53
CA LEU A 464 -44.94 -0.86 9.74
C LEU A 464 -46.30 -0.66 10.40
N MET A 465 -47.34 -1.32 9.87
CA MET A 465 -48.68 -1.13 10.41
C MET A 465 -48.77 -1.66 11.82
N GLY A 466 -48.14 -2.80 12.11
CA GLY A 466 -48.18 -3.34 13.46
C GLY A 466 -47.46 -2.47 14.45
N ARG A 467 -46.47 -1.71 13.99
CA ARG A 467 -45.77 -0.80 14.90
C ARG A 467 -46.71 0.26 15.46
N MET A 468 -47.71 0.68 14.70
CA MET A 468 -48.62 1.75 15.10
C MET A 468 -49.90 1.19 15.69
N GLU A 469 -49.84 0.03 16.32
CA GLU A 469 -51.04 -0.62 16.80
C GLU A 469 -51.71 0.15 17.93
N SER A 470 -50.95 0.77 18.81
CA SER A 470 -51.57 1.54 19.90
C SER A 470 -52.27 2.78 19.37
N VAL A 471 -51.59 3.55 18.52
CA VAL A 471 -52.22 4.75 18.00
C VAL A 471 -53.44 4.40 17.18
N PHE A 472 -53.35 3.35 16.35
CA PHE A 472 -54.51 2.93 15.59
C PHE A 472 -55.63 2.44 16.48
N ASN A 473 -55.32 1.71 17.55
CA ASN A 473 -56.38 1.24 18.42
C ASN A 473 -57.13 2.41 19.04
N HIS A 474 -56.38 3.38 19.56
CA HIS A 474 -57.03 4.53 20.18
C HIS A 474 -57.86 5.30 19.15
N ALA A 475 -57.27 5.58 18.00
CA ALA A 475 -57.98 6.35 16.99
C ALA A 475 -59.24 5.62 16.55
N ILE A 476 -59.15 4.31 16.33
CA ILE A 476 -60.29 3.56 15.83
C ILE A 476 -61.40 3.53 16.87
N ARG A 477 -61.07 3.25 18.13
CA ARG A 477 -62.12 3.19 19.13
C ARG A 477 -62.77 4.56 19.31
N HIS A 478 -61.97 5.63 19.31
CA HIS A 478 -62.55 6.95 19.47
C HIS A 478 -63.49 7.27 18.32
N THR A 479 -63.07 7.00 17.08
CA THR A 479 -63.92 7.30 15.94
C THR A 479 -65.19 6.47 15.94
N VAL A 480 -65.09 5.20 16.29
CA VAL A 480 -66.27 4.34 16.32
C VAL A 480 -67.26 4.84 17.35
N TYR A 481 -66.79 5.14 18.55
CA TYR A 481 -67.69 5.65 19.59
C TYR A 481 -68.33 6.96 19.15
N ALA A 482 -67.53 7.87 18.61
CA ALA A 482 -68.06 9.16 18.20
C ALA A 482 -69.12 9.00 17.12
N ALA A 483 -68.86 8.19 16.11
CA ALA A 483 -69.81 8.00 15.03
C ALA A 483 -71.10 7.38 15.54
N LEU A 484 -70.98 6.33 16.34
CA LEU A 484 -72.17 5.65 16.85
C LEU A 484 -73.01 6.59 17.68
N GLN A 485 -72.38 7.36 18.58
CA GLN A 485 -73.15 8.23 19.46
C GLN A 485 -73.73 9.41 18.71
N ASP A 486 -72.98 10.01 17.79
CA ASP A 486 -73.55 11.07 16.97
C ASP A 486 -74.79 10.57 16.26
N PHE A 487 -74.67 9.45 15.53
CA PHE A 487 -75.84 8.90 14.88
C PHE A 487 -76.99 8.75 15.87
N SER A 488 -76.78 7.96 16.90
CA SER A 488 -77.87 7.58 17.80
C SER A 488 -78.55 8.80 18.40
N GLN A 489 -77.78 9.75 18.91
CA GLN A 489 -78.35 10.84 19.70
C GLN A 489 -78.82 12.01 18.87
N VAL A 490 -78.11 12.38 17.81
CA VAL A 490 -78.46 13.55 17.02
C VAL A 490 -79.27 13.18 15.79
N THR A 491 -78.85 12.15 15.05
CA THR A 491 -79.46 11.89 13.76
C THR A 491 -80.83 11.23 13.90
N LEU A 492 -81.05 10.45 14.94
CA LEU A 492 -82.31 9.75 15.11
C LEU A 492 -83.38 10.60 15.79
N ARG A 493 -83.10 11.88 16.05
CA ARG A 493 -84.11 12.73 16.65
C ARG A 493 -85.19 13.11 15.63
N GLU A 494 -84.77 13.43 14.40
CA GLU A 494 -85.74 13.87 13.40
C GLU A 494 -86.72 12.77 13.02
N PRO A 495 -86.28 11.58 12.61
CA PRO A 495 -87.26 10.52 12.32
C PRO A 495 -88.12 10.15 13.51
N LEU A 496 -87.57 10.17 14.73
CA LEU A 496 -88.38 9.85 15.89
C LEU A 496 -89.46 10.90 16.11
N ARG A 497 -89.12 12.17 15.93
CA ARG A 497 -90.14 13.21 16.01
C ARG A 497 -91.22 12.99 14.96
N GLN A 498 -90.82 12.68 13.73
CA GLN A 498 -91.81 12.43 12.68
C GLN A 498 -92.73 11.29 13.09
N ALA A 499 -92.16 10.19 13.56
CA ALA A 499 -92.97 9.03 13.90
C ALA A 499 -93.88 9.30 15.10
N ILE A 500 -93.46 10.16 16.02
CA ILE A 500 -94.32 10.50 17.15
C ILE A 500 -95.49 11.35 16.68
N LYS A 501 -95.20 12.27 15.74
CA LYS A 501 -96.29 13.11 15.15
C LYS A 501 -97.19 12.25 14.27
N LYS A 502 -96.97 10.93 14.21
CA LYS A 502 -97.75 10.08 13.27
C LYS A 502 -98.39 8.91 14.02
N LYS A 503 -99.48 8.37 13.47
CA LYS A 503 -100.18 7.21 14.08
C LYS A 503 -99.25 5.98 14.09
N LYS A 504 -98.45 5.80 13.04
CA LYS A 504 -97.59 4.59 12.94
C LYS A 504 -96.68 4.51 14.16
N ASN A 505 -96.56 3.32 14.76
CA ASN A 505 -95.76 3.18 16.01
C ASN A 505 -94.71 2.07 15.85
N VAL A 506 -94.76 1.28 14.78
CA VAL A 506 -93.71 0.29 14.59
C VAL A 506 -92.35 0.97 14.46
N ILE A 507 -92.29 2.03 13.65
CA ILE A 507 -91.04 2.78 13.51
C ILE A 507 -90.63 3.35 14.85
N GLN A 508 -91.59 3.88 15.61
CA GLN A 508 -91.28 4.45 16.91
C GLN A 508 -90.70 3.39 17.84
N SER A 509 -91.29 2.19 17.85
CA SER A 509 -90.76 1.14 18.71
C SER A 509 -89.34 0.78 18.31
N VAL A 510 -89.08 0.66 17.01
CA VAL A 510 -87.74 0.29 16.56
C VAL A 510 -86.69 1.37 16.83
N LEU A 511 -87.01 2.63 16.52
CA LEU A 511 -86.08 3.72 16.74
C LEU A 511 -85.79 3.87 18.23
N GLN A 512 -86.84 3.76 19.04
CA GLN A 512 -86.69 3.86 20.48
C GLN A 512 -85.83 2.73 21.01
N ALA A 513 -86.03 1.54 20.47
CA ALA A 513 -85.25 0.36 20.84
C ALA A 513 -83.78 0.57 20.52
N ILE A 514 -83.50 1.19 19.37
CA ILE A 514 -82.12 1.45 18.96
C ILE A 514 -81.45 2.43 19.91
N ARG A 515 -82.24 3.34 20.48
CA ARG A 515 -81.74 4.34 21.41
C ARG A 515 -81.44 3.73 22.77
N LYS A 516 -82.32 2.89 23.29
CA LYS A 516 -82.00 2.20 24.54
C LYS A 516 -80.75 1.37 24.39
N THR A 517 -80.58 0.71 23.25
CA THR A 517 -79.44 -0.18 23.08
C THR A 517 -78.12 0.57 23.16
N VAL A 518 -77.96 1.63 22.37
CA VAL A 518 -76.63 2.20 22.17
C VAL A 518 -76.51 3.67 22.53
N CYS A 519 -77.25 4.14 23.53
CA CYS A 519 -77.13 5.51 23.99
C CYS A 519 -76.40 5.56 25.32
N ASP A 520 -75.43 6.47 25.42
CA ASP A 520 -74.67 6.71 26.63
C ASP A 520 -74.97 8.14 27.05
N TRP A 521 -76.04 8.33 27.82
CA TRP A 521 -76.48 9.67 28.19
C TRP A 521 -75.50 10.26 29.19
N GLU A 522 -74.81 11.32 28.79
CA GLU A 522 -73.69 11.82 29.60
C GLU A 522 -74.15 12.28 30.98
N THR A 523 -75.44 12.54 31.16
CA THR A 523 -75.99 12.79 32.49
C THR A 523 -76.69 11.57 33.07
N GLY A 524 -76.70 10.45 32.35
CA GLY A 524 -77.28 9.22 32.82
C GLY A 524 -78.70 8.96 32.36
N HIS A 525 -79.42 9.99 31.94
CA HIS A 525 -80.81 9.85 31.50
C HIS A 525 -81.00 10.68 30.24
N GLU A 526 -81.96 10.27 29.41
CA GLU A 526 -82.24 11.01 28.21
C GLU A 526 -82.87 12.35 28.57
N PRO A 527 -82.59 13.41 27.80
CA PRO A 527 -83.11 14.72 28.15
C PRO A 527 -84.63 14.70 28.23
N PHE A 528 -85.17 15.41 29.21
CA PHE A 528 -86.60 15.36 29.48
C PHE A 528 -87.36 16.46 28.74
N ASN A 529 -86.82 17.66 28.69
CA ASN A 529 -87.48 18.76 27.99
C ASN A 529 -87.24 18.73 26.49
N ASP A 530 -86.85 17.59 25.94
CA ASP A 530 -86.63 17.47 24.51
C ASP A 530 -87.96 17.62 23.80
N PRO A 531 -88.12 18.58 22.88
CA PRO A 531 -89.38 18.68 22.14
C PRO A 531 -89.51 17.68 21.02
N ALA A 532 -88.41 17.19 20.47
CA ALA A 532 -88.50 16.20 19.39
C ALA A 532 -89.15 14.93 19.88
N LEU A 533 -88.87 14.52 21.11
CA LEU A 533 -89.50 13.33 21.66
C LEU A 533 -91.00 13.50 21.76
N ARG A 534 -91.46 14.67 22.23
CA ARG A 534 -92.89 14.92 22.33
C ARG A 534 -93.54 14.93 20.95
N GLY A 535 -92.91 15.62 20.00
CA GLY A 535 -93.47 15.74 18.67
C GLY A 535 -93.34 17.15 18.12
N GLU A 536 -93.39 18.14 19.01
CA GLU A 536 -93.33 19.52 18.57
C GLU A 536 -91.97 19.81 17.96
N LYS A 537 -91.95 20.76 17.02
CA LYS A 537 -90.73 21.08 16.31
C LYS A 537 -89.70 21.68 17.25
N ASP A 538 -88.42 21.51 16.90
CA ASP A 538 -87.37 22.12 17.68
C ASP A 538 -87.53 23.64 17.65
N PRO A 539 -87.18 24.35 18.73
CA PRO A 539 -87.40 25.79 18.76
C PRO A 539 -86.47 26.53 17.82
N GLY A 542 -82.96 23.54 17.01
CA GLY A 542 -82.29 23.94 18.23
C GLY A 542 -82.10 22.79 19.20
N PHE A 543 -82.12 23.10 20.49
CA PHE A 543 -81.94 22.09 21.54
C PHE A 543 -80.61 21.36 21.37
N ASP A 544 -79.53 22.11 21.56
CA ASP A 544 -78.20 21.54 21.50
C ASP A 544 -78.02 20.50 22.59
N ILE A 545 -77.49 19.34 22.23
CA ILE A 545 -77.10 18.30 23.16
C ILE A 545 -75.62 18.03 22.96
N LYS A 546 -74.87 18.00 24.06
CA LYS A 546 -73.43 17.79 24.00
C LYS A 546 -73.17 16.29 23.96
N VAL A 547 -72.64 15.81 22.84
CA VAL A 547 -72.36 14.39 22.69
C VAL A 547 -71.03 14.08 23.37
N PRO A 548 -70.97 13.10 24.27
CA PRO A 548 -69.72 12.80 24.96
C PRO A 548 -68.72 12.11 24.05
N ARG A 549 -67.45 12.16 24.46
CA ARG A 549 -66.36 11.50 23.77
C ARG A 549 -65.65 10.55 24.71
N ARG A 550 -65.20 9.43 24.17
CA ARG A 550 -64.35 8.49 24.89
C ARG A 550 -63.92 7.38 23.95
N ALA A 551 -62.79 6.76 24.22
CA ALA A 551 -62.24 5.72 23.35
C ALA A 551 -62.68 4.37 23.88
N VAL A 552 -63.86 3.92 23.43
CA VAL A 552 -64.34 2.58 23.74
C VAL A 552 -65.37 2.16 22.70
N GLY A 553 -65.23 0.96 22.17
CA GLY A 553 -66.10 0.50 21.12
C GLY A 553 -67.29 -0.24 21.67
N PRO A 554 -68.36 -0.33 20.88
CA PRO A 554 -69.54 -1.05 21.35
C PRO A 554 -69.32 -2.55 21.35
N SER A 555 -69.84 -3.21 22.37
CA SER A 555 -69.73 -4.66 22.44
C SER A 555 -70.24 -5.25 21.13
N SER A 556 -69.84 -6.48 20.82
CA SER A 556 -70.27 -7.09 19.57
C SER A 556 -71.79 -7.25 19.53
N THR A 557 -72.39 -7.66 20.65
CA THR A 557 -73.82 -7.92 20.65
C THR A 557 -74.61 -6.68 20.28
N GLN A 558 -74.29 -5.54 20.90
CA GLN A 558 -75.10 -4.36 20.66
C GLN A 558 -74.84 -3.74 19.30
N LEU A 559 -73.60 -3.80 18.81
CA LEU A 559 -73.34 -3.33 17.46
C LEU A 559 -74.11 -4.16 16.45
N TYR A 560 -74.14 -5.48 16.64
CA TYR A 560 -74.91 -6.34 15.75
C TYR A 560 -76.40 -6.02 15.82
N MET A 561 -76.92 -5.84 17.02
CA MET A 561 -78.33 -5.51 17.18
C MET A 561 -78.66 -4.21 16.44
N VAL A 562 -77.83 -3.19 16.63
CA VAL A 562 -78.10 -1.91 15.98
C VAL A 562 -78.08 -2.06 14.48
N ARG A 563 -77.09 -2.78 13.94
CA ARG A 563 -77.01 -2.90 12.49
C ARG A 563 -78.20 -3.66 11.93
N THR A 564 -78.66 -4.71 12.62
CA THR A 564 -79.80 -5.45 12.10
C THR A 564 -81.08 -4.63 12.19
N MET A 565 -81.24 -3.83 13.24
CA MET A 565 -82.43 -2.98 13.30
C MET A 565 -82.42 -1.91 12.23
N LEU A 566 -81.26 -1.31 11.94
CA LEU A 566 -81.21 -0.36 10.85
C LEU A 566 -81.54 -1.02 9.52
N GLU A 567 -80.97 -2.19 9.28
CA GLU A 567 -81.31 -2.93 8.06
C GLU A 567 -82.81 -3.18 8.00
N SER A 568 -83.42 -3.47 9.14
CA SER A 568 -84.86 -3.65 9.18
C SER A 568 -85.58 -2.39 8.72
N LEU A 569 -85.16 -1.21 9.18
CA LEU A 569 -85.93 0.01 8.79
C LEU A 569 -85.87 0.19 7.28
N ILE A 570 -84.67 0.26 6.70
CA ILE A 570 -84.50 0.40 5.22
C ILE A 570 -84.54 -0.98 4.58
N ALA A 571 -85.72 -1.60 4.51
CA ALA A 571 -85.84 -2.94 3.91
C ALA A 571 -86.90 -2.89 2.81
N ASP A 572 -86.62 -3.48 1.65
CA ASP A 572 -87.59 -3.50 0.54
C ASP A 572 -88.83 -4.30 0.95
N LYS A 573 -88.64 -5.41 1.67
CA LYS A 573 -89.78 -6.23 2.14
C LYS A 573 -89.79 -6.25 3.68
N SER A 574 -90.96 -6.06 4.29
CA SER A 574 -91.06 -6.11 5.77
C SER A 574 -92.48 -6.56 6.16
N LYS A 578 -97.27 -1.88 3.33
CA LYS A 578 -96.95 -2.57 4.61
C LYS A 578 -95.44 -2.50 4.83
N THR A 579 -94.77 -1.46 4.34
CA THR A 579 -93.29 -1.39 4.44
C THR A 579 -92.86 -0.27 5.40
N LEU A 580 -91.87 -0.55 6.27
CA LEU A 580 -91.31 0.41 7.20
C LEU A 580 -90.52 1.50 6.48
N ARG A 581 -90.00 1.20 5.29
CA ARG A 581 -89.29 2.21 4.52
C ARG A 581 -90.25 3.18 3.85
N SER A 582 -91.51 2.78 3.66
CA SER A 582 -92.46 3.67 3.01
C SER A 582 -92.74 4.88 3.87
N SER A 583 -92.92 4.68 5.18
CA SER A 583 -93.20 5.79 6.06
C SER A 583 -92.04 6.79 6.10
N LEU A 584 -90.82 6.29 6.14
CA LEU A 584 -89.67 7.18 6.28
C LEU A 584 -89.60 8.17 5.13
N GLU A 585 -89.01 9.32 5.41
CA GLU A 585 -88.86 10.37 4.42
C GLU A 585 -87.60 10.08 3.60
N GLY A 586 -87.18 11.06 2.80
CA GLY A 586 -86.05 10.87 1.90
C GLY A 586 -84.72 10.95 2.60
N PRO A 587 -84.41 12.11 3.18
CA PRO A 587 -83.11 12.25 3.82
C PRO A 587 -82.89 11.28 4.96
N THR A 588 -83.96 10.89 5.66
CA THR A 588 -83.82 9.92 6.74
C THR A 588 -83.26 8.61 6.21
N ILE A 589 -83.89 8.05 5.18
CA ILE A 589 -83.42 6.80 4.63
C ILE A 589 -82.04 6.97 4.02
N LEU A 590 -81.77 8.13 3.43
CA LEU A 590 -80.45 8.31 2.83
C LEU A 590 -79.35 8.25 3.90
N ASP A 591 -79.54 8.94 5.02
CA ASP A 591 -78.57 8.91 6.10
C ASP A 591 -78.49 7.56 6.78
N ILE A 592 -79.61 6.87 6.94
CA ILE A 592 -79.58 5.52 7.51
C ILE A 592 -78.78 4.60 6.61
N GLU A 593 -79.02 4.65 5.31
CA GLU A 593 -78.25 3.83 4.37
C GLU A 593 -76.77 4.15 4.48
N LYS A 594 -76.44 5.44 4.55
CA LYS A 594 -75.04 5.82 4.72
C LYS A 594 -74.46 5.12 5.95
N PHE A 595 -74.96 5.48 7.13
CA PHE A 595 -74.36 4.94 8.34
C PHE A 595 -74.29 3.43 8.31
N HIS A 596 -75.33 2.79 7.78
CA HIS A 596 -75.31 1.33 7.72
C HIS A 596 -74.19 0.84 6.83
N ARG A 597 -73.86 1.57 5.77
CA ARG A 597 -72.76 1.14 4.91
C ARG A 597 -71.41 1.33 5.58
N GLU A 598 -71.18 2.49 6.22
CA GLU A 598 -69.87 2.67 6.87
C GLU A 598 -69.70 1.77 8.08
N SER A 599 -70.78 1.44 8.78
CA SER A 599 -70.61 0.60 9.96
C SER A 599 -70.22 -0.82 9.64
N PHE A 600 -70.02 -1.16 8.36
CA PHE A 600 -69.74 -2.54 8.01
C PHE A 600 -68.41 -3.00 8.58
N PHE A 601 -67.39 -2.16 8.52
CA PHE A 601 -66.02 -2.53 8.87
C PHE A 601 -65.67 -2.23 10.32
N TYR A 602 -66.63 -1.80 11.13
CA TYR A 602 -66.32 -1.48 12.52
C TYR A 602 -65.80 -2.71 13.25
N THR A 603 -66.45 -3.84 13.08
CA THR A 603 -66.02 -5.06 13.76
C THR A 603 -64.60 -5.43 13.36
N HIS A 604 -64.30 -5.36 12.06
CA HIS A 604 -62.97 -5.71 11.60
C HIS A 604 -61.93 -4.77 12.18
N LEU A 605 -62.21 -3.47 12.18
CA LEU A 605 -61.21 -2.50 12.58
C LEU A 605 -60.99 -2.47 14.08
N ILE A 606 -62.01 -2.75 14.88
CA ILE A 606 -61.81 -2.77 16.32
C ILE A 606 -60.79 -3.83 16.69
N ASN A 607 -60.80 -4.96 15.98
CA ASN A 607 -59.78 -5.99 16.16
C ASN A 607 -58.68 -5.80 15.12
N PHE A 608 -57.93 -4.71 15.30
CA PHE A 608 -56.95 -4.34 14.29
C PHE A 608 -55.85 -5.37 14.15
N SER A 609 -55.36 -5.91 15.28
CA SER A 609 -54.24 -6.83 15.22
C SER A 609 -54.60 -8.13 14.52
N GLU A 610 -55.74 -8.72 14.90
CA GLU A 610 -56.16 -9.96 14.27
C GLU A 610 -56.37 -9.78 12.77
N THR A 611 -57.01 -8.68 12.39
CA THR A 611 -57.28 -8.45 10.97
C THR A 611 -56.01 -8.16 10.21
N LEU A 612 -55.05 -7.48 10.84
CA LEU A 612 -53.77 -7.28 10.20
C LEU A 612 -53.07 -8.60 9.97
N GLN A 613 -53.16 -9.51 10.94
CA GLN A 613 -52.62 -10.85 10.75
C GLN A 613 -53.30 -11.55 9.58
N GLN A 614 -54.62 -11.46 9.51
CA GLN A 614 -55.36 -12.18 8.48
C GLN A 614 -55.05 -11.64 7.09
N CYS A 615 -54.94 -10.32 6.95
CA CYS A 615 -54.74 -9.71 5.65
C CYS A 615 -53.39 -10.04 5.03
N CYS A 616 -52.47 -10.63 5.78
CA CYS A 616 -51.11 -10.89 5.31
C CYS A 616 -50.72 -12.33 5.55
N ASP A 617 -51.61 -13.27 5.22
CA ASP A 617 -51.38 -14.68 5.49
C ASP A 617 -50.86 -15.36 4.23
N LEU A 618 -49.62 -15.82 4.28
CA LEU A 618 -48.98 -16.55 3.19
C LEU A 618 -48.45 -17.88 3.69
N SER A 619 -49.21 -18.56 4.55
CA SER A 619 -48.77 -19.84 5.09
C SER A 619 -48.94 -20.98 4.11
N GLN A 620 -49.92 -20.89 3.21
CA GLN A 620 -50.30 -22.04 2.40
C GLN A 620 -49.29 -22.36 1.31
N LEU A 621 -48.27 -21.51 1.08
CA LEU A 621 -47.35 -21.79 -0.01
C LEU A 621 -46.49 -23.01 0.25
N TRP A 622 -46.44 -23.53 1.46
CA TRP A 622 -45.60 -24.68 1.77
C TRP A 622 -46.37 -26.00 1.73
N PHE A 623 -47.57 -26.05 2.27
CA PHE A 623 -48.25 -27.32 2.47
C PHE A 623 -48.55 -28.00 1.14
N ARG A 624 -48.43 -29.34 1.12
CA ARG A 624 -48.56 -30.12 -0.09
C ARG A 624 -49.30 -31.43 0.12
N GLU A 625 -50.23 -31.48 1.07
CA GLU A 625 -50.85 -32.76 1.40
C GLU A 625 -51.62 -33.32 0.21
N PHE A 626 -52.27 -32.46 -0.56
CA PHE A 626 -53.08 -32.94 -1.69
C PHE A 626 -52.20 -33.65 -2.72
N PHE A 627 -51.14 -32.97 -3.17
CA PHE A 627 -50.24 -33.57 -4.15
C PHE A 627 -49.48 -34.75 -3.58
N LEU A 628 -49.30 -34.80 -2.27
CA LEU A 628 -48.69 -35.99 -1.65
C LEU A 628 -49.64 -37.16 -1.72
N GLU A 629 -50.93 -36.93 -1.50
CA GLU A 629 -51.91 -38.00 -1.62
C GLU A 629 -51.98 -38.52 -3.05
N LEU A 630 -51.96 -37.63 -4.02
CA LEU A 630 -52.03 -38.10 -5.41
C LEU A 630 -50.89 -39.04 -5.80
N THR A 631 -49.78 -39.04 -5.08
CA THR A 631 -48.67 -39.91 -5.46
C THR A 631 -48.94 -41.38 -5.20
N MET A 632 -50.02 -41.71 -4.49
CA MET A 632 -50.37 -43.10 -4.20
C MET A 632 -49.23 -43.84 -3.52
N GLY A 633 -48.59 -43.17 -2.55
CA GLY A 633 -47.58 -43.79 -1.73
C GLY A 633 -46.19 -43.79 -2.31
N ARG A 634 -46.02 -43.37 -3.56
CA ARG A 634 -44.69 -43.42 -4.17
C ARG A 634 -43.72 -42.51 -3.45
N ARG A 635 -44.21 -41.44 -2.82
CA ARG A 635 -43.38 -40.47 -2.13
C ARG A 635 -43.92 -40.23 -0.73
N ILE A 636 -43.01 -40.01 0.20
CA ILE A 636 -43.39 -39.67 1.58
C ILE A 636 -43.26 -38.19 1.86
N GLN A 637 -42.63 -37.42 0.97
CA GLN A 637 -42.49 -35.99 1.06
C GLN A 637 -41.73 -35.55 -0.18
N PHE A 638 -41.81 -34.30 -0.49
CA PHE A 638 -41.12 -33.82 -1.67
C PHE A 638 -39.78 -33.22 -1.30
N PRO A 639 -38.82 -33.24 -2.25
CA PRO A 639 -37.48 -32.67 -2.09
C PRO A 639 -37.52 -31.15 -1.91
N ILE A 640 -36.52 -30.57 -1.27
CA ILE A 640 -36.54 -29.13 -1.02
C ILE A 640 -36.59 -28.36 -2.34
N GLU A 641 -35.90 -28.85 -3.37
CA GLU A 641 -35.91 -28.13 -4.64
C GLU A 641 -37.29 -28.08 -5.27
N MET A 642 -38.29 -28.71 -4.66
CA MET A 642 -39.68 -28.59 -5.06
C MET A 642 -40.48 -27.72 -4.11
N SER A 643 -39.87 -27.24 -3.04
CA SER A 643 -40.54 -26.38 -2.08
C SER A 643 -40.52 -24.94 -2.58
N MET A 644 -41.67 -24.27 -2.49
CA MET A 644 -41.78 -22.93 -3.05
C MET A 644 -40.87 -21.92 -2.36
N PRO A 645 -40.84 -21.82 -1.03
CA PRO A 645 -39.96 -20.82 -0.42
C PRO A 645 -38.51 -21.00 -0.83
N TRP A 646 -38.02 -22.23 -0.82
CA TRP A 646 -36.65 -22.45 -1.25
C TRP A 646 -36.50 -22.19 -2.73
N ILE A 647 -37.52 -22.46 -3.54
CA ILE A 647 -37.41 -22.15 -4.97
C ILE A 647 -37.09 -20.67 -5.13
N LEU A 648 -37.83 -19.81 -4.45
CA LEU A 648 -37.63 -18.37 -4.60
C LEU A 648 -36.27 -17.94 -4.04
N THR A 649 -35.96 -18.36 -2.82
CA THR A 649 -34.71 -17.96 -2.19
C THR A 649 -33.51 -18.42 -3.01
N ASP A 650 -33.53 -19.67 -3.46
CA ASP A 650 -32.42 -20.20 -4.22
C ASP A 650 -32.33 -19.57 -5.59
N HIS A 651 -33.45 -19.17 -6.19
CA HIS A 651 -33.36 -18.45 -7.45
C HIS A 651 -32.58 -17.16 -7.26
N ILE A 652 -32.93 -16.41 -6.21
CA ILE A 652 -32.20 -15.17 -5.96
C ILE A 652 -30.73 -15.45 -5.72
N LEU A 653 -30.43 -16.46 -4.90
CA LEU A 653 -29.03 -16.76 -4.59
C LEU A 653 -28.24 -17.16 -5.84
N GLU A 654 -28.84 -17.99 -6.68
CA GLU A 654 -28.12 -18.51 -7.84
C GLU A 654 -27.90 -17.45 -8.90
N THR A 655 -28.93 -16.65 -9.19
CA THR A 655 -28.76 -15.62 -10.20
C THR A 655 -27.87 -14.48 -9.74
N LYS A 656 -27.57 -14.41 -8.45
CA LYS A 656 -26.75 -13.32 -7.90
C LYS A 656 -27.34 -11.97 -8.27
N GLU A 657 -28.66 -11.87 -8.21
CA GLU A 657 -29.33 -10.65 -8.62
C GLU A 657 -29.03 -9.53 -7.64
N ALA A 658 -28.55 -8.40 -8.15
CA ALA A 658 -28.18 -7.29 -7.28
C ALA A 658 -29.41 -6.61 -6.72
N SER A 659 -30.41 -6.34 -7.56
CA SER A 659 -31.58 -5.62 -7.10
C SER A 659 -32.32 -6.40 -6.02
N MET A 660 -32.40 -7.71 -6.17
CA MET A 660 -33.20 -8.54 -5.29
C MET A 660 -32.43 -9.04 -4.08
N MET A 661 -31.16 -8.67 -3.94
CA MET A 661 -30.35 -9.22 -2.86
C MET A 661 -30.84 -8.78 -1.49
N GLU A 662 -31.55 -7.67 -1.39
CA GLU A 662 -32.09 -7.23 -0.11
C GLU A 662 -33.39 -7.95 0.26
N TYR A 663 -33.96 -8.74 -0.65
CA TYR A 663 -35.25 -9.35 -0.45
C TYR A 663 -35.18 -10.79 0.05
N VAL A 664 -33.99 -11.37 0.12
CA VAL A 664 -33.88 -12.81 0.34
C VAL A 664 -34.50 -13.21 1.67
N LEU A 665 -34.24 -12.45 2.71
CA LEU A 665 -34.66 -12.87 4.04
C LEU A 665 -36.16 -12.93 4.17
N TYR A 666 -36.92 -12.22 3.34
CA TYR A 666 -38.38 -12.35 3.39
C TYR A 666 -38.84 -13.68 2.82
N SER A 667 -38.28 -14.07 1.68
CA SER A 667 -38.57 -15.40 1.14
C SER A 667 -38.21 -16.46 2.15
N LEU A 668 -37.13 -16.26 2.90
CA LEU A 668 -36.84 -17.18 4.00
C LEU A 668 -37.91 -17.09 5.07
N ASP A 669 -38.36 -15.88 5.39
CA ASP A 669 -39.32 -15.67 6.46
C ASP A 669 -40.62 -16.41 6.21
N LEU A 670 -40.94 -16.68 4.94
CA LEU A 670 -42.14 -17.45 4.64
C LEU A 670 -42.28 -18.68 5.55
N TYR A 671 -41.15 -19.27 5.94
CA TYR A 671 -41.17 -20.45 6.79
C TYR A 671 -41.78 -20.14 8.14
N ASN A 672 -41.53 -18.96 8.68
CA ASN A 672 -42.09 -18.61 9.97
C ASN A 672 -43.62 -18.67 9.92
N ASP A 673 -44.20 -18.06 8.90
CA ASP A 673 -45.65 -18.06 8.78
C ASP A 673 -46.18 -19.47 8.60
N SER A 674 -45.52 -20.27 7.76
CA SER A 674 -45.98 -21.63 7.54
C SER A 674 -45.93 -22.45 8.83
N ALA A 675 -44.82 -22.34 9.57
CA ALA A 675 -44.67 -23.13 10.78
C ALA A 675 -45.64 -22.70 11.86
N HIS A 676 -45.84 -21.39 12.01
CA HIS A 676 -46.82 -20.92 12.98
C HIS A 676 -48.20 -21.43 12.63
N TYR A 677 -48.55 -21.41 11.35
CA TYR A 677 -49.85 -21.92 10.93
C TYR A 677 -49.97 -23.40 11.28
N ALA A 678 -48.95 -24.19 10.95
CA ALA A 678 -49.01 -25.62 11.23
C ALA A 678 -49.16 -25.88 12.71
N LEU A 679 -48.49 -25.09 13.54
CA LEU A 679 -48.57 -25.33 14.98
C LEU A 679 -49.91 -24.92 15.55
N THR A 680 -50.46 -23.78 15.12
CA THR A 680 -51.61 -23.21 15.80
C THR A 680 -52.95 -23.58 15.19
N ARG A 681 -53.08 -23.65 13.87
CA ARG A 681 -54.34 -24.01 13.22
C ARG A 681 -54.41 -25.50 12.93
N PHE A 682 -53.51 -26.01 12.10
CA PHE A 682 -53.51 -27.43 11.80
C PHE A 682 -53.33 -28.25 13.06
N ASN A 683 -52.41 -27.82 13.93
CA ASN A 683 -52.28 -28.41 15.26
C ASN A 683 -51.82 -29.85 15.17
N LYS A 684 -50.73 -30.08 14.42
CA LYS A 684 -50.14 -31.40 14.25
C LYS A 684 -48.65 -31.30 14.45
N GLN A 685 -48.09 -32.27 15.18
CA GLN A 685 -46.67 -32.22 15.50
C GLN A 685 -45.80 -32.55 14.30
N PHE A 686 -46.19 -33.58 13.53
CA PHE A 686 -45.32 -34.04 12.47
C PHE A 686 -45.14 -32.99 11.39
N LEU A 687 -46.15 -32.13 11.18
CA LEU A 687 -45.99 -31.06 10.23
C LEU A 687 -44.89 -30.11 10.65
N TYR A 688 -44.86 -29.76 11.93
CA TYR A 688 -43.79 -28.89 12.41
C TYR A 688 -42.45 -29.58 12.36
N ASP A 689 -42.40 -30.87 12.65
CA ASP A 689 -41.14 -31.59 12.53
C ASP A 689 -40.61 -31.51 11.10
N GLU A 690 -41.50 -31.68 10.14
CA GLU A 690 -41.07 -31.62 8.74
C GLU A 690 -40.61 -30.21 8.36
N ILE A 691 -41.32 -29.18 8.79
CA ILE A 691 -40.90 -27.82 8.47
C ILE A 691 -39.55 -27.53 9.10
N GLU A 692 -39.35 -27.98 10.34
CA GLU A 692 -38.08 -27.74 11.01
C GLU A 692 -36.94 -28.43 10.28
N ALA A 693 -37.14 -29.67 9.85
CA ALA A 693 -36.09 -30.36 9.10
C ALA A 693 -35.77 -29.61 7.81
N GLU A 694 -36.80 -29.17 7.10
CA GLU A 694 -36.57 -28.46 5.85
C GLU A 694 -35.76 -27.20 6.09
N VAL A 695 -36.12 -26.45 7.11
CA VAL A 695 -35.38 -25.22 7.42
C VAL A 695 -33.96 -25.54 7.80
N ASN A 696 -33.76 -26.60 8.58
CA ASN A 696 -32.41 -26.98 8.97
C ASN A 696 -31.52 -27.20 7.76
N LEU A 697 -32.01 -27.92 6.76
CA LEU A 697 -31.19 -28.16 5.57
C LEU A 697 -31.00 -26.88 4.77
N CYS A 698 -32.09 -26.17 4.50
CA CYS A 698 -32.04 -25.07 3.55
C CYS A 698 -31.23 -23.90 4.10
N PHE A 699 -31.26 -23.67 5.40
CA PHE A 699 -30.52 -22.55 5.96
C PHE A 699 -29.01 -22.78 5.86
N ASP A 700 -28.56 -24.01 6.10
CA ASP A 700 -27.15 -24.29 5.92
C ASP A 700 -26.74 -24.09 4.47
N GLN A 701 -27.56 -24.57 3.53
CA GLN A 701 -27.24 -24.32 2.13
C GLN A 701 -27.16 -22.82 1.85
N PHE A 702 -28.10 -22.05 2.40
CA PHE A 702 -28.16 -20.62 2.17
C PHE A 702 -26.90 -19.93 2.68
N VAL A 703 -26.49 -20.28 3.90
CA VAL A 703 -25.29 -19.67 4.47
C VAL A 703 -24.08 -19.98 3.61
N TYR A 704 -23.93 -21.24 3.20
CA TYR A 704 -22.78 -21.60 2.40
C TYR A 704 -22.73 -20.79 1.11
N LYS A 705 -23.84 -20.77 0.36
CA LYS A 705 -23.84 -20.07 -0.92
C LYS A 705 -23.59 -18.58 -0.74
N LEU A 706 -24.23 -17.97 0.26
CA LEU A 706 -24.09 -16.54 0.46
C LEU A 706 -22.65 -16.19 0.78
N ALA A 707 -22.03 -16.91 1.72
CA ALA A 707 -20.65 -16.60 2.07
C ALA A 707 -19.74 -16.77 0.87
N ASP A 708 -19.92 -17.85 0.11
CA ASP A 708 -19.06 -18.08 -1.04
C ASP A 708 -19.13 -16.90 -2.00
N GLN A 709 -20.33 -16.48 -2.37
CA GLN A 709 -20.43 -15.43 -3.39
C GLN A 709 -20.03 -14.08 -2.83
N ILE A 710 -20.20 -13.83 -1.53
CA ILE A 710 -19.73 -12.59 -0.94
C ILE A 710 -18.22 -12.49 -1.04
N PHE A 711 -17.52 -13.56 -0.64
CA PHE A 711 -16.07 -13.52 -0.72
C PHE A 711 -15.62 -13.34 -2.16
N ALA A 712 -16.25 -14.05 -3.09
CA ALA A 712 -15.87 -13.89 -4.49
C ALA A 712 -16.06 -12.46 -4.96
N TYR A 713 -17.18 -11.84 -4.58
CA TYR A 713 -17.46 -10.47 -5.00
C TYR A 713 -16.39 -9.53 -4.51
N TYR A 714 -16.02 -9.64 -3.24
CA TYR A 714 -15.06 -8.67 -2.70
C TYR A 714 -13.65 -8.95 -3.19
N LYS A 715 -13.29 -10.21 -3.41
CA LYS A 715 -12.00 -10.49 -4.02
C LYS A 715 -11.92 -9.91 -5.41
N VAL A 716 -12.99 -10.03 -6.20
CA VAL A 716 -12.98 -9.48 -7.54
C VAL A 716 -12.88 -7.96 -7.49
N MET A 717 -13.60 -7.33 -6.57
CA MET A 717 -13.51 -5.87 -6.48
C MET A 717 -12.10 -5.44 -6.10
N ALA A 718 -11.48 -6.13 -5.14
CA ALA A 718 -10.12 -5.80 -4.76
C ALA A 718 -9.18 -5.94 -5.94
N GLY A 719 -9.30 -7.02 -6.70
CA GLY A 719 -8.45 -7.21 -7.85
C GLY A 719 -8.67 -6.16 -8.91
N SER A 720 -9.91 -5.72 -9.08
CA SER A 720 -10.22 -4.73 -10.11
C SER A 720 -9.76 -3.34 -9.72
N LEU A 721 -9.77 -3.02 -8.43
CA LEU A 721 -9.37 -1.69 -7.98
C LEU A 721 -7.91 -1.42 -8.31
N LEU A 722 -7.05 -2.42 -8.13
CA LEU A 722 -5.61 -2.22 -8.25
C LEU A 722 -5.09 -2.43 -9.66
N LEU A 723 -5.94 -2.78 -10.61
CA LEU A 723 -5.48 -3.00 -11.96
C LEU A 723 -5.13 -1.67 -12.63
N ASP A 724 -4.06 -1.67 -13.41
CA ASP A 724 -3.60 -0.45 -14.05
C ASP A 724 -4.71 0.15 -14.89
N LYS A 725 -4.95 1.45 -14.71
CA LYS A 725 -6.01 2.12 -15.45
C LYS A 725 -5.63 2.31 -16.92
N ARG A 726 -4.37 2.68 -17.17
CA ARG A 726 -3.95 2.85 -18.55
C ARG A 726 -4.03 1.54 -19.31
N LEU A 727 -3.76 0.43 -18.65
CA LEU A 727 -3.92 -0.87 -19.28
C LEU A 727 -5.37 -1.13 -19.67
N ARG A 728 -6.31 -0.81 -18.77
CA ARG A 728 -7.72 -0.96 -19.12
C ARG A 728 -8.08 -0.11 -20.31
N SER A 729 -7.63 1.13 -20.32
CA SER A 729 -7.89 2.00 -21.46
C SER A 729 -7.36 1.38 -22.75
N GLU A 730 -6.10 0.94 -22.73
CA GLU A 730 -5.50 0.37 -23.93
C GLU A 730 -6.26 -0.85 -24.40
N CYS A 731 -6.64 -1.73 -23.47
CA CYS A 731 -7.36 -2.93 -23.84
C CYS A 731 -8.71 -2.59 -24.47
N LYS A 732 -9.43 -1.63 -23.89
CA LYS A 732 -10.69 -1.22 -24.48
C LYS A 732 -10.48 -0.66 -25.88
N ASN A 733 -9.40 0.09 -26.09
CA ASN A 733 -9.13 0.66 -27.40
C ASN A 733 -8.85 -0.39 -28.46
N GLN A 734 -8.60 -1.64 -28.08
CA GLN A 734 -8.39 -2.73 -29.03
C GLN A 734 -9.48 -3.78 -28.95
N GLY A 735 -10.62 -3.46 -28.33
CA GLY A 735 -11.72 -4.40 -28.28
C GLY A 735 -11.40 -5.67 -27.50
N ALA A 736 -10.74 -5.54 -26.36
CA ALA A 736 -10.44 -6.66 -25.48
C ALA A 736 -10.75 -6.26 -24.04
N THR A 737 -11.89 -5.63 -23.84
CA THR A 737 -12.22 -5.01 -22.56
C THR A 737 -12.19 -6.03 -21.43
N ILE A 738 -11.55 -5.66 -20.33
CA ILE A 738 -11.61 -6.42 -19.08
C ILE A 738 -12.78 -5.85 -18.31
N HIS A 739 -13.92 -6.53 -18.35
CA HIS A 739 -15.16 -5.96 -17.86
C HIS A 739 -15.10 -5.73 -16.35
N LEU A 740 -15.78 -4.67 -15.91
CA LEU A 740 -15.90 -4.40 -14.49
C LEU A 740 -16.82 -5.42 -13.84
N PRO A 741 -16.70 -5.60 -12.54
CA PRO A 741 -17.64 -6.48 -11.83
C PRO A 741 -18.92 -5.74 -11.50
N PRO A 742 -20.09 -6.31 -11.82
CA PRO A 742 -21.34 -5.61 -11.51
C PRO A 742 -21.44 -5.31 -10.02
N SER A 743 -21.94 -4.12 -9.71
CA SER A 743 -22.15 -3.76 -8.32
C SER A 743 -23.27 -4.61 -7.72
N ASN A 744 -23.25 -4.74 -6.41
CA ASN A 744 -24.22 -5.59 -5.74
C ASN A 744 -24.40 -5.10 -4.31
N ARG A 745 -25.52 -5.48 -3.71
CA ARG A 745 -25.97 -4.95 -2.43
C ARG A 745 -25.87 -6.04 -1.37
N TYR A 746 -24.68 -6.17 -0.78
CA TYR A 746 -24.47 -7.15 0.27
C TYR A 746 -24.39 -6.52 1.65
N GLU A 747 -24.38 -5.20 1.73
CA GLU A 747 -24.12 -4.53 3.01
C GLU A 747 -25.19 -4.85 4.03
N THR A 748 -26.45 -4.88 3.61
CA THR A 748 -27.54 -5.13 4.55
C THR A 748 -27.45 -6.53 5.16
N LEU A 749 -27.08 -7.51 4.35
CA LEU A 749 -26.94 -8.87 4.87
C LEU A 749 -25.81 -8.98 5.88
N LEU A 750 -24.68 -8.34 5.61
CA LEU A 750 -23.54 -8.41 6.51
C LEU A 750 -23.81 -7.81 7.87
N LYS A 751 -24.82 -6.95 7.99
CA LYS A 751 -25.13 -6.29 9.25
C LYS A 751 -26.18 -7.03 10.06
N GLN A 752 -26.73 -8.12 9.54
CA GLN A 752 -27.76 -8.87 10.25
C GLN A 752 -27.16 -9.60 11.44
N ARG A 753 -27.82 -9.52 12.59
CA ARG A 753 -27.33 -10.21 13.79
C ARG A 753 -28.40 -10.90 14.61
N HIS A 754 -29.67 -10.70 14.34
CA HIS A 754 -30.73 -11.40 15.07
C HIS A 754 -31.81 -11.87 14.10
N VAL A 755 -31.41 -12.51 13.01
CA VAL A 755 -32.39 -13.12 12.12
C VAL A 755 -33.25 -14.08 12.92
N GLN A 756 -34.55 -14.09 12.63
CA GLN A 756 -35.53 -14.87 13.38
C GLN A 756 -36.06 -16.00 12.52
N LEU A 757 -35.93 -17.23 13.02
CA LEU A 757 -36.44 -18.39 12.31
C LEU A 757 -36.86 -19.44 13.32
N LEU A 758 -38.16 -19.70 13.40
CA LEU A 758 -38.69 -20.81 14.19
C LEU A 758 -38.29 -20.67 15.66
N GLY A 759 -38.30 -19.44 16.16
CA GLY A 759 -38.01 -19.19 17.55
C GLY A 759 -36.55 -19.07 17.89
N ARG A 760 -35.66 -19.29 16.94
CA ARG A 760 -34.23 -19.12 17.14
C ARG A 760 -33.79 -17.76 16.64
N SER A 761 -32.75 -17.22 17.27
CA SER A 761 -32.11 -15.99 16.83
C SER A 761 -30.75 -16.36 16.23
N ILE A 762 -30.57 -16.06 14.96
CA ILE A 762 -29.38 -16.46 14.22
C ILE A 762 -28.54 -15.21 13.95
N ASP A 763 -27.26 -15.27 14.29
CA ASP A 763 -26.32 -14.19 13.99
C ASP A 763 -25.70 -14.49 12.64
N LEU A 764 -26.25 -13.90 11.59
CA LEU A 764 -25.72 -14.15 10.25
C LEU A 764 -24.28 -13.67 10.13
N ASN A 765 -23.97 -12.54 10.76
CA ASN A 765 -22.64 -11.97 10.65
C ASN A 765 -21.57 -12.96 11.10
N ARG A 766 -21.83 -13.66 12.20
CA ARG A 766 -20.85 -14.60 12.74
C ARG A 766 -20.52 -15.71 11.74
N LEU A 767 -21.57 -16.31 11.16
CA LEU A 767 -21.36 -17.42 10.24
C LEU A 767 -20.65 -16.94 8.98
N ILE A 768 -21.06 -15.79 8.46
CA ILE A 768 -20.38 -15.27 7.28
C ILE A 768 -18.91 -15.01 7.60
N THR A 769 -18.62 -14.50 8.80
CA THR A 769 -17.23 -14.28 9.17
C THR A 769 -16.45 -15.58 9.20
N GLN A 770 -17.03 -16.62 9.76
CA GLN A 770 -16.32 -17.90 9.82
C GLN A 770 -15.96 -18.37 8.42
N ARG A 771 -16.94 -18.40 7.51
CA ARG A 771 -16.67 -18.88 6.16
C ARG A 771 -15.66 -17.99 5.45
N VAL A 772 -15.79 -16.68 5.60
CA VAL A 772 -14.92 -15.77 4.87
C VAL A 772 -13.49 -15.87 5.39
N SER A 773 -13.32 -16.04 6.70
CA SER A 773 -11.98 -16.20 7.24
C SER A 773 -11.34 -17.48 6.75
N ALA A 774 -12.11 -18.56 6.69
CA ALA A 774 -11.58 -19.78 6.09
C ALA A 774 -11.13 -19.53 4.66
N ALA A 775 -11.94 -18.79 3.90
CA ALA A 775 -11.60 -18.52 2.51
C ALA A 775 -10.33 -17.68 2.40
N MET A 776 -10.18 -16.68 3.28
CA MET A 776 -8.98 -15.85 3.25
C MET A 776 -7.74 -16.67 3.56
N TYR A 777 -7.82 -17.55 4.56
CA TYR A 777 -6.69 -18.42 4.85
C TYR A 777 -6.36 -19.29 3.65
N LYS A 778 -7.38 -19.83 3.00
CA LYS A 778 -7.14 -20.65 1.81
C LYS A 778 -6.44 -19.84 0.72
N SER A 779 -6.87 -18.58 0.53
CA SER A 779 -6.25 -17.76 -0.50
C SER A 779 -4.78 -17.50 -0.20
N LEU A 780 -4.47 -17.16 1.04
CA LEU A 780 -3.08 -16.90 1.40
C LEU A 780 -2.23 -18.16 1.22
N GLU A 781 -2.76 -19.30 1.67
CA GLU A 781 -2.03 -20.56 1.51
C GLU A 781 -1.79 -20.86 0.04
N LEU A 782 -2.79 -20.63 -0.80
CA LEU A 782 -2.63 -20.89 -2.22
C LEU A 782 -1.59 -19.97 -2.83
N ALA A 783 -1.55 -18.71 -2.41
CA ALA A 783 -0.55 -17.79 -2.94
C ALA A 783 0.86 -18.26 -2.59
N ILE A 784 1.08 -18.60 -1.32
CA ILE A 784 2.41 -19.02 -0.90
C ILE A 784 2.80 -20.33 -1.59
N GLY A 785 1.88 -21.30 -1.62
CA GLY A 785 2.18 -22.55 -2.28
C GLY A 785 2.42 -22.40 -3.77
N ARG A 786 1.73 -21.45 -4.40
CA ARG A 786 1.97 -21.17 -5.80
C ARG A 786 3.35 -20.56 -6.01
N PHE A 787 3.82 -19.77 -5.04
CA PHE A 787 5.20 -19.30 -5.10
C PHE A 787 6.17 -20.46 -4.98
N GLU A 788 5.89 -21.41 -4.10
CA GLU A 788 6.84 -22.48 -3.82
C GLU A 788 7.08 -23.39 -5.02
N SER A 789 6.22 -23.34 -6.03
CA SER A 789 6.37 -24.18 -7.21
C SER A 789 6.77 -23.36 -8.43
N GLU A 790 7.64 -22.38 -8.22
CA GLU A 790 8.09 -21.51 -9.30
C GLU A 790 9.49 -21.00 -8.97
N ASP A 791 10.15 -20.45 -9.98
CA ASP A 791 11.51 -19.98 -9.83
C ASP A 791 11.55 -18.73 -8.96
N LEU A 792 12.74 -18.15 -8.83
CA LEU A 792 12.92 -16.97 -7.98
C LEU A 792 12.28 -15.74 -8.59
N THR A 793 12.14 -15.68 -9.91
CA THR A 793 11.63 -14.50 -10.58
C THR A 793 10.15 -14.27 -10.31
N SER A 794 9.46 -15.20 -9.68
CA SER A 794 8.03 -15.07 -9.40
C SER A 794 7.74 -14.37 -8.08
N ILE A 795 8.76 -13.85 -7.41
CA ILE A 795 8.54 -13.13 -6.16
C ILE A 795 7.69 -11.90 -6.39
N VAL A 796 7.83 -11.28 -7.57
CA VAL A 796 7.04 -10.08 -7.89
C VAL A 796 5.57 -10.46 -8.02
N GLU A 797 5.27 -11.52 -8.73
CA GLU A 797 3.88 -11.96 -8.80
C GLU A 797 3.37 -12.33 -7.42
N LEU A 798 4.27 -12.86 -6.58
CA LEU A 798 3.86 -13.19 -5.22
C LEU A 798 3.42 -11.96 -4.45
N ASP A 799 4.22 -10.89 -4.47
CA ASP A 799 3.86 -9.75 -3.63
C ASP A 799 2.68 -9.01 -4.24
N GLY A 800 2.52 -9.08 -5.57
CA GLY A 800 1.31 -8.55 -6.17
C GLY A 800 0.06 -9.26 -5.67
N LEU A 801 0.10 -10.59 -5.65
CA LEU A 801 -1.04 -11.33 -5.12
C LEU A 801 -1.25 -11.04 -3.65
N LEU A 802 -0.17 -10.89 -2.89
CA LEU A 802 -0.31 -10.57 -1.48
C LEU A 802 -0.96 -9.22 -1.28
N GLU A 803 -0.63 -8.25 -2.13
CA GLU A 803 -1.28 -6.94 -2.05
C GLU A 803 -2.76 -7.03 -2.40
N ILE A 804 -3.11 -7.83 -3.40
CA ILE A 804 -4.52 -8.04 -3.70
C ILE A 804 -5.23 -8.61 -2.48
N ASN A 805 -4.62 -9.59 -1.83
CA ASN A 805 -5.22 -10.20 -0.66
C ASN A 805 -5.37 -9.20 0.48
N ARG A 806 -4.37 -8.32 0.64
CA ARG A 806 -4.46 -7.31 1.69
C ARG A 806 -5.59 -6.33 1.42
N MET A 807 -5.76 -5.93 0.17
CA MET A 807 -6.88 -5.06 -0.17
C MET A 807 -8.20 -5.74 0.08
N THR A 808 -8.29 -7.02 -0.26
CA THR A 808 -9.52 -7.77 0.03
C THR A 808 -9.81 -7.79 1.51
N HIS A 809 -8.79 -8.04 2.32
CA HIS A 809 -8.96 -8.04 3.77
C HIS A 809 -9.45 -6.68 4.25
N LYS A 810 -8.85 -5.60 3.72
CA LYS A 810 -9.25 -4.26 4.14
C LYS A 810 -10.70 -3.99 3.78
N LEU A 811 -11.13 -4.40 2.60
CA LEU A 811 -12.51 -4.19 2.19
C LEU A 811 -13.47 -4.96 3.07
N LEU A 812 -13.21 -6.25 3.26
CA LEU A 812 -14.11 -7.07 4.06
C LEU A 812 -14.10 -6.67 5.52
N SER A 813 -13.04 -6.03 6.00
CA SER A 813 -12.98 -5.64 7.40
C SER A 813 -13.96 -4.53 7.73
N ARG A 814 -14.45 -3.80 6.73
CA ARG A 814 -15.42 -2.75 6.98
C ARG A 814 -16.68 -3.27 7.64
N TYR A 815 -16.96 -4.56 7.49
CA TYR A 815 -18.20 -5.15 7.98
C TYR A 815 -17.98 -6.33 8.91
N LEU A 816 -16.88 -7.06 8.73
CA LEU A 816 -16.58 -8.26 9.50
C LEU A 816 -15.33 -8.03 10.34
N THR A 817 -15.28 -8.67 11.50
CA THR A 817 -14.12 -8.59 12.39
C THR A 817 -13.27 -9.83 12.16
N LEU A 818 -12.26 -9.70 11.30
CA LEU A 818 -11.36 -10.78 10.98
C LEU A 818 -10.06 -10.64 11.78
N ASP A 819 -9.21 -11.65 11.66
CA ASP A 819 -7.87 -11.55 12.21
C ASP A 819 -7.07 -10.53 11.43
N GLY A 820 -6.15 -9.87 12.11
CA GLY A 820 -5.29 -8.93 11.42
C GLY A 820 -4.56 -9.59 10.27
N PHE A 821 -4.33 -8.83 9.21
CA PHE A 821 -3.67 -9.41 8.04
C PHE A 821 -2.30 -9.94 8.39
N ASP A 822 -1.60 -9.30 9.33
CA ASP A 822 -0.31 -9.82 9.75
C ASP A 822 -0.43 -11.18 10.39
N ALA A 823 -1.43 -11.36 11.25
CA ALA A 823 -1.61 -12.65 11.91
C ALA A 823 -1.93 -13.74 10.90
N MET A 824 -2.85 -13.44 9.98
CA MET A 824 -3.21 -14.40 8.95
C MET A 824 -2.00 -14.76 8.10
N PHE A 825 -1.24 -13.75 7.68
CA PHE A 825 -0.08 -14.00 6.84
C PHE A 825 0.96 -14.84 7.56
N ARG A 826 1.22 -14.53 8.83
CA ARG A 826 2.20 -15.32 9.58
C ARG A 826 1.73 -16.74 9.77
N GLU A 827 0.44 -16.94 10.05
CA GLU A 827 -0.08 -18.30 10.16
C GLU A 827 0.10 -19.06 8.86
N ALA A 828 -0.15 -18.41 7.73
CA ALA A 828 -0.01 -19.08 6.45
C ALA A 828 1.45 -19.31 6.08
N ASN A 829 2.37 -18.52 6.60
CA ASN A 829 3.79 -18.63 6.29
C ASN A 829 4.53 -19.52 7.28
N HIS A 830 3.84 -20.13 8.23
CA HIS A 830 4.46 -20.94 9.27
C HIS A 830 5.45 -20.14 10.10
N ASN A 831 5.25 -18.83 10.16
CA ASN A 831 6.17 -17.91 10.80
C ASN A 831 5.73 -17.53 12.20
N VAL A 832 4.75 -18.23 12.77
CA VAL A 832 4.28 -17.92 14.11
C VAL A 832 5.12 -18.69 15.11
N SER A 833 5.13 -20.01 14.99
CA SER A 833 5.81 -20.89 15.93
C SER A 833 7.29 -21.07 15.61
N ALA A 834 7.77 -20.55 14.49
CA ALA A 834 9.13 -20.78 14.03
C ALA A 834 9.77 -19.47 13.66
N PRO A 835 11.11 -19.41 13.63
CA PRO A 835 11.78 -18.14 13.35
C PRO A 835 11.59 -17.67 11.92
N TYR A 836 11.87 -18.56 10.97
CA TYR A 836 11.79 -18.25 9.55
C TYR A 836 10.53 -18.87 8.96
N GLY A 837 10.08 -18.30 7.84
CA GLY A 837 8.87 -18.74 7.19
C GLY A 837 9.14 -19.50 5.90
N ARG A 838 8.05 -19.91 5.26
CA ARG A 838 8.15 -20.68 4.03
C ARG A 838 8.74 -19.85 2.90
N ILE A 839 8.43 -18.56 2.85
CA ILE A 839 8.89 -17.73 1.74
C ILE A 839 10.40 -17.64 1.75
N THR A 840 10.98 -17.41 2.92
CA THR A 840 12.44 -17.30 3.01
C THR A 840 13.11 -18.66 2.80
N LEU A 841 12.50 -19.73 3.29
CA LEU A 841 13.05 -21.05 3.05
C LEU A 841 13.08 -21.37 1.57
N HIS A 842 12.01 -21.06 0.85
CA HIS A 842 12.03 -21.29 -0.59
C HIS A 842 12.97 -20.32 -1.29
N VAL A 843 13.14 -19.11 -0.76
CA VAL A 843 14.12 -18.21 -1.35
C VAL A 843 15.52 -18.80 -1.27
N PHE A 844 15.86 -19.35 -0.11
CA PHE A 844 17.19 -19.97 0.02
C PHE A 844 17.31 -21.21 -0.84
N TRP A 845 16.29 -22.06 -0.87
CA TRP A 845 16.31 -23.23 -1.73
C TRP A 845 16.55 -22.82 -3.17
N GLU A 846 15.78 -21.84 -3.65
CA GLU A 846 15.93 -21.37 -5.02
C GLU A 846 17.33 -20.83 -5.26
N LEU A 847 17.82 -19.99 -4.36
CA LEU A 847 19.17 -19.48 -4.50
C LEU A 847 20.09 -20.67 -4.76
N ASN A 848 20.19 -21.53 -3.75
CA ASN A 848 21.16 -22.61 -3.77
C ASN A 848 21.07 -23.43 -5.05
N TYR A 849 19.85 -23.85 -5.41
CA TYR A 849 19.71 -24.89 -6.41
C TYR A 849 19.49 -24.37 -7.83
N ASP A 850 19.12 -23.10 -8.01
CA ASP A 850 18.78 -22.62 -9.34
C ASP A 850 19.41 -21.28 -9.68
N PHE A 851 19.69 -20.44 -8.67
CA PHE A 851 20.15 -19.09 -9.00
C PHE A 851 21.66 -19.03 -9.18
N LEU A 852 22.41 -19.51 -8.20
CA LEU A 852 23.87 -19.50 -8.32
C LEU A 852 24.35 -20.27 -9.54
N PRO A 853 23.83 -21.46 -9.85
CA PRO A 853 24.39 -22.26 -10.94
C PRO A 853 23.81 -22.00 -12.33
N ASN A 854 22.92 -21.03 -12.52
CA ASN A 854 22.25 -20.89 -13.82
C ASN A 854 22.17 -19.49 -14.37
N TYR A 855 22.59 -18.46 -13.63
CA TYR A 855 22.36 -17.09 -14.07
C TYR A 855 23.68 -16.38 -14.36
N CYS A 856 23.60 -15.39 -15.25
CA CYS A 856 24.76 -14.67 -15.75
C CYS A 856 24.56 -13.18 -15.47
N TYR A 857 25.51 -12.59 -14.76
CA TYR A 857 25.42 -11.18 -14.39
C TYR A 857 25.87 -10.29 -15.52
N ASN A 858 25.28 -9.10 -15.60
CA ASN A 858 25.68 -8.07 -16.55
C ASN A 858 25.96 -6.80 -15.76
N GLY A 859 27.22 -6.36 -15.77
CA GLY A 859 27.61 -5.26 -14.92
C GLY A 859 26.95 -3.94 -15.31
N SER A 860 26.86 -3.68 -16.60
CA SER A 860 26.38 -2.37 -17.06
C SER A 860 24.89 -2.20 -16.78
N THR A 861 24.08 -3.20 -17.15
CA THR A 861 22.65 -3.11 -16.92
C THR A 861 22.26 -3.48 -15.51
N ASN A 862 23.13 -4.14 -14.76
CA ASN A 862 22.84 -4.55 -13.40
C ASN A 862 21.66 -5.52 -13.35
N ARG A 863 21.78 -6.59 -14.13
CA ARG A 863 20.72 -7.57 -14.25
C ARG A 863 21.33 -8.95 -14.44
N PHE A 864 20.68 -9.97 -13.90
CA PHE A 864 21.02 -11.35 -14.18
C PHE A 864 20.16 -11.87 -15.32
N VAL A 865 20.65 -12.90 -15.99
CA VAL A 865 19.89 -13.58 -17.03
C VAL A 865 20.31 -15.04 -17.06
N ARG A 866 19.38 -15.89 -17.47
CA ARG A 866 19.65 -17.32 -17.50
C ARG A 866 20.72 -17.64 -18.54
N THR A 867 21.43 -18.73 -18.31
CA THR A 867 22.52 -19.13 -19.18
C THR A 867 21.99 -19.90 -20.38
N VAL A 868 22.85 -20.01 -21.39
CA VAL A 868 22.59 -20.86 -22.55
C VAL A 868 23.22 -22.22 -22.28
N LEU A 869 22.45 -23.29 -22.50
CA LEU A 869 22.90 -24.67 -22.15
C LEU A 869 23.01 -24.73 -20.61
N PRO A 870 21.88 -24.73 -19.86
CA PRO A 870 21.94 -24.67 -18.40
C PRO A 870 22.60 -25.86 -17.70
N PHE A 871 23.47 -25.61 -16.72
CA PHE A 871 24.17 -26.69 -16.04
C PHE A 871 23.31 -27.54 -15.08
N SER A 872 22.28 -26.96 -14.47
CA SER A 872 21.45 -27.73 -13.55
C SER A 872 19.97 -27.82 -13.93
N GLN A 873 19.47 -29.06 -14.05
CA GLN A 873 18.07 -29.32 -14.36
C GLN A 873 17.44 -30.27 -13.34
N GLU A 874 18.06 -30.35 -12.16
CA GLU A 874 17.62 -31.27 -11.10
C GLU A 874 16.78 -30.63 -9.98
N PHE A 875 16.25 -29.45 -10.24
CA PHE A 875 15.46 -28.74 -9.22
C PHE A 875 14.23 -29.51 -8.72
N GLN A 876 13.48 -30.13 -9.62
CA GLN A 876 12.29 -30.89 -9.23
C GLN A 876 11.33 -30.13 -8.30
N ARG A 877 10.93 -28.94 -8.72
CA ARG A 877 10.04 -28.08 -7.94
C ARG A 877 8.65 -28.66 -7.71
N ASP A 878 8.04 -28.29 -6.58
CA ASP A 878 6.69 -28.74 -6.20
C ASP A 878 5.64 -28.57 -7.29
N LYS A 879 4.68 -29.49 -7.36
CA LYS A 879 3.71 -29.44 -8.43
C LYS A 879 2.71 -28.33 -8.16
N GLN A 880 2.37 -27.59 -9.21
CA GLN A 880 1.56 -26.39 -9.05
C GLN A 880 0.19 -26.74 -8.49
N PRO A 881 -0.27 -26.08 -7.43
CA PRO A 881 -1.65 -26.26 -6.99
C PRO A 881 -2.63 -25.52 -7.88
N ASN A 882 -3.89 -25.93 -7.80
CA ASN A 882 -4.94 -25.31 -8.58
C ASN A 882 -6.17 -25.09 -7.70
N ALA A 883 -6.98 -24.11 -8.07
CA ALA A 883 -8.17 -23.79 -7.32
C ALA A 883 -9.10 -22.95 -8.20
N GLN A 884 -10.23 -22.56 -7.64
CA GLN A 884 -11.16 -21.72 -8.34
C GLN A 884 -10.56 -20.33 -8.53
N PRO A 885 -11.05 -19.56 -9.49
CA PRO A 885 -10.45 -18.26 -9.77
C PRO A 885 -10.54 -17.27 -8.63
N GLN A 886 -11.46 -17.44 -7.67
CA GLN A 886 -11.59 -16.43 -6.64
C GLN A 886 -10.57 -16.57 -5.52
N TYR A 887 -9.71 -17.59 -5.58
CA TYR A 887 -8.61 -17.66 -4.63
C TYR A 887 -7.33 -17.09 -5.22
N LEU A 888 -7.27 -16.93 -6.52
CA LEU A 888 -6.26 -16.15 -7.20
C LEU A 888 -6.79 -14.73 -7.39
N HIS A 889 -6.21 -13.97 -8.32
CA HIS A 889 -6.52 -12.56 -8.47
C HIS A 889 -8.01 -12.25 -8.48
N GLY A 890 -8.88 -13.21 -8.79
CA GLY A 890 -10.30 -13.00 -8.54
C GLY A 890 -11.25 -13.50 -9.60
N SER A 891 -10.80 -13.60 -10.84
CA SER A 891 -11.64 -14.11 -11.91
C SER A 891 -10.75 -14.56 -13.05
N LYS A 892 -11.36 -15.18 -14.05
CA LYS A 892 -10.59 -15.65 -15.20
C LYS A 892 -9.92 -14.49 -15.92
N ALA A 893 -10.69 -13.44 -16.18
CA ALA A 893 -10.12 -12.28 -16.88
C ALA A 893 -9.06 -11.60 -16.04
N LEU A 894 -9.31 -11.44 -14.74
CA LEU A 894 -8.31 -10.82 -13.87
C LEU A 894 -7.07 -11.70 -13.77
N ASN A 895 -7.25 -13.02 -13.70
CA ASN A 895 -6.10 -13.91 -13.69
C ASN A 895 -5.27 -13.73 -14.95
N LEU A 896 -5.92 -13.70 -16.11
CA LEU A 896 -5.18 -13.54 -17.35
C LEU A 896 -4.47 -12.19 -17.40
N ALA A 897 -5.16 -11.12 -16.97
CA ALA A 897 -4.57 -9.80 -17.01
C ALA A 897 -3.33 -9.72 -16.14
N TYR A 898 -3.42 -10.24 -14.92
CA TYR A 898 -2.30 -10.15 -14.00
C TYR A 898 -1.16 -11.06 -14.41
N SER A 899 -1.47 -12.23 -14.97
CA SER A 899 -0.42 -13.08 -15.51
C SER A 899 0.33 -12.37 -16.61
N SER A 900 -0.40 -11.70 -17.51
CA SER A 900 0.27 -10.96 -18.57
C SER A 900 1.10 -9.82 -18.00
N ILE A 901 0.59 -9.15 -16.97
CA ILE A 901 1.31 -8.02 -16.38
C ILE A 901 2.64 -8.49 -15.80
N TYR A 902 2.61 -9.58 -15.05
CA TYR A 902 3.80 -10.03 -14.34
C TYR A 902 4.67 -10.96 -15.17
N GLY A 903 4.24 -11.38 -16.35
CA GLY A 903 5.11 -12.16 -17.20
C GLY A 903 6.34 -11.41 -17.67
N SER A 904 6.32 -10.09 -17.56
CA SER A 904 7.45 -9.28 -17.99
C SER A 904 8.64 -9.36 -17.06
N TYR A 905 8.45 -9.85 -15.83
CA TYR A 905 9.51 -9.94 -14.84
C TYR A 905 10.19 -11.29 -14.82
N ARG A 906 9.86 -12.17 -15.76
CA ARG A 906 10.23 -13.58 -15.64
C ARG A 906 11.62 -13.89 -16.15
N ASN A 907 12.11 -13.19 -17.16
CA ASN A 907 13.37 -13.56 -17.80
C ASN A 907 14.52 -12.65 -17.40
N PHE A 908 14.58 -12.23 -16.14
CA PHE A 908 15.74 -11.55 -15.61
C PHE A 908 15.55 -11.41 -14.10
N VAL A 909 16.64 -11.07 -13.41
CA VAL A 909 16.61 -10.70 -12.01
C VAL A 909 17.35 -9.39 -11.86
N GLY A 910 16.73 -8.43 -11.19
CA GLY A 910 17.29 -7.11 -11.09
C GLY A 910 16.83 -6.38 -9.85
N PRO A 911 16.95 -5.07 -9.84
CA PRO A 911 16.63 -4.28 -8.65
C PRO A 911 15.24 -4.57 -8.12
N PRO A 912 14.20 -4.62 -8.96
CA PRO A 912 12.85 -4.83 -8.42
C PRO A 912 12.72 -6.12 -7.63
N HIS A 913 13.32 -7.19 -8.13
CA HIS A 913 13.26 -8.47 -7.42
C HIS A 913 13.94 -8.34 -6.07
N PHE A 914 15.05 -7.61 -6.00
CA PHE A 914 15.75 -7.45 -4.73
C PHE A 914 14.95 -6.61 -3.77
N GLN A 915 14.26 -5.58 -4.27
CA GLN A 915 13.36 -4.81 -3.41
C GLN A 915 12.32 -5.70 -2.78
N VAL A 916 11.68 -6.54 -3.60
CA VAL A 916 10.66 -7.42 -3.06
C VAL A 916 11.27 -8.40 -2.05
N ILE A 917 12.45 -8.93 -2.37
CA ILE A 917 13.08 -9.92 -1.49
C ILE A 917 13.39 -9.31 -0.14
N CYS A 918 14.01 -8.13 -0.14
CA CYS A 918 14.31 -7.46 1.12
C CYS A 918 13.04 -7.18 1.89
N ARG A 919 12.03 -6.65 1.21
CA ARG A 919 10.80 -6.23 1.86
C ARG A 919 10.07 -7.41 2.47
N LEU A 920 10.24 -8.60 1.91
CA LEU A 920 9.56 -9.78 2.43
C LEU A 920 10.37 -10.55 3.44
N LEU A 921 11.70 -10.49 3.36
CA LEU A 921 12.56 -11.26 4.25
C LEU A 921 12.97 -10.50 5.49
N GLY A 922 12.94 -9.18 5.48
CA GLY A 922 13.33 -8.49 6.68
C GLY A 922 14.73 -8.86 7.12
N TYR A 923 15.10 -8.30 8.27
CA TYR A 923 16.43 -8.54 8.81
C TYR A 923 16.65 -10.00 9.09
N GLN A 924 15.65 -10.69 9.64
CA GLN A 924 15.78 -12.11 9.95
C GLN A 924 16.19 -12.91 8.72
N GLY A 925 15.37 -12.88 7.67
CA GLY A 925 15.66 -13.66 6.49
C GLY A 925 16.94 -13.22 5.81
N ILE A 926 17.21 -11.91 5.79
CA ILE A 926 18.42 -11.45 5.14
C ILE A 926 19.65 -12.02 5.85
N ALA A 927 19.64 -11.97 7.18
CA ALA A 927 20.77 -12.47 7.95
C ALA A 927 20.95 -13.96 7.74
N VAL A 928 19.85 -14.73 7.82
CA VAL A 928 19.98 -16.18 7.69
C VAL A 928 20.45 -16.54 6.28
N VAL A 929 19.94 -15.85 5.27
CA VAL A 929 20.35 -16.14 3.90
C VAL A 929 21.82 -15.85 3.71
N MET A 930 22.31 -14.74 4.27
CA MET A 930 23.72 -14.42 4.12
C MET A 930 24.60 -15.44 4.84
N GLU A 931 24.19 -15.88 6.03
CA GLU A 931 24.96 -16.90 6.73
C GLU A 931 25.02 -18.19 5.91
N GLU A 932 23.89 -18.60 5.34
CA GLU A 932 23.89 -19.82 4.54
C GLU A 932 24.72 -19.68 3.28
N LEU A 933 24.72 -18.50 2.67
CA LEU A 933 25.58 -18.28 1.51
C LEU A 933 27.05 -18.35 1.90
N LEU A 934 27.38 -17.85 3.09
CA LEU A 934 28.75 -18.00 3.58
C LEU A 934 29.11 -19.47 3.74
N LYS A 935 28.20 -20.26 4.28
CA LYS A 935 28.46 -21.70 4.41
C LYS A 935 28.64 -22.34 3.05
N VAL A 936 27.82 -21.93 2.07
CA VAL A 936 27.94 -22.49 0.73
C VAL A 936 29.31 -22.18 0.14
N VAL A 937 29.76 -20.94 0.30
CA VAL A 937 31.05 -20.55 -0.28
C VAL A 937 32.19 -21.26 0.45
N LYS A 938 32.06 -21.45 1.76
CA LYS A 938 33.07 -22.21 2.49
C LYS A 938 33.16 -23.63 1.97
N SER A 939 32.00 -24.27 1.78
CA SER A 939 31.99 -25.63 1.28
C SER A 939 32.60 -25.70 -0.11
N LEU A 940 32.31 -24.73 -0.97
CA LEU A 940 32.81 -24.80 -2.34
C LEU A 940 34.30 -24.51 -2.41
N LEU A 941 34.78 -23.55 -1.64
CA LEU A 941 36.18 -23.15 -1.75
C LEU A 941 37.11 -24.22 -1.18
N GLN A 942 36.77 -24.76 -0.01
CA GLN A 942 37.57 -25.80 0.61
C GLN A 942 37.23 -27.19 0.08
N GLY A 943 36.32 -27.30 -0.87
CA GLY A 943 35.98 -28.57 -1.45
C GLY A 943 36.46 -28.72 -2.87
N THR A 944 35.53 -28.69 -3.82
CA THR A 944 35.87 -29.02 -5.21
C THR A 944 36.88 -28.02 -5.79
N ILE A 945 36.71 -26.74 -5.48
CA ILE A 945 37.63 -25.74 -6.04
C ILE A 945 39.04 -26.00 -5.57
N LEU A 946 39.20 -26.40 -4.31
CA LEU A 946 40.53 -26.67 -3.79
C LEU A 946 41.18 -27.84 -4.53
N GLN A 947 40.42 -28.89 -4.80
CA GLN A 947 40.98 -30.05 -5.49
C GLN A 947 41.38 -29.69 -6.91
N TYR A 948 40.54 -28.94 -7.62
CA TYR A 948 40.94 -28.53 -8.97
C TYR A 948 42.15 -27.60 -8.93
N VAL A 949 42.24 -26.74 -7.93
CA VAL A 949 43.40 -25.87 -7.81
C VAL A 949 44.66 -26.70 -7.63
N LYS A 950 44.60 -27.70 -6.75
CA LYS A 950 45.76 -28.54 -6.53
C LYS A 950 46.16 -29.28 -7.80
N THR A 951 45.19 -29.86 -8.50
CA THR A 951 45.50 -30.60 -9.71
C THR A 951 46.13 -29.71 -10.75
N LEU A 952 45.55 -28.54 -10.98
CA LEU A 952 46.09 -27.65 -12.00
C LEU A 952 47.44 -27.09 -11.61
N MET A 953 47.68 -26.88 -10.31
CA MET A 953 48.99 -26.48 -9.86
C MET A 953 50.02 -27.57 -10.17
N GLU A 954 49.64 -28.83 -10.00
CA GLU A 954 50.51 -29.91 -10.44
C GLU A 954 50.77 -29.82 -11.93
N VAL A 955 49.74 -29.51 -12.72
CA VAL A 955 49.88 -29.52 -14.17
C VAL A 955 50.61 -28.29 -14.72
N MET A 956 50.66 -27.20 -13.98
CA MET A 956 51.19 -25.96 -14.51
C MET A 956 52.71 -26.06 -14.68
N PRO A 957 53.28 -25.21 -15.55
CA PRO A 957 54.73 -25.22 -15.72
C PRO A 957 55.47 -24.78 -14.46
N LYS A 958 56.67 -25.34 -14.29
CA LYS A 958 57.46 -25.02 -13.11
C LYS A 958 57.98 -23.59 -13.16
N ILE A 959 58.47 -23.17 -14.32
CA ILE A 959 59.04 -21.84 -14.51
C ILE A 959 58.48 -21.26 -15.80
N CYS A 960 58.10 -19.99 -15.77
CA CYS A 960 57.57 -19.32 -16.95
C CYS A 960 58.03 -17.87 -16.90
N ARG A 961 59.01 -17.53 -17.73
CA ARG A 961 59.44 -16.15 -17.87
C ARG A 961 58.49 -15.39 -18.77
N LEU A 962 58.45 -14.07 -18.60
CA LEU A 962 57.75 -13.21 -19.53
C LEU A 962 58.76 -12.77 -20.59
N PRO A 963 58.64 -13.22 -21.84
CA PRO A 963 59.66 -12.90 -22.82
C PRO A 963 59.83 -11.40 -23.00
N ARG A 964 60.95 -11.03 -23.63
CA ARG A 964 61.25 -9.64 -23.88
C ARG A 964 60.50 -9.14 -25.11
N HIS A 965 60.40 -7.81 -25.21
CA HIS A 965 59.68 -7.22 -26.35
C HIS A 965 60.29 -7.68 -27.66
N GLU A 966 61.60 -7.86 -27.70
CA GLU A 966 62.28 -8.19 -28.95
C GLU A 966 61.82 -9.54 -29.50
N TYR A 967 61.17 -10.36 -28.68
CA TYR A 967 60.75 -11.69 -29.10
C TYR A 967 59.61 -11.66 -30.11
N GLY A 968 58.86 -10.57 -30.19
CA GLY A 968 57.73 -10.48 -31.08
C GLY A 968 56.42 -10.85 -30.40
N SER A 969 55.32 -10.41 -31.00
CA SER A 969 54.00 -10.75 -30.51
C SER A 969 53.63 -12.15 -30.95
N PRO A 970 53.83 -12.51 -32.22
CA PRO A 970 53.55 -13.90 -32.63
C PRO A 970 54.38 -14.91 -31.87
N GLY A 971 55.67 -14.62 -31.68
CA GLY A 971 56.50 -15.54 -30.92
C GLY A 971 56.04 -15.68 -29.49
N ILE A 972 55.62 -14.57 -28.88
CA ILE A 972 55.20 -14.63 -27.48
C ILE A 972 53.89 -15.39 -27.36
N LEU A 973 52.97 -15.21 -28.31
CA LEU A 973 51.75 -16.00 -28.29
C LEU A 973 52.04 -17.47 -28.45
N GLU A 974 52.94 -17.82 -29.37
CA GLU A 974 53.30 -19.23 -29.55
C GLU A 974 53.93 -19.79 -28.29
N PHE A 975 54.81 -19.02 -27.66
CA PHE A 975 55.45 -19.47 -26.42
C PHE A 975 54.42 -19.72 -25.33
N PHE A 976 53.51 -18.78 -25.14
CA PHE A 976 52.49 -18.95 -24.11
C PHE A 976 51.62 -20.16 -24.42
N HIS A 977 51.28 -20.35 -25.70
CA HIS A 977 50.37 -21.43 -26.05
C HIS A 977 51.05 -22.78 -25.84
N HIS A 978 52.35 -22.85 -26.10
CA HIS A 978 53.10 -24.08 -25.84
C HIS A 978 53.24 -24.34 -24.34
N GLN A 979 53.56 -23.31 -23.56
CA GLN A 979 53.80 -23.51 -22.13
C GLN A 979 52.53 -23.97 -21.42
N LEU A 980 51.40 -23.36 -21.74
CA LEU A 980 50.14 -23.64 -21.09
C LEU A 980 49.32 -24.69 -21.82
N LYS A 981 49.97 -25.58 -22.56
CA LYS A 981 49.26 -26.54 -23.38
C LYS A 981 48.40 -27.48 -22.54
N ASP A 982 48.92 -27.94 -21.41
CA ASP A 982 48.17 -28.88 -20.59
C ASP A 982 46.94 -28.23 -19.98
N ILE A 983 47.04 -26.96 -19.58
CA ILE A 983 45.88 -26.25 -19.07
C ILE A 983 44.89 -25.96 -20.18
N VAL A 984 45.38 -25.62 -21.37
CA VAL A 984 44.49 -25.30 -22.48
C VAL A 984 43.69 -26.52 -22.88
N GLU A 985 44.30 -27.71 -22.80
CA GLU A 985 43.66 -28.94 -23.23
C GLU A 985 42.95 -29.66 -22.10
N TYR A 986 42.92 -29.11 -20.90
CA TYR A 986 42.19 -29.74 -19.80
C TYR A 986 40.70 -29.70 -20.11
N ALA A 987 40.10 -30.88 -20.26
CA ALA A 987 38.70 -30.93 -20.68
C ALA A 987 37.78 -30.40 -19.60
N GLU A 988 37.97 -30.84 -18.36
CA GLU A 988 37.02 -30.50 -17.30
C GLU A 988 37.10 -29.06 -16.86
N LEU A 989 38.08 -28.29 -17.34
CA LEU A 989 38.25 -26.92 -16.86
C LEU A 989 36.98 -26.11 -17.06
N LYS A 990 36.63 -25.85 -18.32
CA LYS A 990 35.55 -24.92 -18.62
C LYS A 990 34.20 -25.43 -18.13
N THR A 991 34.06 -26.72 -17.85
CA THR A 991 32.78 -27.29 -17.49
C THR A 991 32.61 -27.56 -16.00
N VAL A 992 33.69 -27.50 -15.22
CA VAL A 992 33.58 -27.75 -13.79
C VAL A 992 34.20 -26.60 -13.00
N CYS A 993 35.45 -26.26 -13.30
CA CYS A 993 36.11 -25.21 -12.55
C CYS A 993 35.38 -23.89 -12.74
N PHE A 994 35.09 -23.54 -13.99
CA PHE A 994 34.41 -22.29 -14.26
C PHE A 994 33.01 -22.29 -13.68
N GLN A 995 32.35 -23.44 -13.66
CA GLN A 995 31.01 -23.51 -13.08
C GLN A 995 31.05 -23.18 -11.60
N ASN A 996 31.98 -23.79 -10.86
CA ASN A 996 32.05 -23.54 -9.43
C ASN A 996 32.49 -22.11 -9.14
N LEU A 997 33.40 -21.57 -9.94
CA LEU A 997 33.80 -20.19 -9.77
C LEU A 997 32.64 -19.24 -10.03
N ARG A 998 31.84 -19.54 -11.05
CA ARG A 998 30.65 -18.74 -11.31
C ARG A 998 29.71 -18.78 -10.11
N GLU A 999 29.55 -19.94 -9.51
CA GLU A 999 28.68 -20.03 -8.33
C GLU A 999 29.17 -19.11 -7.22
N VAL A 1000 30.48 -19.17 -6.93
CA VAL A 1000 31.02 -18.34 -5.85
C VAL A 1000 30.83 -16.86 -6.16
N GLY A 1001 31.13 -16.46 -7.39
CA GLY A 1001 30.98 -15.06 -7.75
C GLY A 1001 29.55 -14.59 -7.67
N ASN A 1002 28.61 -15.43 -8.12
CA ASN A 1002 27.20 -15.08 -8.02
C ASN A 1002 26.80 -14.90 -6.57
N ALA A 1003 27.31 -15.74 -5.68
CA ALA A 1003 26.98 -15.59 -4.26
C ALA A 1003 27.42 -14.24 -3.72
N ILE A 1004 28.67 -13.85 -4.01
CA ILE A 1004 29.15 -12.60 -3.44
C ILE A 1004 28.42 -11.42 -4.06
N LEU A 1005 28.12 -11.50 -5.36
CA LEU A 1005 27.36 -10.44 -6.00
C LEU A 1005 25.98 -10.31 -5.38
N PHE A 1006 25.34 -11.42 -5.08
CA PHE A 1006 24.04 -11.37 -4.42
C PHE A 1006 24.14 -10.68 -3.08
N CYS A 1007 25.18 -10.99 -2.30
CA CYS A 1007 25.34 -10.32 -1.01
C CYS A 1007 25.46 -8.81 -1.20
N LEU A 1008 26.29 -8.38 -2.15
CA LEU A 1008 26.47 -6.95 -2.38
C LEU A 1008 25.16 -6.27 -2.77
N LEU A 1009 24.47 -6.83 -3.76
CA LEU A 1009 23.26 -6.19 -4.26
C LEU A 1009 22.15 -6.19 -3.22
N ILE A 1010 22.04 -7.26 -2.44
CA ILE A 1010 20.99 -7.31 -1.44
C ILE A 1010 21.27 -6.29 -0.35
N GLU A 1011 22.54 -6.09 0.00
CA GLU A 1011 22.86 -5.02 0.95
C GLU A 1011 22.46 -3.67 0.41
N GLN A 1012 22.75 -3.41 -0.87
CA GLN A 1012 22.38 -2.12 -1.45
C GLN A 1012 20.87 -1.91 -1.41
N SER A 1013 20.11 -2.93 -1.75
CA SER A 1013 18.65 -2.80 -1.70
C SER A 1013 18.15 -2.58 -0.28
N LEU A 1014 18.73 -3.26 0.69
CA LEU A 1014 18.32 -3.05 2.07
C LEU A 1014 18.56 -1.61 2.49
N SER A 1015 19.72 -1.06 2.13
CA SER A 1015 20.00 0.33 2.48
C SER A 1015 19.00 1.26 1.81
N LEU A 1016 18.66 0.98 0.55
CA LEU A 1016 17.74 1.85 -0.16
C LEU A 1016 16.34 1.81 0.41
N GLU A 1017 15.93 0.68 0.99
CA GLU A 1017 14.64 0.68 1.67
C GLU A 1017 14.72 1.35 3.03
N GLU A 1018 15.85 1.23 3.72
CA GLU A 1018 15.98 1.88 5.02
C GLU A 1018 15.92 3.39 4.90
N VAL A 1019 16.55 3.95 3.87
CA VAL A 1019 16.55 5.41 3.73
C VAL A 1019 15.12 5.90 3.51
N CYS A 1020 14.34 5.21 2.68
CA CYS A 1020 12.95 5.59 2.46
C CYS A 1020 12.14 5.45 3.74
N ASP A 1021 12.38 4.39 4.51
CA ASP A 1021 11.66 4.25 5.77
C ASP A 1021 11.97 5.40 6.72
N LEU A 1022 13.21 5.87 6.73
CA LEU A 1022 13.57 7.00 7.58
C LEU A 1022 12.98 8.31 7.10
N LEU A 1023 12.91 8.51 5.77
CA LEU A 1023 12.37 9.75 5.25
C LEU A 1023 10.92 9.97 5.66
N HIS A 1024 10.22 8.92 6.08
CA HIS A 1024 8.83 9.02 6.47
C HIS A 1024 8.64 9.18 7.96
N ALA A 1025 9.64 8.86 8.77
CA ALA A 1025 9.56 9.05 10.20
C ALA A 1025 9.99 10.44 10.64
N ALA A 1026 10.53 11.24 9.72
CA ALA A 1026 11.06 12.55 10.11
C ALA A 1026 10.01 13.43 10.77
N PRO A 1027 8.79 13.59 10.25
CA PRO A 1027 7.86 14.53 10.88
C PRO A 1027 7.57 14.22 12.33
N PHE A 1028 7.48 12.95 12.70
CA PHE A 1028 7.18 12.55 14.06
C PHE A 1028 8.42 12.49 14.93
N GLN A 1029 9.59 12.78 14.36
CA GLN A 1029 10.86 12.77 15.09
C GLN A 1029 11.58 14.10 15.02
N ASN A 1030 10.97 15.13 14.44
CA ASN A 1030 11.47 16.49 14.52
C ASN A 1030 12.70 16.74 13.65
N ILE A 1031 12.85 15.99 12.55
CA ILE A 1031 13.96 16.19 11.64
C ILE A 1031 13.46 17.10 10.53
N LEU A 1032 13.58 18.38 10.76
CA LEU A 1032 13.19 19.35 9.76
C LEU A 1032 14.24 19.44 8.67
N PRO A 1033 13.85 19.83 7.45
CA PRO A 1033 14.84 20.12 6.42
C PRO A 1033 15.41 21.51 6.59
N ARG A 1034 16.48 21.78 5.85
CA ARG A 1034 17.07 23.11 5.88
C ARG A 1034 16.15 24.08 5.15
N VAL A 1035 15.83 25.20 5.80
CA VAL A 1035 14.88 26.16 5.26
C VAL A 1035 15.64 27.28 4.57
N HIS A 1036 14.96 27.95 3.63
CA HIS A 1036 15.55 29.03 2.86
C HIS A 1036 15.31 30.35 3.57
N VAL A 1037 16.38 30.98 4.04
CA VAL A 1037 16.29 32.26 4.72
C VAL A 1037 16.55 33.35 3.70
N LYS A 1038 15.54 34.17 3.46
CA LYS A 1038 15.67 35.24 2.49
C LYS A 1038 16.36 36.44 3.12
N GLU A 1039 16.48 37.51 2.34
CA GLU A 1039 17.26 38.67 2.77
C GLU A 1039 16.74 39.20 4.09
N GLY A 1040 17.67 39.48 5.00
CA GLY A 1040 17.30 40.02 6.30
C GLY A 1040 16.49 39.10 7.16
N GLU A 1041 16.88 37.82 7.25
CA GLU A 1041 16.23 36.88 8.14
C GLU A 1041 17.28 36.04 8.84
N ARG A 1042 16.93 35.55 10.03
CA ARG A 1042 17.83 34.76 10.86
C ARG A 1042 17.50 33.28 10.70
N LEU A 1043 18.52 32.49 10.41
CA LEU A 1043 18.30 31.06 10.22
C LEU A 1043 17.84 30.40 11.51
N ASP A 1044 18.42 30.78 12.64
CA ASP A 1044 18.06 30.12 13.89
C ASP A 1044 16.63 30.42 14.30
N ALA A 1045 16.24 31.70 14.26
CA ALA A 1045 14.87 32.03 14.62
C ALA A 1045 13.88 31.44 13.62
N LYS A 1046 14.26 31.42 12.34
CA LYS A 1046 13.39 30.82 11.33
C LYS A 1046 13.16 29.35 11.62
N MET A 1047 14.23 28.62 11.90
CA MET A 1047 14.10 27.21 12.22
C MET A 1047 13.31 27.01 13.49
N LYS A 1048 13.42 27.92 14.44
CA LYS A 1048 12.62 27.79 15.65
C LYS A 1048 11.15 27.97 15.34
N ARG A 1049 10.81 28.91 14.45
CA ARG A 1049 9.41 29.07 14.07
C ARG A 1049 8.89 27.83 13.37
N LEU A 1050 9.67 27.27 12.45
CA LEU A 1050 9.25 26.04 11.78
C LEU A 1050 9.06 24.90 12.77
N GLU A 1051 9.99 24.78 13.72
CA GLU A 1051 9.89 23.72 14.71
C GLU A 1051 8.63 23.88 15.54
N SER A 1052 8.28 25.11 15.91
CA SER A 1052 7.08 25.29 16.72
C SER A 1052 5.81 25.16 15.89
N LYS A 1053 5.91 25.39 14.57
CA LYS A 1053 4.82 25.05 13.68
C LYS A 1053 4.52 23.56 13.74
N TYR A 1054 5.56 22.73 13.63
CA TYR A 1054 5.39 21.29 13.55
C TYR A 1054 5.39 20.59 14.90
N ALA A 1055 5.57 21.32 16.00
CA ALA A 1055 5.61 20.69 17.31
C ALA A 1055 4.42 19.78 17.60
N PRO A 1056 3.23 19.99 17.05
CA PRO A 1056 2.14 19.03 17.30
C PRO A 1056 2.37 17.66 16.69
N LEU A 1057 3.23 17.54 15.69
CA LEU A 1057 3.51 16.26 15.07
C LEU A 1057 4.47 15.39 15.86
N HIS A 1058 5.19 15.96 16.82
CA HIS A 1058 6.22 15.23 17.52
C HIS A 1058 5.58 14.31 18.54
N LEU A 1059 5.85 13.02 18.40
CA LEU A 1059 5.04 11.97 19.04
C LEU A 1059 5.48 11.70 20.46
N VAL A 1060 6.77 11.56 20.71
CA VAL A 1060 7.24 11.16 22.04
C VAL A 1060 6.85 12.18 23.10
N PRO A 1061 7.12 13.47 22.95
CA PRO A 1061 6.68 14.42 23.99
C PRO A 1061 5.18 14.44 24.18
N LEU A 1062 4.41 14.29 23.11
CA LEU A 1062 2.96 14.32 23.23
C LEU A 1062 2.46 13.16 24.08
N ILE A 1063 2.98 11.96 23.85
CA ILE A 1063 2.58 10.80 24.64
C ILE A 1063 3.10 10.94 26.06
N GLU A 1064 4.31 11.47 26.22
CA GLU A 1064 4.84 11.69 27.57
C GLU A 1064 3.91 12.61 28.36
N ARG A 1065 3.38 13.63 27.71
CA ARG A 1065 2.51 14.58 28.40
C ARG A 1065 1.14 13.99 28.67
N LEU A 1066 0.57 13.27 27.70
CA LEU A 1066 -0.81 12.81 27.81
C LEU A 1066 -0.95 11.31 28.03
N GLY A 1067 0.12 10.54 27.90
CA GLY A 1067 0.03 9.09 27.89
C GLY A 1067 0.17 8.47 29.27
N THR A 1068 0.24 7.13 29.26
CA THR A 1068 0.30 6.24 30.40
C THR A 1068 1.69 5.62 30.51
N PRO A 1069 2.14 5.22 31.71
CA PRO A 1069 3.52 4.71 31.80
C PRO A 1069 3.83 3.58 30.84
N GLN A 1070 2.91 2.63 30.67
CA GLN A 1070 3.13 1.56 29.71
C GLN A 1070 3.19 2.10 28.29
N GLN A 1071 2.28 3.01 27.96
CA GLN A 1071 2.33 3.65 26.65
C GLN A 1071 3.65 4.36 26.44
N ILE A 1072 4.15 5.03 27.48
CA ILE A 1072 5.40 5.78 27.34
C ILE A 1072 6.56 4.84 27.10
N ALA A 1073 6.62 3.74 27.85
CA ALA A 1073 7.70 2.78 27.65
C ALA A 1073 7.66 2.21 26.23
N ILE A 1074 6.47 1.83 25.77
CA ILE A 1074 6.35 1.25 24.44
C ILE A 1074 6.74 2.28 23.38
N ALA A 1075 6.31 3.53 23.55
CA ALA A 1075 6.63 4.56 22.58
C ALA A 1075 8.13 4.81 22.52
N ARG A 1076 8.78 4.86 23.68
CA ARG A 1076 10.22 5.06 23.70
C ARG A 1076 10.94 3.93 22.98
N GLU A 1077 10.56 2.68 23.28
CA GLU A 1077 11.19 1.55 22.61
C GLU A 1077 10.98 1.60 21.12
N GLY A 1078 9.75 1.90 20.68
CA GLY A 1078 9.47 1.94 19.26
C GLY A 1078 10.23 3.04 18.54
N ASP A 1079 10.31 4.21 19.16
CA ASP A 1079 11.08 5.30 18.54
C ASP A 1079 12.55 4.92 18.44
N LEU A 1080 13.10 4.32 19.48
CA LEU A 1080 14.49 3.89 19.42
C LEU A 1080 14.71 2.91 18.28
N LEU A 1081 13.82 1.94 18.13
CA LEU A 1081 13.94 1.00 17.02
C LEU A 1081 13.86 1.73 15.69
N THR A 1082 12.91 2.66 15.56
CA THR A 1082 12.66 3.29 14.27
C THR A 1082 13.85 4.11 13.82
N LYS A 1083 14.48 4.86 14.72
CA LYS A 1083 15.48 5.83 14.28
C LYS A 1083 16.85 5.21 14.02
N GLU A 1084 17.09 3.97 14.44
CA GLU A 1084 18.40 3.34 14.32
C GLU A 1084 18.36 2.28 13.24
N ARG A 1085 18.92 2.59 12.07
CA ARG A 1085 18.92 1.70 10.92
C ARG A 1085 20.34 1.54 10.40
N LEU A 1086 20.57 0.43 9.69
CA LEU A 1086 21.91 0.13 9.21
C LEU A 1086 22.40 1.15 8.21
N CYS A 1087 21.48 1.83 7.51
CA CYS A 1087 21.91 2.78 6.48
C CYS A 1087 22.74 3.91 7.08
N CYS A 1088 22.56 4.20 8.36
CA CYS A 1088 23.24 5.32 9.02
C CYS A 1088 24.39 4.78 9.87
N GLY A 1089 25.52 4.53 9.22
CA GLY A 1089 26.75 4.22 9.94
C GLY A 1089 27.02 2.76 10.19
N LEU A 1090 26.65 1.88 9.27
CA LEU A 1090 27.02 0.48 9.35
C LEU A 1090 27.16 -0.07 7.94
N SER A 1091 27.94 -1.14 7.82
CA SER A 1091 28.17 -1.77 6.54
C SER A 1091 28.35 -3.27 6.75
N MET A 1092 28.00 -4.06 5.74
CA MET A 1092 28.01 -5.50 5.85
C MET A 1092 28.96 -6.20 4.91
N PHE A 1093 29.26 -5.63 3.75
CA PHE A 1093 30.03 -6.35 2.74
C PHE A 1093 31.44 -6.66 3.23
N GLU A 1094 32.07 -5.73 3.94
CA GLU A 1094 33.43 -5.94 4.39
C GLU A 1094 33.54 -7.12 5.33
N VAL A 1095 32.55 -7.29 6.21
CA VAL A 1095 32.57 -8.43 7.13
C VAL A 1095 32.47 -9.73 6.35
N ILE A 1096 31.65 -9.75 5.31
CA ILE A 1096 31.56 -10.94 4.47
C ILE A 1096 32.90 -11.25 3.84
N LEU A 1097 33.58 -10.21 3.33
CA LEU A 1097 34.87 -10.45 2.68
C LEU A 1097 35.91 -10.96 3.67
N THR A 1098 35.91 -10.42 4.89
CA THR A 1098 36.85 -10.91 5.90
C THR A 1098 36.57 -12.37 6.25
N ARG A 1099 35.31 -12.71 6.44
CA ARG A 1099 34.96 -14.09 6.73
C ARG A 1099 35.41 -15.01 5.61
N ILE A 1100 35.23 -14.57 4.37
CA ILE A 1100 35.64 -15.39 3.24
C ILE A 1100 37.15 -15.53 3.19
N ARG A 1101 37.88 -14.47 3.54
CA ARG A 1101 39.33 -14.58 3.61
C ARG A 1101 39.75 -15.62 4.63
N SER A 1102 38.97 -15.77 5.70
CA SER A 1102 39.33 -16.76 6.71
C SER A 1102 39.27 -18.19 6.18
N PHE A 1103 38.66 -18.42 5.02
CA PHE A 1103 38.53 -19.77 4.49
C PHE A 1103 39.74 -20.25 3.71
N LEU A 1104 40.63 -19.34 3.29
CA LEU A 1104 41.76 -19.70 2.44
C LEU A 1104 43.00 -20.03 3.27
N ASP A 1105 42.87 -20.95 4.21
CA ASP A 1105 43.96 -21.27 5.12
C ASP A 1105 44.86 -22.39 4.62
N ASP A 1106 44.49 -23.06 3.53
CA ASP A 1106 45.35 -24.08 2.97
C ASP A 1106 46.63 -23.45 2.42
N PRO A 1107 47.76 -24.15 2.52
CA PRO A 1107 49.02 -23.56 2.00
C PRO A 1107 49.11 -23.52 0.49
N ILE A 1108 48.21 -24.17 -0.24
CA ILE A 1108 48.32 -24.18 -1.70
C ILE A 1108 48.09 -22.78 -2.26
N TRP A 1109 47.21 -22.01 -1.64
CA TRP A 1109 46.84 -20.71 -2.18
C TRP A 1109 48.04 -19.78 -2.27
N ARG A 1110 48.82 -19.69 -1.19
CA ARG A 1110 49.89 -18.71 -1.12
C ARG A 1110 51.24 -19.25 -1.54
N GLY A 1111 51.45 -20.56 -1.46
CA GLY A 1111 52.69 -21.16 -1.89
C GLY A 1111 53.79 -21.04 -0.87
N PRO A 1112 54.99 -21.45 -1.22
CA PRO A 1112 56.13 -21.38 -0.30
C PRO A 1112 56.86 -20.04 -0.40
N LEU A 1113 57.74 -19.83 0.57
CA LEU A 1113 58.44 -18.55 0.66
C LEU A 1113 59.34 -18.36 -0.56
N PRO A 1114 59.46 -17.12 -1.05
CA PRO A 1114 60.29 -16.90 -2.24
C PRO A 1114 61.76 -17.15 -1.97
N SER A 1115 62.46 -17.60 -3.01
CA SER A 1115 63.87 -17.91 -2.88
C SER A 1115 64.68 -16.65 -2.60
N ASN A 1116 64.49 -15.61 -3.41
CA ASN A 1116 65.24 -14.38 -3.24
C ASN A 1116 64.85 -13.61 -1.99
N GLY A 1117 63.77 -14.00 -1.32
CA GLY A 1117 63.37 -13.34 -0.10
C GLY A 1117 62.51 -12.12 -0.31
N VAL A 1118 62.01 -11.88 -1.51
CA VAL A 1118 61.14 -10.73 -1.77
C VAL A 1118 59.82 -11.21 -2.34
N MET A 1119 59.85 -11.85 -3.51
CA MET A 1119 58.64 -12.27 -4.18
C MET A 1119 59.00 -13.18 -5.35
N HIS A 1120 58.13 -14.14 -5.62
CA HIS A 1120 58.29 -14.96 -6.81
C HIS A 1120 58.10 -14.08 -8.05
N VAL A 1121 58.88 -14.36 -9.09
CA VAL A 1121 58.74 -13.63 -10.34
C VAL A 1121 58.55 -14.61 -11.48
N ASP A 1122 59.49 -15.53 -11.66
CA ASP A 1122 59.44 -16.50 -12.74
C ASP A 1122 58.84 -17.83 -12.33
N GLU A 1123 58.40 -17.97 -11.09
CA GLU A 1123 57.76 -19.19 -10.62
C GLU A 1123 56.25 -19.09 -10.76
N CYS A 1124 55.58 -20.23 -10.67
CA CYS A 1124 54.14 -20.35 -10.84
C CYS A 1124 53.53 -21.13 -9.69
N VAL A 1125 53.88 -20.77 -8.47
CA VAL A 1125 53.46 -21.50 -7.28
C VAL A 1125 52.43 -20.71 -6.47
N GLU A 1126 51.78 -19.72 -7.08
CA GLU A 1126 50.80 -18.90 -6.40
C GLU A 1126 49.52 -18.84 -7.21
N PHE A 1127 48.39 -18.61 -6.53
CA PHE A 1127 47.10 -18.71 -7.19
C PHE A 1127 46.97 -17.74 -8.35
N HIS A 1128 47.58 -16.56 -8.25
CA HIS A 1128 47.34 -15.56 -9.29
C HIS A 1128 47.92 -16.00 -10.63
N ARG A 1129 48.95 -16.86 -10.61
CA ARG A 1129 49.46 -17.39 -11.87
C ARG A 1129 48.50 -18.43 -12.45
N LEU A 1130 47.88 -19.24 -11.60
CA LEU A 1130 46.85 -20.14 -12.08
C LEU A 1130 45.72 -19.36 -12.72
N TRP A 1131 45.31 -18.26 -12.10
CA TRP A 1131 44.25 -17.45 -12.68
C TRP A 1131 44.70 -16.78 -13.97
N SER A 1132 45.96 -16.39 -14.08
CA SER A 1132 46.46 -15.87 -15.34
C SER A 1132 46.36 -16.91 -16.43
N ALA A 1133 46.69 -18.17 -16.10
CA ALA A 1133 46.56 -19.24 -17.09
C ALA A 1133 45.10 -19.45 -17.50
N MET A 1134 44.19 -19.43 -16.53
CA MET A 1134 42.78 -19.59 -16.86
C MET A 1134 42.28 -18.43 -17.72
N GLN A 1135 42.76 -17.22 -17.44
CA GLN A 1135 42.43 -16.08 -18.27
C GLN A 1135 42.92 -16.28 -19.70
N PHE A 1136 44.14 -16.79 -19.85
CA PHE A 1136 44.60 -17.12 -21.18
C PHE A 1136 43.68 -18.12 -21.85
N VAL A 1137 43.18 -19.08 -21.07
CA VAL A 1137 42.31 -20.11 -21.65
C VAL A 1137 41.04 -19.49 -22.20
N TYR A 1138 40.40 -18.61 -21.43
CA TYR A 1138 39.10 -18.09 -21.86
C TYR A 1138 39.18 -16.75 -22.59
N CYS A 1139 40.38 -16.28 -22.92
CA CYS A 1139 40.53 -15.12 -23.81
C CYS A 1139 40.79 -15.51 -25.25
N ILE A 1140 40.79 -16.80 -25.57
CA ILE A 1140 41.05 -17.28 -26.92
C ILE A 1140 39.73 -17.30 -27.68
N PRO A 1141 39.67 -16.81 -28.92
CA PRO A 1141 38.42 -16.90 -29.68
C PRO A 1141 37.99 -18.34 -29.89
N VAL A 1142 36.68 -18.55 -29.92
CA VAL A 1142 36.10 -19.88 -30.02
C VAL A 1142 35.36 -20.00 -31.35
N GLY A 1143 35.04 -21.24 -31.73
CA GLY A 1143 34.29 -21.47 -32.93
C GLY A 1143 32.83 -21.08 -32.78
N THR A 1144 32.17 -20.92 -33.93
CA THR A 1144 30.77 -20.45 -33.91
C THR A 1144 29.85 -21.50 -33.30
N HIS A 1145 30.19 -22.78 -33.43
CA HIS A 1145 29.36 -23.82 -32.84
C HIS A 1145 29.48 -23.89 -31.32
N GLU A 1146 30.40 -23.13 -30.72
CA GLU A 1146 30.60 -23.13 -29.29
C GLU A 1146 30.11 -21.81 -28.69
N PHE A 1147 30.12 -21.76 -27.36
CA PHE A 1147 29.64 -20.60 -26.61
C PHE A 1147 30.79 -19.90 -25.92
N THR A 1148 30.77 -18.57 -25.92
CA THR A 1148 31.78 -17.80 -25.22
C THR A 1148 31.53 -17.86 -23.71
N VAL A 1149 32.54 -17.42 -22.96
CA VAL A 1149 32.45 -17.53 -21.51
C VAL A 1149 31.39 -16.60 -20.95
N GLU A 1150 31.29 -15.38 -21.49
CA GLU A 1150 30.25 -14.47 -21.04
C GLU A 1150 28.86 -14.88 -21.48
N GLN A 1151 28.76 -15.78 -22.47
CA GLN A 1151 27.46 -16.32 -22.83
C GLN A 1151 26.97 -17.35 -21.83
N CYS A 1152 27.90 -18.09 -21.21
CA CYS A 1152 27.56 -19.17 -20.29
C CYS A 1152 27.70 -18.77 -18.83
N PHE A 1153 28.70 -17.98 -18.47
CA PHE A 1153 29.02 -17.73 -17.08
C PHE A 1153 28.82 -16.29 -16.65
N GLY A 1154 28.75 -15.34 -17.58
CA GLY A 1154 28.53 -13.98 -17.19
C GLY A 1154 29.72 -13.39 -16.45
N ASP A 1155 29.42 -12.46 -15.55
CA ASP A 1155 30.46 -11.73 -14.82
C ASP A 1155 30.78 -12.34 -13.47
N GLY A 1156 30.03 -13.35 -13.02
CA GLY A 1156 30.33 -13.95 -11.73
C GLY A 1156 31.65 -14.66 -11.69
N LEU A 1157 32.03 -15.29 -12.80
CA LEU A 1157 33.31 -16.00 -12.86
C LEU A 1157 34.45 -15.07 -12.49
N HIS A 1158 34.49 -13.89 -13.11
CA HIS A 1158 35.57 -12.95 -12.86
C HIS A 1158 35.46 -12.33 -11.48
N TRP A 1159 34.25 -12.10 -10.98
CA TRP A 1159 34.13 -11.61 -9.63
C TRP A 1159 34.74 -12.59 -8.64
N ALA A 1160 34.48 -13.89 -8.83
CA ALA A 1160 35.05 -14.90 -7.93
C ALA A 1160 36.57 -14.92 -8.05
N GLY A 1161 37.09 -14.97 -9.28
CA GLY A 1161 38.53 -15.03 -9.43
C GLY A 1161 39.25 -13.84 -8.85
N CYS A 1162 38.75 -12.63 -9.15
CA CYS A 1162 39.36 -11.42 -8.63
C CYS A 1162 39.19 -11.31 -7.12
N MET A 1163 38.08 -11.78 -6.57
CA MET A 1163 37.96 -11.80 -5.12
C MET A 1163 39.03 -12.67 -4.50
N ILE A 1164 39.22 -13.88 -5.03
CA ILE A 1164 40.24 -14.75 -4.46
C ILE A 1164 41.59 -14.08 -4.54
N ILE A 1165 41.90 -13.47 -5.68
CA ILE A 1165 43.20 -12.82 -5.82
C ILE A 1165 43.36 -11.70 -4.81
N VAL A 1166 42.32 -10.87 -4.64
CA VAL A 1166 42.43 -9.69 -3.79
C VAL A 1166 42.54 -10.08 -2.33
N LEU A 1167 41.78 -11.08 -1.90
CA LEU A 1167 41.81 -11.46 -0.48
C LEU A 1167 43.18 -11.97 -0.09
N LEU A 1168 43.82 -12.76 -0.95
CA LEU A 1168 45.16 -13.24 -0.67
C LEU A 1168 46.20 -12.13 -0.72
N GLY A 1169 45.85 -10.95 -1.22
CA GLY A 1169 46.78 -9.85 -1.29
C GLY A 1169 47.67 -9.88 -2.51
N GLN A 1170 47.25 -10.56 -3.56
CA GLN A 1170 48.09 -10.78 -4.74
C GLN A 1170 47.71 -9.89 -5.91
N GLN A 1171 46.90 -8.85 -5.69
CA GLN A 1171 46.37 -8.08 -6.80
C GLN A 1171 47.46 -7.36 -7.58
N ARG A 1172 48.43 -6.77 -6.88
CA ARG A 1172 49.46 -6.01 -7.57
C ARG A 1172 50.44 -6.92 -8.28
N ARG A 1173 50.82 -8.03 -7.64
CA ARG A 1173 51.65 -9.02 -8.32
C ARG A 1173 50.93 -9.56 -9.54
N PHE A 1174 49.63 -9.80 -9.43
CA PHE A 1174 48.85 -10.24 -10.57
C PHE A 1174 48.92 -9.23 -11.69
N ALA A 1175 48.76 -7.95 -11.37
CA ALA A 1175 48.79 -6.93 -12.40
C ALA A 1175 50.16 -6.87 -13.07
N VAL A 1176 51.23 -6.94 -12.29
CA VAL A 1176 52.58 -6.86 -12.86
C VAL A 1176 52.88 -8.11 -13.67
N LEU A 1177 52.62 -9.28 -13.10
CA LEU A 1177 52.96 -10.56 -13.69
C LEU A 1177 51.69 -11.19 -14.24
N ASP A 1178 51.54 -11.19 -15.56
CA ASP A 1178 50.37 -11.81 -16.16
C ASP A 1178 50.65 -12.03 -17.64
N PHE A 1179 50.34 -13.23 -18.12
CA PHE A 1179 50.66 -13.58 -19.51
C PHE A 1179 49.85 -12.74 -20.47
N CYS A 1180 48.54 -12.62 -20.23
CA CYS A 1180 47.68 -11.92 -21.17
C CYS A 1180 48.00 -10.44 -21.24
N TYR A 1181 48.21 -9.80 -20.08
CA TYR A 1181 48.55 -8.39 -20.08
C TYR A 1181 49.89 -8.16 -20.77
N HIS A 1182 50.85 -9.05 -20.55
CA HIS A 1182 52.14 -8.91 -21.22
C HIS A 1182 52.00 -9.02 -22.72
N LEU A 1183 51.22 -10.00 -23.20
CA LEU A 1183 51.02 -10.12 -24.63
C LEU A 1183 50.34 -8.89 -25.19
N LEU A 1184 49.34 -8.37 -24.48
CA LEU A 1184 48.67 -7.16 -24.93
C LEU A 1184 49.65 -6.01 -25.04
N LYS A 1185 50.51 -5.84 -24.04
CA LYS A 1185 51.47 -4.74 -24.05
C LYS A 1185 52.42 -4.86 -25.24
N VAL A 1186 52.99 -6.04 -25.44
CA VAL A 1186 53.96 -6.19 -26.51
C VAL A 1186 53.29 -6.00 -27.87
N GLN A 1187 52.11 -6.56 -28.06
CA GLN A 1187 51.42 -6.43 -29.33
C GLN A 1187 51.06 -4.98 -29.60
N LYS A 1188 50.65 -4.25 -28.56
CA LYS A 1188 50.41 -2.82 -28.73
C LYS A 1188 51.67 -2.12 -29.15
N HIS A 1189 52.81 -2.51 -28.57
CA HIS A 1189 54.07 -1.85 -28.93
C HIS A 1189 54.41 -2.06 -30.39
N ASP A 1190 54.42 -3.32 -30.85
CA ASP A 1190 54.88 -3.60 -32.22
C ASP A 1190 53.75 -3.64 -33.24
N GLY A 1191 52.50 -3.75 -32.80
CA GLY A 1191 51.38 -3.67 -33.73
C GLY A 1191 51.39 -4.72 -34.81
N LYS A 1192 51.60 -5.98 -34.44
CA LYS A 1192 51.60 -7.09 -35.38
C LYS A 1192 50.24 -7.78 -35.38
N ASP A 1193 50.02 -8.60 -36.40
CA ASP A 1193 48.77 -9.35 -36.51
C ASP A 1193 48.98 -10.54 -37.43
N GLU A 1194 48.85 -11.74 -36.87
CA GLU A 1194 48.98 -12.98 -37.63
C GLU A 1194 48.08 -14.02 -36.97
N ILE A 1195 48.28 -15.28 -37.34
CA ILE A 1195 47.53 -16.39 -36.77
C ILE A 1195 48.53 -17.40 -36.23
N ILE A 1196 48.36 -17.78 -34.97
CA ILE A 1196 49.24 -18.73 -34.30
C ILE A 1196 48.37 -19.87 -33.80
N LYS A 1197 48.56 -21.06 -34.34
CA LYS A 1197 47.78 -22.23 -33.95
C LYS A 1197 46.30 -21.92 -34.01
N ASN A 1198 45.87 -21.28 -35.09
CA ASN A 1198 44.47 -20.92 -35.29
C ASN A 1198 43.95 -20.06 -34.15
N VAL A 1199 44.66 -18.95 -33.93
CA VAL A 1199 44.24 -17.94 -32.96
C VAL A 1199 44.62 -16.57 -33.52
N PRO A 1200 43.70 -15.83 -34.14
CA PRO A 1200 44.06 -14.50 -34.65
C PRO A 1200 44.58 -13.62 -33.54
N LEU A 1201 45.61 -12.83 -33.86
CA LEU A 1201 46.30 -12.07 -32.84
C LEU A 1201 45.53 -10.80 -32.46
N LYS A 1202 45.07 -10.05 -33.45
CA LYS A 1202 44.40 -8.78 -33.17
C LYS A 1202 43.12 -8.99 -32.38
N LYS A 1203 42.30 -9.97 -32.78
CA LYS A 1203 41.09 -10.26 -32.04
C LYS A 1203 41.42 -10.66 -30.60
N MET A 1204 42.48 -11.44 -30.43
CA MET A 1204 42.83 -11.89 -29.09
C MET A 1204 43.23 -10.73 -28.21
N VAL A 1205 44.02 -9.79 -28.75
CA VAL A 1205 44.41 -8.65 -27.93
C VAL A 1205 43.21 -7.77 -27.61
N GLU A 1206 42.27 -7.64 -28.55
CA GLU A 1206 41.07 -6.86 -28.24
C GLU A 1206 40.28 -7.48 -27.09
N ARG A 1207 40.10 -8.80 -27.14
CA ARG A 1207 39.43 -9.48 -26.04
C ARG A 1207 40.19 -9.28 -24.74
N ILE A 1208 41.52 -9.35 -24.79
CA ILE A 1208 42.32 -9.18 -23.60
C ILE A 1208 42.12 -7.79 -23.01
N ARG A 1209 42.06 -6.78 -23.87
CA ARG A 1209 41.85 -5.41 -23.39
C ARG A 1209 40.49 -5.28 -22.70
N LYS A 1210 39.45 -5.84 -23.30
CA LYS A 1210 38.13 -5.78 -22.67
C LYS A 1210 38.18 -6.40 -21.28
N PHE A 1211 38.77 -7.59 -21.19
CA PHE A 1211 38.80 -8.26 -19.90
C PHE A 1211 39.69 -7.53 -18.90
N GLN A 1212 40.73 -6.85 -19.39
CA GLN A 1212 41.55 -6.04 -18.50
C GLN A 1212 40.75 -4.90 -17.88
N ILE A 1213 39.92 -4.24 -18.69
CA ILE A 1213 39.06 -3.20 -18.15
C ILE A 1213 38.16 -3.77 -17.06
N LEU A 1214 37.51 -4.90 -17.36
CA LEU A 1214 36.59 -5.48 -16.39
C LEU A 1214 37.31 -5.85 -15.09
N ASN A 1215 38.49 -6.46 -15.22
CA ASN A 1215 39.24 -6.89 -14.05
C ASN A 1215 39.69 -5.70 -13.21
N ASP A 1216 40.15 -4.62 -13.86
CA ASP A 1216 40.53 -3.45 -13.11
C ASP A 1216 39.36 -2.91 -12.32
N GLU A 1217 38.17 -2.84 -12.94
CA GLU A 1217 37.01 -2.34 -12.21
C GLU A 1217 36.70 -3.21 -11.00
N ILE A 1218 36.69 -4.53 -11.18
CA ILE A 1218 36.33 -5.42 -10.07
C ILE A 1218 37.34 -5.29 -8.95
N ILE A 1219 38.63 -5.29 -9.29
CA ILE A 1219 39.67 -5.18 -8.28
C ILE A 1219 39.54 -3.86 -7.53
N THR A 1220 39.24 -2.78 -8.24
CA THR A 1220 39.11 -1.48 -7.60
C THR A 1220 37.96 -1.48 -6.60
N ILE A 1221 36.82 -2.05 -6.98
CA ILE A 1221 35.69 -2.09 -6.05
C ILE A 1221 36.06 -2.88 -4.81
N LEU A 1222 36.67 -4.05 -5.01
CA LEU A 1222 37.01 -4.90 -3.87
C LEU A 1222 38.02 -4.22 -2.96
N ASP A 1223 39.02 -3.55 -3.53
CA ASP A 1223 39.95 -2.79 -2.71
C ASP A 1223 39.24 -1.72 -1.93
N LYS A 1224 38.35 -0.97 -2.60
CA LYS A 1224 37.62 0.10 -1.91
C LYS A 1224 36.90 -0.44 -0.69
N TYR A 1225 36.21 -1.56 -0.82
CA TYR A 1225 35.40 -2.03 0.29
C TYR A 1225 36.23 -2.57 1.45
N LEU A 1226 37.51 -2.84 1.25
CA LEU A 1226 38.40 -3.28 2.31
C LEU A 1226 39.21 -2.13 2.90
N LYS A 1227 38.86 -0.89 2.55
CA LYS A 1227 39.61 0.28 2.97
C LYS A 1227 40.96 0.31 2.28
N VAL A 1239 55.93 -3.29 8.01
CA VAL A 1239 56.65 -3.36 6.76
C VAL A 1239 57.92 -4.18 6.94
N ARG A 1240 58.22 -5.02 5.96
CA ARG A 1240 59.35 -5.94 6.03
C ARG A 1240 60.58 -5.23 5.48
N CYS A 1241 61.42 -4.71 6.36
CA CYS A 1241 62.63 -4.02 5.97
C CYS A 1241 63.76 -5.01 5.69
N PHE A 1242 64.78 -4.52 4.99
CA PHE A 1242 65.92 -5.32 4.60
C PHE A 1242 67.21 -4.71 5.12
N GLN A 1243 68.25 -5.53 5.22
CA GLN A 1243 69.53 -5.09 5.75
C GLN A 1243 70.48 -4.72 4.64
N PRO A 1244 71.25 -3.65 4.77
CA PRO A 1244 72.25 -3.33 3.76
C PRO A 1244 73.44 -4.26 3.85
N PRO A 1245 74.33 -4.24 2.87
CA PRO A 1245 75.48 -5.14 2.90
C PRO A 1245 76.41 -4.84 4.07
N ILE A 1246 77.12 -5.89 4.51
CA ILE A 1246 78.10 -5.79 5.58
C ILE A 1246 79.48 -6.02 4.99
N HIS A 1247 80.42 -5.17 5.36
CA HIS A 1247 81.79 -5.32 4.88
C HIS A 1247 82.44 -6.56 5.47
N GLN A 1248 83.19 -7.28 4.64
CA GLN A 1248 83.88 -8.49 5.10
C GLN A 1248 84.88 -8.15 6.19
N SER B 9 93.45 28.15 0.49
CA SER B 9 92.67 27.79 1.66
C SER B 9 91.87 29.00 2.16
N GLN B 10 92.33 30.19 1.80
CA GLN B 10 91.64 31.43 2.14
C GLN B 10 90.80 31.97 1.01
N GLN B 11 90.71 31.24 -0.10
CA GLN B 11 89.91 31.70 -1.23
C GLN B 11 88.43 31.51 -1.01
N LYS B 12 88.03 30.54 -0.18
CA LYS B 12 86.63 30.29 0.09
C LYS B 12 85.84 30.02 -1.19
N LEU B 13 86.41 29.21 -2.08
CA LEU B 13 85.76 28.95 -3.35
C LEU B 13 84.39 28.31 -3.18
N ALA B 14 84.29 27.33 -2.28
CA ALA B 14 83.03 26.63 -2.09
C ALA B 14 81.94 27.59 -1.66
N GLU B 15 82.21 28.39 -0.63
CA GLU B 15 81.21 29.31 -0.11
C GLU B 15 80.86 30.37 -1.15
N LYS B 16 81.86 30.89 -1.85
CA LYS B 16 81.58 31.91 -2.86
C LYS B 16 80.68 31.36 -3.94
N LEU B 17 80.96 30.16 -4.42
CA LEU B 17 80.12 29.56 -5.45
C LEU B 17 78.70 29.35 -4.93
N THR B 18 78.57 28.81 -3.72
CA THR B 18 77.25 28.56 -3.17
C THR B 18 76.45 29.85 -3.06
N ILE B 19 77.08 30.92 -2.57
CA ILE B 19 76.37 32.19 -2.41
C ILE B 19 75.96 32.74 -3.76
N LEU B 20 76.90 32.77 -4.71
CA LEU B 20 76.63 33.44 -5.97
C LEU B 20 75.57 32.70 -6.78
N ASN B 21 75.46 31.38 -6.64
CA ASN B 21 74.44 30.68 -7.40
C ASN B 21 73.04 31.07 -6.95
N ASP B 22 72.82 31.12 -5.63
CA ASP B 22 71.53 31.58 -5.12
C ASP B 22 71.26 33.01 -5.55
N ARG B 23 72.27 33.87 -5.47
CA ARG B 23 72.08 35.25 -5.90
C ARG B 23 71.67 35.32 -7.36
N GLY B 24 72.32 34.52 -8.21
CA GLY B 24 72.00 34.55 -9.62
C GLY B 24 70.58 34.11 -9.90
N VAL B 25 70.11 33.07 -9.22
CA VAL B 25 68.74 32.64 -9.41
C VAL B 25 67.76 33.73 -8.98
N GLY B 26 68.04 34.38 -7.86
CA GLY B 26 67.17 35.46 -7.42
C GLY B 26 67.11 36.61 -8.42
N MET B 27 68.27 37.00 -8.94
CA MET B 27 68.29 38.06 -9.93
C MET B 27 67.53 37.65 -11.19
N LEU B 28 67.66 36.39 -11.61
CA LEU B 28 66.90 35.92 -12.75
C LEU B 28 65.41 36.06 -12.52
N THR B 29 64.94 35.65 -11.33
CA THR B 29 63.52 35.79 -11.03
C THR B 29 63.08 37.24 -11.11
N ARG B 30 63.84 38.14 -10.50
CA ARG B 30 63.46 39.55 -10.48
C ARG B 30 63.43 40.12 -11.89
N LEU B 31 64.42 39.80 -12.70
CA LEU B 31 64.49 40.37 -14.04
C LEU B 31 63.40 39.80 -14.93
N TYR B 32 63.02 38.55 -14.72
CA TYR B 32 61.90 37.98 -15.45
C TYR B 32 60.61 38.70 -15.11
N ASN B 33 60.39 38.99 -13.83
CA ASN B 33 59.20 39.74 -13.46
C ASN B 33 59.21 41.13 -14.06
N ILE B 34 60.36 41.79 -14.08
CA ILE B 34 60.43 43.11 -14.70
C ILE B 34 60.07 43.01 -16.17
N LYS B 35 60.58 41.99 -16.86
CA LYS B 35 60.26 41.82 -18.27
C LYS B 35 58.76 41.63 -18.48
N LYS B 36 58.14 40.79 -17.67
CA LYS B 36 56.71 40.54 -17.84
C LYS B 36 55.89 41.80 -17.57
N ALA B 37 56.22 42.51 -16.50
CA ALA B 37 55.48 43.73 -16.19
C ALA B 37 55.62 44.77 -17.29
N CYS B 38 56.73 44.76 -18.00
CA CYS B 38 57.01 45.71 -19.07
C CYS B 38 56.51 45.24 -20.43
N GLY B 39 55.88 44.09 -20.51
CA GLY B 39 55.44 43.57 -21.78
C GLY B 39 54.01 43.94 -22.12
N ASP B 40 53.09 43.63 -21.22
CA ASP B 40 51.70 43.97 -21.46
C ASP B 40 51.54 45.48 -21.34
N PRO B 41 50.83 46.13 -22.28
CA PRO B 41 50.67 47.59 -22.18
C PRO B 41 49.91 48.04 -20.95
N LYS B 42 49.17 47.16 -20.28
CA LYS B 42 48.35 47.55 -19.15
C LYS B 42 49.07 47.38 -17.81
N ALA B 43 50.36 47.08 -17.81
CA ALA B 43 51.08 46.95 -16.55
C ALA B 43 52.46 47.61 -16.54
N LYS B 44 52.92 48.15 -17.65
CA LYS B 44 54.20 48.84 -17.64
C LYS B 44 54.04 50.19 -16.93
N PRO B 45 55.15 50.79 -16.51
CA PRO B 45 55.06 52.05 -15.79
C PRO B 45 54.32 53.12 -16.60
N SER B 46 53.54 53.94 -15.90
CA SER B 46 52.67 54.88 -16.57
C SER B 46 53.43 55.87 -17.45
N TYR B 47 54.72 56.09 -17.18
CA TYR B 47 55.47 57.10 -17.89
C TYR B 47 55.96 56.62 -19.25
N LEU B 48 55.93 55.34 -19.52
CA LEU B 48 56.37 54.81 -20.80
C LEU B 48 55.24 54.80 -21.83
N ILE B 49 54.03 55.23 -21.47
CA ILE B 49 52.91 55.27 -22.40
C ILE B 49 52.24 56.63 -22.50
N ASP B 50 52.47 57.55 -21.57
CA ASP B 50 51.87 58.87 -21.66
C ASP B 50 52.27 59.53 -22.97
N LYS B 51 51.31 60.23 -23.58
CA LYS B 51 51.57 60.84 -24.88
C LYS B 51 52.43 62.09 -24.75
N ASN B 52 52.39 62.78 -23.61
CA ASN B 52 53.12 64.03 -23.48
C ASN B 52 54.58 63.84 -23.07
N LEU B 53 54.95 62.65 -22.61
CA LEU B 53 56.34 62.33 -22.31
C LEU B 53 57.05 61.66 -23.48
N GLU B 54 56.39 61.46 -24.61
CA GLU B 54 57.01 60.71 -25.69
C GLU B 54 58.26 61.40 -26.19
N SER B 55 58.23 62.72 -26.35
CA SER B 55 59.41 63.43 -26.83
C SER B 55 60.54 63.34 -25.81
N ALA B 56 60.22 63.49 -24.53
CA ALA B 56 61.26 63.42 -23.52
C ALA B 56 61.96 62.07 -23.53
N VAL B 57 61.18 61.00 -23.58
CA VAL B 57 61.75 59.66 -23.55
C VAL B 57 62.51 59.37 -24.84
N LYS B 58 62.00 59.84 -25.98
CA LYS B 58 62.74 59.65 -27.21
C LYS B 58 64.10 60.35 -27.15
N PHE B 59 64.12 61.57 -26.63
CA PHE B 59 65.38 62.29 -26.51
C PHE B 59 66.33 61.58 -25.55
N ILE B 60 65.80 61.10 -24.42
CA ILE B 60 66.64 60.42 -23.44
C ILE B 60 67.25 59.17 -24.04
N VAL B 61 66.42 58.38 -24.74
CA VAL B 61 66.90 57.11 -25.28
C VAL B 61 67.89 57.34 -26.42
N ARG B 62 67.67 58.36 -27.24
CA ARG B 62 68.53 58.56 -28.39
C ARG B 62 69.98 58.79 -27.99
N LYS B 63 70.24 59.21 -26.77
CA LYS B 63 71.59 59.46 -26.28
C LYS B 63 71.76 58.87 -24.88
N PHE B 64 71.44 57.59 -24.74
CA PHE B 64 71.24 57.01 -23.42
C PHE B 64 72.43 57.16 -22.47
N PRO B 65 73.66 56.79 -22.86
CA PRO B 65 74.74 56.81 -21.88
C PRO B 65 74.97 58.19 -21.28
N ALA B 66 74.75 59.24 -22.06
CA ALA B 66 75.11 60.61 -21.69
C ALA B 66 73.91 61.36 -21.13
N VAL B 67 74.19 62.23 -20.16
CA VAL B 67 73.19 63.10 -19.53
C VAL B 67 73.39 64.51 -20.05
N GLU B 68 72.32 65.12 -20.53
CA GLU B 68 72.39 66.43 -21.19
C GLU B 68 71.29 67.35 -20.70
N THR B 69 71.13 67.46 -19.39
CA THR B 69 70.02 68.25 -18.85
C THR B 69 70.07 69.69 -19.36
N ARG B 70 71.09 70.45 -18.97
CA ARG B 70 71.18 71.84 -19.41
C ARG B 70 71.31 71.90 -20.93
N ASN B 71 70.68 72.91 -21.53
CA ASN B 71 70.49 72.97 -22.97
C ASN B 71 69.47 71.93 -23.43
N ASN B 72 68.40 71.77 -22.65
CA ASN B 72 67.36 70.81 -22.99
C ASN B 72 66.72 71.11 -24.34
N ASN B 73 66.44 72.39 -24.60
CA ASN B 73 65.74 72.82 -25.81
C ASN B 73 64.27 72.40 -25.76
N GLN B 74 63.69 72.49 -24.57
CA GLN B 74 62.27 72.22 -24.33
C GLN B 74 61.87 70.83 -24.79
N GLN B 75 62.82 69.90 -24.89
CA GLN B 75 62.50 68.49 -25.04
C GLN B 75 62.38 67.78 -23.71
N LEU B 76 62.61 68.48 -22.60
CA LEU B 76 62.52 67.91 -21.26
C LEU B 76 61.72 68.79 -20.31
N ALA B 77 61.02 69.79 -20.83
CA ALA B 77 60.30 70.71 -19.95
C ALA B 77 59.26 69.99 -19.13
N GLN B 78 58.54 69.05 -19.75
CA GLN B 78 57.49 68.33 -19.03
C GLN B 78 58.08 67.45 -17.94
N LEU B 79 59.22 66.81 -18.21
CA LEU B 79 59.81 65.90 -17.24
C LEU B 79 60.25 66.61 -15.97
N GLN B 80 60.42 67.92 -16.02
CA GLN B 80 60.96 68.66 -14.88
C GLN B 80 59.93 68.90 -13.79
N LYS B 81 58.67 68.58 -14.03
CA LYS B 81 57.63 68.82 -13.03
C LYS B 81 57.01 67.54 -12.46
N GLU B 82 57.30 66.38 -13.04
CA GLU B 82 56.93 65.11 -12.44
C GLU B 82 58.11 64.40 -11.81
N LYS B 83 59.25 65.08 -11.65
CA LYS B 83 60.48 64.40 -11.25
C LYS B 83 60.34 63.77 -9.87
N SER B 84 59.63 64.43 -8.96
CA SER B 84 59.46 63.86 -7.63
C SER B 84 58.75 62.51 -7.68
N GLU B 85 57.97 62.27 -8.72
CA GLU B 85 57.26 61.01 -8.89
C GLU B 85 58.07 60.02 -9.72
N ILE B 86 58.70 60.49 -10.80
CA ILE B 86 59.55 59.62 -11.59
C ILE B 86 60.61 58.99 -10.69
N LEU B 87 61.24 59.80 -9.86
CA LEU B 87 62.29 59.32 -8.98
C LEU B 87 61.78 58.37 -7.91
N LYS B 88 60.47 58.30 -7.71
CA LYS B 88 59.89 57.51 -6.64
C LYS B 88 59.18 56.27 -7.12
N ASN B 89 58.84 56.19 -8.39
CA ASN B 89 58.20 55.00 -8.96
C ASN B 89 59.18 54.10 -9.70
N LEU B 90 60.17 54.67 -10.36
CA LEU B 90 61.16 53.87 -11.09
C LEU B 90 62.33 53.46 -10.21
N ALA B 91 62.25 53.68 -8.90
CA ALA B 91 63.34 53.30 -8.02
C ALA B 91 63.56 51.80 -8.03
N LEU B 92 62.47 51.03 -7.96
CA LEU B 92 62.58 49.58 -7.88
C LEU B 92 63.30 49.01 -9.10
N TYR B 93 62.89 49.45 -10.30
CA TYR B 93 63.51 48.94 -11.51
C TYR B 93 64.98 49.31 -11.57
N TYR B 94 65.29 50.57 -11.23
CA TYR B 94 66.67 51.02 -11.29
C TYR B 94 67.55 50.20 -10.37
N PHE B 95 67.08 49.94 -9.16
CA PHE B 95 67.93 49.21 -8.23
C PHE B 95 68.00 47.74 -8.57
N THR B 96 66.99 47.18 -9.24
CA THR B 96 67.15 45.84 -9.77
C THR B 96 68.26 45.79 -10.82
N PHE B 97 68.31 46.78 -11.70
CA PHE B 97 69.39 46.79 -12.70
C PHE B 97 70.74 47.00 -12.03
N VAL B 98 70.80 47.84 -11.00
CA VAL B 98 72.04 48.02 -10.27
C VAL B 98 72.49 46.72 -9.65
N ASP B 99 71.56 45.95 -9.06
CA ASP B 99 71.94 44.69 -8.46
C ASP B 99 72.39 43.68 -9.51
N VAL B 100 71.79 43.72 -10.69
CA VAL B 100 72.30 42.87 -11.77
C VAL B 100 73.75 43.21 -12.06
N MET B 101 74.08 44.50 -12.10
CA MET B 101 75.47 44.88 -12.34
C MET B 101 76.40 44.41 -11.23
N GLU B 102 75.98 44.56 -9.98
CA GLU B 102 76.82 44.12 -8.87
C GLU B 102 77.05 42.63 -8.92
N PHE B 103 76.00 41.86 -9.21
CA PHE B 103 76.16 40.41 -9.33
C PHE B 103 77.12 40.06 -10.45
N LYS B 104 77.00 40.73 -11.59
CA LYS B 104 77.95 40.46 -12.67
C LYS B 104 79.37 40.70 -12.21
N ASP B 105 79.60 41.79 -11.50
CA ASP B 105 80.98 42.11 -11.13
C ASP B 105 81.53 41.09 -10.17
N HIS B 106 80.75 40.68 -9.18
CA HIS B 106 81.22 39.65 -8.26
C HIS B 106 81.50 38.35 -8.99
N VAL B 107 80.64 37.99 -9.93
CA VAL B 107 80.84 36.75 -10.69
C VAL B 107 82.13 36.82 -11.47
N CYS B 108 82.39 37.95 -12.14
CA CYS B 108 83.61 38.07 -12.91
C CYS B 108 84.83 37.94 -12.00
N GLU B 109 84.78 38.55 -10.82
CA GLU B 109 85.89 38.44 -9.89
C GLU B 109 86.15 36.99 -9.52
N LEU B 110 85.09 36.26 -9.14
CA LEU B 110 85.27 34.87 -8.74
C LEU B 110 85.80 34.02 -9.88
N LEU B 111 85.34 34.30 -11.10
CA LEU B 111 85.83 33.54 -12.24
C LEU B 111 87.31 33.77 -12.46
N ASN B 112 87.77 35.02 -12.30
CA ASN B 112 89.20 35.30 -12.42
C ASN B 112 89.98 34.56 -11.36
N THR B 113 89.46 34.54 -10.13
CA THR B 113 90.14 33.81 -9.05
C THR B 113 90.27 32.33 -9.40
N ILE B 114 89.18 31.71 -9.86
CA ILE B 114 89.23 30.30 -10.21
C ILE B 114 90.18 30.07 -11.37
N ASP B 115 90.24 31.01 -12.30
CA ASP B 115 91.16 30.86 -13.43
C ASP B 115 92.59 30.85 -12.96
N VAL B 116 92.95 31.76 -12.04
CA VAL B 116 94.33 31.82 -11.59
C VAL B 116 94.68 30.64 -10.70
N CYS B 117 93.73 30.14 -9.92
CA CYS B 117 94.03 29.00 -9.05
C CYS B 117 94.27 27.70 -9.81
N GLN B 118 93.96 27.64 -11.10
CA GLN B 118 94.24 26.47 -11.93
C GLN B 118 93.59 25.22 -11.35
N VAL B 119 92.28 25.24 -11.33
CA VAL B 119 91.50 24.19 -10.69
C VAL B 119 91.33 23.02 -11.64
N PHE B 120 91.16 21.84 -11.07
CA PHE B 120 90.93 20.60 -11.79
C PHE B 120 89.45 20.24 -11.71
N PHE B 121 88.81 20.05 -12.86
CA PHE B 121 87.38 19.80 -12.93
C PHE B 121 87.14 18.45 -13.57
N ASP B 122 86.42 17.58 -12.86
CA ASP B 122 85.94 16.33 -13.42
C ASP B 122 84.56 16.07 -12.83
N ILE B 123 83.54 15.96 -13.70
CA ILE B 123 82.18 15.84 -13.21
C ILE B 123 82.02 14.56 -12.39
N THR B 124 82.86 13.56 -12.64
CA THR B 124 82.72 12.27 -11.96
C THR B 124 83.46 12.21 -10.63
N VAL B 125 84.43 13.09 -10.39
CA VAL B 125 85.23 13.03 -9.18
C VAL B 125 84.79 14.09 -8.20
N ASN B 126 84.93 15.36 -8.57
CA ASN B 126 84.47 16.47 -7.74
C ASN B 126 83.18 16.98 -8.37
N PHE B 127 82.07 16.33 -7.99
CA PHE B 127 80.80 16.63 -8.63
C PHE B 127 80.31 18.02 -8.29
N ASP B 128 80.34 18.38 -7.00
CA ASP B 128 79.79 19.66 -6.56
C ASP B 128 80.55 20.82 -7.17
N LEU B 129 81.88 20.75 -7.19
CA LEU B 129 82.67 21.85 -7.72
C LEU B 129 82.35 22.12 -9.18
N THR B 130 82.40 21.07 -10.01
CA THR B 130 82.11 21.24 -11.43
C THR B 130 80.67 21.69 -11.64
N LYS B 131 79.74 21.08 -10.92
CA LYS B 131 78.35 21.43 -11.07
C LYS B 131 78.13 22.91 -10.79
N ASN B 132 78.62 23.38 -9.66
CA ASN B 132 78.41 24.78 -9.29
C ASN B 132 79.12 25.72 -10.24
N TYR B 133 80.31 25.35 -10.71
CA TYR B 133 81.02 26.19 -11.66
C TYR B 133 80.19 26.39 -12.92
N LEU B 134 79.75 25.29 -13.52
CA LEU B 134 78.99 25.40 -14.77
C LEU B 134 77.64 26.05 -14.53
N ASP B 135 77.03 25.82 -13.37
CA ASP B 135 75.78 26.48 -13.04
C ASP B 135 75.97 27.99 -12.99
N LEU B 136 77.04 28.46 -12.37
CA LEU B 136 77.27 29.88 -12.29
C LEU B 136 77.47 30.47 -13.68
N ILE B 137 78.25 29.81 -14.51
CA ILE B 137 78.48 30.34 -15.85
C ILE B 137 77.17 30.43 -16.63
N ILE B 138 76.35 29.38 -16.54
CA ILE B 138 75.10 29.38 -17.30
C ILE B 138 74.14 30.42 -16.76
N THR B 139 74.05 30.57 -15.44
CA THR B 139 73.18 31.59 -14.88
C THR B 139 73.63 32.97 -15.30
N TYR B 140 74.93 33.22 -15.33
CA TYR B 140 75.44 34.50 -15.78
C TYR B 140 75.04 34.78 -17.23
N THR B 141 75.23 33.79 -18.11
CA THR B 141 74.87 33.99 -19.51
C THR B 141 73.38 34.22 -19.68
N THR B 142 72.54 33.42 -19.01
CA THR B 142 71.11 33.57 -19.17
C THR B 142 70.63 34.90 -18.61
N LEU B 143 71.24 35.36 -17.52
CA LEU B 143 70.91 36.68 -17.00
C LEU B 143 71.23 37.76 -18.01
N MET B 144 72.38 37.67 -18.67
CA MET B 144 72.72 38.68 -19.66
C MET B 144 71.72 38.68 -20.80
N ILE B 145 71.31 37.51 -21.27
CA ILE B 145 70.38 37.47 -22.40
C ILE B 145 69.01 38.00 -21.98
N LEU B 146 68.49 37.52 -20.86
CA LEU B 146 67.21 38.00 -20.38
C LEU B 146 67.22 39.50 -20.17
N LEU B 147 68.36 40.07 -19.79
CA LEU B 147 68.47 41.53 -19.75
C LEU B 147 68.42 42.11 -21.15
N SER B 148 69.09 41.47 -22.10
CA SER B 148 69.07 41.96 -23.46
C SER B 148 67.66 41.99 -24.04
N ARG B 149 66.73 41.25 -23.46
CA ARG B 149 65.40 41.13 -24.04
C ARG B 149 64.39 42.12 -23.49
N ILE B 150 64.76 42.97 -22.55
CA ILE B 150 63.86 44.01 -22.05
C ILE B 150 64.06 45.24 -22.91
N GLU B 151 63.01 45.64 -23.64
CA GLU B 151 63.20 46.61 -24.70
C GLU B 151 63.40 48.03 -24.19
N GLU B 152 62.81 48.37 -23.04
CA GLU B 152 62.93 49.71 -22.49
C GLU B 152 63.70 49.72 -21.17
N ARG B 153 64.80 48.97 -21.12
CA ARG B 153 65.76 49.17 -20.04
C ARG B 153 66.40 50.53 -20.14
N LYS B 154 66.78 50.93 -21.36
CA LYS B 154 67.38 52.24 -21.56
C LYS B 154 66.47 53.35 -21.06
N ALA B 155 65.19 53.28 -21.41
CA ALA B 155 64.27 54.34 -21.04
C ALA B 155 64.17 54.45 -19.53
N ILE B 156 63.99 53.33 -18.84
CA ILE B 156 63.84 53.36 -17.39
C ILE B 156 65.09 53.91 -16.74
N ILE B 157 66.26 53.41 -17.14
CA ILE B 157 67.51 53.83 -16.51
C ILE B 157 67.74 55.32 -16.74
N GLY B 158 67.64 55.76 -18.00
CA GLY B 158 67.90 57.15 -18.30
C GLY B 158 66.90 58.07 -17.63
N LEU B 159 65.64 57.67 -17.59
CA LEU B 159 64.61 58.53 -17.03
C LEU B 159 64.79 58.69 -15.53
N TYR B 160 65.08 57.59 -14.82
CA TYR B 160 65.37 57.73 -13.39
C TYR B 160 66.60 58.59 -13.18
N ASN B 161 67.65 58.37 -13.96
CA ASN B 161 68.87 59.13 -13.75
C ASN B 161 68.63 60.62 -13.95
N TYR B 162 67.86 60.98 -14.96
CA TYR B 162 67.56 62.39 -15.18
C TYR B 162 66.75 62.96 -14.03
N ALA B 163 65.73 62.23 -13.56
CA ALA B 163 65.00 62.73 -12.40
C ALA B 163 65.95 63.00 -11.25
N HIS B 164 66.87 62.07 -10.99
CA HIS B 164 67.83 62.23 -9.90
C HIS B 164 68.72 63.42 -10.11
N GLU B 165 69.20 63.60 -11.33
CA GLU B 165 70.09 64.72 -11.64
C GLU B 165 69.38 66.04 -11.39
N MET B 166 68.16 66.18 -11.90
CA MET B 166 67.43 67.43 -11.71
C MET B 166 67.13 67.69 -10.24
N THR B 167 66.76 66.64 -9.50
CA THR B 167 66.46 66.85 -8.09
C THR B 167 67.69 67.29 -7.32
N HIS B 168 68.82 66.60 -7.52
CA HIS B 168 70.01 66.79 -6.67
C HIS B 168 71.15 67.53 -7.35
N GLY B 169 71.16 67.62 -8.67
CA GLY B 169 72.25 68.27 -9.36
C GLY B 169 73.40 67.38 -9.72
N ALA B 170 73.40 66.13 -9.29
CA ALA B 170 74.44 65.18 -9.66
C ALA B 170 73.83 63.81 -9.92
N SER B 171 74.30 63.16 -10.99
CA SER B 171 73.81 61.85 -11.38
C SER B 171 73.90 60.86 -10.22
N ASP B 172 73.23 59.73 -10.33
CA ASP B 172 73.39 58.70 -9.32
C ASP B 172 74.80 58.14 -9.36
N ARG B 173 75.23 57.56 -8.24
CA ARG B 173 76.59 57.04 -8.16
C ARG B 173 76.85 56.05 -9.28
N GLU B 174 75.94 55.10 -9.47
CA GLU B 174 76.19 53.94 -10.31
C GLU B 174 75.77 54.14 -11.75
N TYR B 175 75.21 55.28 -12.11
CA TYR B 175 74.74 55.44 -13.49
C TYR B 175 75.84 55.22 -14.52
N PRO B 176 77.06 55.73 -14.35
CA PRO B 176 78.04 55.56 -15.45
C PRO B 176 78.33 54.10 -15.78
N ARG B 177 78.72 53.30 -14.80
CA ARG B 177 79.01 51.90 -15.08
C ARG B 177 77.77 51.15 -15.53
N LEU B 178 76.61 51.46 -14.94
CA LEU B 178 75.38 50.78 -15.33
C LEU B 178 75.06 51.05 -16.79
N GLY B 179 75.16 52.31 -17.21
CA GLY B 179 74.94 52.62 -18.62
C GLY B 179 75.95 51.95 -19.52
N GLN B 180 77.20 51.88 -19.07
CA GLN B 180 78.22 51.22 -19.88
C GLN B 180 77.91 49.75 -20.05
N MET B 181 77.50 49.08 -18.97
CA MET B 181 77.07 47.69 -19.08
C MET B 181 75.92 47.56 -20.06
N ILE B 182 74.90 48.40 -19.91
CA ILE B 182 73.71 48.25 -20.74
C ILE B 182 74.07 48.42 -22.21
N VAL B 183 74.99 49.33 -22.52
CA VAL B 183 75.35 49.55 -23.92
C VAL B 183 76.41 48.58 -24.43
N ASP B 184 77.07 47.85 -23.54
CA ASP B 184 78.05 46.86 -23.97
C ASP B 184 77.41 45.52 -24.30
N TYR B 185 76.50 45.05 -23.43
CA TYR B 185 75.80 43.79 -23.63
C TYR B 185 74.47 44.01 -24.35
N GLU B 186 74.57 44.62 -25.54
CA GLU B 186 73.41 44.79 -26.41
C GLU B 186 73.24 43.63 -27.37
N ASN B 187 74.31 42.87 -27.62
CA ASN B 187 74.25 41.57 -28.27
C ASN B 187 75.00 40.63 -27.34
N PRO B 188 74.37 40.18 -26.27
CA PRO B 188 75.14 39.72 -25.11
C PRO B 188 76.11 38.61 -25.42
N LEU B 189 75.78 37.72 -26.34
CA LEU B 189 76.67 36.60 -26.60
C LEU B 189 77.90 37.03 -27.38
N LYS B 190 77.76 38.00 -28.29
CA LYS B 190 78.92 38.42 -29.05
C LYS B 190 79.97 39.02 -28.15
N LYS B 191 79.58 39.61 -27.03
CA LYS B 191 80.53 40.13 -26.06
C LYS B 191 81.00 39.05 -25.10
N MET B 192 80.09 38.23 -24.60
CA MET B 192 80.48 37.19 -23.67
C MET B 192 81.43 36.18 -24.32
N MET B 193 81.43 36.06 -25.65
CA MET B 193 82.39 35.17 -26.30
C MET B 193 83.79 35.74 -26.23
N GLU B 194 83.93 37.05 -26.43
CA GLU B 194 85.24 37.69 -26.30
C GLU B 194 85.68 37.76 -24.85
N GLU B 195 84.73 37.79 -23.92
CA GLU B 195 85.05 37.92 -22.51
C GLU B 195 85.56 36.62 -21.89
N PHE B 196 85.29 35.47 -22.49
CA PHE B 196 85.65 34.18 -21.91
C PHE B 196 86.85 33.53 -22.57
N VAL B 197 87.64 34.27 -23.34
CA VAL B 197 88.89 33.70 -23.84
C VAL B 197 89.82 33.31 -22.70
N PRO B 198 90.03 34.14 -21.68
CA PRO B 198 90.89 33.72 -20.56
C PRO B 198 90.42 32.46 -19.85
N HIS B 199 89.13 32.23 -19.76
CA HIS B 199 88.59 31.09 -19.03
C HIS B 199 88.40 29.86 -19.91
N SER B 200 88.89 29.91 -21.16
CA SER B 200 88.60 28.84 -22.10
C SER B 200 89.14 27.51 -21.62
N LYS B 201 90.34 27.49 -21.06
CA LYS B 201 90.95 26.22 -20.71
C LYS B 201 90.18 25.52 -19.60
N SER B 202 89.89 26.25 -18.52
CA SER B 202 89.16 25.66 -17.41
C SER B 202 87.76 25.24 -17.82
N LEU B 203 87.07 26.08 -18.60
CA LEU B 203 85.74 25.73 -19.05
C LEU B 203 85.78 24.50 -19.96
N SER B 204 86.79 24.42 -20.82
CA SER B 204 86.94 23.25 -21.67
C SER B 204 87.15 22.00 -20.86
N ASP B 205 87.97 22.06 -19.82
CA ASP B 205 88.16 20.89 -18.97
C ASP B 205 86.82 20.47 -18.36
N ALA B 206 86.11 21.42 -17.77
CA ALA B 206 84.85 21.07 -17.12
C ALA B 206 83.84 20.50 -18.10
N LEU B 207 83.89 20.93 -19.36
CA LEU B 207 82.92 20.45 -20.34
C LEU B 207 83.33 19.11 -20.94
N ILE B 208 84.61 18.95 -21.27
CA ILE B 208 85.09 17.68 -21.79
C ILE B 208 84.89 16.59 -20.75
N SER B 209 84.85 16.96 -19.47
CA SER B 209 84.60 15.97 -18.43
C SER B 209 83.25 15.29 -18.60
N LEU B 210 82.35 15.88 -19.38
CA LEU B 210 80.99 15.36 -19.51
C LEU B 210 80.84 14.27 -20.56
N GLN B 211 81.91 13.94 -21.29
CA GLN B 211 81.81 12.86 -22.27
C GLN B 211 81.39 11.56 -21.61
N MET B 212 81.69 11.40 -20.33
CA MET B 212 81.45 10.15 -19.64
C MET B 212 80.04 10.02 -19.10
N VAL B 213 79.22 11.08 -19.19
CA VAL B 213 77.88 11.07 -18.63
C VAL B 213 76.82 11.41 -19.67
N TYR B 214 77.07 12.42 -20.50
CA TYR B 214 76.01 12.88 -21.41
C TYR B 214 75.66 11.84 -22.46
N PRO B 215 76.58 11.36 -23.29
CA PRO B 215 76.17 10.50 -24.39
C PRO B 215 75.46 9.24 -23.95
N ARG B 216 75.83 8.67 -22.81
CA ARG B 216 75.16 7.46 -22.34
C ARG B 216 73.85 7.74 -21.66
N ARG B 217 73.60 8.98 -21.25
CA ARG B 217 72.31 9.37 -20.70
C ARG B 217 71.32 9.79 -21.78
N ASN B 218 71.80 10.01 -23.00
CA ASN B 218 70.99 10.52 -24.10
C ASN B 218 70.72 9.44 -25.14
N LEU B 219 70.43 8.23 -24.68
CA LEU B 219 70.15 7.12 -25.57
C LEU B 219 68.68 7.14 -26.00
N SER B 220 68.37 6.31 -26.98
CA SER B 220 67.01 6.22 -27.49
C SER B 220 66.22 5.18 -26.69
N ALA B 221 64.95 4.99 -27.06
CA ALA B 221 64.09 4.10 -26.31
C ALA B 221 64.39 2.64 -26.61
N ASP B 222 64.81 2.33 -27.83
CA ASP B 222 65.17 0.95 -28.15
C ASP B 222 66.34 0.50 -27.30
N GLN B 223 67.36 1.35 -27.17
CA GLN B 223 68.50 1.02 -26.33
C GLN B 223 68.10 0.90 -24.87
N TRP B 224 67.08 1.65 -24.45
CA TRP B 224 66.56 1.50 -23.09
C TRP B 224 65.89 0.15 -22.93
N ARG B 225 65.15 -0.31 -23.94
CA ARG B 225 64.52 -1.62 -23.86
C ARG B 225 65.55 -2.72 -23.82
N ASN B 226 66.61 -2.59 -24.60
CA ASN B 226 67.65 -3.62 -24.61
C ASN B 226 68.27 -3.78 -23.23
N ALA B 227 68.49 -2.67 -22.55
CA ALA B 227 69.12 -2.72 -21.23
C ALA B 227 68.14 -2.92 -20.10
N GLN B 228 66.85 -2.97 -20.42
CA GLN B 228 65.80 -3.15 -19.41
C GLN B 228 65.94 -2.15 -18.29
N LEU B 229 66.09 -0.88 -18.65
CA LEU B 229 66.29 0.20 -17.69
C LEU B 229 65.14 0.32 -16.71
N LEU B 230 65.50 0.59 -15.45
CA LEU B 230 64.58 0.77 -14.34
C LEU B 230 63.63 -0.42 -14.12
N SER B 231 64.13 -1.64 -14.30
CA SER B 231 63.28 -2.80 -14.09
C SER B 231 63.75 -3.64 -12.91
N LEU B 232 62.91 -3.72 -11.88
CA LEU B 232 63.18 -4.51 -10.69
C LEU B 232 63.18 -6.02 -10.93
N ILE B 233 62.26 -6.46 -11.79
CA ILE B 233 62.07 -7.87 -12.08
C ILE B 233 62.90 -8.46 -13.23
N SER B 234 63.78 -7.66 -13.83
CA SER B 234 64.59 -8.16 -14.93
C SER B 234 65.48 -9.32 -14.48
N ALA B 235 66.06 -9.19 -13.29
CA ALA B 235 66.89 -10.23 -12.69
C ALA B 235 66.33 -10.40 -11.31
N PRO B 236 65.40 -11.36 -11.14
CA PRO B 236 64.77 -11.51 -9.83
C PRO B 236 65.69 -11.98 -8.73
N SER B 237 66.83 -12.58 -9.07
CA SER B 237 67.74 -13.09 -8.05
C SER B 237 68.47 -11.97 -7.30
N THR B 238 68.43 -10.75 -7.79
CA THR B 238 69.16 -9.63 -7.21
C THR B 238 68.21 -8.49 -6.86
N MET B 239 67.06 -8.82 -6.27
CA MET B 239 66.12 -7.79 -5.89
C MET B 239 66.45 -7.16 -4.55
N LEU B 240 67.36 -7.76 -3.78
CA LEU B 240 67.81 -7.17 -2.53
C LEU B 240 69.11 -6.39 -2.67
N ASN B 241 69.89 -6.67 -3.70
CA ASN B 241 71.15 -5.97 -3.87
C ASN B 241 70.90 -4.47 -3.94
N PRO B 242 71.75 -3.65 -3.35
CA PRO B 242 71.57 -2.20 -3.45
C PRO B 242 72.00 -1.71 -4.83
N ALA B 243 71.09 -1.02 -5.51
CA ALA B 243 71.46 -0.35 -6.75
C ALA B 243 72.53 0.69 -6.44
N GLN B 244 73.61 0.69 -7.22
CA GLN B 244 74.72 1.57 -6.93
C GLN B 244 75.57 1.76 -8.17
N SER B 245 76.33 2.85 -8.15
CA SER B 245 77.30 3.14 -9.20
C SER B 245 78.35 4.07 -8.62
N ASP B 246 79.50 4.10 -9.28
CA ASP B 246 80.56 5.01 -8.86
C ASP B 246 80.10 6.46 -8.97
N THR B 247 79.48 6.82 -10.08
CA THR B 247 79.05 8.18 -10.35
C THR B 247 77.57 8.33 -10.00
N MET B 248 77.29 8.18 -8.71
CA MET B 248 75.90 8.17 -8.26
C MET B 248 75.19 9.48 -8.54
N PRO B 249 75.74 10.65 -8.23
CA PRO B 249 75.02 11.90 -8.53
C PRO B 249 74.78 12.10 -10.00
N CYS B 250 75.66 11.58 -10.86
CA CYS B 250 75.51 11.74 -12.30
C CYS B 250 74.36 10.93 -12.88
N GLU B 251 73.75 10.05 -12.09
CA GLU B 251 72.71 9.19 -12.62
C GLU B 251 71.36 9.89 -12.69
N TYR B 252 71.05 10.75 -11.72
CA TYR B 252 69.79 11.47 -11.69
C TYR B 252 69.98 12.97 -11.94
N LEU B 253 71.00 13.33 -12.70
CA LEU B 253 71.22 14.72 -13.05
C LEU B 253 70.35 15.08 -14.23
N SER B 254 69.69 16.23 -14.16
CA SER B 254 68.77 16.63 -15.21
C SER B 254 69.47 16.67 -16.56
N LEU B 255 68.81 16.15 -17.57
CA LEU B 255 69.39 16.14 -18.91
C LEU B 255 69.32 17.50 -19.59
N ASP B 256 68.31 18.31 -19.27
CA ASP B 256 68.23 19.64 -19.85
C ASP B 256 69.33 20.55 -19.33
N ALA B 257 69.69 20.40 -18.05
CA ALA B 257 70.82 21.14 -17.52
C ALA B 257 72.08 20.82 -18.29
N MET B 258 72.31 19.53 -18.56
CA MET B 258 73.48 19.13 -19.33
C MET B 258 73.42 19.68 -20.75
N GLU B 259 72.22 19.67 -21.35
CA GLU B 259 72.07 20.23 -22.69
C GLU B 259 72.52 21.69 -22.71
N LYS B 260 72.00 22.48 -21.78
CA LYS B 260 72.36 23.90 -21.73
C LYS B 260 73.85 24.07 -21.46
N TRP B 261 74.39 23.29 -20.51
CA TRP B 261 75.82 23.37 -20.26
C TRP B 261 76.58 23.17 -21.55
N ILE B 262 76.31 22.09 -22.27
CA ILE B 262 77.11 21.79 -23.45
C ILE B 262 76.97 22.90 -24.48
N ILE B 263 75.74 23.31 -24.77
CA ILE B 263 75.52 24.26 -25.87
C ILE B 263 76.17 25.60 -25.54
N PHE B 264 75.77 26.22 -24.43
CA PHE B 264 76.31 27.54 -24.11
C PHE B 264 77.80 27.48 -23.83
N GLY B 265 78.25 26.46 -23.08
CA GLY B 265 79.66 26.36 -22.77
C GLY B 265 80.52 26.28 -24.01
N PHE B 266 80.14 25.42 -24.96
CA PHE B 266 80.97 25.29 -26.15
C PHE B 266 80.76 26.42 -27.14
N ILE B 267 79.72 27.24 -26.97
CA ILE B 267 79.71 28.53 -27.66
C ILE B 267 80.73 29.46 -27.03
N LEU B 268 80.76 29.52 -25.69
CA LEU B 268 81.65 30.46 -25.02
C LEU B 268 83.12 30.12 -25.27
N CYS B 269 83.47 28.84 -25.24
CA CYS B 269 84.83 28.40 -25.52
C CYS B 269 84.95 27.87 -26.94
N HIS B 270 84.29 28.53 -27.88
CA HIS B 270 84.26 28.11 -29.28
C HIS B 270 85.64 27.82 -29.84
N GLY B 271 86.70 28.33 -29.22
CA GLY B 271 88.02 28.07 -29.74
C GLY B 271 88.41 26.61 -29.70
N ILE B 272 87.75 25.82 -28.87
CA ILE B 272 88.11 24.41 -28.73
C ILE B 272 87.38 23.50 -29.71
N LEU B 273 86.23 23.92 -30.23
CA LEU B 273 85.53 23.08 -31.18
C LEU B 273 86.41 22.73 -32.37
N ASN B 274 87.34 23.61 -32.72
CA ASN B 274 88.19 23.39 -33.89
C ASN B 274 89.40 22.52 -33.62
N THR B 275 89.73 22.26 -32.36
CA THR B 275 90.92 21.50 -32.01
C THR B 275 90.63 20.15 -31.38
N ASP B 276 89.51 20.00 -30.70
CA ASP B 276 89.15 18.76 -30.01
C ASP B 276 87.99 18.10 -30.74
N ALA B 277 88.14 16.80 -30.99
CA ALA B 277 87.06 16.03 -31.62
C ALA B 277 85.96 15.71 -30.63
N THR B 278 86.33 15.41 -29.38
CA THR B 278 85.32 15.10 -28.38
C THR B 278 84.38 16.28 -28.16
N ALA B 279 84.93 17.48 -28.08
CA ALA B 279 84.10 18.66 -27.90
C ALA B 279 83.10 18.79 -29.04
N LEU B 280 83.57 18.64 -30.27
CA LEU B 280 82.69 18.81 -31.42
C LEU B 280 81.59 17.76 -31.42
N ASN B 281 81.93 16.51 -31.09
CA ASN B 281 80.92 15.47 -31.08
C ASN B 281 79.88 15.72 -30.00
N LEU B 282 80.30 16.10 -28.80
CA LEU B 282 79.35 16.44 -27.75
C LEU B 282 78.44 17.58 -28.19
N TRP B 283 79.02 18.63 -28.76
CA TRP B 283 78.24 19.78 -29.19
C TRP B 283 77.24 19.40 -30.26
N LYS B 284 77.67 18.60 -31.24
CA LYS B 284 76.75 18.20 -32.30
C LYS B 284 75.61 17.35 -31.76
N LEU B 285 75.92 16.44 -30.84
CA LEU B 285 74.87 15.62 -30.24
C LEU B 285 73.85 16.50 -29.54
N ALA B 286 74.32 17.41 -28.68
CA ALA B 286 73.40 18.28 -27.97
C ALA B 286 72.59 19.12 -28.95
N LEU B 287 73.23 19.59 -30.02
CA LEU B 287 72.54 20.44 -30.98
C LEU B 287 71.40 19.69 -31.64
N GLN B 288 71.66 18.48 -32.12
CA GLN B 288 70.60 17.73 -32.78
C GLN B 288 69.60 17.15 -31.79
N SER B 289 69.85 17.25 -30.49
CA SER B 289 68.90 16.73 -29.51
C SER B 289 67.72 17.66 -29.27
N SER B 290 67.74 18.90 -29.71
CA SER B 290 66.66 19.84 -29.41
C SER B 290 66.66 20.97 -30.41
N SER B 291 65.64 21.83 -30.31
CA SER B 291 65.50 23.00 -31.16
C SER B 291 65.32 24.31 -30.41
N CYS B 292 65.05 24.28 -29.11
CA CYS B 292 64.96 25.49 -28.33
C CYS B 292 65.25 25.16 -26.88
N LEU B 293 66.05 26.00 -26.23
CA LEU B 293 66.40 25.83 -24.83
C LEU B 293 65.47 26.67 -23.96
N SER B 294 65.58 26.48 -22.66
CA SER B 294 64.78 27.21 -21.68
C SER B 294 65.68 28.20 -20.96
N LEU B 295 65.64 29.47 -21.39
CA LEU B 295 66.44 30.52 -20.69
C LEU B 295 65.89 30.68 -19.27
N PHE B 296 64.56 30.63 -19.13
CA PHE B 296 63.92 30.76 -17.80
C PHE B 296 62.60 29.98 -17.79
N ARG B 297 61.75 30.21 -16.78
CA ARG B 297 60.51 29.40 -16.63
C ARG B 297 59.62 29.52 -17.88
N ASP B 298 59.46 30.71 -18.45
CA ASP B 298 58.68 30.80 -19.71
C ASP B 298 59.59 31.24 -20.87
N GLU B 299 60.77 31.79 -20.57
CA GLU B 299 61.67 32.31 -21.63
C GLU B 299 62.32 31.15 -22.40
N VAL B 300 62.54 31.34 -23.71
CA VAL B 300 63.13 30.26 -24.56
C VAL B 300 64.23 30.84 -25.46
N PHE B 301 65.19 30.01 -25.86
CA PHE B 301 66.28 30.45 -26.72
C PHE B 301 66.31 29.55 -27.95
N HIS B 302 66.25 30.13 -29.14
CA HIS B 302 66.24 29.38 -30.38
C HIS B 302 67.67 29.12 -30.80
N ILE B 303 68.07 27.85 -30.78
CA ILE B 303 69.48 27.51 -30.79
C ILE B 303 70.10 27.78 -32.15
N HIS B 304 69.57 27.16 -33.19
CA HIS B 304 70.31 27.03 -34.45
C HIS B 304 70.38 28.33 -35.23
N LYS B 305 69.40 29.21 -35.08
CA LYS B 305 69.50 30.52 -35.73
C LYS B 305 70.54 31.39 -35.04
N ALA B 306 70.48 31.43 -33.71
CA ALA B 306 71.40 32.25 -32.94
C ALA B 306 72.84 31.80 -33.14
N ALA B 307 73.07 30.49 -33.13
CA ALA B 307 74.43 29.99 -33.26
C ALA B 307 75.03 30.37 -34.61
N GLU B 308 74.25 30.21 -35.68
CA GLU B 308 74.74 30.59 -37.00
C GLU B 308 75.00 32.09 -37.07
N ASP B 309 74.12 32.89 -36.47
CA ASP B 309 74.36 34.34 -36.48
C ASP B 309 75.66 34.67 -35.75
N LEU B 310 75.91 34.01 -34.62
CA LEU B 310 77.14 34.27 -33.89
C LEU B 310 78.37 33.89 -34.71
N PHE B 311 78.32 32.73 -35.38
CA PHE B 311 79.51 32.19 -36.01
C PHE B 311 79.72 32.70 -37.43
N VAL B 312 78.77 33.41 -38.01
CA VAL B 312 78.92 33.81 -39.41
C VAL B 312 80.07 34.80 -39.57
N ASN B 313 80.24 35.72 -38.61
CA ASN B 313 81.26 36.75 -38.75
C ASN B 313 82.66 36.17 -38.70
N ILE B 314 82.92 35.27 -37.76
CA ILE B 314 84.25 34.70 -37.62
C ILE B 314 84.66 34.04 -38.92
N ARG B 315 85.94 34.17 -39.28
CA ARG B 315 86.42 33.69 -40.56
C ARG B 315 87.06 32.31 -40.50
N GLY B 316 87.47 31.84 -39.32
CA GLY B 316 88.00 30.51 -39.21
C GLY B 316 86.97 29.41 -39.14
N TYR B 317 85.69 29.76 -38.99
CA TYR B 317 84.62 28.79 -38.82
C TYR B 317 83.72 28.83 -40.04
N ASN B 318 83.85 27.83 -40.89
CA ASN B 318 82.89 27.63 -41.97
C ASN B 318 82.36 26.21 -42.01
N LYS B 319 83.15 25.22 -41.57
CA LYS B 319 82.62 23.89 -41.35
C LYS B 319 81.61 23.87 -40.22
N ARG B 320 81.74 24.81 -39.27
CA ARG B 320 80.83 24.85 -38.13
C ARG B 320 79.43 25.24 -38.58
N ILE B 321 79.31 26.14 -39.54
CA ILE B 321 77.99 26.53 -40.02
C ILE B 321 77.28 25.34 -40.68
N ASN B 322 78.01 24.58 -41.49
CA ASN B 322 77.43 23.37 -42.07
C ASN B 322 77.05 22.37 -40.99
N ASP B 323 77.90 22.21 -39.98
CA ASP B 323 77.55 21.33 -38.87
C ASP B 323 76.24 21.77 -38.23
N ILE B 324 76.09 23.08 -37.99
CA ILE B 324 74.91 23.58 -37.32
C ILE B 324 73.67 23.33 -38.17
N ARG B 325 73.77 23.56 -39.47
CA ARG B 325 72.61 23.34 -40.33
C ARG B 325 72.22 21.87 -40.39
N GLU B 326 73.21 20.98 -40.49
CA GLU B 326 72.90 19.55 -40.48
C GLU B 326 72.24 19.15 -39.17
N CYS B 327 72.74 19.67 -38.05
CA CYS B 327 72.13 19.36 -36.77
C CYS B 327 70.71 19.89 -36.69
N LYS B 328 70.46 21.04 -37.32
CA LYS B 328 69.11 21.59 -37.34
C LYS B 328 68.16 20.67 -38.09
N GLU B 329 68.59 20.20 -39.25
CA GLU B 329 67.76 19.28 -40.02
C GLU B 329 67.50 18.00 -39.22
N ALA B 330 68.54 17.46 -38.59
CA ALA B 330 68.36 16.23 -37.83
C ALA B 330 67.39 16.46 -36.66
N ALA B 331 67.52 17.57 -35.97
CA ALA B 331 66.61 17.86 -34.87
C ALA B 331 65.18 17.91 -35.36
N VAL B 332 64.92 18.73 -36.36
CA VAL B 332 63.55 18.89 -36.85
C VAL B 332 62.99 17.54 -37.27
N SER B 333 63.78 16.73 -37.97
CA SER B 333 63.27 15.47 -38.47
C SER B 333 62.96 14.49 -37.34
N HIS B 334 63.91 14.27 -36.43
CA HIS B 334 63.85 13.08 -35.58
C HIS B 334 63.62 13.32 -34.10
N ALA B 335 63.80 14.55 -33.60
CA ALA B 335 63.74 14.75 -32.15
C ALA B 335 62.35 14.44 -31.61
N GLY B 336 61.31 14.90 -32.31
CA GLY B 336 59.96 14.66 -31.80
C GLY B 336 59.62 13.20 -31.70
N SER B 337 59.97 12.42 -32.73
CA SER B 337 59.70 10.98 -32.68
C SER B 337 60.54 10.30 -31.61
N MET B 338 61.80 10.69 -31.47
CA MET B 338 62.63 10.08 -30.44
C MET B 338 62.01 10.32 -29.06
N HIS B 339 61.55 11.53 -28.80
CA HIS B 339 61.01 11.81 -27.48
C HIS B 339 59.63 11.19 -27.29
N ARG B 340 58.87 11.04 -28.37
CA ARG B 340 57.61 10.31 -28.26
C ARG B 340 57.86 8.87 -27.83
N GLU B 341 58.85 8.24 -28.45
CA GLU B 341 59.19 6.87 -28.05
C GLU B 341 59.67 6.82 -26.61
N ARG B 342 60.46 7.81 -26.20
CA ARG B 342 60.92 7.85 -24.81
C ARG B 342 59.76 7.94 -23.85
N ARG B 343 58.78 8.80 -24.14
CA ARG B 343 57.62 8.92 -23.26
C ARG B 343 56.85 7.61 -23.21
N LYS B 344 56.67 6.96 -24.37
CA LYS B 344 56.00 5.68 -24.40
C LYS B 344 56.67 4.70 -23.47
N PHE B 345 58.00 4.57 -23.58
CA PHE B 345 58.73 3.65 -22.72
C PHE B 345 58.53 4.01 -21.26
N LEU B 346 58.68 5.29 -20.92
CA LEU B 346 58.67 5.70 -19.53
C LEU B 346 57.32 5.46 -18.88
N ARG B 347 56.24 5.55 -19.65
CA ARG B 347 54.93 5.33 -19.05
C ARG B 347 54.84 3.93 -18.44
N SER B 348 55.17 2.91 -19.23
CA SER B 348 55.10 1.54 -18.73
C SER B 348 56.18 1.29 -17.69
N ALA B 349 57.37 1.88 -17.88
CA ALA B 349 58.43 1.69 -16.90
C ALA B 349 58.00 2.18 -15.52
N LEU B 350 57.44 3.39 -15.45
CA LEU B 350 57.03 3.92 -14.16
C LEU B 350 55.81 3.23 -13.61
N LYS B 351 54.87 2.82 -14.47
CA LYS B 351 53.77 2.00 -13.98
C LYS B 351 54.29 0.78 -13.26
N GLU B 352 55.20 0.05 -13.91
CA GLU B 352 55.80 -1.13 -13.32
C GLU B 352 56.49 -0.81 -12.00
N LEU B 353 57.35 0.21 -12.00
CA LEU B 353 58.14 0.53 -10.82
C LEU B 353 57.24 0.88 -9.65
N ALA B 354 56.25 1.75 -9.88
CA ALA B 354 55.35 2.15 -8.81
C ALA B 354 54.57 0.98 -8.27
N THR B 355 54.07 0.12 -9.16
CA THR B 355 53.28 -1.02 -8.70
C THR B 355 54.11 -1.95 -7.84
N VAL B 356 55.33 -2.25 -8.30
CA VAL B 356 56.19 -3.15 -7.52
C VAL B 356 56.51 -2.53 -6.17
N LEU B 357 56.86 -1.24 -6.15
CA LEU B 357 57.21 -0.60 -4.89
C LEU B 357 56.03 -0.59 -3.93
N SER B 358 54.82 -0.34 -4.43
CA SER B 358 53.66 -0.39 -3.56
C SER B 358 53.46 -1.80 -3.02
N ASP B 359 53.73 -2.81 -3.84
CA ASP B 359 53.58 -4.19 -3.37
C ASP B 359 54.58 -4.50 -2.25
N GLN B 360 55.83 -4.09 -2.42
CA GLN B 360 56.91 -4.38 -1.46
C GLN B 360 57.53 -3.05 -1.06
N PRO B 361 56.93 -2.35 -0.08
CA PRO B 361 57.45 -1.04 0.29
C PRO B 361 58.84 -1.07 0.88
N GLY B 362 59.31 -2.23 1.33
CA GLY B 362 60.63 -2.30 1.92
C GLY B 362 61.76 -2.14 0.92
N LEU B 363 61.48 -2.35 -0.37
CA LEU B 363 62.50 -2.20 -1.38
C LEU B 363 62.86 -0.75 -1.64
N LEU B 364 62.16 0.19 -1.03
CA LEU B 364 62.51 1.60 -1.21
C LEU B 364 63.90 1.89 -0.69
N GLY B 365 64.39 1.10 0.25
CA GLY B 365 65.74 1.23 0.73
C GLY B 365 66.75 0.87 -0.34
N PRO B 366 66.81 -0.41 -0.70
CA PRO B 366 67.85 -0.85 -1.63
C PRO B 366 67.76 -0.20 -2.99
N LYS B 367 66.59 0.29 -3.39
CA LYS B 367 66.36 0.74 -4.76
C LYS B 367 65.90 2.19 -4.84
N ALA B 368 66.41 3.05 -3.96
CA ALA B 368 66.02 4.45 -4.00
C ALA B 368 66.56 5.13 -5.25
N LEU B 369 67.78 4.79 -5.65
CA LEU B 369 68.35 5.38 -6.84
C LEU B 369 67.43 5.19 -8.04
N PHE B 370 66.75 4.05 -8.10
CA PHE B 370 65.81 3.82 -9.20
C PHE B 370 64.66 4.79 -9.15
N VAL B 371 64.11 5.04 -7.96
CA VAL B 371 63.02 6.00 -7.83
C VAL B 371 63.46 7.36 -8.37
N PHE B 372 64.63 7.82 -7.95
CA PHE B 372 65.03 9.17 -8.33
C PHE B 372 65.45 9.26 -9.78
N MET B 373 66.05 8.21 -10.33
CA MET B 373 66.33 8.19 -11.76
C MET B 373 65.05 8.25 -12.58
N ALA B 374 64.04 7.49 -12.17
CA ALA B 374 62.77 7.50 -12.90
C ALA B 374 62.14 8.88 -12.85
N LEU B 375 62.13 9.50 -11.68
CA LEU B 375 61.55 10.84 -11.57
C LEU B 375 62.29 11.83 -12.45
N SER B 376 63.62 11.77 -12.47
CA SER B 376 64.37 12.70 -13.30
C SER B 376 64.03 12.50 -14.78
N PHE B 377 64.00 11.25 -15.24
CA PHE B 377 63.73 11.02 -16.66
C PHE B 377 62.35 11.54 -17.03
N ALA B 378 61.35 11.22 -16.22
CA ALA B 378 59.98 11.63 -16.54
C ALA B 378 59.88 13.15 -16.57
N ARG B 379 60.45 13.83 -15.57
CA ARG B 379 60.38 15.28 -15.53
C ARG B 379 61.05 15.88 -16.75
N ASP B 380 62.21 15.36 -17.14
CA ASP B 380 62.91 15.89 -18.30
C ASP B 380 62.04 15.78 -19.54
N GLU B 381 61.43 14.62 -19.76
CA GLU B 381 60.60 14.44 -20.95
C GLU B 381 59.42 15.41 -20.93
N ILE B 382 58.77 15.55 -19.79
CA ILE B 382 57.58 16.40 -19.72
C ILE B 382 57.94 17.84 -20.07
N ILE B 383 59.02 18.36 -19.47
CA ILE B 383 59.35 19.76 -19.71
C ILE B 383 59.82 19.97 -21.13
N TRP B 384 60.54 19.00 -21.70
CA TRP B 384 60.93 19.12 -23.10
C TRP B 384 59.70 19.27 -23.99
N LEU B 385 58.74 18.36 -23.83
CA LEU B 385 57.53 18.45 -24.64
C LEU B 385 56.82 19.77 -24.41
N LEU B 386 56.73 20.20 -23.15
CA LEU B 386 55.96 21.39 -22.83
C LEU B 386 56.54 22.61 -23.53
N ARG B 387 57.86 22.77 -23.48
CA ARG B 387 58.45 23.95 -24.09
C ARG B 387 58.53 23.85 -25.61
N HIS B 388 58.54 22.64 -26.18
CA HIS B 388 58.57 22.54 -27.63
C HIS B 388 57.20 22.66 -28.26
N ALA B 389 56.14 22.29 -27.54
CA ALA B 389 54.81 22.36 -28.10
C ALA B 389 54.43 23.80 -28.41
N ASP B 390 54.71 24.73 -27.49
CA ASP B 390 54.28 26.11 -27.68
C ASP B 390 55.05 26.78 -28.80
N ASN B 391 56.31 26.42 -28.99
CA ASN B 391 57.15 27.01 -30.01
C ASN B 391 57.25 26.09 -31.21
N MET B 392 57.59 26.69 -32.36
CA MET B 392 57.71 25.97 -33.62
C MET B 392 56.67 24.86 -33.76
N ASP B 399 54.27 15.74 -33.83
CA ASP B 399 54.47 14.80 -32.74
C ASP B 399 54.54 15.51 -31.40
N PHE B 400 53.95 16.71 -31.34
CA PHE B 400 53.97 17.52 -30.12
C PHE B 400 52.62 17.56 -29.43
N ILE B 401 51.75 16.60 -29.72
CA ILE B 401 50.53 16.38 -28.96
C ILE B 401 50.61 15.00 -28.36
N ASP B 402 50.58 14.92 -27.03
CA ASP B 402 50.59 13.65 -26.32
C ASP B 402 49.27 13.50 -25.59
N LYS B 403 48.50 12.49 -25.98
CA LYS B 403 47.19 12.26 -25.37
C LYS B 403 47.29 11.48 -24.07
N HIS B 404 48.43 10.87 -23.77
CA HIS B 404 48.59 10.03 -22.59
C HIS B 404 49.56 10.63 -21.57
N ILE B 405 49.75 11.94 -21.61
CA ILE B 405 50.69 12.57 -20.68
C ILE B 405 50.17 12.48 -19.25
N ALA B 406 48.85 12.44 -19.09
CA ALA B 406 48.27 12.35 -17.76
C ALA B 406 48.78 11.13 -17.02
N GLU B 407 48.99 10.03 -17.74
CA GLU B 407 49.47 8.80 -17.10
C GLU B 407 50.88 8.98 -16.55
N LEU B 408 51.76 9.59 -17.35
CA LEU B 408 53.10 9.87 -16.90
C LEU B 408 53.10 10.73 -15.65
N ILE B 409 52.32 11.82 -15.67
CA ILE B 409 52.29 12.71 -14.52
C ILE B 409 51.72 11.99 -13.31
N PHE B 410 50.70 11.17 -13.52
CA PHE B 410 50.07 10.47 -12.41
C PHE B 410 51.05 9.54 -11.74
N TYR B 411 51.85 8.80 -12.52
CA TYR B 411 52.75 7.86 -11.89
C TYR B 411 53.97 8.55 -11.28
N MET B 412 54.38 9.70 -11.81
CA MET B 412 55.34 10.52 -11.08
C MET B 412 54.79 10.90 -9.71
N GLU B 413 53.55 11.38 -9.68
CA GLU B 413 52.95 11.77 -8.40
C GLU B 413 52.86 10.58 -7.45
N GLU B 414 52.58 9.41 -7.99
CA GLU B 414 52.47 8.23 -7.12
C GLU B 414 53.82 7.84 -6.53
N LEU B 415 54.89 7.93 -7.33
CA LEU B 415 56.22 7.68 -6.78
C LEU B 415 56.54 8.68 -5.68
N ARG B 416 56.21 9.96 -5.90
CA ARG B 416 56.45 10.97 -4.88
C ARG B 416 55.70 10.64 -3.61
N ALA B 417 54.45 10.21 -3.73
CA ALA B 417 53.66 9.84 -2.57
C ALA B 417 54.28 8.66 -1.83
N HIS B 418 54.80 7.68 -2.57
CA HIS B 418 55.51 6.58 -1.94
C HIS B 418 56.67 7.08 -1.12
N VAL B 419 57.48 7.96 -1.72
CA VAL B 419 58.65 8.47 -1.01
C VAL B 419 58.22 9.20 0.25
N ARG B 420 57.11 9.92 0.19
CA ARG B 420 56.68 10.70 1.36
C ARG B 420 56.12 9.81 2.46
N LYS B 421 55.39 8.76 2.10
CA LYS B 421 54.78 7.92 3.13
C LYS B 421 55.78 6.99 3.79
N TYR B 422 56.75 6.49 3.03
CA TYR B 422 57.69 5.49 3.50
C TYR B 422 59.09 6.07 3.67
N GLY B 423 59.18 7.28 4.19
CA GLY B 423 60.45 7.91 4.44
C GLY B 423 61.27 7.20 5.49
N PRO B 424 60.65 6.82 6.61
CA PRO B 424 61.41 6.14 7.65
C PRO B 424 62.10 4.87 7.19
N VAL B 425 61.53 4.16 6.22
CA VAL B 425 62.17 2.96 5.70
C VAL B 425 63.53 3.30 5.10
N MET B 426 63.56 4.30 4.22
CA MET B 426 64.82 4.70 3.60
C MET B 426 65.76 5.28 4.64
N GLN B 427 65.22 6.03 5.60
CA GLN B 427 66.06 6.58 6.64
C GLN B 427 66.78 5.48 7.40
N ARG B 428 66.06 4.45 7.82
CA ARG B 428 66.69 3.34 8.52
C ARG B 428 67.71 2.67 7.63
N TYR B 429 67.33 2.34 6.40
CA TYR B 429 68.24 1.59 5.53
C TYR B 429 69.55 2.34 5.37
N TYR B 430 69.50 3.64 5.14
CA TYR B 430 70.72 4.36 4.82
C TYR B 430 71.47 4.85 6.04
N VAL B 431 70.81 5.02 7.19
CA VAL B 431 71.56 5.21 8.43
C VAL B 431 72.39 3.97 8.72
N GLN B 432 71.77 2.78 8.59
CA GLN B 432 72.54 1.57 8.77
C GLN B 432 73.65 1.46 7.74
N TYR B 433 73.34 1.78 6.48
CA TYR B 433 74.35 1.69 5.43
C TYR B 433 75.56 2.54 5.79
N LEU B 434 75.33 3.82 6.10
CA LEU B 434 76.42 4.71 6.45
C LEU B 434 77.19 4.12 7.61
N SER B 435 76.54 4.04 8.78
CA SER B 435 77.24 3.75 10.02
C SER B 435 77.85 2.36 10.05
N GLY B 436 77.45 1.46 9.16
CA GLY B 436 78.07 0.15 9.11
C GLY B 436 79.15 0.02 8.06
N PHE B 437 78.82 0.33 6.82
CA PHE B 437 79.69 0.03 5.70
C PHE B 437 80.55 1.22 5.31
N ASP B 438 79.94 2.41 5.23
CA ASP B 438 80.68 3.55 4.71
C ASP B 438 81.72 4.02 5.71
N ALA B 439 81.41 3.99 6.99
CA ALA B 439 82.40 4.35 8.00
C ALA B 439 83.63 3.47 7.87
N VAL B 440 83.41 2.15 7.75
CA VAL B 440 84.53 1.22 7.68
C VAL B 440 85.36 1.47 6.43
N VAL B 441 84.71 1.56 5.27
CA VAL B 441 85.47 1.69 4.04
C VAL B 441 86.20 3.03 3.98
N LEU B 442 85.54 4.10 4.44
CA LEU B 442 86.18 5.41 4.40
C LEU B 442 87.34 5.49 5.37
N ASN B 443 87.21 4.90 6.56
CA ASN B 443 88.33 4.90 7.49
C ASN B 443 89.48 4.09 6.93
N GLU B 444 89.18 2.97 6.26
CA GLU B 444 90.23 2.19 5.62
C GLU B 444 90.96 3.02 4.58
N LEU B 445 90.22 3.75 3.75
CA LEU B 445 90.87 4.55 2.71
C LEU B 445 91.65 5.71 3.30
N VAL B 446 91.11 6.36 4.34
CA VAL B 446 91.78 7.53 4.91
C VAL B 446 93.06 7.14 5.61
N GLN B 447 93.01 6.07 6.42
CA GLN B 447 94.23 5.63 7.10
C GLN B 447 95.31 5.23 6.12
N ASN B 448 94.95 4.95 4.88
CA ASN B 448 95.91 4.56 3.85
C ASN B 448 96.50 5.76 3.14
N LEU B 449 96.13 6.97 3.50
CA LEU B 449 96.75 8.16 2.93
C LEU B 449 98.11 8.38 3.56
N SER B 450 99.00 9.00 2.78
CA SER B 450 100.39 9.14 3.18
C SER B 450 100.66 10.45 3.90
N VAL B 451 100.33 11.58 3.29
CA VAL B 451 100.56 12.89 3.87
C VAL B 451 99.35 13.76 3.60
N CYS B 452 98.93 14.52 4.62
CA CYS B 452 97.77 15.38 4.52
C CYS B 452 97.97 16.58 5.42
N PRO B 453 97.57 17.78 5.01
CA PRO B 453 97.67 18.93 5.91
C PRO B 453 96.70 18.82 7.07
N GLU B 454 96.66 19.86 7.91
CA GLU B 454 95.86 19.82 9.13
C GLU B 454 94.37 19.89 8.81
N ASP B 455 93.97 20.83 7.95
CA ASP B 455 92.53 21.04 7.74
C ASP B 455 91.89 19.89 6.99
N GLU B 456 92.57 19.36 5.97
CA GLU B 456 92.02 18.20 5.27
C GLU B 456 91.85 17.03 6.22
N SER B 457 92.86 16.79 7.07
CA SER B 457 92.76 15.70 8.03
C SER B 457 91.61 15.91 8.98
N ILE B 458 91.43 17.14 9.46
CA ILE B 458 90.33 17.41 10.38
C ILE B 458 89.00 17.16 9.71
N ILE B 459 88.86 17.57 8.44
CA ILE B 459 87.60 17.38 7.73
C ILE B 459 87.29 15.91 7.57
N MET B 460 88.27 15.12 7.14
CA MET B 460 88.02 13.69 6.91
C MET B 460 87.74 12.97 8.23
N SER B 461 88.47 13.33 9.28
CA SER B 461 88.19 12.76 10.59
C SER B 461 86.77 13.10 11.03
N SER B 462 86.33 14.33 10.74
CA SER B 462 84.96 14.70 11.09
C SER B 462 83.96 13.86 10.31
N PHE B 463 84.22 13.62 9.03
CA PHE B 463 83.36 12.73 8.26
C PHE B 463 83.20 11.39 8.96
N VAL B 464 84.33 10.76 9.29
CA VAL B 464 84.28 9.44 9.89
C VAL B 464 83.55 9.49 11.23
N ASN B 465 83.88 10.48 12.07
CA ASN B 465 83.33 10.51 13.42
C ASN B 465 81.83 10.76 13.40
N THR B 466 81.35 11.63 12.52
CA THR B 466 79.92 11.86 12.44
C THR B 466 79.20 10.65 11.87
N MET B 467 79.83 9.94 10.93
CA MET B 467 79.20 8.75 10.37
C MET B 467 79.08 7.65 11.41
N THR B 468 80.10 7.45 12.24
CA THR B 468 80.07 6.34 13.18
C THR B 468 79.17 6.59 14.39
N SER B 469 78.71 7.82 14.60
CA SER B 469 77.87 8.12 15.75
C SER B 469 76.38 7.93 15.46
N LEU B 470 76.02 7.61 14.22
CA LEU B 470 74.62 7.39 13.88
C LEU B 470 74.15 6.05 14.45
N SER B 471 72.84 5.94 14.63
CA SER B 471 72.24 4.71 15.12
C SER B 471 70.79 4.69 14.69
N VAL B 472 70.27 3.48 14.46
CA VAL B 472 68.88 3.36 14.05
C VAL B 472 67.95 3.84 15.16
N LYS B 473 68.32 3.56 16.42
CA LYS B 473 67.51 4.01 17.54
C LYS B 473 67.10 5.47 17.39
N GLN B 474 67.98 6.29 16.80
CA GLN B 474 67.63 7.68 16.57
C GLN B 474 66.45 7.79 15.62
N VAL B 475 66.43 6.98 14.57
CA VAL B 475 65.31 6.99 13.64
C VAL B 475 64.04 6.53 14.32
N GLU B 476 64.12 5.44 15.11
CA GLU B 476 62.91 4.98 15.80
C GLU B 476 62.37 6.04 16.75
N ASP B 477 63.24 6.70 17.50
CA ASP B 477 62.77 7.75 18.40
C ASP B 477 62.12 8.88 17.61
N GLY B 478 62.73 9.29 16.50
CA GLY B 478 62.15 10.31 15.66
C GLY B 478 63.01 11.56 15.55
N GLU B 479 64.32 11.41 15.72
CA GLU B 479 65.21 12.55 15.64
C GLU B 479 65.22 13.15 14.24
N VAL B 480 65.49 14.44 14.17
CA VAL B 480 65.67 15.14 12.90
C VAL B 480 67.16 15.34 12.68
N PHE B 481 67.69 14.74 11.62
CA PHE B 481 69.10 14.78 11.34
C PHE B 481 69.46 16.04 10.58
N ASP B 482 70.76 16.32 10.48
CA ASP B 482 71.24 17.54 9.84
C ASP B 482 72.64 17.30 9.33
N PHE B 483 72.81 17.20 8.01
CA PHE B 483 74.11 16.96 7.40
C PHE B 483 74.51 18.08 6.45
N ARG B 484 73.93 19.27 6.61
CA ARG B 484 74.36 20.39 5.79
C ARG B 484 75.83 20.69 6.02
N GLY B 485 76.26 20.64 7.28
CA GLY B 485 77.67 20.85 7.57
C GLY B 485 78.56 19.84 6.90
N MET B 486 78.19 18.57 6.94
CA MET B 486 79.01 17.53 6.33
C MET B 486 79.08 17.69 4.81
N ARG B 487 77.95 17.98 4.18
CA ARG B 487 77.95 18.16 2.73
C ARG B 487 78.80 19.38 2.35
N LEU B 488 78.62 20.47 3.06
CA LEU B 488 79.41 21.67 2.76
C LEU B 488 80.88 21.45 3.05
N ASP B 489 81.21 20.59 4.01
CA ASP B 489 82.61 20.28 4.28
C ASP B 489 83.22 19.43 3.18
N TRP B 490 82.47 18.48 2.65
CA TRP B 490 82.97 17.74 1.49
C TRP B 490 83.21 18.68 0.32
N PHE B 491 82.31 19.64 0.13
CA PHE B 491 82.48 20.62 -0.94
C PHE B 491 83.71 21.50 -0.69
N ARG B 492 83.92 21.90 0.56
CA ARG B 492 85.12 22.66 0.93
C ARG B 492 86.38 21.86 0.62
N LEU B 493 86.40 20.57 1.01
CA LEU B 493 87.59 19.76 0.80
C LEU B 493 87.84 19.54 -0.68
N GLN B 494 86.77 19.39 -1.47
CA GLN B 494 86.93 19.39 -2.92
C GLN B 494 87.67 20.62 -3.37
N ALA B 495 87.26 21.78 -2.86
CA ALA B 495 87.93 23.02 -3.24
C ALA B 495 89.40 23.00 -2.82
N TYR B 496 89.68 22.53 -1.61
CA TYR B 496 91.06 22.54 -1.12
C TYR B 496 91.95 21.66 -1.96
N THR B 497 91.49 20.46 -2.31
CA THR B 497 92.34 19.49 -2.98
C THR B 497 92.34 19.63 -4.50
N SER B 498 91.39 20.36 -5.07
CA SER B 498 91.30 20.44 -6.52
C SER B 498 92.16 21.54 -7.12
N VAL B 499 92.74 22.40 -6.30
CA VAL B 499 93.55 23.51 -6.81
C VAL B 499 94.95 23.02 -7.12
N SER B 500 95.54 23.55 -8.19
CA SER B 500 96.92 23.21 -8.50
C SER B 500 97.83 23.64 -7.35
N LYS B 501 98.94 22.91 -7.20
CA LYS B 501 99.85 23.14 -6.08
C LYS B 501 99.15 22.89 -4.75
N ALA B 502 98.61 21.69 -4.61
CA ALA B 502 97.99 21.24 -3.38
C ALA B 502 98.68 19.95 -2.94
N SER B 503 98.92 19.83 -1.64
CA SER B 503 99.60 18.65 -1.13
C SER B 503 98.82 17.38 -1.43
N LEU B 504 97.54 17.36 -1.07
CA LEU B 504 96.68 16.18 -1.27
C LEU B 504 95.87 16.36 -2.54
N GLY B 505 96.56 16.34 -3.67
CA GLY B 505 95.91 16.49 -4.96
C GLY B 505 94.85 15.43 -5.19
N LEU B 506 93.69 15.85 -5.69
CA LEU B 506 92.57 14.93 -5.88
C LEU B 506 92.58 14.27 -7.24
N ALA B 507 93.33 14.80 -8.21
CA ALA B 507 93.47 14.09 -9.48
C ALA B 507 94.22 12.78 -9.31
N ASP B 508 94.86 12.57 -8.18
CA ASP B 508 95.59 11.34 -7.90
C ASP B 508 94.89 10.46 -6.86
N HIS B 509 93.69 10.84 -6.43
CA HIS B 509 92.94 10.08 -5.43
C HIS B 509 91.48 10.00 -5.85
N ARG B 510 91.24 9.65 -7.12
CA ARG B 510 89.89 9.67 -7.65
C ARG B 510 88.95 8.76 -6.87
N GLU B 511 89.46 7.63 -6.37
CA GLU B 511 88.60 6.71 -5.64
C GLU B 511 88.00 7.37 -4.41
N LEU B 512 88.75 8.25 -3.76
CA LEU B 512 88.20 8.98 -2.61
C LEU B 512 87.05 9.86 -3.03
N GLY B 513 87.20 10.56 -4.16
CA GLY B 513 86.12 11.39 -4.65
C GLY B 513 84.87 10.59 -4.94
N LYS B 514 85.02 9.45 -5.60
CA LYS B 514 83.86 8.64 -5.92
C LYS B 514 83.20 8.11 -4.66
N MET B 515 83.99 7.63 -3.71
CA MET B 515 83.42 7.12 -2.47
C MET B 515 82.67 8.21 -1.74
N MET B 516 83.21 9.42 -1.72
CA MET B 516 82.53 10.50 -1.01
C MET B 516 81.28 10.95 -1.74
N ASN B 517 81.25 10.88 -3.06
CA ASN B 517 80.00 11.17 -3.76
C ASN B 517 78.91 10.17 -3.34
N THR B 518 79.26 8.89 -3.27
CA THR B 518 78.28 7.91 -2.83
C THR B 518 77.84 8.18 -1.39
N ILE B 519 78.79 8.51 -0.52
CA ILE B 519 78.46 8.79 0.87
C ILE B 519 77.52 9.99 0.97
N ILE B 520 77.76 11.02 0.16
CA ILE B 520 76.91 12.20 0.21
C ILE B 520 75.51 11.86 -0.27
N PHE B 521 75.39 11.00 -1.27
CA PHE B 521 74.07 10.54 -1.67
C PHE B 521 73.36 9.87 -0.51
N HIS B 522 74.07 9.04 0.24
CA HIS B 522 73.44 8.37 1.39
C HIS B 522 73.00 9.38 2.44
N THR B 523 73.84 10.38 2.72
CA THR B 523 73.46 11.40 3.70
C THR B 523 72.20 12.12 3.25
N LYS B 524 72.11 12.43 1.95
CA LYS B 524 70.87 13.02 1.44
C LYS B 524 69.69 12.10 1.69
N MET B 525 69.83 10.82 1.37
CA MET B 525 68.71 9.91 1.56
C MET B 525 68.28 9.83 3.01
N VAL B 526 69.16 10.14 3.95
CA VAL B 526 68.74 10.14 5.34
C VAL B 526 67.87 11.35 5.65
N ASP B 527 68.42 12.56 5.50
CA ASP B 527 67.76 13.72 6.11
C ASP B 527 67.22 14.72 5.08
N SER B 528 67.49 14.54 3.80
CA SER B 528 67.19 15.53 2.78
C SER B 528 66.25 14.98 1.71
N LEU B 529 65.20 14.29 2.11
CA LEU B 529 64.35 13.58 1.15
C LEU B 529 63.47 14.54 0.37
N VAL B 530 62.85 15.52 1.05
CA VAL B 530 61.96 16.43 0.36
C VAL B 530 62.72 17.35 -0.59
N GLU B 531 63.93 17.76 -0.20
CA GLU B 531 64.76 18.52 -1.12
C GLU B 531 65.05 17.71 -2.37
N MET B 532 65.33 16.42 -2.21
CA MET B 532 65.55 15.56 -3.37
C MET B 532 64.30 15.48 -4.25
N LEU B 533 63.14 15.36 -3.62
CA LEU B 533 61.89 15.32 -4.39
C LEU B 533 61.74 16.58 -5.22
N VAL B 534 61.96 17.74 -4.61
CA VAL B 534 61.88 18.99 -5.35
C VAL B 534 62.95 19.07 -6.43
N GLU B 535 64.12 18.51 -6.16
CA GLU B 535 65.23 18.63 -7.10
C GLU B 535 65.01 17.79 -8.34
N THR B 536 64.38 16.62 -8.21
CA THR B 536 64.25 15.70 -9.33
C THR B 536 62.89 15.73 -10.00
N SER B 537 61.83 16.03 -9.27
CA SER B 537 60.47 15.85 -9.75
C SER B 537 59.62 17.07 -9.46
N ASP B 538 60.14 18.26 -9.77
CA ASP B 538 59.39 19.49 -9.60
C ASP B 538 58.84 19.93 -10.95
N LEU B 539 57.52 20.09 -11.02
CA LEU B 539 56.83 20.51 -12.23
C LEU B 539 56.06 21.79 -11.98
N SER B 540 56.69 22.73 -11.27
CA SER B 540 56.09 24.04 -11.06
C SER B 540 56.11 24.90 -12.31
N ILE B 541 56.78 24.44 -13.38
CA ILE B 541 56.82 25.20 -14.62
C ILE B 541 55.45 25.29 -15.26
N PHE B 542 54.49 24.48 -14.82
CA PHE B 542 53.15 24.56 -15.36
C PHE B 542 52.41 25.80 -14.90
N CYS B 543 52.94 26.52 -13.91
CA CYS B 543 52.34 27.79 -13.51
C CYS B 543 52.51 28.86 -14.57
N PHE B 544 53.45 28.67 -15.49
CA PHE B 544 53.72 29.63 -16.55
C PHE B 544 53.39 29.07 -17.93
N TYR B 545 52.65 27.97 -17.98
CA TYR B 545 52.10 27.38 -19.19
C TYR B 545 50.63 27.06 -18.96
N SER B 546 49.89 28.01 -18.41
CA SER B 546 48.54 27.72 -17.94
C SER B 546 47.64 27.29 -19.08
N ARG B 547 47.74 27.94 -20.24
CA ARG B 547 46.88 27.58 -21.35
C ARG B 547 47.05 26.12 -21.75
N ALA B 548 48.30 25.71 -21.99
CA ALA B 548 48.55 24.32 -22.36
C ALA B 548 48.20 23.37 -21.23
N PHE B 549 48.37 23.82 -19.99
CA PHE B 549 48.04 22.99 -18.84
C PHE B 549 46.55 22.66 -18.80
N GLU B 550 45.71 23.67 -19.03
CA GLU B 550 44.27 23.42 -19.06
C GLU B 550 43.86 22.67 -20.31
N LYS B 551 44.52 22.91 -21.44
CA LYS B 551 44.23 22.14 -22.63
C LYS B 551 44.50 20.66 -22.39
N MET B 552 45.61 20.35 -21.71
CA MET B 552 45.91 18.96 -21.38
C MET B 552 44.86 18.39 -20.45
N PHE B 553 44.41 19.15 -19.46
CA PHE B 553 43.37 18.65 -18.58
C PHE B 553 42.11 18.29 -19.37
N GLN B 554 41.70 19.17 -20.28
CA GLN B 554 40.50 18.91 -21.07
C GLN B 554 40.67 17.67 -21.93
N GLN B 555 41.82 17.56 -22.60
CA GLN B 555 42.04 16.40 -23.46
C GLN B 555 42.06 15.12 -22.65
N CYS B 556 42.55 15.17 -21.41
CA CYS B 556 42.52 13.99 -20.55
C CYS B 556 41.08 13.62 -20.22
N LEU B 557 40.26 14.61 -19.86
CA LEU B 557 38.88 14.30 -19.52
C LEU B 557 38.10 13.75 -20.70
N GLU B 558 38.43 14.18 -21.92
CA GLU B 558 37.68 13.70 -23.08
C GLU B 558 37.78 12.18 -23.20
N LEU B 559 38.99 11.65 -23.19
CA LEU B 559 39.16 10.21 -23.34
C LEU B 559 38.68 9.49 -22.08
N PRO B 560 37.98 8.36 -22.21
CA PRO B 560 37.55 7.66 -20.99
C PRO B 560 38.68 6.92 -20.31
N SER B 561 39.56 6.27 -21.08
CA SER B 561 40.65 5.51 -20.47
C SER B 561 41.61 6.43 -19.72
N GLN B 562 41.92 7.58 -20.29
CA GLN B 562 42.85 8.51 -19.67
C GLN B 562 42.23 9.28 -18.52
N SER B 563 40.90 9.35 -18.45
CA SER B 563 40.26 10.05 -17.35
C SER B 563 40.53 9.37 -16.01
N ARG B 564 41.09 8.17 -16.04
CA ARG B 564 41.56 7.52 -14.81
C ARG B 564 42.61 8.36 -14.09
N TYR B 565 43.30 9.24 -14.81
CA TYR B 565 44.45 9.97 -14.29
C TYR B 565 44.18 11.47 -14.23
N SER B 566 42.92 11.87 -14.10
CA SER B 566 42.61 13.29 -14.03
C SER B 566 43.07 13.91 -12.73
N ILE B 567 43.14 13.12 -11.66
CA ILE B 567 43.53 13.64 -10.36
C ILE B 567 44.94 14.19 -10.38
N ALA B 568 45.75 13.82 -11.37
CA ALA B 568 47.13 14.27 -11.41
C ALA B 568 47.20 15.78 -11.52
N PHE B 569 46.38 16.37 -12.37
CA PHE B 569 46.48 17.81 -12.63
C PHE B 569 46.25 18.64 -11.38
N PRO B 570 45.18 18.47 -10.62
CA PRO B 570 45.06 19.21 -9.36
C PRO B 570 46.17 18.91 -8.38
N LEU B 571 46.83 17.75 -8.49
CA LEU B 571 47.95 17.45 -7.62
C LEU B 571 49.23 18.16 -8.06
N LEU B 572 49.27 18.65 -9.30
CA LEU B 572 50.40 19.45 -9.72
C LEU B 572 50.37 20.84 -9.11
N CYS B 573 49.19 21.34 -8.73
CA CYS B 573 49.09 22.67 -8.17
C CYS B 573 49.79 22.79 -6.83
N THR B 574 50.16 21.69 -6.20
CA THR B 574 50.95 21.75 -4.98
C THR B 574 52.42 22.04 -5.26
N HIS B 575 52.86 21.94 -6.50
CA HIS B 575 54.25 22.22 -6.86
C HIS B 575 54.51 23.70 -7.07
N PHE B 576 53.48 24.52 -7.20
CA PHE B 576 53.67 25.87 -7.70
C PHE B 576 54.48 26.73 -6.74
N MET B 577 54.30 26.53 -5.43
CA MET B 577 55.00 27.39 -4.48
C MET B 577 56.50 27.17 -4.47
N SER B 578 56.99 26.13 -5.16
CA SER B 578 58.42 25.87 -5.17
C SER B 578 59.17 26.74 -6.17
N CYS B 579 58.47 27.49 -7.02
CA CYS B 579 59.12 28.27 -8.05
C CYS B 579 59.44 29.69 -7.61
N THR B 580 59.15 30.05 -6.36
CA THR B 580 59.41 31.39 -5.87
C THR B 580 60.82 31.48 -5.30
N HIS B 581 61.15 32.65 -4.74
CA HIS B 581 62.47 32.89 -4.17
C HIS B 581 62.33 33.91 -3.06
N GLU B 582 63.39 34.03 -2.26
CA GLU B 582 63.41 35.03 -1.20
C GLU B 582 63.69 36.43 -1.74
N LEU B 583 64.40 36.55 -2.85
CA LEU B 583 64.76 37.84 -3.40
C LEU B 583 63.68 38.43 -4.28
N CYS B 584 62.45 37.94 -4.17
CA CYS B 584 61.36 38.49 -4.94
C CYS B 584 60.04 38.12 -4.29
N PRO B 585 59.76 38.63 -3.09
CA PRO B 585 58.55 38.26 -2.38
C PRO B 585 57.29 38.94 -2.92
N GLU B 586 57.40 39.75 -3.96
CA GLU B 586 56.21 40.37 -4.52
C GLU B 586 55.30 39.34 -5.18
N GLU B 587 55.88 38.56 -6.09
CA GLU B 587 55.11 37.59 -6.86
C GLU B 587 54.64 36.36 -6.12
N ARG B 588 55.06 36.18 -4.87
CA ARG B 588 54.66 35.00 -4.15
C ARG B 588 53.16 34.94 -4.00
N HIS B 589 52.55 36.05 -3.60
CA HIS B 589 51.10 36.08 -3.43
C HIS B 589 50.39 35.84 -4.74
N HIS B 590 50.90 36.43 -5.82
CA HIS B 590 50.27 36.26 -7.11
C HIS B 590 50.29 34.79 -7.50
N ILE B 591 51.42 34.14 -7.30
CA ILE B 591 51.55 32.72 -7.64
C ILE B 591 50.62 31.88 -6.79
N GLY B 592 50.51 32.23 -5.51
CA GLY B 592 49.65 31.52 -4.59
C GLY B 592 48.20 31.62 -5.00
N ASP B 593 47.78 32.79 -5.47
CA ASP B 593 46.40 32.99 -5.87
C ASP B 593 46.03 32.18 -7.11
N ARG B 594 46.96 32.10 -8.06
CA ARG B 594 46.73 31.34 -9.29
C ARG B 594 46.63 29.85 -9.00
N SER B 595 47.47 29.33 -8.11
CA SER B 595 47.41 27.92 -7.79
C SER B 595 46.07 27.55 -7.19
N LEU B 596 45.60 28.35 -6.24
CA LEU B 596 44.31 28.07 -5.61
C LEU B 596 43.20 28.04 -6.66
N SER B 597 43.16 29.04 -7.53
CA SER B 597 42.09 29.11 -8.51
C SER B 597 42.15 27.91 -9.45
N LEU B 598 43.34 27.53 -9.90
CA LEU B 598 43.46 26.42 -10.84
C LEU B 598 43.02 25.10 -10.19
N CYS B 599 43.43 24.85 -8.96
CA CYS B 599 43.03 23.63 -8.29
C CYS B 599 41.51 23.57 -8.15
N ASN B 600 40.90 24.68 -7.73
CA ASN B 600 39.45 24.70 -7.60
C ASN B 600 38.77 24.40 -8.93
N MET B 601 39.25 25.02 -10.01
CA MET B 601 38.62 24.81 -11.31
C MET B 601 38.73 23.36 -11.75
N PHE B 602 39.90 22.74 -11.56
CA PHE B 602 40.08 21.35 -11.96
C PHE B 602 39.11 20.45 -11.22
N LEU B 603 39.06 20.57 -9.89
CA LEU B 603 38.18 19.68 -9.13
C LEU B 603 36.73 19.90 -9.53
N ASP B 604 36.35 21.14 -9.79
CA ASP B 604 34.98 21.42 -10.20
C ASP B 604 34.64 20.75 -11.52
N GLU B 605 35.54 20.83 -12.50
CA GLU B 605 35.27 20.20 -13.79
C GLU B 605 35.16 18.69 -13.65
N MET B 606 36.01 18.10 -12.81
CA MET B 606 35.94 16.65 -12.60
C MET B 606 34.57 16.26 -12.05
N ALA B 607 34.12 16.97 -11.01
CA ALA B 607 32.80 16.66 -10.46
C ALA B 607 31.72 16.87 -11.51
N LYS B 608 31.90 17.83 -12.42
CA LYS B 608 30.89 18.08 -13.43
C LYS B 608 30.75 16.92 -14.40
N GLN B 609 31.85 16.39 -14.92
CA GLN B 609 31.65 15.23 -15.79
C GLN B 609 31.18 14.02 -15.00
N ALA B 610 31.54 13.90 -13.73
CA ALA B 610 30.97 12.83 -12.93
C ALA B 610 29.45 12.89 -12.96
N ARG B 611 28.89 14.08 -12.66
CA ARG B 611 27.43 14.18 -12.63
C ARG B 611 26.84 13.98 -14.01
N ASN B 612 27.51 14.44 -15.06
CA ASN B 612 26.96 14.27 -16.41
C ASN B 612 26.85 12.80 -16.76
N LEU B 613 27.90 12.02 -16.47
CA LEU B 613 27.84 10.60 -16.74
C LEU B 613 26.76 9.93 -15.93
N ILE B 614 26.64 10.31 -14.66
CA ILE B 614 25.59 9.71 -13.83
C ILE B 614 24.21 10.04 -14.41
N THR B 615 24.05 11.25 -14.94
CA THR B 615 22.76 11.65 -15.48
C THR B 615 22.40 10.84 -16.72
N ASP B 616 23.38 10.62 -17.61
CA ASP B 616 23.11 9.80 -18.78
C ASP B 616 22.76 8.36 -18.37
N ILE B 617 23.47 7.83 -17.39
CA ILE B 617 23.17 6.47 -16.93
C ILE B 617 21.77 6.42 -16.35
N CYS B 618 21.37 7.44 -15.60
CA CYS B 618 20.04 7.45 -15.02
C CYS B 618 18.96 7.54 -16.09
N THR B 619 19.22 8.29 -17.16
CA THR B 619 18.28 8.32 -18.28
C THR B 619 18.12 6.92 -18.88
N GLU B 620 19.24 6.24 -19.13
CA GLU B 620 19.17 4.89 -19.69
C GLU B 620 18.40 3.95 -18.77
N GLN B 621 18.67 4.03 -17.47
CA GLN B 621 18.00 3.14 -16.54
C GLN B 621 16.52 3.46 -16.42
N CYS B 622 16.14 4.73 -16.52
CA CYS B 622 14.71 5.06 -16.53
C CYS B 622 14.03 4.49 -17.76
N THR B 623 14.68 4.59 -18.93
CA THR B 623 14.11 3.97 -20.11
C THR B 623 13.97 2.46 -19.93
N LEU B 624 14.96 1.82 -19.33
CA LEU B 624 14.87 0.39 -19.10
C LEU B 624 13.75 0.04 -18.14
N SER B 625 13.57 0.84 -17.10
CA SER B 625 12.62 0.52 -16.04
C SER B 625 11.20 0.92 -16.37
N ASP B 626 10.97 1.74 -17.39
CA ASP B 626 9.62 2.04 -17.81
C ASP B 626 9.07 1.02 -18.80
N GLN B 627 9.90 0.11 -19.30
CA GLN B 627 9.41 -0.95 -20.16
C GLN B 627 8.75 -2.07 -19.38
N LEU B 628 8.81 -2.02 -18.06
CA LEU B 628 8.16 -3.01 -17.22
C LEU B 628 6.79 -2.55 -16.74
N LEU B 629 6.32 -1.40 -17.20
CA LEU B 629 5.05 -0.88 -16.73
C LEU B 629 3.91 -1.72 -17.30
N PRO B 630 2.79 -1.82 -16.59
CA PRO B 630 1.69 -2.64 -17.07
C PRO B 630 1.12 -2.18 -18.40
N LYS B 631 1.33 -0.92 -18.78
CA LYS B 631 0.69 -0.39 -19.97
C LYS B 631 1.20 -1.04 -21.25
N HIS B 632 2.29 -1.80 -21.18
CA HIS B 632 2.89 -2.40 -22.36
C HIS B 632 2.38 -3.81 -22.63
N CYS B 633 1.44 -4.31 -21.82
CA CYS B 633 0.92 -5.66 -21.96
C CYS B 633 -0.48 -5.69 -22.58
N ALA B 634 -0.86 -4.64 -23.31
CA ALA B 634 -2.17 -4.62 -23.93
C ALA B 634 -2.25 -5.62 -25.08
N LYS B 635 -1.22 -5.65 -25.93
CA LYS B 635 -1.25 -6.53 -27.08
C LYS B 635 -1.34 -7.99 -26.65
N THR B 636 -0.59 -8.37 -25.62
CA THR B 636 -0.61 -9.76 -25.18
C THR B 636 -1.99 -10.17 -24.69
N ILE B 637 -2.63 -9.32 -23.89
CA ILE B 637 -3.95 -9.66 -23.37
C ILE B 637 -4.97 -9.71 -24.50
N SER B 638 -4.91 -8.75 -25.41
CA SER B 638 -5.83 -8.76 -26.54
C SER B 638 -5.65 -10.02 -27.38
N GLN B 639 -4.41 -10.41 -27.64
CA GLN B 639 -4.16 -11.62 -28.41
C GLN B 639 -4.68 -12.85 -27.69
N ALA B 640 -4.44 -12.92 -26.38
CA ALA B 640 -4.87 -14.09 -25.61
C ALA B 640 -6.39 -14.21 -25.62
N VAL B 641 -7.10 -13.08 -25.52
CA VAL B 641 -8.55 -13.12 -25.48
C VAL B 641 -9.14 -13.38 -26.86
N ASN B 642 -8.87 -12.48 -27.80
CA ASN B 642 -9.52 -12.55 -29.10
C ASN B 642 -9.17 -13.84 -29.83
N LYS B 643 -7.90 -14.04 -30.13
CA LYS B 643 -7.46 -15.22 -30.87
C LYS B 643 -7.88 -16.51 -30.17
N GLU B 658 13.04 -7.23 -27.77
CA GLU B 658 11.70 -6.77 -27.45
C GLU B 658 11.37 -7.05 -25.99
N LYS B 659 11.33 -8.31 -25.62
CA LYS B 659 10.96 -8.67 -24.25
C LYS B 659 12.08 -8.25 -23.30
N PRO B 660 11.74 -7.81 -22.09
CA PRO B 660 12.78 -7.35 -21.17
C PRO B 660 13.79 -8.45 -20.85
N GLY B 661 15.01 -8.03 -20.55
CA GLY B 661 16.08 -8.95 -20.26
C GLY B 661 16.89 -9.38 -21.47
N VAL B 662 16.46 -9.00 -22.68
CA VAL B 662 17.23 -9.34 -23.88
C VAL B 662 18.37 -8.36 -24.11
N GLU B 663 18.29 -7.16 -23.55
CA GLU B 663 19.37 -6.20 -23.68
C GLU B 663 20.57 -6.58 -22.84
N SER B 664 20.38 -7.41 -21.82
CA SER B 664 21.46 -7.79 -20.91
C SER B 664 22.10 -9.11 -21.27
N MET B 665 21.72 -9.72 -22.39
CA MET B 665 22.31 -10.97 -22.84
C MET B 665 23.55 -10.67 -23.65
N ARG B 666 24.72 -10.93 -23.08
CA ARG B 666 26.00 -10.71 -23.74
C ARG B 666 26.34 -11.93 -24.57
N LYS B 667 26.21 -11.82 -25.89
CA LYS B 667 26.74 -12.87 -26.75
C LYS B 667 28.26 -12.79 -26.79
N ASN B 668 28.79 -11.59 -26.96
CA ASN B 668 30.23 -11.37 -27.00
C ASN B 668 30.52 -10.01 -26.37
N ARG B 669 31.74 -9.84 -25.90
CA ARG B 669 32.13 -8.61 -25.23
C ARG B 669 32.73 -7.59 -26.16
N LEU B 670 32.89 -7.90 -27.45
CA LEU B 670 33.43 -6.94 -28.38
C LEU B 670 32.38 -5.99 -28.93
N VAL B 671 31.11 -6.24 -28.65
CA VAL B 671 30.03 -5.33 -29.01
C VAL B 671 29.71 -4.48 -27.79
N VAL B 672 29.83 -3.17 -27.93
CA VAL B 672 29.69 -2.24 -26.82
C VAL B 672 28.40 -1.46 -26.98
N THR B 673 27.56 -1.50 -25.96
CA THR B 673 26.32 -0.74 -25.91
C THR B 673 26.58 0.62 -25.26
N ASN B 674 25.63 1.53 -25.41
CA ASN B 674 25.81 2.85 -24.84
C ASN B 674 25.93 2.78 -23.33
N LEU B 675 25.11 1.94 -22.70
CA LEU B 675 25.11 1.85 -21.26
C LEU B 675 26.47 1.41 -20.73
N ASP B 676 27.14 0.49 -21.42
CA ASP B 676 28.44 0.03 -20.93
C ASP B 676 29.54 1.03 -21.17
N LYS B 677 29.49 1.80 -22.26
CA LYS B 677 30.42 2.91 -22.40
C LYS B 677 30.26 3.90 -21.26
N LEU B 678 29.02 4.26 -20.95
CA LEU B 678 28.79 5.17 -19.83
C LEU B 678 29.30 4.59 -18.54
N HIS B 679 29.06 3.30 -18.32
CA HIS B 679 29.51 2.63 -17.10
C HIS B 679 31.02 2.67 -16.98
N THR B 680 31.72 2.33 -18.06
CA THR B 680 33.17 2.34 -18.04
C THR B 680 33.70 3.73 -17.75
N ALA B 681 33.15 4.74 -18.43
CA ALA B 681 33.63 6.09 -18.20
C ALA B 681 33.40 6.52 -16.76
N LEU B 682 32.23 6.22 -16.21
CA LEU B 682 31.94 6.64 -14.85
C LEU B 682 32.87 5.99 -13.85
N SER B 683 33.04 4.67 -13.95
CA SER B 683 33.93 3.99 -13.00
C SER B 683 35.36 4.47 -13.15
N GLU B 684 35.78 4.71 -14.39
CA GLU B 684 37.17 5.10 -14.64
C GLU B 684 37.45 6.47 -14.02
N LEU B 685 36.50 7.40 -14.13
CA LEU B 685 36.69 8.71 -13.52
C LEU B 685 36.55 8.65 -12.01
N CYS B 686 35.59 7.86 -11.50
CA CYS B 686 35.44 7.74 -10.06
C CYS B 686 36.67 7.14 -9.40
N PHE B 687 37.47 6.38 -10.14
CA PHE B 687 38.74 5.92 -9.59
C PHE B 687 39.61 7.10 -9.20
N SER B 688 39.71 8.09 -10.09
CA SER B 688 40.57 9.24 -9.83
C SER B 688 39.97 10.16 -8.78
N ILE B 689 38.66 10.38 -8.82
CA ILE B 689 38.05 11.24 -7.82
C ILE B 689 38.28 10.71 -6.42
N ASN B 690 38.56 9.41 -6.28
CA ASN B 690 38.70 8.77 -4.99
C ASN B 690 40.16 8.49 -4.62
N TYR B 691 41.11 8.99 -5.40
CA TYR B 691 42.50 8.56 -5.23
C TYR B 691 43.06 8.98 -3.87
N VAL B 692 42.94 10.26 -3.51
CA VAL B 692 43.49 10.77 -2.27
C VAL B 692 42.40 11.45 -1.47
N PRO B 693 42.39 11.34 -0.14
CA PRO B 693 41.33 12.01 0.64
C PRO B 693 41.32 13.52 0.45
N ASN B 694 42.48 14.14 0.36
CA ASN B 694 42.56 15.60 0.25
C ASN B 694 43.97 15.97 -0.16
N MET B 695 44.12 17.21 -0.61
CA MET B 695 45.42 17.78 -0.93
C MET B 695 45.52 19.16 -0.30
N VAL B 696 46.75 19.59 -0.04
CA VAL B 696 47.01 20.89 0.56
C VAL B 696 47.76 21.73 -0.45
N VAL B 697 47.23 22.91 -0.76
CA VAL B 697 47.81 23.82 -1.73
C VAL B 697 47.91 25.18 -1.07
N TRP B 698 49.14 25.59 -0.75
CA TRP B 698 49.37 26.87 -0.07
C TRP B 698 48.62 26.93 1.24
N GLU B 699 48.54 25.80 1.93
CA GLU B 699 47.93 25.65 3.25
C GLU B 699 46.41 25.66 3.22
N HIS B 700 45.80 25.49 2.06
CA HIS B 700 44.36 25.29 1.95
C HIS B 700 44.11 23.82 1.63
N THR B 701 43.16 23.22 2.34
CA THR B 701 42.86 21.80 2.19
C THR B 701 41.67 21.61 1.25
N PHE B 702 41.91 20.93 0.13
CA PHE B 702 40.86 20.62 -0.82
C PHE B 702 40.47 19.16 -0.68
N THR B 703 39.16 18.89 -0.61
CA THR B 703 38.65 17.53 -0.55
C THR B 703 37.89 17.23 -1.84
N PRO B 704 38.46 16.45 -2.77
CA PRO B 704 37.82 16.32 -4.09
C PRO B 704 36.44 15.69 -4.07
N ARG B 705 36.05 14.96 -3.04
CA ARG B 705 34.75 14.31 -3.06
C ARG B 705 33.62 15.21 -2.57
N GLU B 706 33.93 16.30 -1.87
CA GLU B 706 32.88 17.25 -1.51
C GLU B 706 32.34 17.95 -2.74
N TYR B 707 33.20 18.21 -3.72
CA TYR B 707 32.72 18.77 -4.99
C TYR B 707 31.67 17.85 -5.61
N LEU B 708 31.97 16.55 -5.63
CA LEU B 708 31.03 15.59 -6.18
C LEU B 708 29.74 15.56 -5.39
N THR B 709 29.83 15.57 -4.06
CA THR B 709 28.62 15.56 -3.26
C THR B 709 27.73 16.75 -3.60
N SER B 710 28.31 17.95 -3.68
CA SER B 710 27.53 19.15 -3.94
C SER B 710 26.87 19.07 -5.32
N HIS B 711 27.65 18.71 -6.34
CA HIS B 711 27.09 18.67 -7.68
C HIS B 711 25.99 17.63 -7.78
N LEU B 712 26.17 16.47 -7.14
CA LEU B 712 25.15 15.45 -7.18
C LEU B 712 23.87 15.93 -6.53
N GLU B 713 23.97 16.60 -5.37
CA GLU B 713 22.76 17.10 -4.74
C GLU B 713 22.02 18.06 -5.65
N ILE B 714 22.73 19.03 -6.22
CA ILE B 714 22.08 20.05 -7.03
C ILE B 714 21.42 19.42 -8.25
N ARG B 715 22.14 18.55 -8.94
CA ARG B 715 21.58 17.93 -10.14
C ARG B 715 20.42 17.01 -9.80
N PHE B 716 20.48 16.33 -8.66
CA PHE B 716 19.38 15.46 -8.28
C PHE B 716 18.11 16.27 -8.06
N THR B 717 18.22 17.40 -7.36
CA THR B 717 17.04 18.23 -7.15
C THR B 717 16.48 18.76 -8.47
N LYS B 718 17.38 19.26 -9.33
CA LYS B 718 16.92 19.78 -10.61
C LYS B 718 16.22 18.70 -11.42
N SER B 719 16.76 17.48 -11.43
CA SER B 719 16.15 16.41 -12.21
C SER B 719 14.82 15.96 -11.60
N ILE B 720 14.71 15.94 -10.28
CA ILE B 720 13.43 15.59 -9.68
C ILE B 720 12.36 16.55 -10.15
N VAL B 721 12.62 17.85 -10.05
CA VAL B 721 11.60 18.81 -10.44
C VAL B 721 11.45 18.88 -11.96
N GLY B 722 12.43 18.41 -12.72
CA GLY B 722 12.32 18.43 -14.16
C GLY B 722 11.62 17.22 -14.76
N MET B 723 11.56 16.13 -14.00
CA MET B 723 10.86 14.93 -14.45
C MET B 723 9.36 15.02 -14.29
N THR B 724 8.87 16.01 -13.55
CA THR B 724 7.43 16.20 -13.39
C THR B 724 6.78 16.76 -14.64
N MET B 725 7.56 17.23 -15.60
CA MET B 725 7.06 17.64 -16.91
C MET B 725 5.92 18.65 -16.80
N TYR B 726 5.85 19.37 -15.69
CA TYR B 726 4.75 20.30 -15.49
C TYR B 726 4.73 21.33 -16.60
N ASN B 727 3.56 21.53 -17.18
CA ASN B 727 3.34 22.55 -18.19
C ASN B 727 2.12 23.33 -17.78
N GLN B 728 2.31 24.63 -17.51
CA GLN B 728 1.17 25.47 -17.14
C GLN B 728 0.37 25.88 -18.37
N ALA B 729 1.03 26.07 -19.50
CA ALA B 729 0.34 26.53 -20.69
C ALA B 729 -0.74 25.55 -21.12
N THR B 730 -0.58 24.27 -20.78
CA THR B 730 -1.55 23.26 -21.12
C THR B 730 -1.94 22.40 -19.92
N GLN B 731 -1.70 22.90 -18.72
CA GLN B 731 -2.05 22.20 -17.49
C GLN B 731 -1.81 20.71 -17.63
N GLU B 732 -0.63 20.37 -18.15
CA GLU B 732 -0.14 19.00 -18.22
C GLU B 732 0.82 18.74 -17.08
N ILE B 733 0.95 17.47 -16.72
CA ILE B 733 1.84 17.06 -15.65
C ILE B 733 2.07 15.56 -15.78
N ALA B 734 3.12 15.07 -15.15
CA ALA B 734 3.41 13.65 -15.16
C ALA B 734 2.57 12.92 -14.12
N LYS B 735 2.22 11.67 -14.42
CA LYS B 735 1.45 10.88 -13.48
C LYS B 735 2.29 10.58 -12.25
N PRO B 736 1.69 10.54 -11.06
CA PRO B 736 2.49 10.32 -9.85
C PRO B 736 3.29 9.02 -9.86
N SER B 737 2.71 7.94 -10.39
CA SER B 737 3.37 6.65 -10.33
C SER B 737 4.58 6.58 -11.25
N GLU B 738 4.47 7.17 -12.44
CA GLU B 738 5.62 7.19 -13.34
C GLU B 738 6.77 8.01 -12.77
N LEU B 739 6.45 9.16 -12.16
CA LEU B 739 7.48 9.95 -11.51
C LEU B 739 8.13 9.17 -10.38
N LEU B 740 7.34 8.43 -9.61
CA LEU B 740 7.93 7.61 -8.55
C LEU B 740 8.87 6.55 -9.12
N THR B 741 8.47 5.92 -10.22
CA THR B 741 9.33 4.92 -10.83
C THR B 741 10.66 5.52 -11.26
N SER B 742 10.60 6.67 -11.92
CA SER B 742 11.83 7.31 -12.36
C SER B 742 12.69 7.71 -11.18
N VAL B 743 12.08 8.20 -10.11
CA VAL B 743 12.84 8.61 -8.94
C VAL B 743 13.56 7.41 -8.35
N ARG B 744 12.89 6.27 -8.27
CA ARG B 744 13.52 5.07 -7.72
C ARG B 744 14.67 4.60 -8.60
N ALA B 745 14.51 4.68 -9.91
CA ALA B 745 15.61 4.32 -10.80
C ALA B 745 16.81 5.22 -10.54
N TYR B 746 16.58 6.53 -10.40
CA TYR B 746 17.67 7.45 -10.08
C TYR B 746 18.33 7.08 -8.77
N MET B 747 17.54 6.77 -7.75
CA MET B 747 18.11 6.46 -6.45
C MET B 747 18.98 5.21 -6.52
N THR B 748 18.56 4.21 -7.30
CA THR B 748 19.39 3.02 -7.45
C THR B 748 20.69 3.34 -8.16
N VAL B 749 20.64 4.13 -9.23
CA VAL B 749 21.87 4.46 -9.94
C VAL B 749 22.81 5.22 -9.02
N LEU B 750 22.28 6.09 -8.17
CA LEU B 750 23.14 6.84 -7.26
C LEU B 750 23.70 5.93 -6.17
N GLN B 751 22.87 5.05 -5.62
CA GLN B 751 23.36 4.09 -4.64
C GLN B 751 24.52 3.29 -5.20
N SER B 752 24.53 3.05 -6.51
CA SER B 752 25.64 2.33 -7.10
C SER B 752 26.93 3.12 -7.12
N ILE B 753 26.92 4.40 -6.74
CA ILE B 753 28.15 5.19 -6.75
C ILE B 753 29.00 4.96 -5.51
N GLU B 754 28.43 4.41 -4.45
CA GLU B 754 29.23 4.07 -3.28
C GLU B 754 30.21 2.95 -3.56
N ASN B 755 30.09 2.27 -4.69
CA ASN B 755 31.06 1.24 -5.06
C ASN B 755 32.39 1.87 -5.41
N TYR B 756 32.40 3.11 -5.88
CA TYR B 756 33.60 3.71 -6.44
C TYR B 756 34.19 4.84 -5.62
N VAL B 757 33.38 5.56 -4.85
CA VAL B 757 33.87 6.71 -4.09
C VAL B 757 33.41 6.57 -2.64
N GLN B 758 34.16 7.19 -1.75
CA GLN B 758 33.92 7.09 -0.31
C GLN B 758 32.86 8.05 0.19
N ILE B 759 32.00 8.55 -0.69
CA ILE B 759 30.94 9.47 -0.31
C ILE B 759 29.90 8.72 0.51
N ASP B 760 29.03 9.47 1.18
CA ASP B 760 27.87 8.92 1.87
C ASP B 760 26.63 9.39 1.14
N ILE B 761 26.00 8.47 0.39
CA ILE B 761 24.89 8.86 -0.46
C ILE B 761 23.60 9.01 0.33
N THR B 762 23.50 8.39 1.50
CA THR B 762 22.31 8.57 2.32
C THR B 762 22.12 10.03 2.69
N ARG B 763 23.22 10.76 2.89
CA ARG B 763 23.12 12.19 3.17
C ARG B 763 22.50 12.94 2.01
N VAL B 764 22.94 12.64 0.79
CA VAL B 764 22.39 13.28 -0.39
C VAL B 764 20.90 12.99 -0.49
N PHE B 765 20.52 11.74 -0.31
CA PHE B 765 19.10 11.38 -0.40
C PHE B 765 18.30 12.14 0.65
N ASN B 766 18.77 12.15 1.90
CA ASN B 766 18.04 12.80 2.96
C ASN B 766 17.81 14.27 2.63
N ASN B 767 18.88 15.00 2.32
CA ASN B 767 18.72 16.42 2.04
C ASN B 767 17.76 16.63 0.87
N VAL B 768 18.06 16.01 -0.27
CA VAL B 768 17.32 16.31 -1.48
C VAL B 768 15.84 15.97 -1.30
N LEU B 769 15.53 14.82 -0.72
CA LEU B 769 14.16 14.36 -0.69
C LEU B 769 13.38 14.90 0.48
N LEU B 770 14.02 15.43 1.52
CA LEU B 770 13.27 16.13 2.55
C LEU B 770 13.07 17.59 2.21
N GLN B 771 13.86 18.13 1.28
CA GLN B 771 13.58 19.48 0.81
C GLN B 771 12.38 19.53 -0.13
N GLN B 772 12.02 18.42 -0.77
CA GLN B 772 10.95 18.38 -1.75
C GLN B 772 9.58 18.14 -1.14
N THR B 773 9.51 18.00 0.18
CA THR B 773 8.23 17.88 0.86
C THR B 773 7.70 19.23 1.34
N GLN B 774 8.46 20.29 1.16
CA GLN B 774 8.05 21.60 1.61
C GLN B 774 7.52 22.42 0.44
N HIS B 775 6.87 23.53 0.72
CA HIS B 775 6.34 24.37 -0.35
C HIS B 775 7.46 24.83 -1.26
N LEU B 776 8.59 25.22 -0.67
CA LEU B 776 9.74 25.65 -1.46
C LEU B 776 11.01 25.00 -0.92
N ASP B 777 12.02 24.86 -1.78
CA ASP B 777 13.26 24.22 -1.35
C ASP B 777 14.15 25.20 -0.61
N SER B 778 15.30 24.74 -0.15
CA SER B 778 16.22 25.61 0.57
C SER B 778 16.77 26.70 -0.32
N HIS B 779 16.56 26.57 -1.62
CA HIS B 779 17.02 27.58 -2.56
C HIS B 779 15.86 28.44 -3.04
N GLY B 780 14.74 28.38 -2.32
CA GLY B 780 13.58 29.17 -2.71
C GLY B 780 13.05 28.86 -4.09
N GLU B 781 12.85 27.58 -4.38
CA GLU B 781 12.32 27.17 -5.67
C GLU B 781 11.17 26.21 -5.48
N PRO B 782 10.26 26.13 -6.47
CA PRO B 782 9.09 25.26 -6.34
C PRO B 782 9.46 23.79 -6.25
N THR B 783 9.06 23.12 -5.18
CA THR B 783 9.32 21.69 -5.06
C THR B 783 8.14 20.97 -5.60
N ILE B 784 8.10 19.72 -5.57
CA ILE B 784 7.04 18.96 -6.22
C ILE B 784 5.78 18.95 -5.39
N THR B 785 5.88 19.17 -4.08
CA THR B 785 4.67 19.35 -3.28
C THR B 785 3.85 20.51 -3.81
N SER B 786 4.48 21.65 -4.03
CA SER B 786 3.75 22.82 -4.51
C SER B 786 3.21 22.57 -5.91
N LEU B 787 4.02 21.99 -6.79
CA LEU B 787 3.57 21.77 -8.16
C LEU B 787 2.34 20.87 -8.18
N TYR B 788 2.38 19.78 -7.42
CA TYR B 788 1.29 18.83 -7.48
C TYR B 788 0.05 19.36 -6.78
N THR B 789 0.23 20.10 -5.69
CA THR B 789 -0.92 20.72 -5.05
C THR B 789 -1.60 21.71 -5.98
N ASN B 790 -0.81 22.55 -6.64
CA ASN B 790 -1.38 23.53 -7.56
C ASN B 790 -2.13 22.82 -8.68
N TRP B 791 -1.53 21.79 -9.26
CA TRP B 791 -2.24 21.09 -10.33
C TRP B 791 -3.54 20.47 -9.83
N TYR B 792 -3.48 19.74 -8.72
CA TYR B 792 -4.67 19.03 -8.25
C TYR B 792 -5.80 19.98 -7.93
N LEU B 793 -5.49 21.19 -7.46
CA LEU B 793 -6.59 22.12 -7.17
C LEU B 793 -7.04 22.88 -8.41
N GLU B 794 -6.11 23.38 -9.22
CA GLU B 794 -6.46 24.29 -10.28
C GLU B 794 -6.79 23.61 -11.61
N THR B 795 -6.61 22.30 -11.72
CA THR B 795 -7.06 21.58 -12.92
C THR B 795 -8.10 20.52 -12.59
N LEU B 796 -7.77 19.54 -11.75
CA LEU B 796 -8.67 18.42 -11.53
C LEU B 796 -9.96 18.87 -10.89
N LEU B 797 -9.88 19.49 -9.72
CA LEU B 797 -11.10 19.84 -8.99
C LEU B 797 -11.85 20.97 -9.68
N ARG B 798 -11.15 21.86 -10.37
CA ARG B 798 -11.83 22.88 -11.17
C ARG B 798 -12.68 22.23 -12.25
N GLN B 799 -12.11 21.29 -12.99
CA GLN B 799 -12.88 20.62 -14.03
C GLN B 799 -13.99 19.76 -13.44
N VAL B 800 -13.80 19.26 -12.21
CA VAL B 800 -14.87 18.51 -11.58
C VAL B 800 -16.04 19.43 -11.28
N SER B 801 -15.77 20.63 -10.77
CA SER B 801 -16.84 21.57 -10.50
C SER B 801 -17.51 22.03 -11.78
N ASN B 802 -16.74 22.18 -12.87
CA ASN B 802 -17.36 22.48 -14.15
C ASN B 802 -18.45 21.46 -14.49
N GLY B 803 -18.12 20.19 -14.42
CA GLY B 803 -19.08 19.14 -14.69
C GLY B 803 -18.59 18.08 -15.66
N HIS B 804 -17.30 18.07 -15.95
CA HIS B 804 -16.73 17.11 -16.89
C HIS B 804 -16.19 15.86 -16.21
N ILE B 805 -16.15 15.83 -14.87
CA ILE B 805 -15.61 14.70 -14.12
C ILE B 805 -16.56 14.42 -12.97
N ALA B 806 -16.50 13.18 -12.47
CA ALA B 806 -17.34 12.78 -11.35
C ALA B 806 -16.57 11.81 -10.49
N TYR B 807 -16.96 11.72 -9.23
CA TYR B 807 -16.29 10.86 -8.26
C TYR B 807 -17.04 9.54 -8.19
N PHE B 808 -16.41 8.47 -8.65
CA PHE B 808 -17.03 7.16 -8.55
C PHE B 808 -16.55 6.49 -7.27
N PRO B 809 -17.39 6.39 -6.23
CA PRO B 809 -16.98 5.63 -5.05
C PRO B 809 -16.76 4.16 -5.34
N ALA B 810 -17.31 3.64 -6.44
CA ALA B 810 -17.08 2.25 -6.80
C ALA B 810 -15.61 2.00 -7.10
N MET B 811 -15.01 2.86 -7.92
CA MET B 811 -13.62 2.70 -8.34
C MET B 811 -12.65 3.40 -7.42
N LYS B 812 -13.13 4.18 -6.44
CA LYS B 812 -12.27 4.97 -5.58
C LYS B 812 -11.34 5.86 -6.40
N ALA B 813 -11.96 6.68 -7.24
CA ALA B 813 -11.22 7.55 -8.14
C ALA B 813 -12.16 8.61 -8.68
N PHE B 814 -11.61 9.48 -9.50
CA PHE B 814 -12.39 10.42 -10.31
C PHE B 814 -12.28 9.96 -11.75
N VAL B 815 -13.40 9.93 -12.46
CA VAL B 815 -13.44 9.38 -13.80
C VAL B 815 -14.12 10.38 -14.73
N ASN B 816 -13.53 10.58 -15.89
CA ASN B 816 -14.13 11.47 -16.88
C ASN B 816 -15.53 10.98 -17.23
N LEU B 817 -16.49 11.89 -17.20
CA LEU B 817 -17.82 11.56 -17.67
C LEU B 817 -17.83 11.56 -19.19
N PRO B 818 -18.68 10.74 -19.81
CA PRO B 818 -18.71 10.69 -21.29
C PRO B 818 -19.47 11.86 -21.89
N THR B 819 -18.86 13.03 -21.85
CA THR B 819 -19.47 14.27 -22.33
C THR B 819 -18.97 14.57 -23.73
N GLU B 820 -19.51 15.66 -24.30
CA GLU B 820 -19.08 16.11 -25.62
C GLU B 820 -17.62 16.54 -25.59
N ASN B 821 -17.23 17.28 -24.56
CA ASN B 821 -15.84 17.72 -24.42
C ASN B 821 -14.95 16.53 -24.09
N GLU B 822 -13.68 16.64 -24.51
CA GLU B 822 -12.67 15.64 -24.19
C GLU B 822 -11.52 16.35 -23.49
N LEU B 823 -11.50 16.27 -22.17
CA LEU B 823 -10.39 16.80 -21.41
C LEU B 823 -9.11 16.12 -21.88
N THR B 824 -8.01 16.87 -21.85
CA THR B 824 -6.75 16.37 -22.34
C THR B 824 -6.05 15.43 -21.37
N PHE B 825 -6.76 14.94 -20.36
CA PHE B 825 -6.19 13.99 -19.41
C PHE B 825 -7.31 13.08 -18.91
N ASN B 826 -6.90 11.99 -18.28
CA ASN B 826 -7.83 11.05 -17.65
C ASN B 826 -7.78 11.25 -16.15
N ALA B 827 -8.94 11.48 -15.55
CA ALA B 827 -8.96 11.75 -14.13
C ALA B 827 -8.66 10.52 -13.31
N GLU B 828 -8.91 9.33 -13.85
CA GLU B 828 -8.69 8.10 -13.12
C GLU B 828 -7.23 7.70 -13.08
N GLU B 829 -6.41 8.22 -13.98
CA GLU B 829 -4.98 7.92 -13.99
C GLU B 829 -4.20 8.78 -13.03
N TYR B 830 -4.86 9.69 -12.30
CA TYR B 830 -4.23 10.50 -11.27
C TYR B 830 -4.83 10.31 -9.90
N SER B 831 -6.08 9.86 -9.80
CA SER B 831 -6.76 9.70 -8.54
C SER B 831 -6.96 8.24 -8.14
N ASP B 832 -6.53 7.30 -8.98
CA ASP B 832 -6.62 5.90 -8.64
C ASP B 832 -5.96 5.63 -7.30
N ILE B 833 -6.24 4.46 -6.72
CA ILE B 833 -5.61 4.10 -5.46
C ILE B 833 -4.10 4.02 -5.63
N SER B 834 -3.64 3.40 -6.71
CA SER B 834 -2.21 3.27 -6.93
C SER B 834 -1.55 4.63 -7.09
N GLU B 835 -2.19 5.52 -7.85
CA GLU B 835 -1.62 6.84 -8.05
C GLU B 835 -1.57 7.63 -6.76
N MET B 836 -2.61 7.54 -5.94
CA MET B 836 -2.60 8.26 -4.67
C MET B 836 -1.54 7.72 -3.73
N ARG B 837 -1.31 6.40 -3.77
CA ARG B 837 -0.25 5.84 -2.94
C ARG B 837 1.13 6.27 -3.43
N SER B 838 1.32 6.34 -4.74
CA SER B 838 2.59 6.85 -5.25
C SER B 838 2.80 8.30 -4.85
N LEU B 839 1.74 9.10 -4.91
CA LEU B 839 1.84 10.49 -4.48
C LEU B 839 2.20 10.58 -3.01
N SER B 840 1.59 9.74 -2.17
CA SER B 840 1.94 9.73 -0.76
C SER B 840 3.39 9.35 -0.55
N GLU B 841 3.87 8.35 -1.29
CA GLU B 841 5.27 7.96 -1.20
C GLU B 841 6.17 9.14 -1.51
N LEU B 842 5.88 9.86 -2.59
CA LEU B 842 6.72 11.00 -2.96
C LEU B 842 6.63 12.11 -1.92
N LEU B 843 5.44 12.41 -1.41
CA LEU B 843 5.25 13.65 -0.65
C LEU B 843 5.46 13.48 0.85
N GLY B 844 4.98 12.40 1.46
CA GLY B 844 5.18 12.19 2.86
C GLY B 844 4.21 13.01 3.68
N PRO B 845 4.28 12.88 5.01
CA PRO B 845 3.35 13.63 5.86
C PRO B 845 3.42 15.13 5.67
N TYR B 846 4.61 15.70 5.45
CA TYR B 846 4.71 17.14 5.24
C TYR B 846 3.94 17.57 3.99
N GLY B 847 4.21 16.91 2.87
CA GLY B 847 3.54 17.29 1.64
C GLY B 847 2.05 17.04 1.69
N MET B 848 1.65 15.97 2.37
CA MET B 848 0.23 15.67 2.46
C MET B 848 -0.49 16.69 3.35
N LYS B 849 0.16 17.13 4.42
CA LYS B 849 -0.39 18.20 5.24
C LYS B 849 -0.54 19.48 4.43
N PHE B 850 0.46 19.80 3.62
CA PHE B 850 0.36 21.00 2.79
C PHE B 850 -0.81 20.90 1.82
N LEU B 851 -0.97 19.74 1.19
CA LEU B 851 -2.10 19.54 0.28
C LEU B 851 -3.42 19.70 1.00
N SER B 852 -3.54 19.14 2.20
CA SER B 852 -4.78 19.25 2.96
C SER B 852 -5.09 20.69 3.31
N GLU B 853 -4.08 21.46 3.71
CA GLU B 853 -4.31 22.87 4.01
C GLU B 853 -4.77 23.63 2.76
N SER B 854 -4.15 23.35 1.62
CA SER B 854 -4.56 23.99 0.39
C SER B 854 -6.03 23.69 0.08
N LEU B 855 -6.49 22.49 0.41
CA LEU B 855 -7.89 22.16 0.15
C LEU B 855 -8.83 22.84 1.15
N MET B 856 -8.44 22.88 2.42
CA MET B 856 -9.31 23.51 3.42
C MET B 856 -9.45 24.99 3.18
N TRP B 857 -8.47 25.62 2.51
CA TRP B 857 -8.65 27.02 2.12
C TRP B 857 -9.89 27.18 1.25
N HIS B 858 -10.02 26.34 0.22
CA HIS B 858 -11.17 26.43 -0.68
C HIS B 858 -12.46 26.11 0.06
N ILE B 859 -12.43 25.12 0.95
CA ILE B 859 -13.63 24.84 1.72
C ILE B 859 -14.06 26.05 2.53
N SER B 860 -13.10 26.75 3.14
CA SER B 860 -13.44 27.93 3.93
C SER B 860 -14.05 29.02 3.07
N SER B 861 -13.50 29.24 1.88
CA SER B 861 -14.10 30.19 0.95
C SER B 861 -15.56 29.86 0.67
N GLN B 862 -15.82 28.61 0.31
CA GLN B 862 -17.19 28.21 -0.02
C GLN B 862 -18.11 28.39 1.17
N VAL B 863 -17.64 28.08 2.38
CA VAL B 863 -18.48 28.24 3.55
C VAL B 863 -18.77 29.70 3.81
N ALA B 864 -17.83 30.60 3.52
CA ALA B 864 -18.11 32.02 3.65
C ALA B 864 -19.26 32.43 2.74
N GLU B 865 -19.22 31.98 1.50
CA GLU B 865 -20.32 32.29 0.59
C GLU B 865 -21.64 31.72 1.10
N LEU B 866 -21.61 30.50 1.62
CA LEU B 866 -22.83 29.91 2.14
C LEU B 866 -23.39 30.72 3.30
N LYS B 867 -22.52 31.24 4.16
CA LYS B 867 -23.00 32.06 5.27
C LYS B 867 -23.65 33.34 4.76
N LYS B 868 -23.08 33.94 3.72
CA LYS B 868 -23.74 35.08 3.09
C LYS B 868 -25.16 34.73 2.66
N LEU B 869 -25.29 33.62 1.94
CA LEU B 869 -26.62 33.22 1.45
C LEU B 869 -27.56 32.98 2.61
N VAL B 870 -27.08 32.37 3.69
CA VAL B 870 -27.95 32.10 4.83
C VAL B 870 -28.42 33.40 5.45
N VAL B 871 -27.53 34.36 5.64
CA VAL B 871 -27.92 35.57 6.35
C VAL B 871 -28.89 36.38 5.51
N GLU B 872 -28.81 36.28 4.19
CA GLU B 872 -29.79 37.02 3.38
C GLU B 872 -31.15 36.33 3.31
N ASN B 873 -31.42 35.34 4.18
CA ASN B 873 -32.70 34.64 4.20
C ASN B 873 -33.18 34.39 5.62
N VAL B 874 -32.63 35.10 6.59
CA VAL B 874 -32.69 34.66 7.99
C VAL B 874 -34.12 34.62 8.50
N ASP B 875 -34.98 35.56 8.10
CA ASP B 875 -36.33 35.60 8.65
C ASP B 875 -37.12 34.36 8.24
N VAL B 876 -37.14 34.07 6.94
CA VAL B 876 -37.88 32.92 6.46
C VAL B 876 -37.26 31.64 7.01
N LEU B 877 -35.94 31.58 7.10
CA LEU B 877 -35.30 30.39 7.65
C LEU B 877 -35.67 30.19 9.11
N THR B 878 -35.70 31.27 9.89
CA THR B 878 -36.06 31.17 11.29
C THR B 878 -37.48 30.67 11.44
N GLN B 879 -38.39 31.14 10.57
CA GLN B 879 -39.75 30.65 10.63
C GLN B 879 -39.81 29.17 10.27
N MET B 880 -39.12 28.76 9.20
CA MET B 880 -39.16 27.37 8.78
C MET B 880 -38.59 26.45 9.84
N ARG B 881 -37.61 26.91 10.60
CA ARG B 881 -37.03 26.07 11.64
C ARG B 881 -38.04 25.70 12.69
N THR B 882 -39.15 26.42 12.79
CA THR B 882 -40.12 26.23 13.87
C THR B 882 -41.46 25.70 13.40
N SER B 883 -41.75 25.73 12.11
CA SER B 883 -43.07 25.36 11.61
C SER B 883 -42.99 24.16 10.69
N PHE B 884 -42.24 23.15 11.10
CA PHE B 884 -42.09 21.93 10.28
C PHE B 884 -43.26 20.97 10.45
N ASP B 885 -44.17 21.25 11.37
CA ASP B 885 -45.36 20.41 11.58
C ASP B 885 -46.52 20.83 10.69
N LYS B 886 -46.41 21.92 9.94
CA LYS B 886 -47.50 22.47 9.16
C LYS B 886 -47.15 22.38 7.68
N PRO B 887 -47.61 21.35 6.97
CA PRO B 887 -47.20 21.22 5.56
C PRO B 887 -47.56 22.42 4.70
N ASP B 888 -48.75 22.98 4.89
CA ASP B 888 -49.16 24.11 4.04
C ASP B 888 -48.34 25.35 4.35
N GLN B 889 -48.17 25.64 5.64
CA GLN B 889 -47.36 26.79 6.02
C GLN B 889 -45.91 26.60 5.63
N MET B 890 -45.39 25.38 5.76
CA MET B 890 -44.01 25.12 5.35
C MET B 890 -43.83 25.30 3.86
N ALA B 891 -44.81 24.85 3.06
CA ALA B 891 -44.71 25.08 1.63
C ALA B 891 -44.76 26.56 1.31
N ALA B 892 -45.63 27.30 1.98
CA ALA B 892 -45.69 28.74 1.77
C ALA B 892 -44.35 29.39 2.09
N LEU B 893 -43.73 28.99 3.19
CA LEU B 893 -42.43 29.54 3.56
C LEU B 893 -41.37 29.19 2.53
N PHE B 894 -41.35 27.95 2.05
CA PHE B 894 -40.34 27.58 1.07
C PHE B 894 -40.49 28.37 -0.20
N LYS B 895 -41.72 28.75 -0.55
CA LYS B 895 -41.90 29.52 -1.78
C LYS B 895 -41.09 30.80 -1.76
N ARG B 896 -40.86 31.38 -0.59
CA ARG B 896 -40.25 32.70 -0.47
C ARG B 896 -38.74 32.67 -0.36
N LEU B 897 -38.13 31.50 -0.23
CA LEU B 897 -36.68 31.43 -0.14
C LEU B 897 -36.05 31.80 -1.47
N SER B 898 -34.79 32.19 -1.41
CA SER B 898 -34.05 32.62 -2.59
C SER B 898 -32.70 31.93 -2.63
N SER B 899 -32.21 31.70 -3.86
CA SER B 899 -30.89 31.12 -4.07
C SER B 899 -30.77 29.76 -3.38
N VAL B 900 -31.55 28.82 -3.87
CA VAL B 900 -31.54 27.45 -3.33
C VAL B 900 -30.59 26.56 -4.10
N ASP B 901 -30.65 26.61 -5.43
CA ASP B 901 -29.73 25.82 -6.23
C ASP B 901 -28.30 26.28 -5.99
N SER B 902 -28.11 27.54 -5.63
CA SER B 902 -26.78 28.01 -5.27
C SER B 902 -26.28 27.33 -4.01
N VAL B 903 -27.14 27.20 -3.00
CA VAL B 903 -26.75 26.52 -1.78
C VAL B 903 -26.38 25.08 -2.09
N LEU B 904 -27.19 24.40 -2.89
CA LEU B 904 -26.90 23.01 -3.21
C LEU B 904 -25.60 22.88 -3.98
N LYS B 905 -25.34 23.78 -4.92
CA LYS B 905 -24.10 23.74 -5.68
C LYS B 905 -22.90 23.94 -4.78
N ARG B 906 -22.96 24.90 -3.86
CA ARG B 906 -21.83 25.15 -2.98
C ARG B 906 -21.56 23.95 -2.08
N MET B 907 -22.62 23.37 -1.52
CA MET B 907 -22.40 22.20 -0.67
C MET B 907 -21.87 21.01 -1.46
N THR B 908 -22.27 20.88 -2.73
CA THR B 908 -21.71 19.83 -3.56
C THR B 908 -20.22 20.04 -3.80
N ILE B 909 -19.81 21.29 -4.03
CA ILE B 909 -18.38 21.55 -4.21
C ILE B 909 -17.62 21.19 -2.95
N ILE B 910 -18.15 21.57 -1.79
CA ILE B 910 -17.49 21.23 -0.53
C ILE B 910 -17.34 19.72 -0.40
N GLY B 911 -18.40 18.99 -0.75
CA GLY B 911 -18.35 17.54 -0.63
C GLY B 911 -17.31 16.92 -1.56
N VAL B 912 -17.20 17.45 -2.78
CA VAL B 912 -16.21 16.94 -3.72
C VAL B 912 -14.80 17.14 -3.16
N ILE B 913 -14.54 18.32 -2.60
CA ILE B 913 -13.21 18.57 -2.06
C ILE B 913 -12.92 17.64 -0.89
N LEU B 914 -13.92 17.42 -0.03
CA LEU B 914 -13.69 16.51 1.10
C LEU B 914 -13.48 15.08 0.63
N SER B 915 -14.14 14.67 -0.46
CA SER B 915 -13.91 13.33 -0.99
C SER B 915 -12.49 13.16 -1.51
N PHE B 916 -11.97 14.16 -2.21
CA PHE B 916 -10.58 14.09 -2.63
C PHE B 916 -9.66 14.00 -1.43
N ARG B 917 -9.92 14.79 -0.40
CA ARG B 917 -9.10 14.70 0.80
C ARG B 917 -9.14 13.31 1.39
N SER B 918 -10.32 12.68 1.39
CA SER B 918 -10.43 11.34 1.97
C SER B 918 -9.60 10.33 1.19
N LEU B 919 -9.65 10.40 -0.13
CA LEU B 919 -8.81 9.51 -0.93
C LEU B 919 -7.34 9.69 -0.58
N ALA B 920 -6.88 10.94 -0.50
CA ALA B 920 -5.48 11.20 -0.20
C ALA B 920 -5.11 10.66 1.17
N GLN B 921 -5.98 10.85 2.16
CA GLN B 921 -5.68 10.38 3.50
C GLN B 921 -5.57 8.87 3.55
N GLU B 922 -6.46 8.18 2.83
CA GLU B 922 -6.37 6.72 2.80
C GLU B 922 -5.06 6.26 2.20
N ALA B 923 -4.65 6.89 1.08
CA ALA B 923 -3.37 6.53 0.49
C ALA B 923 -2.24 6.71 1.48
N LEU B 924 -2.22 7.86 2.17
CA LEU B 924 -1.15 8.12 3.11
C LEU B 924 -1.14 7.12 4.24
N ARG B 925 -2.31 6.77 4.77
CA ARG B 925 -2.35 5.80 5.86
C ARG B 925 -1.79 4.47 5.41
N ASP B 926 -2.15 4.03 4.21
CA ASP B 926 -1.65 2.76 3.72
C ASP B 926 -0.14 2.77 3.58
N VAL B 927 0.42 3.88 3.11
CA VAL B 927 1.87 3.96 2.97
C VAL B 927 2.55 3.96 4.34
N LEU B 928 2.03 4.78 5.26
CA LEU B 928 2.70 4.96 6.55
C LEU B 928 2.65 3.68 7.37
N SER B 929 1.48 3.06 7.46
CA SER B 929 1.37 1.82 8.23
C SER B 929 2.32 0.75 7.72
N TYR B 930 2.95 0.98 6.57
CA TYR B 930 3.78 0.01 5.89
C TYR B 930 5.26 0.36 5.97
N HIS B 931 5.59 1.65 6.08
CA HIS B 931 6.98 2.08 6.22
C HIS B 931 7.44 2.14 7.67
N ILE B 932 6.62 2.65 8.57
CA ILE B 932 7.03 2.88 9.95
C ILE B 932 6.02 2.24 10.89
N PRO B 933 5.96 0.91 10.95
CA PRO B 933 4.89 0.27 11.71
C PRO B 933 4.87 0.59 13.20
N PHE B 934 6.01 0.82 13.82
CA PHE B 934 6.03 0.98 15.28
C PHE B 934 5.42 2.30 15.70
N LEU B 935 5.82 3.39 15.03
CA LEU B 935 5.21 4.68 15.32
C LEU B 935 3.72 4.64 15.05
N VAL B 936 3.32 4.01 13.94
CA VAL B 936 1.91 3.97 13.57
C VAL B 936 1.12 3.19 14.59
N SER B 937 1.66 2.07 15.07
CA SER B 937 0.96 1.30 16.09
C SER B 937 0.81 2.11 17.36
N SER B 938 1.86 2.81 17.76
CA SER B 938 1.75 3.65 18.95
C SER B 938 0.71 4.75 18.77
N ILE B 939 0.68 5.36 17.59
CA ILE B 939 -0.26 6.44 17.32
C ILE B 939 -1.69 5.93 17.38
N GLU B 940 -1.95 4.78 16.75
CA GLU B 940 -3.30 4.22 16.75
C GLU B 940 -3.72 3.83 18.15
N ASP B 941 -2.83 3.19 18.91
CA ASP B 941 -3.16 2.85 20.28
C ASP B 941 -3.50 4.09 21.08
N PHE B 942 -2.73 5.16 20.88
CA PHE B 942 -2.98 6.39 21.62
C PHE B 942 -4.33 7.00 21.25
N LYS B 943 -4.61 7.08 19.94
CA LYS B 943 -5.85 7.71 19.49
C LYS B 943 -7.06 6.93 19.97
N ASP B 944 -7.03 5.61 19.84
CA ASP B 944 -8.22 4.83 20.12
C ASP B 944 -8.67 4.98 21.56
N HIS B 945 -7.71 4.96 22.49
CA HIS B 945 -8.01 4.83 23.91
C HIS B 945 -7.88 6.15 24.67
N ILE B 946 -8.04 7.28 23.98
CA ILE B 946 -8.10 8.56 24.70
C ILE B 946 -9.39 8.60 25.51
N PRO B 947 -9.36 9.04 26.77
CA PRO B 947 -10.60 9.11 27.54
C PRO B 947 -11.62 10.01 26.85
N ARG B 948 -12.86 9.52 26.77
CA ARG B 948 -13.91 10.31 26.14
C ARG B 948 -14.34 11.49 27.00
N GLU B 949 -13.88 11.55 28.24
CA GLU B 949 -14.19 12.67 29.13
C GLU B 949 -13.18 13.79 29.02
N THR B 950 -12.18 13.67 28.15
CA THR B 950 -11.25 14.77 27.94
C THR B 950 -11.94 15.90 27.19
N ASP B 951 -11.37 17.10 27.30
CA ASP B 951 -11.95 18.29 26.70
C ASP B 951 -11.44 18.46 25.27
N MET B 952 -11.75 19.61 24.67
CA MET B 952 -11.41 19.85 23.28
C MET B 952 -9.93 20.18 23.09
N LYS B 953 -9.30 20.83 24.06
CA LYS B 953 -7.94 21.32 23.86
C LYS B 953 -6.97 20.16 23.62
N VAL B 954 -7.01 19.14 24.48
CA VAL B 954 -6.12 18.00 24.33
C VAL B 954 -6.53 17.15 23.14
N ALA B 955 -7.83 16.92 22.97
CA ALA B 955 -8.29 16.08 21.88
C ALA B 955 -7.92 16.68 20.54
N MET B 956 -7.82 18.00 20.44
CA MET B 956 -7.40 18.59 19.18
C MET B 956 -5.96 18.26 18.85
N ASN B 957 -5.06 18.29 19.83
CA ASN B 957 -3.69 17.90 19.56
C ASN B 957 -3.61 16.41 19.19
N VAL B 958 -4.37 15.58 19.90
CA VAL B 958 -4.37 14.15 19.58
C VAL B 958 -4.85 13.92 18.16
N TYR B 959 -5.96 14.55 17.80
CA TYR B 959 -6.51 14.41 16.45
C TYR B 959 -5.57 14.98 15.41
N GLU B 960 -4.83 16.04 15.75
CA GLU B 960 -3.94 16.63 14.77
C GLU B 960 -2.79 15.68 14.46
N LEU B 961 -2.22 15.07 15.50
CA LEU B 961 -1.21 14.02 15.28
C LEU B 961 -1.78 12.88 14.44
N SER B 962 -2.96 12.38 14.83
CA SER B 962 -3.54 11.25 14.11
C SER B 962 -3.76 11.59 12.64
N SER B 963 -4.35 12.75 12.37
CA SER B 963 -4.59 13.15 10.99
C SER B 963 -3.27 13.27 10.23
N ALA B 964 -2.23 13.79 10.87
CA ALA B 964 -0.93 13.79 10.21
C ALA B 964 -0.50 12.38 9.85
N ALA B 965 -0.87 11.40 10.68
CA ALA B 965 -0.54 10.01 10.40
C ALA B 965 -1.44 9.39 9.35
N GLY B 966 -2.51 10.07 8.93
CA GLY B 966 -3.41 9.56 7.92
C GLY B 966 -4.66 8.91 8.46
N LEU B 967 -4.77 8.70 9.76
CA LEU B 967 -5.94 8.05 10.30
C LEU B 967 -7.16 8.95 10.14
N PRO B 968 -8.36 8.37 10.05
CA PRO B 968 -9.57 9.18 9.96
C PRO B 968 -10.12 9.55 11.33
N CYS B 969 -10.59 10.79 11.44
CA CYS B 969 -11.05 11.35 12.71
C CYS B 969 -12.47 11.86 12.56
N GLU B 970 -13.23 11.76 13.66
CA GLU B 970 -14.61 12.24 13.65
C GLU B 970 -14.66 13.74 13.36
N ILE B 971 -13.81 14.51 14.04
CA ILE B 971 -13.73 15.94 13.86
C ILE B 971 -12.42 16.24 13.15
N ASP B 972 -12.51 16.75 11.93
CA ASP B 972 -11.32 17.08 11.17
C ASP B 972 -10.65 18.30 11.78
N PRO B 973 -9.39 18.22 12.21
CA PRO B 973 -8.76 19.38 12.83
C PRO B 973 -8.36 20.46 11.84
N ALA B 974 -8.01 20.04 10.62
CA ALA B 974 -7.67 21.01 9.59
C ALA B 974 -8.87 21.89 9.26
N LEU B 975 -10.05 21.29 9.15
CA LEU B 975 -11.25 22.08 8.86
C LEU B 975 -11.60 22.97 10.04
N VAL B 976 -11.47 22.47 11.27
CA VAL B 976 -11.76 23.29 12.44
C VAL B 976 -10.85 24.50 12.46
N VAL B 977 -9.58 24.32 12.13
CA VAL B 977 -8.64 25.43 12.14
C VAL B 977 -8.94 26.39 11.00
N ALA B 978 -9.33 25.87 9.84
CA ALA B 978 -9.54 26.72 8.67
C ALA B 978 -10.83 27.53 8.76
N LEU B 979 -11.85 27.01 9.44
CA LEU B 979 -13.13 27.71 9.51
C LEU B 979 -13.16 28.77 10.60
N SER B 980 -12.12 28.89 11.41
CA SER B 980 -11.97 29.99 12.34
C SER B 980 -11.17 31.14 11.74
N SER B 981 -10.87 31.08 10.45
CA SER B 981 -10.03 32.08 9.80
C SER B 981 -8.70 32.16 10.51
N SER B 988 -21.01 38.88 16.60
CA SER B 988 -21.15 38.21 17.87
C SER B 988 -20.95 36.71 17.71
N PRO B 989 -20.69 36.00 18.81
CA PRO B 989 -20.60 34.53 18.73
C PRO B 989 -21.96 33.84 18.72
N GLU B 990 -22.90 34.38 19.47
CA GLU B 990 -24.25 33.82 19.48
C GLU B 990 -24.90 33.96 18.11
N GLU B 991 -24.65 35.07 17.43
CA GLU B 991 -25.14 35.24 16.07
C GLU B 991 -24.54 34.18 15.15
N GLU B 992 -23.26 33.87 15.33
CA GLU B 992 -22.63 32.84 14.50
C GLU B 992 -23.23 31.47 14.78
N TYR B 993 -23.53 31.17 16.04
CA TYR B 993 -24.18 29.91 16.35
C TYR B 993 -25.55 29.82 15.68
N LYS B 994 -26.32 30.90 15.75
CA LYS B 994 -27.62 30.92 15.08
C LYS B 994 -27.46 30.71 13.59
N ILE B 995 -26.43 31.33 13.00
CA ILE B 995 -26.21 31.21 11.56
C ILE B 995 -25.89 29.77 11.18
N ALA B 996 -25.10 29.09 12.02
CA ALA B 996 -24.79 27.70 11.74
C ALA B 996 -26.05 26.83 11.78
N CYS B 997 -26.88 27.04 12.79
CA CYS B 997 -28.12 26.26 12.88
C CYS B 997 -29.01 26.51 11.66
N LEU B 998 -29.11 27.77 11.23
CA LEU B 998 -29.96 28.05 10.09
C LEU B 998 -29.34 27.57 8.79
N LEU B 999 -28.02 27.42 8.74
CA LEU B 999 -27.42 26.78 7.56
C LEU B 999 -27.82 25.33 7.47
N MET B 1000 -27.79 24.63 8.61
CA MET B 1000 -28.29 23.25 8.63
C MET B 1000 -29.74 23.20 8.14
N VAL B 1001 -30.58 24.10 8.64
CA VAL B 1001 -31.99 24.09 8.22
C VAL B 1001 -32.11 24.34 6.73
N PHE B 1002 -31.40 25.36 6.22
CA PHE B 1002 -31.46 25.67 4.81
C PHE B 1002 -31.14 24.45 3.97
N VAL B 1003 -30.02 23.80 4.25
CA VAL B 1003 -29.61 22.66 3.44
C VAL B 1003 -30.61 21.52 3.58
N ALA B 1004 -31.19 21.35 4.77
CA ALA B 1004 -32.16 20.28 4.97
C ALA B 1004 -33.36 20.46 4.06
N VAL B 1005 -33.97 21.65 4.05
CA VAL B 1005 -35.22 21.83 3.33
C VAL B 1005 -35.06 21.95 1.82
N SER B 1006 -33.84 22.11 1.33
CA SER B 1006 -33.61 22.32 -0.08
C SER B 1006 -33.41 21.02 -0.85
N LEU B 1007 -33.38 19.88 -0.17
CA LEU B 1007 -33.03 18.63 -0.84
C LEU B 1007 -34.00 18.25 -1.94
N PRO B 1008 -35.32 18.16 -1.69
CA PRO B 1008 -36.22 17.67 -2.75
C PRO B 1008 -36.15 18.44 -4.04
N THR B 1009 -35.49 19.59 -4.08
CA THR B 1009 -35.27 20.28 -5.34
C THR B 1009 -34.39 19.48 -6.28
N LEU B 1010 -33.66 18.50 -5.76
CA LEU B 1010 -32.77 17.70 -6.59
C LEU B 1010 -33.51 16.65 -7.40
N ALA B 1011 -34.73 16.30 -7.02
CA ALA B 1011 -35.50 15.33 -7.79
C ALA B 1011 -35.81 15.86 -9.19
N SER B 1012 -36.13 17.15 -9.29
CA SER B 1012 -36.48 17.72 -10.58
C SER B 1012 -35.33 17.64 -11.56
N ASN B 1013 -34.10 17.72 -11.07
CA ASN B 1013 -32.94 17.66 -11.95
C ASN B 1013 -32.85 16.32 -12.64
N VAL B 1014 -32.36 16.33 -13.88
CA VAL B 1014 -32.25 15.12 -14.66
C VAL B 1014 -30.89 14.43 -14.50
N MET B 1015 -29.87 15.15 -14.06
CA MET B 1015 -28.56 14.56 -13.83
C MET B 1015 -28.46 13.88 -12.47
N SER B 1016 -29.51 13.91 -11.67
CA SER B 1016 -29.48 13.28 -10.35
C SER B 1016 -29.66 11.78 -10.41
N GLN B 1017 -29.58 11.18 -11.59
CA GLN B 1017 -29.76 9.74 -11.71
C GLN B 1017 -28.67 9.00 -10.95
N TYR B 1018 -29.08 7.99 -10.20
CA TYR B 1018 -28.14 7.12 -9.50
C TYR B 1018 -27.73 5.99 -10.42
N SER B 1019 -26.42 5.81 -10.60
CA SER B 1019 -25.90 4.81 -11.51
C SER B 1019 -25.14 3.75 -10.73
N PRO B 1020 -25.55 2.48 -10.80
CA PRO B 1020 -24.76 1.44 -10.12
C PRO B 1020 -23.33 1.33 -10.65
N ALA B 1021 -23.11 1.62 -11.93
CA ALA B 1021 -21.76 1.62 -12.47
C ALA B 1021 -20.91 2.70 -11.82
N ILE B 1022 -21.57 3.70 -11.22
CA ILE B 1022 -20.87 4.75 -10.49
C ILE B 1022 -20.97 4.56 -8.99
N GLU B 1023 -21.97 3.84 -8.50
CA GLU B 1023 -22.27 3.77 -7.07
C GLU B 1023 -22.57 5.17 -6.53
N GLY B 1024 -23.17 5.98 -7.37
CA GLY B 1024 -23.49 7.35 -7.00
C GLY B 1024 -24.12 8.07 -8.19
N HIS B 1025 -24.39 9.34 -7.97
CA HIS B 1025 -25.10 10.14 -8.94
C HIS B 1025 -24.14 10.82 -9.91
N CYS B 1026 -24.63 11.10 -11.11
CA CYS B 1026 -23.78 11.68 -12.14
C CYS B 1026 -23.27 13.05 -11.74
N ASN B 1027 -24.12 13.88 -11.13
CA ASN B 1027 -23.78 15.23 -10.76
C ASN B 1027 -23.27 15.33 -9.32
N ASN B 1028 -22.76 14.24 -8.77
CA ASN B 1028 -21.95 14.24 -7.56
C ASN B 1028 -22.73 14.55 -6.29
N ILE B 1029 -24.06 14.46 -6.31
CA ILE B 1029 -24.80 14.81 -5.09
C ILE B 1029 -24.64 13.75 -4.03
N HIS B 1030 -23.88 12.68 -4.28
CA HIS B 1030 -23.60 11.68 -3.25
C HIS B 1030 -22.50 12.12 -2.30
N CYS B 1031 -21.78 13.20 -2.62
CA CYS B 1031 -20.79 13.77 -1.73
C CYS B 1031 -21.40 14.70 -0.70
N LEU B 1032 -22.71 14.94 -0.78
CA LEU B 1032 -23.39 15.73 0.23
C LEU B 1032 -23.27 15.06 1.59
N ALA B 1033 -23.17 13.74 1.62
CA ALA B 1033 -23.01 13.06 2.90
C ALA B 1033 -21.77 13.60 3.62
N LYS B 1034 -20.64 13.57 2.92
CA LYS B 1034 -19.42 14.18 3.44
C LYS B 1034 -19.65 15.62 3.82
N ALA B 1035 -20.26 16.39 2.92
CA ALA B 1035 -20.39 17.83 3.17
C ALA B 1035 -21.12 18.08 4.48
N ILE B 1036 -22.32 17.53 4.62
CA ILE B 1036 -23.09 17.78 5.84
C ILE B 1036 -22.36 17.28 7.07
N ASN B 1037 -21.90 16.02 7.07
CA ASN B 1037 -21.31 15.50 8.29
C ASN B 1037 -20.10 16.32 8.73
N GLN B 1038 -19.17 16.57 7.79
CA GLN B 1038 -17.95 17.27 8.15
C GLN B 1038 -18.23 18.72 8.56
N ILE B 1039 -19.08 19.42 7.80
CA ILE B 1039 -19.33 20.82 8.12
C ILE B 1039 -20.03 20.93 9.47
N ALA B 1040 -21.01 20.07 9.73
CA ALA B 1040 -21.67 20.11 11.03
C ALA B 1040 -20.68 19.89 12.15
N ALA B 1041 -19.83 18.86 12.03
CA ALA B 1041 -18.86 18.59 13.08
C ALA B 1041 -17.97 19.81 13.31
N ALA B 1042 -17.42 20.37 12.24
CA ALA B 1042 -16.49 21.49 12.39
C ALA B 1042 -17.16 22.68 13.04
N LEU B 1043 -18.29 23.13 12.49
CA LEU B 1043 -18.92 24.33 13.01
C LEU B 1043 -19.36 24.15 14.45
N PHE B 1044 -19.95 23.03 14.79
CA PHE B 1044 -20.48 22.88 16.14
C PHE B 1044 -19.42 22.43 17.14
N THR B 1045 -18.19 22.18 16.70
CA THR B 1045 -17.09 22.19 17.64
C THR B 1045 -16.54 23.60 17.82
N ILE B 1046 -16.50 24.39 16.74
CA ILE B 1046 -16.02 25.77 16.87
C ILE B 1046 -16.93 26.57 17.78
N HIS B 1047 -18.24 26.42 17.62
CA HIS B 1047 -19.22 27.20 18.36
C HIS B 1047 -19.83 26.44 19.53
N LYS B 1048 -19.16 25.39 20.00
CA LYS B 1048 -19.52 24.69 21.23
C LYS B 1048 -21.02 24.40 21.27
N GLY B 1049 -21.46 23.57 20.35
CA GLY B 1049 -22.83 23.11 20.28
C GLY B 1049 -22.98 21.68 20.76
N SER B 1050 -23.74 20.91 19.99
CA SER B 1050 -23.87 19.48 20.20
C SER B 1050 -24.10 18.85 18.83
N ILE B 1051 -23.07 18.18 18.31
CA ILE B 1051 -23.14 17.69 16.93
C ILE B 1051 -24.27 16.69 16.77
N GLU B 1052 -24.43 15.80 17.74
CA GLU B 1052 -25.48 14.79 17.65
C GLU B 1052 -26.85 15.45 17.52
N ASP B 1053 -27.14 16.44 18.36
CA ASP B 1053 -28.45 17.07 18.33
C ASP B 1053 -28.68 17.82 17.02
N ARG B 1054 -27.67 18.54 16.55
CA ARG B 1054 -27.84 19.30 15.32
C ARG B 1054 -28.06 18.38 14.12
N LEU B 1055 -27.28 17.31 14.04
CA LEU B 1055 -27.48 16.37 12.94
C LEU B 1055 -28.82 15.65 13.06
N LYS B 1056 -29.28 15.40 14.29
CA LYS B 1056 -30.60 14.80 14.47
C LYS B 1056 -31.70 15.72 13.95
N GLU B 1057 -31.61 17.00 14.27
CA GLU B 1057 -32.57 17.97 13.74
C GLU B 1057 -32.53 18.02 12.22
N PHE B 1058 -31.32 18.02 11.66
CA PHE B 1058 -31.21 18.02 10.21
C PHE B 1058 -31.88 16.81 9.61
N LEU B 1059 -31.66 15.63 10.21
CA LEU B 1059 -32.28 14.42 9.68
C LEU B 1059 -33.80 14.50 9.74
N ALA B 1060 -34.33 14.99 10.86
CA ALA B 1060 -35.78 15.14 10.95
C ALA B 1060 -36.30 16.01 9.81
N LEU B 1061 -35.69 17.16 9.59
CA LEU B 1061 -36.20 18.07 8.57
C LEU B 1061 -36.07 17.48 7.17
N ALA B 1062 -34.92 16.90 6.85
CA ALA B 1062 -34.72 16.34 5.52
C ALA B 1062 -35.68 15.19 5.24
N SER B 1063 -35.86 14.31 6.23
CA SER B 1063 -36.79 13.22 6.07
C SER B 1063 -38.20 13.73 5.85
N SER B 1064 -38.61 14.75 6.60
CA SER B 1064 -39.95 15.29 6.43
C SER B 1064 -40.13 15.85 5.02
N SER B 1065 -39.14 16.58 4.52
CA SER B 1065 -39.26 17.16 3.19
C SER B 1065 -39.39 16.08 2.12
N LEU B 1066 -38.55 15.05 2.21
CA LEU B 1066 -38.60 14.01 1.19
C LEU B 1066 -39.88 13.18 1.30
N LEU B 1067 -40.36 12.93 2.52
CA LEU B 1067 -41.66 12.29 2.66
C LEU B 1067 -42.75 13.12 2.01
N LYS B 1068 -42.69 14.44 2.17
CA LYS B 1068 -43.69 15.30 1.53
C LYS B 1068 -43.66 15.15 0.02
N ILE B 1069 -42.47 15.18 -0.58
CA ILE B 1069 -42.42 14.94 -2.02
C ILE B 1069 -42.86 13.54 -2.39
N GLY B 1070 -42.91 12.63 -1.42
CA GLY B 1070 -43.31 11.26 -1.73
C GLY B 1070 -44.67 11.16 -2.39
N GLN B 1071 -45.65 11.94 -1.92
CA GLN B 1071 -47.03 11.80 -2.39
C GLN B 1071 -47.28 12.47 -3.74
N GLU B 1072 -46.33 13.22 -4.27
CA GLU B 1072 -46.57 13.95 -5.50
C GLU B 1072 -46.86 12.99 -6.65
N THR B 1073 -47.29 13.58 -7.77
CA THR B 1073 -47.60 12.82 -8.97
C THR B 1073 -47.01 13.43 -10.23
N ASP B 1074 -46.49 14.65 -10.17
CA ASP B 1074 -45.90 15.27 -11.35
C ASP B 1074 -44.77 14.41 -11.89
N LYS B 1075 -44.69 14.33 -13.21
CA LYS B 1075 -43.68 13.52 -13.87
C LYS B 1075 -42.40 14.30 -14.16
N THR B 1076 -42.32 15.55 -13.75
CA THR B 1076 -41.12 16.36 -13.95
C THR B 1076 -40.44 16.74 -12.65
N THR B 1077 -41.20 17.05 -11.61
CA THR B 1077 -40.64 17.39 -10.32
C THR B 1077 -40.35 16.16 -9.47
N THR B 1078 -40.69 14.97 -9.94
CA THR B 1078 -40.36 13.73 -9.26
C THR B 1078 -39.73 12.75 -10.24
N ARG B 1079 -38.88 13.25 -11.13
CA ARG B 1079 -38.22 12.38 -12.08
C ARG B 1079 -37.22 11.47 -11.40
N ASN B 1080 -36.63 11.93 -10.30
CA ASN B 1080 -35.55 11.22 -9.62
C ASN B 1080 -35.80 11.15 -8.13
N ARG B 1081 -37.02 10.72 -7.75
CA ARG B 1081 -37.32 10.60 -6.33
C ARG B 1081 -36.43 9.56 -5.66
N GLU B 1082 -36.23 8.41 -6.30
CA GLU B 1082 -35.47 7.34 -5.67
C GLU B 1082 -34.02 7.73 -5.48
N SER B 1083 -33.43 8.37 -6.49
CA SER B 1083 -32.03 8.75 -6.39
C SER B 1083 -31.81 9.71 -5.24
N VAL B 1084 -32.73 10.66 -5.04
CA VAL B 1084 -32.59 11.59 -3.94
C VAL B 1084 -32.92 10.92 -2.62
N TYR B 1085 -33.78 9.90 -2.64
CA TYR B 1085 -34.05 9.15 -1.42
C TYR B 1085 -32.80 8.46 -0.93
N LEU B 1086 -31.99 7.93 -1.85
CA LEU B 1086 -30.78 7.22 -1.44
C LEU B 1086 -29.82 8.11 -0.67
N LEU B 1087 -29.94 9.44 -0.79
CA LEU B 1087 -29.03 10.32 -0.10
C LEU B 1087 -29.17 10.23 1.41
N LEU B 1088 -30.37 10.01 1.92
CA LEU B 1088 -30.53 9.87 3.36
C LEU B 1088 -29.76 8.67 3.87
N ASP B 1089 -29.84 7.55 3.16
CA ASP B 1089 -29.04 6.38 3.52
C ASP B 1089 -27.56 6.69 3.47
N MET B 1090 -27.12 7.35 2.41
CA MET B 1090 -25.71 7.69 2.31
C MET B 1090 -25.26 8.56 3.49
N ILE B 1091 -26.07 9.55 3.84
CA ILE B 1091 -25.72 10.45 4.93
C ILE B 1091 -25.60 9.68 6.24
N VAL B 1092 -26.59 8.83 6.53
CA VAL B 1092 -26.54 8.11 7.80
C VAL B 1092 -25.38 7.14 7.83
N GLN B 1093 -25.04 6.53 6.69
CA GLN B 1093 -23.91 5.62 6.66
C GLN B 1093 -22.61 6.35 6.94
N GLU B 1094 -22.40 7.50 6.29
CA GLU B 1094 -21.15 8.22 6.49
C GLU B 1094 -21.00 8.73 7.91
N SER B 1095 -22.07 9.24 8.49
CA SER B 1095 -21.97 9.97 9.75
C SER B 1095 -21.56 9.03 10.88
N PRO B 1096 -20.59 9.41 11.72
CA PRO B 1096 -20.34 8.66 12.95
C PRO B 1096 -21.25 9.04 14.10
N PHE B 1097 -22.16 10.00 13.90
CA PHE B 1097 -23.08 10.43 14.93
C PHE B 1097 -24.50 9.97 14.71
N LEU B 1098 -24.87 9.61 13.48
CA LEU B 1098 -26.21 9.17 13.15
C LEU B 1098 -26.23 7.67 12.98
N THR B 1099 -27.12 7.00 13.71
CA THR B 1099 -27.32 5.57 13.59
C THR B 1099 -28.54 5.28 12.73
N MET B 1100 -28.73 4.00 12.42
CA MET B 1100 -29.87 3.60 11.61
C MET B 1100 -31.18 3.62 12.39
N ASP B 1101 -31.13 3.58 13.72
CA ASP B 1101 -32.36 3.65 14.50
C ASP B 1101 -33.06 4.98 14.30
N LEU B 1102 -32.30 6.08 14.30
CA LEU B 1102 -32.90 7.38 14.06
C LEU B 1102 -33.55 7.43 12.68
N LEU B 1103 -32.83 6.95 11.66
CA LEU B 1103 -33.37 6.97 10.32
C LEU B 1103 -34.65 6.15 10.23
N GLU B 1104 -34.68 5.00 10.89
CA GLU B 1104 -35.89 4.20 10.89
C GLU B 1104 -37.03 4.93 11.58
N SER B 1105 -36.74 5.60 12.70
CA SER B 1105 -37.80 6.30 13.41
C SER B 1105 -38.38 7.41 12.57
N CYS B 1106 -37.55 8.10 11.79
CA CYS B 1106 -38.02 9.24 11.01
C CYS B 1106 -38.31 8.90 9.55
N PHE B 1107 -37.66 7.90 8.98
CA PHE B 1107 -37.82 7.57 7.56
C PHE B 1107 -37.84 6.06 7.38
N PRO B 1108 -38.99 5.47 7.00
CA PRO B 1108 -39.05 4.01 6.91
C PRO B 1108 -38.04 3.47 5.91
N TYR B 1109 -37.43 2.33 6.25
CA TYR B 1109 -36.39 1.77 5.40
C TYR B 1109 -36.95 1.01 4.20
N VAL B 1110 -38.24 0.65 4.22
CA VAL B 1110 -38.81 -0.03 3.06
C VAL B 1110 -38.77 0.87 1.85
N LEU B 1111 -38.94 2.18 2.05
CA LEU B 1111 -38.83 3.11 0.94
C LEU B 1111 -37.43 3.06 0.33
N LEU B 1112 -36.40 3.00 1.18
CA LEU B 1112 -35.03 2.93 0.68
C LEU B 1112 -34.75 1.61 -0.01
N ARG B 1113 -35.28 0.52 0.52
CA ARG B 1113 -35.13 -0.78 -0.13
C ARG B 1113 -35.73 -0.73 -1.53
N ASN B 1114 -36.93 -0.16 -1.65
CA ASN B 1114 -37.57 -0.08 -2.96
C ASN B 1114 -36.84 0.86 -3.89
N ALA B 1115 -36.30 1.96 -3.37
CA ALA B 1115 -35.51 2.86 -4.20
C ALA B 1115 -34.28 2.16 -4.74
N TYR B 1116 -33.58 1.42 -3.90
CA TYR B 1116 -32.41 0.67 -4.35
C TYR B 1116 -32.79 -0.34 -5.41
N HIS B 1117 -33.90 -1.06 -5.21
CA HIS B 1117 -34.35 -1.98 -6.24
C HIS B 1117 -34.61 -1.25 -7.54
N ALA B 1118 -35.28 -0.10 -7.47
CA ALA B 1118 -35.63 0.63 -8.67
C ALA B 1118 -34.40 1.04 -9.46
N VAL B 1119 -33.42 1.64 -8.79
CA VAL B 1119 -32.25 2.13 -9.51
C VAL B 1119 -31.41 0.97 -10.04
N TYR B 1120 -31.32 -0.12 -9.28
CA TYR B 1120 -30.48 -1.25 -9.66
C TYR B 1120 -31.12 -2.14 -10.70
N LYS B 1121 -32.39 -1.90 -11.05
CA LYS B 1121 -33.11 -2.67 -12.07
C LYS B 1121 -32.22 -3.34 -13.10
N ASN C 24 -78.53 -11.16 30.65
CA ASN C 24 -77.52 -11.32 31.70
C ASN C 24 -77.07 -9.97 32.23
N GLU C 25 -76.90 -9.87 33.55
CA GLU C 25 -76.38 -8.66 34.14
C GLU C 25 -75.01 -8.35 33.57
N LEU C 26 -74.75 -7.07 33.34
CA LEU C 26 -73.50 -6.66 32.69
C LEU C 26 -72.32 -6.75 33.66
N GLU C 27 -72.55 -6.47 34.93
CA GLU C 27 -71.47 -6.47 35.90
C GLU C 27 -70.78 -7.84 35.97
N CYS C 28 -71.53 -8.92 35.78
CA CYS C 28 -70.91 -10.24 35.73
C CYS C 28 -69.92 -10.32 34.58
N VAL C 29 -70.29 -9.82 33.40
CA VAL C 29 -69.38 -9.85 32.26
C VAL C 29 -68.14 -9.01 32.54
N THR C 30 -68.34 -7.82 33.13
CA THR C 30 -67.18 -6.98 33.41
C THR C 30 -66.23 -7.64 34.41
N ASN C 31 -66.79 -8.29 35.44
CA ASN C 31 -65.93 -8.98 36.41
C ASN C 31 -65.20 -10.15 35.76
N ILE C 32 -65.88 -10.90 34.90
CA ILE C 32 -65.21 -11.98 34.19
C ILE C 32 -64.06 -11.44 33.36
N SER C 33 -64.28 -10.32 32.68
CA SER C 33 -63.23 -9.72 31.87
C SER C 33 -62.07 -9.25 32.72
N LEU C 34 -62.35 -8.72 33.91
CA LEU C 34 -61.27 -8.32 34.81
C LEU C 34 -60.44 -9.52 35.23
N ALA C 35 -61.09 -10.62 35.56
CA ALA C 35 -60.34 -11.84 35.87
C ALA C 35 -59.51 -12.29 34.67
N ASN C 36 -60.06 -12.15 33.48
CA ASN C 36 -59.32 -12.53 32.28
C ASN C 36 -58.06 -11.67 32.11
N ILE C 37 -58.17 -10.37 32.34
CA ILE C 37 -56.98 -9.53 32.17
C ILE C 37 -55.96 -9.83 33.26
N ILE C 38 -56.39 -10.24 34.46
CA ILE C 38 -55.42 -10.65 35.46
C ILE C 38 -54.71 -11.92 35.03
N ARG C 39 -55.44 -12.86 34.43
CA ARG C 39 -54.80 -14.07 33.90
C ARG C 39 -53.78 -13.70 32.82
N GLN C 40 -54.13 -12.74 31.96
CA GLN C 40 -53.19 -12.27 30.96
C GLN C 40 -51.96 -11.67 31.61
N LEU C 41 -52.14 -10.95 32.71
CA LEU C 41 -50.99 -10.40 33.43
C LEU C 41 -50.08 -11.52 33.93
N SER C 42 -50.66 -12.59 34.46
CA SER C 42 -49.84 -13.71 34.94
C SER C 42 -49.08 -14.37 33.79
N SER C 43 -49.76 -14.58 32.65
CA SER C 43 -49.08 -15.15 31.49
C SER C 43 -47.94 -14.25 31.03
N LEU C 44 -48.18 -12.94 31.04
CA LEU C 44 -47.13 -11.99 30.66
C LEU C 44 -45.96 -12.09 31.62
N SER C 45 -46.24 -12.27 32.91
CA SER C 45 -45.15 -12.42 33.87
C SER C 45 -44.30 -13.63 33.55
N LYS C 46 -44.95 -14.76 33.25
CA LYS C 46 -44.17 -15.96 32.93
C LYS C 46 -43.34 -15.76 31.67
N TYR C 47 -43.92 -15.14 30.64
CA TYR C 47 -43.20 -14.94 29.39
C TYR C 47 -42.03 -14.00 29.57
N ALA C 48 -42.21 -12.94 30.37
CA ALA C 48 -41.11 -12.02 30.67
C ALA C 48 -40.01 -12.74 31.41
N GLU C 49 -40.37 -13.58 32.38
CA GLU C 49 -39.36 -14.36 33.08
C GLU C 49 -38.58 -15.23 32.12
N ASP C 50 -39.27 -15.86 31.17
CA ASP C 50 -38.58 -16.68 30.17
C ASP C 50 -37.57 -15.87 29.39
N ILE C 51 -37.98 -14.70 28.89
CA ILE C 51 -37.05 -13.86 28.12
C ILE C 51 -35.84 -13.49 28.97
N PHE C 52 -36.08 -13.04 30.19
CA PHE C 52 -34.98 -12.56 31.02
C PHE C 52 -34.02 -13.69 31.37
N GLY C 53 -34.55 -14.89 31.60
CA GLY C 53 -33.67 -16.03 31.83
C GLY C 53 -32.84 -16.36 30.61
N GLU C 54 -33.45 -16.31 29.42
CA GLU C 54 -32.69 -16.58 28.21
C GLU C 54 -31.55 -15.59 28.04
N LEU C 55 -31.78 -14.32 28.37
CA LEU C 55 -30.70 -13.34 28.31
C LEU C 55 -29.63 -13.66 29.35
N PHE C 56 -30.05 -13.92 30.59
CA PHE C 56 -29.10 -14.04 31.68
C PHE C 56 -28.20 -15.24 31.51
N ASN C 57 -28.70 -16.35 30.96
CA ASN C 57 -27.87 -17.54 30.83
C ASN C 57 -26.65 -17.26 29.96
N GLU C 58 -26.88 -16.73 28.76
CA GLU C 58 -25.75 -16.42 27.87
C GLU C 58 -24.88 -15.31 28.42
N ALA C 59 -25.47 -14.33 29.13
CA ALA C 59 -24.61 -13.33 29.77
C ALA C 59 -23.67 -13.97 30.78
N HIS C 60 -24.18 -14.94 31.55
CA HIS C 60 -23.35 -15.65 32.52
C HIS C 60 -22.24 -16.42 31.82
N SER C 61 -22.56 -17.05 30.68
CA SER C 61 -21.52 -17.73 29.90
C SER C 61 -20.43 -16.76 29.45
N PHE C 62 -20.83 -15.58 28.98
CA PHE C 62 -19.85 -14.57 28.62
C PHE C 62 -18.97 -14.22 29.80
N SER C 63 -19.57 -14.10 30.98
CA SER C 63 -18.78 -13.77 32.17
C SER C 63 -17.73 -14.83 32.44
N PHE C 64 -18.11 -16.10 32.35
CA PHE C 64 -17.14 -17.18 32.55
C PHE C 64 -15.99 -17.06 31.55
N ARG C 65 -16.32 -16.85 30.29
CA ARG C 65 -15.27 -16.75 29.27
C ARG C 65 -14.36 -15.57 29.53
N VAL C 66 -14.92 -14.46 29.98
CA VAL C 66 -14.12 -13.27 30.23
C VAL C 66 -13.16 -13.50 31.39
N ASN C 67 -13.63 -14.18 32.44
CA ASN C 67 -12.74 -14.48 33.55
C ASN C 67 -11.59 -15.39 33.11
N SER C 68 -11.89 -16.40 32.30
CA SER C 68 -10.82 -17.28 31.84
C SER C 68 -9.81 -16.52 30.99
N LEU C 69 -10.29 -15.68 30.09
CA LEU C 69 -9.37 -14.90 29.26
C LEU C 69 -8.56 -13.93 30.09
N GLN C 70 -9.14 -13.36 31.14
CA GLN C 70 -8.39 -12.45 32.01
C GLN C 70 -7.27 -13.18 32.72
N GLU C 71 -7.55 -14.38 33.23
CA GLU C 71 -6.49 -15.18 33.85
C GLU C 71 -5.37 -15.42 32.84
N ARG C 72 -5.73 -15.80 31.63
CA ARG C 72 -4.71 -16.10 30.62
C ARG C 72 -3.90 -14.86 30.28
N VAL C 73 -4.55 -13.70 30.21
CA VAL C 73 -3.84 -12.48 29.86
C VAL C 73 -2.89 -12.07 30.96
N ASP C 74 -3.30 -12.22 32.22
CA ASP C 74 -2.39 -11.93 33.32
C ASP C 74 -1.16 -12.81 33.26
N ARG C 75 -1.37 -14.11 33.06
CA ARG C 75 -0.25 -15.03 32.95
C ARG C 75 0.67 -14.63 31.80
N LEU C 76 0.08 -14.35 30.64
CA LEU C 76 0.89 -14.02 29.47
C LEU C 76 1.66 -12.75 29.67
N SER C 77 1.08 -11.77 30.37
CA SER C 77 1.78 -10.51 30.58
C SER C 77 2.98 -10.70 31.50
N VAL C 78 2.79 -11.42 32.61
CA VAL C 78 3.92 -11.64 33.49
C VAL C 78 4.98 -12.50 32.80
N SER C 79 4.57 -13.37 31.89
CA SER C 79 5.57 -14.15 31.14
C SER C 79 6.32 -13.28 30.15
N VAL C 80 5.62 -12.39 29.47
CA VAL C 80 6.25 -11.59 28.41
C VAL C 80 7.20 -10.58 29.00
N THR C 81 6.91 -10.08 30.21
CA THR C 81 7.79 -9.05 30.77
C THR C 81 9.20 -9.58 31.02
N GLN C 82 9.41 -10.89 31.01
CA GLN C 82 10.71 -11.46 31.30
C GLN C 82 11.21 -12.30 30.13
N LEU C 83 11.13 -11.75 28.92
CA LEU C 83 11.71 -12.36 27.74
C LEU C 83 13.13 -11.83 27.57
N ASP C 84 14.07 -12.72 27.28
CA ASP C 84 15.48 -12.34 27.20
C ASP C 84 15.95 -12.35 25.76
N PRO C 85 16.21 -11.20 25.14
CA PRO C 85 16.65 -11.22 23.73
C PRO C 85 18.08 -11.68 23.57
N LYS C 86 19.00 -11.21 24.41
CA LYS C 86 20.39 -11.60 24.27
C LYS C 86 20.56 -13.10 24.45
N GLU C 87 19.82 -13.70 25.39
CA GLU C 87 19.90 -15.17 25.60
C GLU C 87 19.06 -15.89 24.55
N GLU C 88 18.24 -15.16 23.78
CA GLU C 88 17.33 -15.87 22.85
C GLU C 88 18.17 -16.64 21.84
N GLU C 89 17.86 -17.93 21.65
CA GLU C 89 18.60 -18.77 20.68
C GLU C 89 17.60 -19.44 19.74
N LEU C 90 17.85 -19.40 18.43
CA LEU C 90 16.91 -19.98 17.45
C LEU C 90 17.58 -21.18 16.77
N SER C 91 16.88 -22.31 16.67
CA SER C 91 17.51 -23.52 16.09
C SER C 91 17.32 -23.49 14.57
N LEU C 92 18.40 -23.25 13.84
CA LEU C 92 18.36 -23.22 12.35
C LEU C 92 17.98 -24.62 11.86
N GLN C 93 18.56 -25.66 12.45
CA GLN C 93 18.33 -27.04 11.99
C GLN C 93 16.85 -27.44 12.13
N ASP C 94 16.16 -26.96 13.16
CA ASP C 94 14.78 -27.44 13.44
C ASP C 94 13.70 -26.57 12.78
N ILE C 95 14.02 -25.82 11.72
CA ILE C 95 13.02 -24.87 11.17
C ILE C 95 11.72 -25.56 10.75
N THR C 96 11.78 -26.74 10.10
CA THR C 96 10.52 -27.34 9.58
C THR C 96 10.02 -28.50 10.46
N MET C 97 10.92 -29.30 11.03
CA MET C 97 10.45 -30.37 11.90
C MET C 97 9.60 -29.86 13.05
N ARG C 98 9.55 -28.55 13.27
CA ARG C 98 8.64 -27.98 14.25
C ARG C 98 7.21 -27.98 13.73
N LYS C 99 6.26 -28.20 14.65
CA LYS C 99 4.85 -28.25 14.27
C LYS C 99 4.30 -26.83 14.16
N ALA C 100 3.63 -26.55 13.04
CA ALA C 100 3.14 -25.22 12.77
C ALA C 100 1.92 -24.89 13.61
N PHE C 101 1.74 -23.59 13.86
CA PHE C 101 0.58 -23.12 14.60
C PHE C 101 -0.60 -23.00 13.66
N ARG C 102 -1.75 -23.50 14.10
CA ARG C 102 -2.98 -23.46 13.31
C ARG C 102 -4.06 -22.78 14.14
N SER C 103 -4.74 -21.82 13.52
CA SER C 103 -5.82 -21.13 14.19
C SER C 103 -7.07 -22.00 14.21
N SER C 104 -7.98 -21.67 15.11
CA SER C 104 -9.21 -22.44 15.24
C SER C 104 -10.05 -22.34 13.97
N THR C 105 -10.74 -23.42 13.64
CA THR C 105 -11.54 -23.49 12.43
C THR C 105 -12.97 -23.96 12.73
N ILE C 106 -13.47 -23.65 13.93
CA ILE C 106 -14.82 -24.04 14.29
C ILE C 106 -15.81 -23.35 13.35
N GLN C 107 -16.78 -24.11 12.83
CA GLN C 107 -17.82 -23.53 11.94
C GLN C 107 -19.19 -24.08 12.34
N ASP C 108 -20.11 -23.21 12.75
CA ASP C 108 -21.43 -23.67 13.24
C ASP C 108 -22.29 -24.25 12.12
N GLN C 109 -23.09 -25.28 12.43
CA GLN C 109 -23.97 -25.93 11.43
C GLN C 109 -25.13 -26.56 12.21
N GLN C 110 -26.16 -27.05 11.52
CA GLN C 110 -27.29 -27.74 12.21
C GLN C 110 -27.88 -26.83 13.27
N LEU C 111 -28.15 -25.56 12.93
CA LEU C 111 -28.62 -24.59 13.93
C LEU C 111 -30.08 -24.83 14.31
N PHE C 112 -30.78 -25.69 13.57
CA PHE C 112 -32.20 -25.91 13.83
C PHE C 112 -32.46 -27.35 14.28
N ASP C 113 -31.56 -27.90 15.08
CA ASP C 113 -31.84 -29.16 15.71
C ASP C 113 -32.91 -28.98 16.77
N ARG C 114 -33.51 -30.09 17.18
CA ARG C 114 -34.58 -29.99 18.18
C ARG C 114 -34.05 -29.49 19.52
N LYS C 115 -32.76 -29.68 19.81
CA LYS C 115 -32.21 -29.24 21.08
C LYS C 115 -32.34 -27.74 21.23
N THR C 116 -32.23 -27.01 20.12
CA THR C 116 -32.19 -25.55 20.13
C THR C 116 -33.56 -24.92 20.33
N LEU C 117 -34.62 -25.72 20.39
CA LEU C 117 -35.96 -25.15 20.49
C LEU C 117 -36.07 -24.33 21.77
N PRO C 118 -36.56 -23.10 21.71
CA PRO C 118 -36.83 -22.36 22.93
C PRO C 118 -37.85 -23.09 23.79
N ILE C 119 -38.04 -22.58 25.01
CA ILE C 119 -38.89 -23.24 25.99
C ILE C 119 -40.36 -22.98 25.69
N PRO C 120 -40.79 -21.73 25.45
CA PRO C 120 -42.21 -21.52 25.16
C PRO C 120 -42.68 -22.20 23.88
N LEU C 121 -41.82 -22.22 22.86
CA LEU C 121 -42.19 -22.90 21.62
C LEU C 121 -42.31 -24.39 21.86
N GLN C 122 -41.46 -24.95 22.73
CA GLN C 122 -41.62 -26.35 23.12
C GLN C 122 -42.93 -26.57 23.88
N GLU C 123 -43.29 -25.64 24.74
CA GLU C 123 -44.54 -25.78 25.49
C GLU C 123 -45.73 -25.83 24.54
N THR C 124 -45.76 -24.95 23.54
CA THR C 124 -46.86 -25.00 22.58
C THR C 124 -46.74 -26.17 21.63
N TYR C 125 -45.54 -26.72 21.45
CA TYR C 125 -45.37 -27.90 20.60
C TYR C 125 -45.85 -29.16 21.29
N ASP C 126 -45.77 -29.22 22.60
CA ASP C 126 -46.10 -30.46 23.31
C ASP C 126 -47.59 -30.65 23.50
N VAL C 127 -48.39 -29.62 23.21
CA VAL C 127 -49.87 -29.73 23.38
C VAL C 127 -50.48 -30.12 22.04
N CYS C 128 -49.67 -30.16 20.99
CA CYS C 128 -50.15 -30.53 19.63
C CYS C 128 -50.36 -32.04 19.54
N GLU C 129 -51.16 -32.49 18.57
CA GLU C 129 -51.48 -33.93 18.44
C GLU C 129 -50.25 -34.71 18.00
N GLN C 130 -49.97 -35.83 18.66
CA GLN C 130 -48.81 -36.68 18.32
C GLN C 130 -49.20 -37.63 17.18
N PRO C 131 -48.23 -38.14 16.37
CA PRO C 131 -48.56 -39.11 15.32
C PRO C 131 -49.15 -40.43 15.89
N PRO C 132 -49.82 -41.33 15.12
CA PRO C 132 -50.33 -42.55 15.73
C PRO C 132 -49.20 -43.41 16.25
N PRO C 133 -49.45 -44.20 17.28
CA PRO C 133 -48.37 -45.03 17.82
C PRO C 133 -48.01 -46.13 16.85
N LEU C 134 -47.50 -45.73 15.70
CA LEU C 134 -47.30 -46.65 14.59
C LEU C 134 -46.00 -47.42 14.71
N ASN C 135 -45.21 -47.19 15.76
CA ASN C 135 -43.96 -47.89 15.93
C ASN C 135 -44.16 -49.32 16.38
N ILE C 136 -45.20 -49.58 17.19
CA ILE C 136 -45.39 -50.89 17.78
C ILE C 136 -45.41 -51.99 16.72
N LEU C 137 -45.74 -51.65 15.49
CA LEU C 137 -45.70 -52.62 14.41
C LEU C 137 -44.29 -52.99 14.01
N THR C 138 -43.27 -52.28 14.51
CA THR C 138 -41.92 -52.49 14.00
C THR C 138 -41.40 -53.91 14.20
N PRO C 139 -41.60 -54.56 15.34
CA PRO C 139 -40.97 -55.87 15.53
C PRO C 139 -41.46 -56.92 14.55
N TYR C 140 -42.61 -56.72 13.92
CA TYR C 140 -43.20 -57.70 13.03
C TYR C 140 -42.86 -57.47 11.56
N ARG C 141 -42.11 -56.42 11.23
CA ARG C 141 -41.87 -56.06 9.84
C ARG C 141 -40.67 -56.82 9.31
N ASP C 142 -40.86 -57.51 8.18
CA ASP C 142 -39.79 -58.31 7.60
C ASP C 142 -38.65 -57.43 7.09
N ASP C 143 -38.98 -56.27 6.50
CA ASP C 143 -37.96 -55.39 5.98
C ASP C 143 -37.03 -54.89 7.07
N GLY C 144 -37.45 -54.95 8.33
CA GLY C 144 -36.64 -54.39 9.39
C GLY C 144 -36.50 -52.89 9.31
N LYS C 145 -37.54 -52.20 8.86
CA LYS C 145 -37.60 -50.75 8.85
C LYS C 145 -38.56 -50.28 9.93
N GLU C 146 -38.39 -49.03 10.35
CA GLU C 146 -39.25 -48.49 11.39
C GLU C 146 -40.68 -48.39 10.89
N GLY C 147 -41.62 -48.56 11.81
CA GLY C 147 -43.02 -48.45 11.45
C GLY C 147 -43.43 -47.04 11.09
N LEU C 148 -42.93 -46.06 11.85
CA LEU C 148 -43.33 -44.67 11.62
C LEU C 148 -42.65 -44.05 10.42
N LYS C 149 -41.52 -44.59 9.96
CA LYS C 149 -40.84 -43.99 8.83
C LYS C 149 -41.66 -44.06 7.56
N PHE C 150 -42.72 -44.86 7.55
CA PHE C 150 -43.68 -44.86 6.44
C PHE C 150 -44.79 -43.85 6.63
N TYR C 151 -44.79 -43.12 7.75
CA TYR C 151 -45.79 -42.12 8.06
C TYR C 151 -45.23 -40.71 8.07
N THR C 152 -43.99 -40.53 8.52
CA THR C 152 -43.36 -39.22 8.54
C THR C 152 -41.86 -39.42 8.67
N ASN C 153 -41.09 -38.89 7.73
CA ASN C 153 -39.64 -39.05 7.69
C ASN C 153 -38.99 -37.70 7.50
N PRO C 154 -38.73 -36.96 8.58
CA PRO C 154 -38.03 -35.67 8.44
C PRO C 154 -36.64 -35.80 7.85
N SER C 155 -36.01 -36.95 7.99
CA SER C 155 -34.66 -37.14 7.46
C SER C 155 -34.68 -37.40 5.95
N TYR C 156 -35.90 -37.55 5.43
CA TYR C 156 -36.08 -37.84 4.02
C TYR C 156 -35.50 -36.74 3.16
N PHE C 157 -35.71 -35.48 3.53
CA PHE C 157 -35.22 -34.39 2.71
C PHE C 157 -33.70 -34.48 2.61
N PHE C 158 -33.05 -34.67 3.75
CA PHE C 158 -31.61 -34.72 3.72
C PHE C 158 -31.11 -35.88 2.89
N ASP C 159 -31.75 -37.04 3.06
CA ASP C 159 -31.28 -38.20 2.32
C ASP C 159 -31.43 -37.97 0.82
N LEU C 160 -32.56 -37.42 0.42
CA LEU C 160 -32.80 -37.20 -0.99
C LEU C 160 -31.77 -36.23 -1.55
N TRP C 161 -31.51 -35.16 -0.79
CA TRP C 161 -30.57 -34.16 -1.26
C TRP C 161 -29.19 -34.76 -1.41
N LYS C 162 -28.78 -35.56 -0.44
CA LYS C 162 -27.46 -36.15 -0.50
C LYS C 162 -27.34 -37.08 -1.69
N GLU C 163 -28.39 -37.86 -1.93
CA GLU C 163 -28.36 -38.79 -3.05
C GLU C 163 -28.24 -38.02 -4.35
N LYS C 164 -29.00 -36.93 -4.49
CA LYS C 164 -28.95 -36.14 -5.70
C LYS C 164 -27.56 -35.55 -5.91
N MET C 165 -26.96 -35.07 -4.83
CA MET C 165 -25.63 -34.49 -4.89
C MET C 165 -24.56 -35.51 -5.29
N LEU C 166 -24.68 -36.72 -4.77
CA LEU C 166 -23.70 -37.77 -5.06
C LEU C 166 -23.67 -38.22 -6.52
N GLN C 167 -24.85 -38.41 -7.09
CA GLN C 167 -24.95 -38.86 -8.48
C GLN C 167 -24.60 -37.72 -9.44
N ASP C 168 -24.97 -36.50 -9.08
CA ASP C 168 -24.61 -35.36 -9.93
C ASP C 168 -23.09 -35.19 -9.99
N THR C 169 -22.42 -35.32 -8.86
CA THR C 169 -20.96 -35.23 -8.84
C THR C 169 -20.34 -36.32 -9.69
N GLU C 170 -20.82 -37.56 -9.55
CA GLU C 170 -20.24 -38.65 -10.34
C GLU C 170 -20.49 -38.43 -11.83
N ASP C 171 -21.68 -37.99 -12.19
CA ASP C 171 -21.96 -37.73 -13.60
C ASP C 171 -21.07 -36.63 -14.15
N LYS C 172 -20.86 -35.57 -13.37
CA LYS C 172 -19.97 -34.50 -13.81
C LYS C 172 -18.55 -35.01 -13.99
N ARG C 173 -18.07 -35.83 -13.05
CA ARG C 173 -16.72 -36.37 -13.18
C ARG C 173 -16.61 -37.22 -14.44
N LYS C 174 -17.60 -38.08 -14.70
CA LYS C 174 -17.56 -38.93 -15.88
C LYS C 174 -17.56 -38.09 -17.16
N GLU C 175 -18.42 -37.08 -17.21
CA GLU C 175 -18.49 -36.24 -18.42
C GLU C 175 -17.20 -35.47 -18.63
N LYS C 176 -16.59 -34.98 -17.55
CA LYS C 176 -15.35 -34.21 -17.69
C LYS C 176 -14.26 -35.06 -18.32
N ARG C 177 -14.13 -36.31 -17.90
CA ARG C 177 -13.14 -37.22 -18.48
C ARG C 177 -13.68 -37.86 -19.75
N SER C 263 23.40 -26.74 2.87
CA SER C 263 23.65 -26.58 4.29
C SER C 263 22.61 -27.37 5.11
N VAL C 264 22.71 -27.27 6.43
CA VAL C 264 21.82 -28.04 7.29
C VAL C 264 20.39 -27.55 7.16
N LEU C 265 20.19 -26.24 6.96
CA LEU C 265 18.85 -25.75 6.67
C LEU C 265 18.29 -26.39 5.42
N LEU C 266 19.16 -26.80 4.50
CA LEU C 266 18.71 -27.56 3.34
C LEU C 266 18.12 -28.90 3.78
N GLU C 267 18.78 -29.58 4.72
CA GLU C 267 18.21 -30.80 5.29
C GLU C 267 16.86 -30.51 5.92
N ALA C 268 16.76 -29.41 6.67
CA ALA C 268 15.50 -29.10 7.34
C ALA C 268 14.37 -28.86 6.35
N ILE C 269 14.64 -28.12 5.28
CA ILE C 269 13.60 -27.85 4.29
C ILE C 269 13.25 -29.14 3.53
N ARG C 270 14.23 -29.99 3.27
CA ARG C 270 13.93 -31.28 2.64
C ARG C 270 13.00 -32.10 3.52
N LYS C 271 13.28 -32.15 4.82
CA LYS C 271 12.41 -32.90 5.73
C LYS C 271 11.03 -32.27 5.78
N GLY C 272 10.96 -30.94 5.75
CA GLY C 272 9.67 -30.29 5.77
C GLY C 272 8.83 -30.62 4.56
N ILE C 273 9.44 -30.59 3.37
CA ILE C 273 8.69 -30.90 2.16
C ILE C 273 8.28 -32.37 2.15
N GLN C 274 9.15 -33.25 2.65
CA GLN C 274 8.79 -34.67 2.74
C GLN C 274 7.60 -34.87 3.67
N LEU C 275 7.61 -34.21 4.83
CA LEU C 275 6.50 -34.31 5.76
C LEU C 275 5.22 -33.77 5.13
N ARG C 276 5.30 -32.61 4.47
CA ARG C 276 4.12 -32.04 3.85
C ARG C 276 3.54 -32.98 2.80
N LYS C 277 4.41 -33.58 1.97
CA LYS C 277 3.93 -34.50 0.96
C LYS C 277 3.26 -35.72 1.59
N VAL C 278 3.97 -36.38 2.51
CA VAL C 278 3.40 -37.59 3.11
C VAL C 278 2.23 -37.25 4.02
N GLU C 279 2.38 -36.21 4.85
CA GLU C 279 1.33 -35.82 5.79
C GLU C 279 0.30 -34.95 5.07
N GLU C 280 -0.41 -35.57 4.13
CA GLU C 280 -1.45 -34.89 3.38
C GLU C 280 -2.72 -34.84 4.23
N GLN C 281 -3.82 -34.40 3.62
CA GLN C 281 -5.09 -34.34 4.32
C GLN C 281 -5.73 -35.72 4.42
N ARG C 282 -6.75 -35.82 5.26
CA ARG C 282 -7.44 -37.09 5.46
C ARG C 282 -8.96 -36.88 5.40
N GLU C 292 -19.39 -37.96 3.87
CA GLU C 292 -19.67 -37.21 5.09
C GLU C 292 -21.08 -36.68 5.06
N ASN C 293 -21.62 -36.38 6.25
CA ASN C 293 -23.00 -35.90 6.40
C ASN C 293 -23.03 -34.43 6.78
N ASP C 294 -22.14 -33.63 6.21
CA ASP C 294 -22.17 -32.19 6.33
C ASP C 294 -22.47 -31.60 4.96
N VAL C 295 -23.50 -30.75 4.89
CA VAL C 295 -23.92 -30.22 3.60
C VAL C 295 -22.79 -29.40 2.97
N ALA C 296 -22.09 -28.61 3.78
CA ALA C 296 -21.03 -27.77 3.25
C ALA C 296 -19.97 -28.61 2.56
N THR C 297 -19.59 -29.74 3.16
CA THR C 297 -18.61 -30.61 2.54
C THR C 297 -19.10 -31.13 1.20
N ILE C 298 -20.37 -31.51 1.12
CA ILE C 298 -20.92 -32.04 -0.12
C ILE C 298 -20.88 -30.98 -1.21
N LEU C 299 -21.30 -29.76 -0.87
CA LEU C 299 -21.28 -28.69 -1.87
C LEU C 299 -19.85 -28.39 -2.32
N SER C 300 -18.91 -28.39 -1.37
CA SER C 300 -17.52 -28.12 -1.72
C SER C 300 -16.99 -29.17 -2.68
N ARG C 301 -17.29 -30.44 -2.41
CA ARG C 301 -16.85 -31.49 -3.33
C ARG C 301 -17.49 -31.33 -4.69
N ARG C 302 -18.78 -31.01 -4.72
CA ARG C 302 -19.46 -30.85 -6.01
C ARG C 302 -18.80 -29.74 -6.82
N ILE C 303 -18.57 -28.58 -6.21
CA ILE C 303 -18.00 -27.47 -6.96
C ILE C 303 -16.56 -27.75 -7.35
N ALA C 304 -15.81 -28.41 -6.47
CA ALA C 304 -14.41 -28.74 -6.80
C ALA C 304 -14.35 -29.68 -7.99
N VAL C 305 -15.21 -30.69 -8.04
CA VAL C 305 -15.26 -31.56 -9.21
C VAL C 305 -15.70 -30.77 -10.43
N GLU C 306 -16.59 -29.79 -10.22
CA GLU C 306 -17.05 -28.95 -11.32
C GLU C 306 -15.94 -28.07 -11.89
N TYR C 307 -14.81 -27.95 -11.20
CA TYR C 307 -13.69 -27.16 -11.68
C TYR C 307 -12.60 -28.08 -12.22
N ARG D 10 -78.18 4.64 34.40
CA ARG D 10 -78.76 3.32 34.23
C ARG D 10 -77.65 2.32 33.96
N GLU D 11 -77.99 1.02 34.02
CA GLU D 11 -76.99 -0.03 33.89
C GLU D 11 -76.17 0.11 32.61
N ILE D 12 -76.75 0.64 31.53
CA ILE D 12 -75.99 0.80 30.30
C ILE D 12 -74.89 1.85 30.48
N HIS D 13 -75.17 2.90 31.24
CA HIS D 13 -74.17 3.93 31.49
C HIS D 13 -72.97 3.35 32.26
N GLN D 14 -73.26 2.63 33.34
CA GLN D 14 -72.18 1.98 34.08
C GLN D 14 -71.46 0.98 33.19
N ASP D 15 -72.18 0.32 32.29
CA ASP D 15 -71.54 -0.63 31.39
C ASP D 15 -70.53 0.07 30.50
N TRP D 16 -70.90 1.23 29.96
CA TRP D 16 -69.95 1.98 29.15
C TRP D 16 -68.73 2.38 29.96
N ALA D 17 -68.95 2.82 31.20
CA ALA D 17 -67.83 3.22 32.04
C ALA D 17 -66.88 2.06 32.29
N ASN D 18 -67.43 0.89 32.63
CA ASN D 18 -66.60 -0.26 32.89
C ASN D 18 -65.85 -0.70 31.64
N ARG D 19 -66.49 -0.66 30.49
CA ARG D 19 -65.81 -1.06 29.27
C ARG D 19 -64.66 -0.12 28.97
N GLU D 20 -64.83 1.18 29.22
CA GLU D 20 -63.73 2.11 29.04
C GLU D 20 -62.58 1.77 29.99
N TYR D 21 -62.91 1.44 31.23
CA TYR D 21 -61.86 1.05 32.19
C TYR D 21 -61.06 -0.14 31.66
N ILE D 22 -61.76 -1.19 31.25
CA ILE D 22 -61.09 -2.39 30.74
C ILE D 22 -60.22 -2.05 29.55
N GLU D 23 -60.72 -1.17 28.67
CA GLU D 23 -59.95 -0.79 27.50
C GLU D 23 -58.63 -0.13 27.90
N ILE D 24 -58.68 0.78 28.87
CA ILE D 24 -57.45 1.44 29.32
C ILE D 24 -56.46 0.41 29.82
N ILE D 25 -56.93 -0.53 30.65
CA ILE D 25 -56.02 -1.51 31.23
C ILE D 25 -55.40 -2.38 30.13
N THR D 26 -56.21 -2.82 29.16
CA THR D 26 -55.67 -3.66 28.10
C THR D 26 -54.62 -2.92 27.28
N SER D 27 -54.87 -1.63 27.00
CA SER D 27 -53.87 -0.87 26.27
C SER D 27 -52.55 -0.83 27.03
N SER D 28 -52.62 -0.64 28.35
CA SER D 28 -51.39 -0.62 29.14
C SER D 28 -50.67 -1.96 29.06
N ILE D 29 -51.42 -3.07 29.15
CA ILE D 29 -50.78 -4.37 29.10
C ILE D 29 -50.07 -4.58 27.77
N LYS D 30 -50.70 -4.17 26.67
CA LYS D 30 -50.06 -4.34 25.37
C LYS D 30 -48.83 -3.46 25.24
N LYS D 31 -48.84 -2.28 25.85
CA LYS D 31 -47.63 -1.46 25.87
C LYS D 31 -46.50 -2.20 26.58
N ILE D 32 -46.80 -2.84 27.71
CA ILE D 32 -45.76 -3.59 28.41
C ILE D 32 -45.21 -4.71 27.53
N ALA D 33 -46.10 -5.44 26.84
CA ALA D 33 -45.63 -6.52 25.99
C ALA D 33 -44.73 -6.01 24.88
N ASP D 34 -45.11 -4.90 24.26
CA ASP D 34 -44.29 -4.35 23.18
C ASP D 34 -42.93 -3.92 23.69
N PHE D 35 -42.89 -3.33 24.89
CA PHE D 35 -41.60 -2.99 25.47
C PHE D 35 -40.75 -4.24 25.69
N LEU D 36 -41.36 -5.31 26.20
CA LEU D 36 -40.61 -6.55 26.36
C LEU D 36 -39.97 -6.98 25.06
N ASN D 37 -40.76 -7.00 23.99
CA ASN D 37 -40.23 -7.46 22.70
C ASN D 37 -39.06 -6.58 22.24
N SER D 38 -39.24 -5.26 22.29
CA SER D 38 -38.19 -4.38 21.80
C SER D 38 -36.91 -4.53 22.62
N PHE D 39 -37.06 -4.60 23.94
CA PHE D 39 -35.91 -4.75 24.81
C PHE D 39 -35.17 -6.05 24.52
N ASP D 40 -35.92 -7.14 24.30
CA ASP D 40 -35.28 -8.40 23.94
C ASP D 40 -34.48 -8.28 22.66
N MET D 41 -35.04 -7.63 21.64
CA MET D 41 -34.32 -7.50 20.38
C MET D 41 -33.03 -6.72 20.56
N SER D 42 -33.09 -5.60 21.28
CA SER D 42 -31.88 -4.80 21.48
C SER D 42 -30.83 -5.58 22.25
N CYS D 43 -31.25 -6.31 23.28
CA CYS D 43 -30.30 -7.10 24.06
C CYS D 43 -29.65 -8.19 23.21
N ARG D 44 -30.43 -8.86 22.35
CA ARG D 44 -29.83 -9.79 21.40
C ARG D 44 -28.75 -9.12 20.57
N SER D 45 -29.05 -7.96 20.01
CA SER D 45 -28.07 -7.31 19.13
C SER D 45 -26.77 -7.04 19.88
N ARG D 46 -26.86 -6.40 21.05
CA ARG D 46 -25.63 -5.99 21.71
C ARG D 46 -24.91 -7.18 22.32
N LEU D 47 -25.64 -8.23 22.70
CA LEU D 47 -24.98 -9.47 23.10
C LEU D 47 -24.19 -10.06 21.95
N ALA D 48 -24.75 -10.02 20.74
CA ALA D 48 -24.02 -10.53 19.59
C ALA D 48 -22.72 -9.75 19.39
N THR D 49 -22.78 -8.44 19.58
CA THR D 49 -21.60 -7.60 19.43
C THR D 49 -20.53 -7.93 20.46
N LEU D 50 -20.96 -8.06 21.72
CA LEU D 50 -20.03 -8.38 22.80
C LEU D 50 -19.39 -9.73 22.57
N ASN D 51 -20.19 -10.69 22.14
CA ASN D 51 -19.68 -12.04 21.89
C ASN D 51 -18.64 -12.00 20.79
N GLU D 52 -18.92 -11.23 19.74
CA GLU D 52 -17.97 -11.12 18.63
C GLU D 52 -16.68 -10.51 19.10
N LYS D 53 -16.77 -9.48 19.94
CA LYS D 53 -15.58 -8.83 20.45
C LYS D 53 -14.76 -9.80 21.28
N LEU D 54 -15.44 -10.58 22.11
CA LEU D 54 -14.75 -11.55 22.95
C LEU D 54 -14.05 -12.59 22.10
N THR D 55 -14.72 -13.04 21.05
CA THR D 55 -14.15 -14.04 20.15
C THR D 55 -12.91 -13.50 19.47
N ALA D 56 -12.96 -12.23 19.06
CA ALA D 56 -11.82 -11.62 18.40
C ALA D 56 -10.62 -11.54 19.33
N LEU D 57 -10.90 -11.34 20.62
CA LEU D 57 -9.87 -11.23 21.64
C LEU D 57 -9.28 -12.58 21.99
N GLU D 58 -10.13 -13.61 22.14
CA GLU D 58 -9.63 -14.94 22.46
C GLU D 58 -8.67 -15.44 21.39
N ARG D 59 -9.06 -15.30 20.12
CA ARG D 59 -8.18 -15.75 19.05
C ARG D 59 -6.86 -15.01 19.08
N ARG D 60 -6.91 -13.70 19.36
CA ARG D 60 -5.69 -12.92 19.38
C ARG D 60 -4.75 -13.38 20.48
N ILE D 61 -5.29 -13.68 21.67
CA ILE D 61 -4.41 -14.13 22.74
C ILE D 61 -3.84 -15.50 22.43
N GLU D 62 -4.64 -16.39 21.84
CA GLU D 62 -4.08 -17.65 21.35
C GLU D 62 -2.88 -17.40 20.48
N TYR D 63 -3.02 -16.52 19.49
CA TYR D 63 -1.94 -16.27 18.55
C TYR D 63 -0.72 -15.69 19.24
N ILE D 64 -0.92 -14.73 20.14
CA ILE D 64 0.21 -14.10 20.82
C ILE D 64 0.96 -15.13 21.66
N GLU D 65 0.23 -15.88 22.49
CA GLU D 65 0.93 -16.81 23.37
C GLU D 65 1.55 -17.95 22.59
N ALA D 66 1.05 -18.26 21.41
CA ALA D 66 1.74 -19.22 20.56
C ALA D 66 3.00 -18.63 19.96
N ARG D 67 2.99 -17.33 19.72
CA ARG D 67 4.17 -16.67 19.16
C ARG D 67 5.25 -16.46 20.21
N VAL D 68 4.89 -16.44 21.50
CA VAL D 68 5.85 -16.17 22.56
C VAL D 68 6.34 -17.44 23.24
N THR D 69 6.09 -18.60 22.64
CA THR D 69 6.55 -19.86 23.21
C THR D 69 6.92 -20.85 22.14
N GLU E 3 -18.48 -6.15 41.98
CA GLU E 3 -19.58 -5.25 41.65
C GLU E 3 -20.50 -5.92 40.62
N LEU E 4 -19.90 -6.67 39.70
CA LEU E 4 -20.68 -7.46 38.75
C LEU E 4 -21.23 -8.72 39.39
N GLN E 5 -20.52 -9.29 40.37
CA GLN E 5 -21.04 -10.44 41.08
C GLN E 5 -22.31 -10.10 41.83
N MET E 6 -22.35 -8.93 42.47
CA MET E 6 -23.56 -8.51 43.16
C MET E 6 -24.77 -8.62 42.23
N LEU E 7 -24.59 -8.25 40.96
CA LEU E 7 -25.67 -8.41 40.00
C LEU E 7 -25.89 -9.88 39.67
N LEU E 8 -24.87 -10.52 39.08
CA LEU E 8 -25.07 -11.85 38.49
C LEU E 8 -25.62 -12.84 39.50
N GLU E 9 -25.08 -12.87 40.71
CA GLU E 9 -25.40 -13.95 41.64
C GLU E 9 -26.77 -13.78 42.29
N GLU E 10 -27.19 -12.54 42.58
CA GLU E 10 -28.39 -12.35 43.40
C GLU E 10 -29.38 -11.32 42.88
N GLU E 11 -28.99 -10.34 42.05
CA GLU E 11 -29.97 -9.38 41.56
C GLU E 11 -30.86 -10.00 40.50
N ILE E 12 -30.27 -10.41 39.38
CA ILE E 12 -31.07 -10.96 38.28
C ILE E 12 -31.79 -12.23 38.70
N PRO E 13 -31.13 -13.22 39.31
CA PRO E 13 -31.89 -14.41 39.75
C PRO E 13 -33.00 -14.07 40.73
N GLY E 14 -32.76 -13.12 41.63
CA GLY E 14 -33.80 -12.73 42.56
C GLY E 14 -35.00 -12.13 41.86
N GLY E 15 -34.75 -11.29 40.87
CA GLY E 15 -35.85 -10.72 40.11
C GLY E 15 -36.61 -11.76 39.32
N ARG E 16 -35.90 -12.75 38.77
CA ARG E 16 -36.58 -13.82 38.06
C ARG E 16 -37.46 -14.65 38.98
N ARG E 17 -36.96 -14.95 40.19
CA ARG E 17 -37.79 -15.65 41.16
C ARG E 17 -38.99 -14.80 41.56
N ALA E 18 -38.79 -13.49 41.67
CA ALA E 18 -39.93 -12.60 41.94
C ALA E 18 -40.95 -12.65 40.82
N LEU E 19 -40.50 -12.73 39.58
CA LEU E 19 -41.43 -12.84 38.46
C LEU E 19 -42.23 -14.13 38.53
N PHE E 20 -41.56 -15.23 38.88
CA PHE E 20 -42.27 -16.50 39.03
C PHE E 20 -43.30 -16.43 40.14
N ASP E 21 -42.92 -15.82 41.28
CA ASP E 21 -43.87 -15.66 42.38
C ASP E 21 -45.06 -14.83 41.95
N SER E 22 -44.82 -13.74 41.22
CA SER E 22 -45.94 -12.92 40.75
C SER E 22 -46.84 -13.70 39.82
N TYR E 23 -46.24 -14.51 38.94
CA TYR E 23 -47.04 -15.36 38.07
C TYR E 23 -47.99 -16.22 38.86
N THR E 24 -47.47 -16.94 39.86
CA THR E 24 -48.30 -17.83 40.66
C THR E 24 -49.37 -17.04 41.41
N ASN E 25 -48.99 -15.94 42.06
CA ASN E 25 -49.95 -15.18 42.85
C ASN E 25 -51.06 -14.64 41.98
N LEU E 26 -50.74 -14.12 40.80
CA LEU E 26 -51.78 -13.58 39.94
C LEU E 26 -52.70 -14.67 39.43
N GLU E 27 -52.13 -15.83 39.08
CA GLU E 27 -52.98 -16.94 38.66
C GLU E 27 -53.97 -17.31 39.76
N ARG E 28 -53.54 -17.23 41.01
CA ARG E 28 -54.48 -17.54 42.10
C ARG E 28 -55.48 -16.41 42.34
N VAL E 29 -55.02 -15.16 42.22
CA VAL E 29 -55.88 -14.02 42.51
C VAL E 29 -57.00 -13.92 41.50
N ALA E 30 -56.75 -14.28 40.24
CA ALA E 30 -57.84 -14.28 39.27
C ALA E 30 -59.00 -15.14 39.75
N ASP E 31 -58.71 -16.39 40.11
CA ASP E 31 -59.75 -17.30 40.57
C ASP E 31 -60.39 -16.79 41.85
N TYR E 32 -59.59 -16.25 42.77
CA TYR E 32 -60.17 -15.75 44.00
C TYR E 32 -61.15 -14.62 43.73
N CYS E 33 -60.79 -13.68 42.86
CA CYS E 33 -61.67 -12.56 42.57
C CYS E 33 -62.95 -13.04 41.91
N GLU E 34 -62.82 -13.96 40.95
CA GLU E 34 -64.02 -14.47 40.28
C GLU E 34 -64.96 -15.12 41.28
N ASN E 35 -64.44 -16.06 42.09
CA ASN E 35 -65.29 -16.75 43.05
C ASN E 35 -65.86 -15.79 44.08
N ASN E 36 -65.07 -14.81 44.52
CA ASN E 36 -65.57 -13.84 45.48
C ASN E 36 -66.75 -13.07 44.91
N TYR E 37 -66.65 -12.65 43.65
CA TYR E 37 -67.79 -11.96 43.05
C TYR E 37 -69.00 -12.86 42.98
N ILE E 38 -68.81 -14.12 42.59
CA ILE E 38 -69.95 -15.02 42.43
C ILE E 38 -70.68 -15.19 43.76
N GLN E 39 -69.94 -15.36 44.86
CA GLN E 39 -70.51 -15.63 46.17
C GLN E 39 -70.52 -14.40 47.07
N SER E 40 -70.62 -13.21 46.50
CA SER E 40 -70.60 -11.96 47.26
C SER E 40 -72.03 -11.47 47.49
N ALA E 41 -72.27 -10.96 48.69
CA ALA E 41 -73.59 -10.42 49.00
C ALA E 41 -73.89 -9.18 48.18
N ASP E 42 -72.97 -8.22 48.18
CA ASP E 42 -73.08 -7.00 47.39
C ASP E 42 -72.13 -7.11 46.20
N LYS E 43 -72.69 -7.05 44.99
CA LYS E 43 -71.87 -7.24 43.79
C LYS E 43 -71.02 -6.01 43.50
N GLN E 44 -71.53 -4.83 43.84
CA GLN E 44 -70.78 -3.61 43.58
C GLN E 44 -69.46 -3.63 44.34
N ARG E 45 -69.51 -3.99 45.62
CA ARG E 45 -68.30 -3.99 46.45
C ARG E 45 -67.29 -4.98 45.89
N ALA E 46 -67.74 -6.18 45.54
CA ALA E 46 -66.85 -7.13 44.88
C ALA E 46 -66.25 -6.51 43.62
N LEU E 47 -67.02 -5.66 42.94
CA LEU E 47 -66.55 -5.11 41.67
C LEU E 47 -65.38 -4.16 41.88
N GLU E 48 -65.51 -3.21 42.81
CA GLU E 48 -64.38 -2.27 42.92
C GLU E 48 -63.20 -2.95 43.59
N GLU E 49 -63.45 -4.01 44.37
CA GLU E 49 -62.35 -4.80 44.90
C GLU E 49 -61.59 -5.49 43.78
N THR E 50 -62.30 -6.06 42.80
CA THR E 50 -61.62 -6.63 41.64
C THR E 50 -60.87 -5.57 40.88
N LYS E 51 -61.43 -4.36 40.79
CA LYS E 51 -60.71 -3.26 40.16
C LYS E 51 -59.41 -2.99 40.90
N ALA E 52 -59.46 -2.99 42.22
CA ALA E 52 -58.26 -2.75 43.01
C ALA E 52 -57.22 -3.84 42.79
N TYR E 53 -57.64 -5.11 42.77
CA TYR E 53 -56.68 -6.18 42.52
C TYR E 53 -56.04 -6.05 41.14
N THR E 54 -56.82 -5.74 40.11
CA THR E 54 -56.22 -5.64 38.78
C THR E 54 -55.24 -4.47 38.72
N THR E 55 -55.59 -3.33 39.34
CA THR E 55 -54.67 -2.20 39.34
C THR E 55 -53.37 -2.56 40.07
N GLN E 56 -53.49 -3.18 41.24
CA GLN E 56 -52.30 -3.58 41.99
C GLN E 56 -51.43 -4.53 41.18
N SER E 57 -52.06 -5.52 40.53
CA SER E 57 -51.31 -6.48 39.74
C SER E 57 -50.55 -5.79 38.62
N LEU E 58 -51.22 -4.89 37.89
CA LEU E 58 -50.55 -4.24 36.77
C LEU E 58 -49.36 -3.42 37.27
N ALA E 59 -49.56 -2.66 38.35
CA ALA E 59 -48.47 -1.83 38.86
C ALA E 59 -47.29 -2.70 39.29
N SER E 60 -47.56 -3.78 40.02
CA SER E 60 -46.48 -4.63 40.52
C SER E 60 -45.71 -5.27 39.37
N VAL E 61 -46.42 -5.80 38.39
CA VAL E 61 -45.74 -6.45 37.26
C VAL E 61 -44.88 -5.44 36.53
N ALA E 62 -45.41 -4.23 36.29
CA ALA E 62 -44.61 -3.22 35.60
C ALA E 62 -43.35 -2.89 36.38
N TYR E 63 -43.48 -2.74 37.70
CA TYR E 63 -42.32 -2.41 38.51
C TYR E 63 -41.25 -3.49 38.43
N LEU E 64 -41.68 -4.75 38.55
CA LEU E 64 -40.73 -5.85 38.52
C LEU E 64 -40.02 -5.93 37.18
N ILE E 65 -40.77 -5.81 36.08
CA ILE E 65 -40.16 -5.88 34.76
C ILE E 65 -39.15 -4.74 34.59
N ASN E 66 -39.51 -3.55 35.06
CA ASN E 66 -38.60 -2.42 34.93
C ASN E 66 -37.29 -2.69 35.66
N THR E 67 -37.37 -3.23 36.88
CA THR E 67 -36.15 -3.48 37.63
C THR E 67 -35.27 -4.53 36.94
N LEU E 68 -35.88 -5.61 36.45
CA LEU E 68 -35.08 -6.61 35.72
C LEU E 68 -34.41 -6.00 34.49
N ALA E 69 -35.15 -5.20 33.73
CA ALA E 69 -34.55 -4.60 32.54
C ALA E 69 -33.35 -3.75 32.91
N ASN E 70 -33.49 -2.94 33.96
CA ASN E 70 -32.38 -2.09 34.38
C ASN E 70 -31.17 -2.92 34.79
N ASN E 71 -31.41 -3.99 35.54
CA ASN E 71 -30.29 -4.81 35.99
C ASN E 71 -29.55 -5.43 34.81
N VAL E 72 -30.31 -5.95 33.84
CA VAL E 72 -29.67 -6.56 32.67
C VAL E 72 -28.86 -5.53 31.90
N LEU E 73 -29.42 -4.32 31.75
CA LEU E 73 -28.70 -3.26 31.04
C LEU E 73 -27.36 -2.96 31.71
N GLN E 74 -27.39 -2.77 33.02
CA GLN E 74 -26.14 -2.46 33.73
C GLN E 74 -25.14 -3.61 33.58
N MET E 75 -25.61 -4.85 33.71
CA MET E 75 -24.70 -5.99 33.57
C MET E 75 -24.00 -5.97 32.21
N LEU E 76 -24.76 -5.76 31.15
CA LEU E 76 -24.16 -5.74 29.82
C LEU E 76 -23.13 -4.62 29.70
N ASP E 77 -23.46 -3.44 30.23
CA ASP E 77 -22.53 -2.32 30.11
C ASP E 77 -21.23 -2.59 30.86
N ILE E 78 -21.32 -3.20 32.04
CA ILE E 78 -20.11 -3.55 32.79
C ILE E 78 -19.26 -4.51 31.98
N GLN E 79 -19.88 -5.54 31.39
CA GLN E 79 -19.11 -6.52 30.63
C GLN E 79 -18.41 -5.84 29.45
N ALA E 80 -19.10 -4.93 28.77
CA ALA E 80 -18.49 -4.23 27.66
C ALA E 80 -17.27 -3.42 28.13
N SER E 81 -17.38 -2.78 29.29
CA SER E 81 -16.23 -2.04 29.82
C SER E 81 -15.06 -2.97 30.10
N GLN E 82 -15.33 -4.12 30.72
CA GLN E 82 -14.25 -5.07 30.97
C GLN E 82 -13.54 -5.43 29.68
N LEU E 83 -14.32 -5.74 28.64
CA LEU E 83 -13.70 -6.17 27.41
C LEU E 83 -12.90 -5.06 26.74
N ARG E 84 -13.35 -3.82 26.85
CA ARG E 84 -12.56 -2.72 26.33
C ARG E 84 -11.21 -2.62 27.05
N ARG E 85 -11.23 -2.71 28.37
CA ARG E 85 -9.99 -2.63 29.14
C ARG E 85 -9.05 -3.77 28.76
N MET E 86 -9.58 -4.98 28.65
CA MET E 86 -8.76 -6.14 28.36
C MET E 86 -8.23 -6.10 26.95
N GLU E 87 -9.00 -5.53 26.02
CA GLU E 87 -8.47 -5.28 24.68
C GLU E 87 -7.28 -4.35 24.73
N SER E 88 -7.36 -3.27 25.51
CA SER E 88 -6.22 -2.37 25.61
C SER E 88 -4.99 -3.11 26.11
N SER E 89 -5.15 -3.90 27.17
CA SER E 89 -4.01 -4.63 27.72
C SER E 89 -3.43 -5.60 26.70
N ILE E 90 -4.28 -6.31 25.97
CA ILE E 90 -3.80 -7.28 24.99
C ILE E 90 -3.04 -6.57 23.88
N ASN E 91 -3.52 -5.41 23.47
CA ASN E 91 -2.80 -4.65 22.46
C ASN E 91 -1.42 -4.27 22.96
N HIS E 92 -1.32 -3.87 24.23
CA HIS E 92 -0.01 -3.54 24.79
C HIS E 92 0.92 -4.74 24.75
N ILE E 93 0.40 -5.91 25.11
CA ILE E 93 1.23 -7.13 25.11
C ILE E 93 1.70 -7.43 23.69
N SER E 94 0.82 -7.27 22.71
CA SER E 94 1.22 -7.51 21.33
C SER E 94 2.32 -6.57 20.91
N GLN E 95 2.20 -5.29 21.27
CA GLN E 95 3.24 -4.33 20.93
C GLN E 95 4.58 -4.73 21.55
N THR E 96 4.54 -5.15 22.81
CA THR E 96 5.78 -5.56 23.48
C THR E 96 6.41 -6.76 22.78
N VAL E 97 5.60 -7.74 22.41
CA VAL E 97 6.13 -8.93 21.74
C VAL E 97 6.75 -8.55 20.41
N ASP E 98 6.09 -7.67 19.66
CA ASP E 98 6.65 -7.22 18.39
C ASP E 98 7.98 -6.52 18.61
N ILE E 99 8.08 -5.67 19.63
CA ILE E 99 9.34 -4.99 19.92
C ILE E 99 10.43 -6.01 20.19
N HIS E 100 10.11 -7.01 21.00
CA HIS E 100 11.11 -8.02 21.34
C HIS E 100 11.59 -8.76 20.10
N LYS E 101 10.66 -9.16 19.23
CA LYS E 101 11.06 -9.88 18.02
C LYS E 101 11.93 -9.03 17.13
N GLU E 102 11.59 -7.74 16.98
CA GLU E 102 12.41 -6.87 16.16
C GLU E 102 13.80 -6.72 16.75
N LYS E 103 13.89 -6.64 18.08
CA LYS E 103 15.20 -6.54 18.71
C LYS E 103 16.03 -7.78 18.43
N VAL E 104 15.41 -8.96 18.51
CA VAL E 104 16.15 -10.19 18.23
C VAL E 104 16.63 -10.20 16.79
N ALA E 105 15.78 -9.78 15.86
CA ALA E 105 16.19 -9.75 14.46
C ALA E 105 17.37 -8.81 14.25
N ARG E 106 17.31 -7.63 14.87
CA ARG E 106 18.40 -6.67 14.73
C ARG E 106 19.69 -7.23 15.30
N ARG E 107 19.61 -7.88 16.45
CA ARG E 107 20.81 -8.46 17.05
C ARG E 107 21.39 -9.55 16.16
N GLU E 108 20.53 -10.38 15.57
CA GLU E 108 21.03 -11.44 14.69
C GLU E 108 21.73 -10.86 13.47
N ILE E 109 21.17 -9.81 12.88
CA ILE E 109 21.85 -9.22 11.71
C ILE E 109 23.05 -8.39 12.09
N GLY E 110 23.16 -7.95 13.35
CA GLY E 110 24.27 -7.11 13.74
C GLY E 110 25.62 -7.78 13.73
N ILE E 111 25.66 -9.11 13.66
CA ILE E 111 26.93 -9.81 13.64
C ILE E 111 27.70 -9.48 12.36
N LEU E 112 26.98 -9.30 11.27
CA LEU E 112 27.59 -9.11 9.96
C LEU E 112 27.96 -7.65 9.70
N THR E 113 27.72 -6.75 10.64
CA THR E 113 27.88 -5.32 10.42
C THR E 113 29.22 -4.84 10.97
N THR E 114 29.63 -3.67 10.50
CA THR E 114 30.85 -3.03 10.96
C THR E 114 30.75 -1.55 10.65
N ASN E 115 31.19 -0.72 11.59
CA ASN E 115 31.07 0.72 11.44
C ASN E 115 31.80 1.19 10.17
N LYS E 116 31.14 2.04 9.41
CA LYS E 116 31.72 2.63 8.21
C LYS E 116 32.20 4.04 8.51
N ASN E 117 33.32 4.41 7.92
CA ASN E 117 33.97 5.70 8.20
C ASN E 117 33.60 6.68 7.11
N THR E 118 32.64 7.56 7.41
CA THR E 118 32.26 8.64 6.52
C THR E 118 32.05 9.90 7.36
N SER E 119 32.55 11.02 6.85
CA SER E 119 32.58 12.27 7.59
C SER E 119 32.18 13.43 6.70
N ARG E 120 31.76 14.52 7.34
CA ARG E 120 31.42 15.76 6.65
C ARG E 120 32.67 16.62 6.55
N THR E 121 32.81 17.32 5.44
CA THR E 121 33.91 18.26 5.28
C THR E 121 33.49 19.36 4.32
N HIS E 122 34.35 20.35 4.18
CA HIS E 122 34.13 21.46 3.26
C HIS E 122 35.00 21.30 2.02
N LYS E 123 34.54 21.90 0.94
CA LYS E 123 35.28 21.81 -0.31
C LYS E 123 36.67 22.41 -0.17
N ILE E 124 36.76 23.54 0.55
CA ILE E 124 38.05 24.19 0.83
C ILE E 124 38.05 24.62 2.28
N ILE E 125 39.21 24.48 2.93
CA ILE E 125 39.40 24.95 4.30
C ILE E 125 40.64 25.83 4.29
N ALA E 126 40.47 27.08 4.74
CA ALA E 126 41.55 28.06 4.72
C ALA E 126 42.36 27.97 6.00
N PRO E 127 43.60 28.46 5.99
CA PRO E 127 44.42 28.41 7.19
C PRO E 127 43.89 29.35 8.25
N ALA E 128 44.36 29.14 9.48
CA ALA E 128 44.04 30.08 10.54
C ALA E 128 44.62 31.46 10.25
N ASN E 129 45.87 31.50 9.76
CA ASN E 129 46.55 32.75 9.46
C ASN E 129 47.14 32.65 8.06
N LEU E 130 46.80 33.60 7.19
CA LEU E 130 47.21 33.52 5.82
C LEU E 130 48.69 33.86 5.69
N GLU E 131 49.20 33.76 4.46
CA GLU E 131 50.56 34.13 4.14
C GLU E 131 50.63 35.65 4.14
N ARG E 132 51.06 36.23 5.25
CA ARG E 132 51.22 37.67 5.29
C ARG E 132 52.42 38.07 4.44
N PRO E 133 52.27 38.97 3.48
CA PRO E 133 53.38 39.28 2.59
C PRO E 133 54.49 40.01 3.31
N VAL E 134 55.65 40.02 2.67
CA VAL E 134 56.85 40.62 3.26
C VAL E 134 57.50 41.51 2.24
N ARG E 135 58.19 42.54 2.72
CA ARG E 135 58.78 43.56 1.86
C ARG E 135 60.14 43.11 1.36
N TYR E 136 60.55 43.68 0.23
CA TYR E 136 61.86 43.43 -0.33
C TYR E 136 62.80 44.52 0.14
N ILE E 137 63.75 44.15 0.99
CA ILE E 137 64.76 45.06 1.51
C ILE E 137 66.07 44.66 0.85
N ARG E 138 66.66 45.59 0.11
CA ARG E 138 67.90 45.29 -0.58
C ARG E 138 69.04 45.10 0.41
N LYS E 139 69.89 44.13 0.12
CA LYS E 139 71.10 43.87 0.88
C LYS E 139 72.21 43.57 -0.11
N PRO E 140 73.46 43.77 0.30
CA PRO E 140 74.59 43.41 -0.58
C PRO E 140 74.97 41.94 -0.39
N ILE E 141 75.86 41.48 -1.28
CA ILE E 141 76.27 40.09 -1.26
C ILE E 141 77.25 39.90 -0.10
N ASP E 142 76.82 39.18 0.91
CA ASP E 142 77.64 38.93 2.10
C ASP E 142 78.24 37.55 2.01
N TYR E 143 79.57 37.48 1.98
CA TYR E 143 80.28 36.22 1.79
C TYR E 143 80.56 35.50 3.09
N THR E 144 79.97 35.92 4.20
CA THR E 144 80.33 35.42 5.51
C THR E 144 79.11 34.87 6.24
N ILE E 145 78.20 34.23 5.52
CA ILE E 145 76.98 33.71 6.11
C ILE E 145 76.95 32.20 6.17
N LEU E 146 78.01 31.52 5.73
CA LEU E 146 78.10 30.08 5.79
C LEU E 146 79.23 29.61 6.71
N ASP E 147 79.77 30.50 7.53
CA ASP E 147 80.91 30.15 8.36
C ASP E 147 80.53 29.40 9.63
N ASP E 148 79.25 29.38 9.99
CA ASP E 148 78.80 28.58 11.12
C ASP E 148 78.32 27.21 10.70
N ILE E 149 78.43 26.87 9.42
CA ILE E 149 78.02 25.57 8.89
C ILE E 149 79.28 24.79 8.57
N GLY E 150 79.48 23.67 9.26
CA GLY E 150 80.69 22.90 9.05
C GLY E 150 81.91 23.58 9.66
N HIS E 151 83.07 23.28 9.08
CA HIS E 151 84.33 23.85 9.55
C HIS E 151 84.65 25.08 8.72
N GLY E 152 84.04 26.20 9.12
CA GLY E 152 84.13 27.42 8.35
C GLY E 152 85.53 28.01 8.39
N VAL E 153 85.78 28.91 7.44
CA VAL E 153 87.12 29.59 7.35
C VAL E 153 86.88 31.11 7.34
N LYS E 154 86.66 31.71 8.49
CA LYS E 154 86.37 33.17 8.57
C LYS E 154 87.48 33.95 7.88
N VAL E 155 87.13 34.76 6.87
CA VAL E 155 88.14 35.54 6.09
C VAL E 155 89.26 34.60 5.65
#